data_2NCJ
#
_entry.id   2NCJ
#
_entity_poly.entity_id   1
_entity_poly.type   'polypeptide(L)'
_entity_poly.pdbx_seq_one_letter_code
;MRTPLLLQSLKTRVAALHTLIGPLASQRHFSPRFDRQLFACRGARLGDYLTEAEESLTHLEAAVNQGDATRVAWLAERLA
AQIEALQREAATATLRRHENAHLPGGRLHARLAEYQEYERRLLAMKNEREQRYAERHDPQLAREITALDERLTRCRTAIA
RTERALERITR
;
_entity_poly.pdbx_strand_id   A
#
# COMPACT_ATOMS: atom_id res chain seq x y z
N MET A 1 -8.01 17.02 21.18
CA MET A 1 -7.48 16.15 20.09
C MET A 1 -8.06 14.71 20.20
N ARG A 2 -8.59 14.20 19.05
CA ARG A 2 -9.20 12.84 18.93
C ARG A 2 -8.38 11.94 17.96
N THR A 3 -8.00 10.73 18.45
CA THR A 3 -7.21 9.72 17.68
C THR A 3 -7.94 8.32 17.65
N PRO A 4 -8.18 7.63 16.41
CA PRO A 4 -8.84 6.26 16.33
C PRO A 4 -8.01 5.10 17.01
N LEU A 5 -8.60 4.48 18.08
CA LEU A 5 -7.96 3.35 18.81
C LEU A 5 -8.50 1.97 18.37
N LEU A 6 -9.87 1.87 18.27
CA LEU A 6 -10.61 0.66 17.85
C LEU A 6 -10.55 0.42 16.32
N LEU A 7 -10.60 1.56 15.53
CA LEU A 7 -10.54 1.57 14.05
C LEU A 7 -9.13 1.17 13.56
N GLN A 8 -8.09 1.55 14.35
CA GLN A 8 -6.66 1.20 14.10
C GLN A 8 -6.41 -0.32 14.30
N SER A 9 -7.09 -0.93 15.33
CA SER A 9 -7.02 -2.39 15.64
C SER A 9 -7.78 -3.22 14.58
N LEU A 10 -8.99 -2.70 14.14
CA LEU A 10 -9.80 -3.29 13.02
C LEU A 10 -9.00 -3.34 11.66
N LYS A 11 -8.26 -2.20 11.34
CA LYS A 11 -7.41 -2.06 10.11
C LYS A 11 -6.19 -3.00 10.03
N THR A 12 -5.50 -3.20 11.21
CA THR A 12 -4.31 -4.09 11.32
C THR A 12 -4.72 -5.59 11.17
N ARG A 13 -5.91 -5.99 11.73
CA ARG A 13 -6.49 -7.38 11.58
C ARG A 13 -6.79 -7.73 10.09
N VAL A 14 -7.15 -6.69 9.26
CA VAL A 14 -7.45 -6.78 7.80
C VAL A 14 -6.13 -6.93 6.97
N ALA A 15 -5.08 -6.10 7.26
CA ALA A 15 -3.73 -6.20 6.59
C ALA A 15 -2.96 -7.51 7.03
N ALA A 16 -3.25 -7.92 8.28
CA ALA A 16 -2.80 -9.24 8.89
C ALA A 16 -3.45 -10.45 8.15
N LEU A 17 -4.77 -10.33 7.77
CA LEU A 17 -5.53 -11.36 7.00
C LEU A 17 -5.05 -11.42 5.53
N HIS A 18 -4.72 -10.22 4.96
CA HIS A 18 -4.24 -9.99 3.56
C HIS A 18 -2.88 -10.73 3.27
N THR A 19 -1.93 -10.73 4.25
CA THR A 19 -0.62 -11.46 4.13
C THR A 19 -0.78 -13.02 4.24
N LEU A 20 -1.82 -13.48 4.99
CA LEU A 20 -2.21 -14.92 5.17
C LEU A 20 -3.05 -15.48 3.95
N ILE A 21 -3.62 -14.51 3.17
CA ILE A 21 -4.43 -14.70 1.92
C ILE A 21 -3.61 -14.06 0.71
N GLY A 22 -2.30 -13.81 0.98
CA GLY A 22 -1.42 -13.09 0.04
C GLY A 22 -0.84 -13.95 -1.10
N PRO A 23 0.49 -14.47 -1.01
CA PRO A 23 1.12 -15.37 -2.07
C PRO A 23 0.30 -16.62 -2.57
N LEU A 24 -0.78 -17.01 -1.80
CA LEU A 24 -1.68 -18.15 -2.12
C LEU A 24 -2.60 -17.89 -3.37
N ALA A 25 -3.10 -16.60 -3.57
CA ALA A 25 -4.00 -16.24 -4.72
C ALA A 25 -3.26 -15.98 -6.08
N SER A 26 -1.89 -15.86 -6.08
CA SER A 26 -1.09 -15.64 -7.33
C SER A 26 -0.87 -16.98 -8.11
N GLN A 27 -0.93 -18.11 -7.32
CA GLN A 27 -0.79 -19.53 -7.78
C GLN A 27 -2.14 -20.30 -7.56
N ARG A 28 -2.15 -21.65 -7.82
CA ARG A 28 -3.38 -22.51 -7.65
C ARG A 28 -3.44 -23.14 -6.22
N HIS A 29 -4.14 -22.40 -5.31
CA HIS A 29 -4.35 -22.79 -3.88
C HIS A 29 -5.85 -22.71 -3.46
N PHE A 30 -6.22 -23.50 -2.40
CA PHE A 30 -7.60 -23.57 -1.85
C PHE A 30 -7.77 -22.63 -0.58
N SER A 31 -8.33 -21.37 -0.73
CA SER A 31 -8.53 -20.47 0.44
C SER A 31 -10.05 -20.22 0.74
N PRO A 32 -10.66 -20.87 1.85
CA PRO A 32 -12.10 -20.66 2.27
C PRO A 32 -12.42 -19.37 3.15
N ARG A 33 -11.34 -18.62 3.55
CA ARG A 33 -11.42 -17.42 4.44
C ARG A 33 -11.39 -16.04 3.69
N PHE A 34 -11.80 -16.05 2.40
CA PHE A 34 -11.91 -14.82 1.56
C PHE A 34 -13.17 -14.02 2.01
N ASP A 35 -13.01 -12.80 2.63
CA ASP A 35 -14.23 -12.07 3.06
C ASP A 35 -14.65 -11.05 1.98
N ARG A 36 -15.54 -11.56 1.10
CA ARG A 36 -16.10 -10.84 -0.09
C ARG A 36 -17.31 -9.92 0.25
N GLN A 37 -17.76 -9.93 1.56
CA GLN A 37 -18.93 -9.15 2.04
C GLN A 37 -18.55 -7.67 2.27
N LEU A 38 -17.23 -7.44 2.66
CA LEU A 38 -16.67 -6.09 2.92
C LEU A 38 -15.78 -5.58 1.73
N PHE A 39 -15.61 -6.42 0.66
CA PHE A 39 -14.76 -6.05 -0.52
C PHE A 39 -15.55 -5.99 -1.85
N ALA A 40 -15.03 -5.10 -2.78
CA ALA A 40 -15.59 -4.87 -4.11
C ALA A 40 -14.45 -5.13 -5.11
N CYS A 41 -14.62 -6.28 -5.78
CA CYS A 41 -13.70 -6.85 -6.80
C CYS A 41 -14.10 -8.32 -7.06
N ARG A 42 -13.44 -9.01 -8.03
CA ARG A 42 -13.74 -10.45 -8.33
C ARG A 42 -12.92 -11.36 -7.39
N GLY A 43 -11.62 -10.96 -7.17
CA GLY A 43 -10.68 -11.59 -6.16
C GLY A 43 -10.32 -13.07 -6.32
N ALA A 44 -9.33 -13.44 -7.19
CA ALA A 44 -8.84 -14.83 -7.34
C ALA A 44 -7.30 -14.74 -7.66
N ARG A 45 -6.74 -13.51 -7.33
CA ARG A 45 -5.35 -13.09 -7.61
C ARG A 45 -4.93 -11.93 -6.64
N LEU A 46 -3.56 -11.81 -6.38
CA LEU A 46 -2.94 -10.65 -5.60
C LEU A 46 -3.05 -9.32 -6.40
N GLY A 47 -3.21 -9.44 -7.76
CA GLY A 47 -3.31 -8.29 -8.71
C GLY A 47 -4.48 -7.31 -8.47
N ASP A 48 -5.69 -7.88 -8.12
CA ASP A 48 -6.96 -7.08 -7.93
C ASP A 48 -7.01 -6.35 -6.57
N TYR A 49 -6.29 -6.96 -5.57
CA TYR A 49 -6.22 -6.43 -4.18
C TYR A 49 -5.12 -5.34 -4.08
N LEU A 50 -4.08 -5.45 -4.97
CA LEU A 50 -2.97 -4.47 -5.11
C LEU A 50 -3.43 -3.17 -5.82
N THR A 51 -4.35 -3.36 -6.82
CA THR A 51 -5.01 -2.29 -7.62
C THR A 51 -6.02 -1.49 -6.76
N GLU A 52 -6.65 -2.17 -5.74
CA GLU A 52 -7.63 -1.53 -4.82
C GLU A 52 -6.89 -0.77 -3.70
N ALA A 53 -5.69 -1.33 -3.35
CA ALA A 53 -4.75 -0.78 -2.32
C ALA A 53 -4.01 0.49 -2.82
N GLU A 54 -3.62 0.50 -4.15
CA GLU A 54 -3.00 1.66 -4.84
C GLU A 54 -4.05 2.82 -4.99
N GLU A 55 -5.34 2.45 -5.29
CA GLU A 55 -6.51 3.36 -5.46
C GLU A 55 -7.03 3.98 -4.11
N SER A 56 -6.82 3.24 -2.96
CA SER A 56 -7.24 3.68 -1.59
C SER A 56 -6.22 4.72 -1.02
N LEU A 57 -4.92 4.56 -1.41
CA LEU A 57 -3.79 5.46 -1.03
C LEU A 57 -3.92 6.83 -1.79
N THR A 58 -4.31 6.75 -3.11
CA THR A 58 -4.53 7.91 -4.04
C THR A 58 -5.82 8.74 -3.71
N HIS A 59 -6.90 8.09 -3.13
CA HIS A 59 -8.19 8.77 -2.76
C HIS A 59 -8.07 9.61 -1.45
N LEU A 60 -7.28 9.06 -0.45
CA LEU A 60 -6.99 9.72 0.87
C LEU A 60 -6.03 10.93 0.70
N GLU A 61 -5.12 10.82 -0.33
CA GLU A 61 -4.14 11.87 -0.78
C GLU A 61 -4.86 13.12 -1.38
N ALA A 62 -6.03 12.85 -2.07
CA ALA A 62 -6.89 13.91 -2.69
C ALA A 62 -7.54 14.81 -1.60
N ALA A 63 -7.98 14.15 -0.45
CA ALA A 63 -8.51 14.82 0.77
C ALA A 63 -7.44 15.66 1.53
N VAL A 64 -6.13 15.24 1.38
CA VAL A 64 -4.91 15.93 1.91
C VAL A 64 -4.80 17.33 1.22
N ASN A 65 -5.10 17.34 -0.13
CA ASN A 65 -5.17 18.55 -1.03
C ASN A 65 -6.40 19.47 -0.69
N GLN A 66 -7.37 18.96 0.15
CA GLN A 66 -8.50 19.78 0.71
C GLN A 66 -7.94 20.56 1.96
N GLY A 67 -7.07 19.86 2.77
CA GLY A 67 -6.31 20.52 3.86
C GLY A 67 -6.68 20.10 5.28
N ASP A 68 -7.11 18.80 5.46
CA ASP A 68 -7.46 18.27 6.80
C ASP A 68 -6.24 17.55 7.39
N ALA A 69 -5.72 18.18 8.46
CA ALA A 69 -4.50 17.72 9.23
C ALA A 69 -4.80 16.45 10.08
N THR A 70 -6.10 16.26 10.46
CA THR A 70 -6.61 15.09 11.21
C THR A 70 -6.60 13.81 10.30
N ARG A 71 -6.94 13.96 8.96
CA ARG A 71 -6.97 12.84 7.96
C ARG A 71 -5.52 12.43 7.52
N VAL A 72 -4.55 13.36 7.71
CA VAL A 72 -3.09 13.20 7.42
C VAL A 72 -2.43 12.32 8.51
N ALA A 73 -2.72 12.71 9.80
CA ALA A 73 -2.23 12.09 11.05
C ALA A 73 -2.82 10.68 11.29
N TRP A 74 -4.13 10.50 10.91
CA TRP A 74 -4.88 9.20 10.91
C TRP A 74 -4.23 8.23 9.89
N LEU A 75 -3.88 8.75 8.69
CA LEU A 75 -3.18 8.01 7.60
C LEU A 75 -1.68 7.74 7.98
N ALA A 76 -1.04 8.70 8.74
CA ALA A 76 0.38 8.58 9.24
C ALA A 76 0.54 7.40 10.27
N GLU A 77 -0.49 7.28 11.17
CA GLU A 77 -0.63 6.20 12.24
C GLU A 77 -0.98 4.82 11.59
N ARG A 78 -1.84 4.85 10.51
CA ARG A 78 -2.23 3.67 9.67
C ARG A 78 -1.02 3.22 8.78
N LEU A 79 -0.12 4.18 8.39
CA LEU A 79 1.09 3.90 7.58
C LEU A 79 2.19 3.17 8.40
N ALA A 80 2.40 3.61 9.69
CA ALA A 80 3.40 3.03 10.65
C ALA A 80 3.01 1.59 11.13
N ALA A 81 1.66 1.37 11.38
CA ALA A 81 1.04 0.08 11.81
C ALA A 81 1.11 -0.99 10.69
N GLN A 82 0.91 -0.54 9.40
CA GLN A 82 1.02 -1.40 8.19
C GLN A 82 2.50 -1.76 7.85
N ILE A 83 3.47 -0.87 8.25
CA ILE A 83 4.94 -1.14 8.09
C ILE A 83 5.35 -2.41 8.92
N GLU A 84 4.87 -2.47 10.21
CA GLU A 84 5.14 -3.60 11.17
C GLU A 84 4.49 -4.92 10.72
N ALA A 85 3.19 -4.84 10.24
CA ALA A 85 2.41 -6.02 9.83
C ALA A 85 2.86 -6.64 8.46
N LEU A 86 3.11 -5.78 7.44
CA LEU A 86 3.46 -6.22 6.03
C LEU A 86 4.93 -6.50 5.78
N GLN A 87 5.85 -5.61 6.26
CA GLN A 87 7.33 -5.78 6.08
C GLN A 87 7.88 -7.01 6.85
N ARG A 88 7.34 -7.24 8.11
CA ARG A 88 7.72 -8.40 8.99
C ARG A 88 7.06 -9.77 8.60
N GLU A 89 5.72 -9.81 8.19
CA GLU A 89 5.01 -11.08 7.80
C GLU A 89 5.52 -11.58 6.41
N ALA A 90 5.92 -10.61 5.51
CA ALA A 90 6.53 -10.88 4.19
C ALA A 90 8.03 -11.35 4.37
N ALA A 91 8.70 -10.86 5.50
CA ALA A 91 10.12 -11.19 5.86
C ALA A 91 10.33 -12.65 6.35
N THR A 92 9.35 -13.26 7.10
CA THR A 92 9.40 -14.67 7.57
C THR A 92 8.87 -15.64 6.46
N ALA A 93 8.03 -15.04 5.53
CA ALA A 93 7.38 -15.74 4.38
C ALA A 93 8.39 -16.02 3.23
N THR A 94 9.47 -15.14 3.14
CA THR A 94 10.59 -15.23 2.13
C THR A 94 11.62 -16.34 2.44
N LEU A 95 11.49 -16.95 3.66
CA LEU A 95 12.37 -18.05 4.15
C LEU A 95 11.88 -19.47 3.79
N ARG A 96 10.55 -19.63 3.60
CA ARG A 96 9.95 -20.90 3.09
C ARG A 96 9.95 -20.83 1.53
N ARG A 97 10.21 -19.55 1.05
CA ARG A 97 10.27 -19.13 -0.39
C ARG A 97 11.65 -18.63 -0.85
N HIS A 98 12.70 -19.29 -0.33
CA HIS A 98 14.12 -19.02 -0.66
C HIS A 98 14.71 -20.41 -1.11
N GLU A 99 13.76 -21.42 -1.07
CA GLU A 99 14.00 -22.86 -1.37
C GLU A 99 13.68 -23.32 -2.82
N ASN A 100 12.43 -23.74 -3.08
CA ASN A 100 11.95 -24.28 -4.38
C ASN A 100 10.91 -23.33 -4.98
N ALA A 101 10.29 -22.56 -4.03
CA ALA A 101 9.18 -21.61 -4.23
C ALA A 101 9.62 -20.20 -4.72
N HIS A 102 10.96 -19.93 -4.63
CA HIS A 102 11.62 -18.59 -4.86
C HIS A 102 11.29 -17.90 -6.25
N LEU A 103 11.24 -18.70 -7.37
CA LEU A 103 10.91 -18.19 -8.74
C LEU A 103 9.40 -17.73 -8.89
N PRO A 104 8.27 -18.58 -8.54
CA PRO A 104 6.83 -18.09 -8.55
C PRO A 104 6.41 -17.23 -7.28
N GLY A 105 7.37 -16.97 -6.36
CA GLY A 105 7.13 -16.10 -5.21
C GLY A 105 8.44 -15.69 -4.57
N GLY A 106 8.94 -14.53 -5.03
CA GLY A 106 10.22 -13.94 -4.61
C GLY A 106 10.28 -12.47 -5.02
N ARG A 107 9.91 -12.20 -6.32
CA ARG A 107 9.83 -10.83 -6.92
C ARG A 107 8.51 -10.08 -6.51
N LEU A 108 7.45 -10.86 -6.10
CA LEU A 108 6.14 -10.34 -5.58
C LEU A 108 6.31 -9.73 -4.17
N HIS A 109 7.27 -10.31 -3.38
CA HIS A 109 7.63 -9.89 -2.00
C HIS A 109 8.36 -8.52 -2.03
N ALA A 110 9.12 -8.30 -3.17
CA ALA A 110 9.82 -7.03 -3.52
C ALA A 110 8.80 -5.89 -3.80
N ARG A 111 7.65 -6.24 -4.50
CA ARG A 111 6.53 -5.30 -4.79
C ARG A 111 5.73 -4.97 -3.51
N LEU A 112 5.33 -6.04 -2.74
CA LEU A 112 4.56 -5.90 -1.47
C LEU A 112 5.32 -5.04 -0.37
N ALA A 113 6.54 -5.49 0.07
CA ALA A 113 7.34 -4.85 1.16
C ALA A 113 8.29 -3.67 0.74
N GLU A 114 9.18 -3.89 -0.29
CA GLU A 114 10.19 -2.87 -0.77
C GLU A 114 9.56 -1.64 -1.51
N TYR A 115 8.46 -1.85 -2.31
CA TYR A 115 7.80 -0.73 -3.05
C TYR A 115 6.82 0.09 -2.19
N GLN A 116 6.29 -0.50 -1.04
CA GLN A 116 5.47 0.27 -0.05
C GLN A 116 6.37 1.26 0.77
N GLU A 117 7.72 0.93 0.91
CA GLU A 117 8.76 1.79 1.57
C GLU A 117 9.11 3.06 0.71
N TYR A 118 9.25 2.88 -0.67
CA TYR A 118 9.52 3.98 -1.66
C TYR A 118 8.33 4.97 -1.81
N GLU A 119 7.06 4.43 -1.71
CA GLU A 119 5.79 5.20 -1.76
C GLU A 119 5.59 6.08 -0.48
N ARG A 120 6.11 5.56 0.71
CA ARG A 120 6.07 6.24 2.04
C ARG A 120 6.91 7.58 2.08
N ARG A 121 8.15 7.59 1.46
CA ARG A 121 9.02 8.81 1.40
C ARG A 121 8.52 9.92 0.43
N LEU A 122 8.01 9.53 -0.77
CA LEU A 122 7.38 10.51 -1.74
C LEU A 122 6.14 11.18 -1.07
N LEU A 123 5.44 10.38 -0.20
CA LEU A 123 4.28 10.81 0.62
C LEU A 123 4.69 11.78 1.78
N ALA A 124 5.96 11.55 2.32
CA ALA A 124 6.56 12.32 3.44
C ALA A 124 6.88 13.77 3.03
N MET A 125 7.36 13.91 1.73
CA MET A 125 7.69 15.21 1.05
C MET A 125 6.40 16.06 0.86
N LYS A 126 5.26 15.36 0.54
CA LYS A 126 3.90 15.97 0.39
C LYS A 126 3.34 16.44 1.77
N ASN A 127 3.61 15.62 2.86
CA ASN A 127 3.12 15.90 4.26
C ASN A 127 3.86 17.06 5.03
N GLU A 128 5.24 17.07 4.99
CA GLU A 128 6.11 18.11 5.70
C GLU A 128 6.00 19.53 5.06
N ARG A 129 5.97 19.57 3.68
CA ARG A 129 5.84 20.83 2.88
C ARG A 129 4.42 21.47 3.05
N GLU A 130 3.34 20.61 3.20
CA GLU A 130 1.94 21.08 3.41
C GLU A 130 1.71 21.69 4.83
N GLN A 131 2.45 21.24 5.90
CA GLN A 131 2.25 21.75 7.31
C GLN A 131 2.74 23.22 7.53
N ARG A 132 4.02 23.48 7.07
CA ARG A 132 4.73 24.79 7.24
C ARG A 132 4.19 25.88 6.26
N TYR A 133 3.77 25.43 5.04
CA TYR A 133 3.19 26.28 3.98
C TYR A 133 1.63 26.45 4.11
N ALA A 134 0.97 25.59 5.01
CA ALA A 134 -0.50 25.65 5.38
C ALA A 134 -0.83 26.98 6.08
N GLU A 135 0.19 27.49 6.85
CA GLU A 135 0.17 28.80 7.58
C GLU A 135 0.17 30.07 6.62
N ARG A 136 0.54 29.86 5.30
CA ARG A 136 0.64 30.93 4.28
C ARG A 136 -0.68 30.98 3.42
N HIS A 137 -1.37 29.77 3.28
CA HIS A 137 -2.66 29.48 2.52
C HIS A 137 -2.72 29.98 1.04
N ASP A 138 -1.55 30.06 0.36
CA ASP A 138 -1.48 30.52 -1.06
C ASP A 138 -1.64 29.32 -2.09
N PRO A 139 -2.29 29.51 -3.35
CA PRO A 139 -2.46 28.41 -4.40
C PRO A 139 -1.15 27.71 -4.98
N GLN A 140 0.06 28.30 -4.69
CA GLN A 140 1.39 27.80 -5.25
C GLN A 140 1.86 26.43 -4.71
N LEU A 141 1.48 26.17 -3.42
CA LEU A 141 1.80 24.94 -2.65
C LEU A 141 0.90 23.76 -3.09
N ALA A 142 -0.37 24.13 -3.54
CA ALA A 142 -1.41 23.17 -4.04
C ALA A 142 -0.98 22.59 -5.40
N ARG A 143 -0.24 23.43 -6.23
CA ARG A 143 0.36 22.98 -7.52
C ARG A 143 1.60 22.03 -7.25
N GLU A 144 2.37 22.28 -6.12
CA GLU A 144 3.59 21.48 -5.70
C GLU A 144 3.27 20.04 -5.14
N ILE A 145 2.20 19.87 -4.25
CA ILE A 145 1.74 18.56 -3.65
C ILE A 145 1.10 17.67 -4.78
N THR A 146 0.29 18.34 -5.65
CA THR A 146 -0.40 17.75 -6.85
C THR A 146 0.65 17.19 -7.89
N ALA A 147 1.79 17.95 -8.09
CA ALA A 147 2.95 17.57 -8.99
C ALA A 147 3.70 16.29 -8.48
N LEU A 148 3.89 16.19 -7.11
CA LEU A 148 4.53 15.03 -6.42
C LEU A 148 3.58 13.78 -6.40
N ASP A 149 2.21 14.06 -6.40
CA ASP A 149 1.10 13.04 -6.43
C ASP A 149 1.04 12.26 -7.77
N GLU A 150 1.38 13.01 -8.88
CA GLU A 150 1.39 12.51 -10.27
C GLU A 150 2.66 11.62 -10.53
N ARG A 151 3.82 12.02 -9.86
CA ARG A 151 5.13 11.31 -9.94
C ARG A 151 5.12 9.96 -9.19
N LEU A 152 4.37 9.88 -8.03
CA LEU A 152 4.15 8.63 -7.27
C LEU A 152 3.38 7.59 -8.14
N THR A 153 2.37 8.08 -8.91
CA THR A 153 1.54 7.23 -9.83
C THR A 153 2.26 6.86 -11.17
N ARG A 154 3.00 7.84 -11.78
CA ARG A 154 3.75 7.64 -13.07
C ARG A 154 5.01 6.73 -12.96
N CYS A 155 5.75 6.85 -11.82
CA CYS A 155 6.99 6.06 -11.56
C CYS A 155 6.68 4.58 -11.22
N ARG A 156 5.58 4.33 -10.43
CA ARG A 156 5.15 2.99 -9.98
C ARG A 156 4.56 2.08 -11.12
N THR A 157 3.74 2.69 -12.05
CA THR A 157 3.08 1.97 -13.21
C THR A 157 4.10 1.56 -14.33
N ALA A 158 5.02 2.52 -14.70
CA ALA A 158 6.07 2.34 -15.76
C ALA A 158 7.14 1.28 -15.41
N ILE A 159 7.55 1.28 -14.10
CA ILE A 159 8.52 0.33 -13.51
C ILE A 159 7.90 -1.12 -13.36
N ALA A 160 6.57 -1.21 -12.98
CA ALA A 160 5.82 -2.50 -12.84
C ALA A 160 5.67 -3.28 -14.18
N ARG A 161 5.42 -2.54 -15.33
CA ARG A 161 5.28 -3.11 -16.72
C ARG A 161 6.62 -3.73 -17.26
N THR A 162 7.78 -3.03 -16.97
CA THR A 162 9.17 -3.49 -17.36
C THR A 162 9.64 -4.73 -16.51
N GLU A 163 9.15 -4.79 -15.22
CA GLU A 163 9.43 -5.91 -14.27
C GLU A 163 8.65 -7.23 -14.63
N ARG A 164 7.42 -7.07 -15.26
CA ARG A 164 6.54 -8.21 -15.72
C ARG A 164 7.14 -9.00 -16.91
N ALA A 165 7.78 -8.21 -17.84
CA ALA A 165 8.46 -8.73 -19.06
C ALA A 165 9.77 -9.48 -18.67
N LEU A 166 10.46 -8.99 -17.56
CA LEU A 166 11.72 -9.59 -16.99
C LEU A 166 11.44 -10.95 -16.28
N GLU A 167 10.18 -11.09 -15.73
CA GLU A 167 9.67 -12.33 -15.06
C GLU A 167 9.37 -13.48 -16.07
N ARG A 168 9.04 -13.10 -17.36
CA ARG A 168 8.68 -14.05 -18.43
C ARG A 168 9.92 -14.68 -19.19
N ILE A 169 11.10 -13.99 -19.20
CA ILE A 169 12.28 -14.49 -19.95
C ILE A 169 13.38 -14.86 -18.95
N THR A 170 12.92 -15.14 -17.68
CA THR A 170 13.75 -15.52 -16.52
C THR A 170 14.54 -16.76 -16.87
N ARG A 171 13.81 -17.68 -17.58
CA ARG A 171 14.37 -18.98 -18.06
C ARG A 171 14.19 -19.14 -19.60
N MET A 1 -20.55 6.93 20.18
CA MET A 1 -19.19 7.54 20.30
C MET A 1 -18.13 6.69 19.57
N ARG A 2 -17.28 7.37 18.74
CA ARG A 2 -16.18 6.76 17.94
C ARG A 2 -14.78 7.26 18.44
N THR A 3 -13.84 6.29 18.65
CA THR A 3 -12.46 6.58 19.13
C THR A 3 -11.36 6.19 18.07
N PRO A 4 -10.40 7.16 17.64
CA PRO A 4 -9.27 6.88 16.66
C PRO A 4 -8.23 5.76 17.07
N LEU A 5 -8.00 5.52 18.41
CA LEU A 5 -7.04 4.49 18.94
C LEU A 5 -7.58 3.03 18.76
N LEU A 6 -8.94 2.89 18.91
CA LEU A 6 -9.69 1.62 18.77
C LEU A 6 -9.90 1.21 17.28
N LEU A 7 -10.07 2.24 16.38
CA LEU A 7 -10.22 2.05 14.91
C LEU A 7 -8.87 1.64 14.28
N GLN A 8 -7.77 2.15 14.91
CA GLN A 8 -6.34 1.85 14.53
C GLN A 8 -5.98 0.36 14.80
N SER A 9 -6.50 -0.20 15.94
CA SER A 9 -6.33 -1.63 16.33
C SER A 9 -7.17 -2.56 15.42
N LEU A 10 -8.43 -2.12 15.09
CA LEU A 10 -9.33 -2.81 14.11
C LEU A 10 -8.68 -2.92 12.68
N LYS A 11 -8.03 -1.78 12.20
CA LYS A 11 -7.34 -1.68 10.87
C LYS A 11 -6.09 -2.58 10.71
N THR A 12 -5.26 -2.68 11.82
CA THR A 12 -4.03 -3.53 11.86
C THR A 12 -4.41 -5.03 11.86
N ARG A 13 -5.54 -5.42 12.54
CA ARG A 13 -6.09 -6.82 12.54
C ARG A 13 -6.52 -7.27 11.10
N VAL A 14 -6.99 -6.27 10.27
CA VAL A 14 -7.42 -6.45 8.84
C VAL A 14 -6.17 -6.63 7.91
N ALA A 15 -5.10 -5.79 8.09
CA ALA A 15 -3.81 -5.93 7.33
C ALA A 15 -3.02 -7.23 7.78
N ALA A 16 -3.24 -7.60 9.06
CA ALA A 16 -2.75 -8.88 9.70
C ALA A 16 -3.46 -10.13 9.04
N LEU A 17 -4.81 -9.98 8.77
CA LEU A 17 -5.67 -11.00 8.10
C LEU A 17 -5.30 -11.12 6.61
N HIS A 18 -4.93 -9.95 5.97
CA HIS A 18 -4.50 -9.79 4.54
C HIS A 18 -3.22 -10.63 4.21
N THR A 19 -2.21 -10.61 5.13
CA THR A 19 -0.92 -11.38 5.02
C THR A 19 -1.04 -12.89 5.37
N LEU A 20 -2.17 -13.27 6.03
CA LEU A 20 -2.47 -14.65 6.48
C LEU A 20 -3.39 -15.35 5.43
N ILE A 21 -4.01 -14.48 4.58
CA ILE A 21 -4.88 -14.82 3.43
C ILE A 21 -4.21 -14.38 2.08
N GLY A 22 -2.88 -14.08 2.17
CA GLY A 22 -2.09 -13.48 1.07
C GLY A 22 -1.91 -14.40 -0.14
N PRO A 23 -0.97 -15.46 -0.15
CA PRO A 23 -0.80 -16.38 -1.34
C PRO A 23 -2.02 -17.37 -1.63
N LEU A 24 -3.07 -17.29 -0.74
CA LEU A 24 -4.36 -18.08 -0.81
C LEU A 24 -5.47 -17.34 -1.66
N ALA A 25 -5.16 -16.05 -2.01
CA ALA A 25 -5.99 -15.11 -2.84
C ALA A 25 -6.32 -15.54 -4.30
N SER A 26 -5.26 -16.04 -5.05
CA SER A 26 -5.41 -16.47 -6.45
C SER A 26 -5.45 -18.02 -6.55
N GLN A 27 -4.49 -18.62 -5.77
CA GLN A 27 -4.23 -20.10 -5.65
C GLN A 27 -4.98 -20.79 -4.47
N ARG A 28 -4.98 -22.19 -4.49
CA ARG A 28 -5.59 -23.14 -3.45
C ARG A 28 -7.14 -22.96 -3.25
N HIS A 29 -7.89 -22.87 -4.42
CA HIS A 29 -9.40 -22.66 -4.54
C HIS A 29 -9.86 -21.33 -3.88
N PHE A 30 -10.27 -21.37 -2.57
CA PHE A 30 -10.72 -20.17 -1.80
C PHE A 30 -10.42 -20.38 -0.27
N SER A 31 -10.29 -19.27 0.54
CA SER A 31 -10.04 -19.34 2.00
C SER A 31 -11.37 -19.13 2.82
N PRO A 32 -11.66 -19.94 3.95
CA PRO A 32 -12.93 -19.81 4.77
C PRO A 32 -13.06 -18.51 5.69
N ARG A 33 -11.94 -17.72 5.81
CA ARG A 33 -11.89 -16.49 6.65
C ARG A 33 -11.85 -15.17 5.79
N PHE A 34 -12.27 -15.31 4.52
CA PHE A 34 -12.36 -14.18 3.53
C PHE A 34 -13.61 -13.33 3.87
N ASP A 35 -13.45 -12.07 4.39
CA ASP A 35 -14.67 -11.31 4.70
C ASP A 35 -14.96 -10.31 3.56
N ARG A 36 -15.74 -10.83 2.57
CA ARG A 36 -16.13 -10.12 1.30
C ARG A 36 -17.36 -9.20 1.44
N GLN A 37 -17.86 -9.02 2.70
CA GLN A 37 -19.03 -8.16 3.03
C GLN A 37 -18.61 -6.66 3.09
N LEU A 38 -17.28 -6.43 3.44
CA LEU A 38 -16.70 -5.06 3.53
C LEU A 38 -15.97 -4.62 2.22
N PHE A 39 -15.86 -5.56 1.21
CA PHE A 39 -15.16 -5.28 -0.09
C PHE A 39 -16.10 -5.38 -1.32
N ALA A 40 -15.73 -4.60 -2.40
CA ALA A 40 -16.49 -4.55 -3.66
C ALA A 40 -15.49 -4.90 -4.77
N CYS A 41 -15.66 -6.14 -5.25
CA CYS A 41 -14.85 -6.77 -6.31
C CYS A 41 -15.34 -8.20 -6.57
N ARG A 42 -14.75 -8.85 -7.61
CA ARG A 42 -15.07 -10.26 -7.97
C ARG A 42 -14.13 -11.16 -7.13
N GLY A 43 -12.84 -10.69 -7.04
CA GLY A 43 -11.78 -11.25 -6.13
C GLY A 43 -11.36 -12.70 -6.26
N ALA A 44 -10.48 -13.07 -7.26
CA ALA A 44 -9.96 -14.45 -7.41
C ALA A 44 -8.44 -14.32 -7.74
N ARG A 45 -7.88 -13.11 -7.35
CA ARG A 45 -6.49 -12.68 -7.61
C ARG A 45 -6.04 -11.65 -6.52
N LEU A 46 -4.69 -11.68 -6.19
CA LEU A 46 -4.02 -10.65 -5.27
C LEU A 46 -3.93 -9.26 -5.98
N GLY A 47 -3.95 -9.29 -7.37
CA GLY A 47 -3.90 -8.07 -8.24
C GLY A 47 -5.04 -7.05 -8.06
N ASP A 48 -6.31 -7.55 -7.88
CA ASP A 48 -7.55 -6.68 -7.74
C ASP A 48 -7.67 -6.01 -6.36
N TYR A 49 -7.05 -6.66 -5.32
CA TYR A 49 -7.07 -6.17 -3.92
C TYR A 49 -5.95 -5.11 -3.71
N LEU A 50 -4.84 -5.28 -4.51
CA LEU A 50 -3.67 -4.38 -4.53
C LEU A 50 -3.96 -3.05 -5.27
N THR A 51 -4.72 -3.16 -6.42
CA THR A 51 -5.19 -2.02 -7.26
C THR A 51 -6.25 -1.16 -6.52
N GLU A 52 -7.06 -1.80 -5.61
CA GLU A 52 -8.06 -1.10 -4.77
C GLU A 52 -7.37 -0.37 -3.59
N ALA A 53 -6.22 -0.99 -3.16
CA ALA A 53 -5.32 -0.46 -2.09
C ALA A 53 -4.51 0.79 -2.55
N GLU A 54 -4.02 0.77 -3.84
CA GLU A 54 -3.32 1.92 -4.52
C GLU A 54 -4.30 3.13 -4.73
N GLU A 55 -5.59 2.79 -5.10
CA GLU A 55 -6.74 3.71 -5.33
C GLU A 55 -7.32 4.33 -4.01
N SER A 56 -7.16 3.61 -2.84
CA SER A 56 -7.65 4.09 -1.51
C SER A 56 -6.67 5.16 -0.92
N LEU A 57 -5.34 5.01 -1.26
CA LEU A 57 -4.24 5.94 -0.87
C LEU A 57 -4.35 7.29 -1.66
N THR A 58 -4.68 7.17 -2.99
CA THR A 58 -4.86 8.31 -3.95
C THR A 58 -6.18 9.15 -3.70
N HIS A 59 -7.28 8.51 -3.18
CA HIS A 59 -8.59 9.20 -2.88
C HIS A 59 -8.54 10.06 -1.57
N LEU A 60 -7.79 9.55 -0.53
CA LEU A 60 -7.57 10.25 0.79
C LEU A 60 -6.62 11.48 0.62
N GLU A 61 -5.68 11.38 -0.39
CA GLU A 61 -4.72 12.45 -0.84
C GLU A 61 -5.46 13.68 -1.42
N ALA A 62 -6.62 13.39 -2.13
CA ALA A 62 -7.52 14.42 -2.72
C ALA A 62 -8.20 15.29 -1.61
N ALA A 63 -8.62 14.60 -0.48
CA ALA A 63 -9.17 15.23 0.76
C ALA A 63 -8.13 16.13 1.52
N VAL A 64 -6.81 15.79 1.35
CA VAL A 64 -5.65 16.55 1.89
C VAL A 64 -5.60 17.96 1.21
N ASN A 65 -5.92 17.97 -0.13
CA ASN A 65 -6.08 19.20 -0.97
C ASN A 65 -7.38 20.02 -0.61
N GLN A 66 -8.28 19.41 0.25
CA GLN A 66 -9.54 20.02 0.79
C GLN A 66 -9.29 20.71 2.19
N GLY A 67 -8.07 20.48 2.77
CA GLY A 67 -7.61 21.06 4.06
C GLY A 67 -8.04 20.34 5.34
N ASP A 68 -8.12 18.97 5.30
CA ASP A 68 -8.45 18.16 6.48
C ASP A 68 -7.15 17.54 7.03
N ALA A 69 -6.60 18.26 8.05
CA ALA A 69 -5.32 17.90 8.77
C ALA A 69 -5.51 16.68 9.71
N THR A 70 -6.80 16.42 10.12
CA THR A 70 -7.23 15.26 10.93
C THR A 70 -7.13 13.94 10.08
N ARG A 71 -7.46 14.04 8.73
CA ARG A 71 -7.38 12.88 7.77
C ARG A 71 -5.91 12.54 7.39
N VAL A 72 -4.99 13.53 7.59
CA VAL A 72 -3.53 13.46 7.32
C VAL A 72 -2.84 12.62 8.43
N ALA A 73 -3.15 13.01 9.72
CA ALA A 73 -2.64 12.43 10.98
C ALA A 73 -3.18 10.99 11.22
N TRP A 74 -4.47 10.76 10.86
CA TRP A 74 -5.18 9.45 10.89
C TRP A 74 -4.53 8.46 9.88
N LEU A 75 -4.19 8.97 8.69
CA LEU A 75 -3.50 8.20 7.62
C LEU A 75 -1.99 7.98 7.98
N ALA A 76 -1.33 9.01 8.61
CA ALA A 76 0.12 8.95 9.03
C ALA A 76 0.40 7.84 10.10
N GLU A 77 -0.55 7.71 11.07
CA GLU A 77 -0.55 6.69 12.19
C GLU A 77 -0.88 5.25 11.65
N ARG A 78 -1.83 5.18 10.66
CA ARG A 78 -2.24 3.93 9.94
C ARG A 78 -1.13 3.47 8.94
N LEU A 79 -0.33 4.43 8.38
CA LEU A 79 0.76 4.15 7.43
C LEU A 79 1.98 3.46 8.09
N ALA A 80 2.47 3.99 9.27
CA ALA A 80 3.64 3.44 10.03
C ALA A 80 3.34 2.06 10.69
N ALA A 81 2.06 1.87 11.18
CA ALA A 81 1.55 0.59 11.79
C ALA A 81 1.51 -0.55 10.74
N GLN A 82 1.12 -0.18 9.47
CA GLN A 82 1.11 -1.10 8.32
C GLN A 82 2.52 -1.41 7.77
N ILE A 83 3.53 -0.46 7.94
CA ILE A 83 4.94 -0.70 7.51
C ILE A 83 5.57 -1.90 8.29
N GLU A 84 5.29 -1.92 9.63
CA GLU A 84 5.75 -2.96 10.61
C GLU A 84 5.08 -4.32 10.36
N ALA A 85 3.73 -4.30 10.12
CA ALA A 85 2.93 -5.52 9.93
C ALA A 85 3.13 -6.24 8.57
N LEU A 86 3.16 -5.42 7.46
CA LEU A 86 3.25 -5.93 6.05
C LEU A 86 4.66 -6.18 5.53
N GLN A 87 5.62 -5.22 5.77
CA GLN A 87 7.04 -5.37 5.32
C GLN A 87 7.77 -6.54 6.06
N ARG A 88 7.47 -6.70 7.40
CA ARG A 88 8.05 -7.79 8.26
C ARG A 88 7.40 -9.22 8.08
N GLU A 89 6.01 -9.33 7.92
CA GLU A 89 5.31 -10.67 7.74
C GLU A 89 5.63 -11.26 6.33
N ALA A 90 5.79 -10.33 5.31
CA ALA A 90 6.19 -10.69 3.92
C ALA A 90 7.72 -11.06 3.87
N ALA A 91 8.55 -10.42 4.81
CA ALA A 91 10.02 -10.65 4.92
C ALA A 91 10.40 -12.07 5.44
N THR A 92 9.59 -12.68 6.37
CA THR A 92 9.79 -14.07 6.88
C THR A 92 9.14 -15.10 5.90
N ALA A 93 8.15 -14.58 5.08
CA ALA A 93 7.37 -15.37 4.08
C ALA A 93 8.20 -15.72 2.80
N THR A 94 9.23 -14.83 2.47
CA THR A 94 10.19 -15.02 1.31
C THR A 94 11.33 -16.05 1.65
N LEU A 95 11.39 -16.47 2.94
CA LEU A 95 12.39 -17.42 3.51
C LEU A 95 11.98 -18.91 3.44
N ARG A 96 10.65 -19.20 3.51
CA ARG A 96 10.11 -20.57 3.30
C ARG A 96 9.96 -20.79 1.75
N ARG A 97 10.13 -19.61 1.05
CA ARG A 97 10.04 -19.41 -0.41
C ARG A 97 11.37 -18.98 -1.06
N HIS A 98 12.48 -19.57 -0.58
CA HIS A 98 13.85 -19.29 -1.07
C HIS A 98 14.45 -20.69 -1.48
N GLU A 99 13.55 -21.72 -1.28
CA GLU A 99 13.82 -23.18 -1.48
C GLU A 99 13.44 -23.76 -2.88
N ASN A 100 12.18 -24.25 -3.03
CA ASN A 100 11.65 -24.88 -4.27
C ASN A 100 10.54 -23.99 -4.86
N ALA A 101 9.96 -23.18 -3.91
CA ALA A 101 8.81 -22.26 -4.10
C ALA A 101 9.22 -20.87 -4.68
N HIS A 102 10.56 -20.61 -4.69
CA HIS A 102 11.22 -19.30 -5.04
C HIS A 102 10.77 -18.63 -6.40
N LEU A 103 10.60 -19.46 -7.49
CA LEU A 103 10.17 -18.98 -8.85
C LEU A 103 8.67 -18.42 -8.86
N PRO A 104 7.53 -19.19 -8.37
CA PRO A 104 6.12 -18.61 -8.24
C PRO A 104 5.91 -17.68 -6.96
N GLY A 105 7.04 -17.33 -6.29
CA GLY A 105 7.06 -16.46 -5.11
C GLY A 105 7.91 -15.20 -5.30
N GLY A 106 8.43 -15.01 -6.55
CA GLY A 106 9.30 -13.86 -6.92
C GLY A 106 8.55 -12.73 -7.64
N ARG A 107 7.27 -13.03 -8.07
CA ARG A 107 6.36 -12.07 -8.76
C ARG A 107 5.43 -11.36 -7.74
N LEU A 108 4.83 -12.14 -6.77
CA LEU A 108 3.90 -11.64 -5.72
C LEU A 108 4.60 -10.80 -4.62
N HIS A 109 5.83 -11.25 -4.17
CA HIS A 109 6.62 -10.60 -3.09
C HIS A 109 7.18 -9.23 -3.53
N ALA A 110 7.51 -9.16 -4.88
CA ALA A 110 7.95 -7.92 -5.60
C ALA A 110 6.80 -6.88 -5.67
N ARG A 111 5.52 -7.37 -5.83
CA ARG A 111 4.30 -6.53 -5.84
C ARG A 111 3.93 -6.06 -4.40
N LEU A 112 3.88 -7.03 -3.42
CA LEU A 112 3.53 -6.73 -1.99
C LEU A 112 4.59 -5.77 -1.25
N ALA A 113 5.89 -6.23 -1.16
CA ALA A 113 6.98 -5.50 -0.43
C ALA A 113 7.68 -4.31 -1.19
N GLU A 114 7.99 -4.47 -2.54
CA GLU A 114 8.69 -3.40 -3.34
C GLU A 114 7.78 -2.17 -3.67
N TYR A 115 6.42 -2.39 -3.85
CA TYR A 115 5.44 -1.28 -4.09
C TYR A 115 5.27 -0.37 -2.85
N GLN A 116 5.27 -0.98 -1.60
CA GLN A 116 5.15 -0.22 -0.30
C GLN A 116 6.39 0.69 0.03
N GLU A 117 7.66 0.21 -0.27
CA GLU A 117 8.95 0.96 -0.01
C GLU A 117 9.15 2.24 -0.90
N TYR A 118 8.83 2.12 -2.24
CA TYR A 118 8.93 3.25 -3.24
C TYR A 118 7.83 4.33 -3.03
N GLU A 119 6.61 3.87 -2.59
CA GLU A 119 5.44 4.76 -2.29
C GLU A 119 5.61 5.47 -0.90
N ARG A 120 6.52 4.94 -0.01
CA ARG A 120 6.86 5.50 1.34
C ARG A 120 7.66 6.84 1.25
N ARG A 121 8.79 6.88 0.45
CA ARG A 121 9.62 8.13 0.26
C ARG A 121 8.92 9.22 -0.61
N LEU A 122 8.19 8.79 -1.69
CA LEU A 122 7.37 9.72 -2.53
C LEU A 122 6.28 10.41 -1.68
N LEU A 123 5.76 9.64 -0.65
CA LEU A 123 4.77 10.12 0.36
C LEU A 123 5.40 11.14 1.36
N ALA A 124 6.74 10.91 1.68
CA ALA A 124 7.56 11.71 2.64
C ALA A 124 7.79 13.16 2.15
N MET A 125 8.03 13.30 0.79
CA MET A 125 8.19 14.60 0.07
C MET A 125 6.88 15.44 0.15
N LYS A 126 5.71 14.72 0.00
CA LYS A 126 4.33 15.28 0.13
C LYS A 126 4.05 15.70 1.61
N ASN A 127 4.55 14.87 2.62
CA ASN A 127 4.37 15.08 4.11
C ASN A 127 5.02 16.38 4.67
N GLU A 128 6.24 16.76 4.14
CA GLU A 128 6.97 18.02 4.51
C GLU A 128 6.21 19.28 4.01
N ARG A 129 5.63 19.18 2.76
CA ARG A 129 4.81 20.25 2.11
C ARG A 129 3.36 20.36 2.74
N GLU A 130 2.85 19.21 3.34
CA GLU A 130 1.52 19.12 4.05
C GLU A 130 1.55 19.91 5.40
N GLN A 131 2.74 19.88 6.12
CA GLN A 131 2.99 20.63 7.39
C GLN A 131 3.01 22.18 7.13
N ARG A 132 3.60 22.59 5.94
CA ARG A 132 3.65 24.00 5.44
C ARG A 132 2.23 24.52 5.01
N TYR A 133 1.39 23.59 4.39
CA TYR A 133 -0.02 23.88 3.95
C TYR A 133 -0.99 24.11 5.17
N ALA A 134 -0.76 23.33 6.29
CA ALA A 134 -1.51 23.42 7.56
C ALA A 134 -1.31 24.79 8.31
N GLU A 135 -0.03 25.32 8.26
CA GLU A 135 0.41 26.58 8.95
C GLU A 135 0.26 27.91 8.11
N ARG A 136 0.57 27.88 6.75
CA ARG A 136 0.59 29.09 5.89
C ARG A 136 -0.63 29.17 4.89
N HIS A 137 -1.17 27.97 4.44
CA HIS A 137 -2.33 27.77 3.46
C HIS A 137 -2.18 28.44 2.06
N ASP A 138 -0.91 28.66 1.61
CA ASP A 138 -0.62 29.28 0.27
C ASP A 138 -0.82 28.29 -0.93
N PRO A 139 -1.40 28.76 -2.15
CA PRO A 139 -1.62 27.89 -3.38
C PRO A 139 -0.33 27.26 -4.04
N GLN A 140 0.89 27.78 -3.65
CA GLN A 140 2.24 27.35 -4.20
C GLN A 140 2.64 25.91 -3.79
N LEU A 141 2.29 25.55 -2.53
CA LEU A 141 2.57 24.24 -1.87
C LEU A 141 1.55 23.18 -2.37
N ALA A 142 0.33 23.70 -2.73
CA ALA A 142 -0.84 22.96 -3.27
C ALA A 142 -0.54 22.46 -4.70
N ARG A 143 0.22 23.30 -5.50
CA ARG A 143 0.73 22.92 -6.85
C ARG A 143 1.88 21.86 -6.72
N GLU A 144 2.71 21.94 -5.60
CA GLU A 144 3.86 21.01 -5.29
C GLU A 144 3.41 19.56 -4.82
N ILE A 145 2.34 19.44 -3.92
CA ILE A 145 1.76 18.12 -3.42
C ILE A 145 1.09 17.38 -4.61
N THR A 146 0.34 18.17 -5.43
CA THR A 146 -0.38 17.74 -6.67
C THR A 146 0.65 17.23 -7.77
N ALA A 147 1.80 17.96 -7.92
CA ALA A 147 2.95 17.59 -8.85
C ALA A 147 3.62 16.24 -8.45
N LEU A 148 3.79 16.02 -7.10
CA LEU A 148 4.36 14.78 -6.51
C LEU A 148 3.34 13.59 -6.55
N ASP A 149 1.99 13.94 -6.56
CA ASP A 149 0.83 12.99 -6.65
C ASP A 149 0.79 12.24 -8.01
N GLU A 150 1.16 13.00 -9.12
CA GLU A 150 1.22 12.51 -10.51
C GLU A 150 2.48 11.61 -10.71
N ARG A 151 3.61 11.99 -10.00
CA ARG A 151 4.92 11.28 -10.02
C ARG A 151 4.87 9.92 -9.28
N LEU A 152 4.04 9.84 -8.17
CA LEU A 152 3.78 8.58 -7.41
C LEU A 152 3.06 7.55 -8.32
N THR A 153 2.10 8.04 -9.17
CA THR A 153 1.36 7.17 -10.16
C THR A 153 2.24 6.81 -11.40
N ARG A 154 3.06 7.78 -11.91
CA ARG A 154 3.97 7.59 -13.09
C ARG A 154 5.19 6.67 -12.80
N CYS A 155 5.75 6.75 -11.54
CA CYS A 155 6.91 5.92 -11.09
C CYS A 155 6.52 4.43 -10.87
N ARG A 156 5.29 4.15 -10.30
CA ARG A 156 4.80 2.74 -10.03
C ARG A 156 4.52 1.90 -11.35
N THR A 157 4.14 2.60 -12.48
CA THR A 157 3.90 1.96 -13.81
C THR A 157 5.24 1.63 -14.56
N ALA A 158 6.22 2.60 -14.51
CA ALA A 158 7.55 2.53 -15.17
C ALA A 158 8.50 1.48 -14.52
N ILE A 159 8.41 1.38 -13.15
CA ILE A 159 9.15 0.40 -12.30
C ILE A 159 8.59 -1.06 -12.53
N ALA A 160 7.22 -1.20 -12.66
CA ALA A 160 6.55 -2.53 -12.93
C ALA A 160 6.92 -3.16 -14.32
N ARG A 161 7.00 -2.30 -15.41
CA ARG A 161 7.35 -2.72 -16.83
C ARG A 161 8.84 -3.18 -17.01
N THR A 162 9.81 -2.43 -16.36
CA THR A 162 11.29 -2.73 -16.40
C THR A 162 11.67 -4.02 -15.61
N GLU A 163 10.95 -4.25 -14.45
CA GLU A 163 11.12 -5.44 -13.58
C GLU A 163 10.54 -6.74 -14.24
N ARG A 164 9.43 -6.59 -15.05
CA ARG A 164 8.74 -7.72 -15.79
C ARG A 164 9.59 -8.37 -16.89
N ALA A 165 10.38 -7.51 -17.61
CA ALA A 165 11.30 -7.92 -18.71
C ALA A 165 12.52 -8.71 -18.14
N LEU A 166 12.98 -8.27 -16.92
CA LEU A 166 14.12 -8.87 -16.13
C LEU A 166 13.73 -10.22 -15.45
N GLU A 167 12.42 -10.34 -15.05
CA GLU A 167 11.82 -11.55 -14.40
C GLU A 167 11.64 -12.75 -15.38
N ARG A 168 11.41 -12.42 -16.71
CA ARG A 168 11.16 -13.41 -17.80
C ARG A 168 12.45 -14.02 -18.47
N ILE A 169 13.64 -13.41 -18.21
CA ILE A 169 14.95 -13.85 -18.81
C ILE A 169 15.80 -14.71 -17.83
N THR A 170 15.33 -14.72 -16.55
CA THR A 170 15.93 -15.49 -15.42
C THR A 170 15.12 -16.82 -15.16
N ARG A 171 14.14 -17.12 -16.07
CA ARG A 171 13.21 -18.27 -15.96
C ARG A 171 13.41 -19.30 -17.11
N MET A 1 -16.67 7.06 11.86
CA MET A 1 -15.49 7.17 12.77
C MET A 1 -15.93 7.43 14.23
N ARG A 2 -15.55 6.49 15.14
CA ARG A 2 -15.87 6.57 16.61
C ARG A 2 -14.60 6.72 17.49
N THR A 3 -13.60 5.78 17.36
CA THR A 3 -12.32 5.81 18.15
C THR A 3 -11.08 5.47 17.25
N PRO A 4 -10.02 6.43 17.10
CA PRO A 4 -8.74 6.18 16.30
C PRO A 4 -7.81 4.99 16.76
N LEU A 5 -7.88 4.54 18.07
CA LEU A 5 -7.05 3.41 18.60
C LEU A 5 -7.65 2.02 18.25
N LEU A 6 -9.03 1.96 18.21
CA LEU A 6 -9.83 0.75 17.88
C LEU A 6 -9.88 0.48 16.35
N LEU A 7 -9.92 1.58 15.53
CA LEU A 7 -9.91 1.51 14.04
C LEU A 7 -8.51 1.09 13.53
N GLN A 8 -7.47 1.46 14.33
CA GLN A 8 -6.04 1.09 14.09
C GLN A 8 -5.81 -0.43 14.26
N SER A 9 -6.50 -1.05 15.29
CA SER A 9 -6.45 -2.52 15.57
C SER A 9 -7.20 -3.33 14.48
N LEU A 10 -8.40 -2.78 14.04
CA LEU A 10 -9.20 -3.32 12.89
C LEU A 10 -8.36 -3.34 11.56
N LYS A 11 -7.60 -2.20 11.31
CA LYS A 11 -6.70 -2.01 10.12
C LYS A 11 -5.49 -2.97 10.05
N THR A 12 -4.83 -3.20 11.23
CA THR A 12 -3.65 -4.09 11.36
C THR A 12 -4.05 -5.57 11.13
N ARG A 13 -5.25 -6.00 11.65
CA ARG A 13 -5.84 -7.38 11.46
C ARG A 13 -6.10 -7.68 9.94
N VAL A 14 -6.46 -6.62 9.15
CA VAL A 14 -6.73 -6.68 7.68
C VAL A 14 -5.41 -6.83 6.86
N ALA A 15 -4.35 -6.01 7.18
CA ALA A 15 -3.00 -6.12 6.53
C ALA A 15 -2.26 -7.44 6.95
N ALA A 16 -2.54 -7.86 8.19
CA ALA A 16 -2.09 -9.18 8.79
C ALA A 16 -2.75 -10.40 8.07
N LEU A 17 -4.08 -10.27 7.70
CA LEU A 17 -4.85 -11.34 6.97
C LEU A 17 -4.41 -11.40 5.47
N HIS A 18 -4.12 -10.20 4.87
CA HIS A 18 -3.67 -9.98 3.46
C HIS A 18 -2.31 -10.69 3.17
N THR A 19 -1.34 -10.68 4.14
CA THR A 19 -0.02 -11.39 4.01
C THR A 19 -0.16 -12.94 4.06
N LEU A 20 -1.18 -13.43 4.85
CA LEU A 20 -1.56 -14.88 4.99
C LEU A 20 -2.45 -15.40 3.79
N ILE A 21 -3.12 -14.43 3.09
CA ILE A 21 -4.01 -14.61 1.90
C ILE A 21 -3.27 -14.03 0.61
N GLY A 22 -1.93 -13.80 0.76
CA GLY A 22 -1.09 -13.14 -0.31
C GLY A 22 -0.82 -13.99 -1.59
N PRO A 23 0.12 -15.05 -1.56
CA PRO A 23 0.40 -15.95 -2.76
C PRO A 23 -0.80 -16.89 -3.27
N LEU A 24 -1.93 -16.92 -2.49
CA LEU A 24 -3.18 -17.69 -2.77
C LEU A 24 -3.97 -17.14 -4.01
N ALA A 25 -4.46 -15.85 -4.00
CA ALA A 25 -5.22 -15.27 -5.16
C ALA A 25 -4.31 -14.78 -6.33
N SER A 26 -2.97 -14.73 -6.06
CA SER A 26 -1.91 -14.32 -7.03
C SER A 26 -1.43 -15.53 -7.93
N GLN A 27 -1.97 -16.76 -7.61
CA GLN A 27 -1.67 -18.03 -8.33
C GLN A 27 -2.85 -18.45 -9.29
N ARG A 28 -3.70 -19.47 -8.90
CA ARG A 28 -4.85 -19.97 -9.73
C ARG A 28 -6.17 -20.16 -8.93
N HIS A 29 -6.08 -20.72 -7.67
CA HIS A 29 -7.25 -21.01 -6.77
C HIS A 29 -7.52 -19.88 -5.74
N PHE A 30 -8.84 -19.66 -5.41
CA PHE A 30 -9.29 -18.61 -4.44
C PHE A 30 -9.29 -19.13 -2.94
N SER A 31 -9.23 -18.18 -1.93
CA SER A 31 -9.16 -18.52 -0.49
C SER A 31 -10.57 -18.43 0.23
N PRO A 32 -11.02 -19.52 1.05
CA PRO A 32 -12.32 -19.52 1.85
C PRO A 32 -12.39 -18.48 3.06
N ARG A 33 -11.20 -17.88 3.41
CA ARG A 33 -11.03 -16.90 4.54
C ARG A 33 -11.03 -15.40 4.08
N PHE A 34 -11.34 -15.16 2.78
CA PHE A 34 -11.46 -13.77 2.22
C PHE A 34 -12.67 -13.06 2.86
N ASP A 35 -12.44 -11.92 3.57
CA ASP A 35 -13.58 -11.20 4.20
C ASP A 35 -14.25 -10.30 3.12
N ARG A 36 -15.27 -10.91 2.47
CA ARG A 36 -16.04 -10.33 1.33
C ARG A 36 -17.17 -9.34 1.76
N GLN A 37 -17.45 -9.27 3.10
CA GLN A 37 -18.53 -8.42 3.66
C GLN A 37 -18.08 -6.94 3.80
N LEU A 38 -16.72 -6.74 3.99
CA LEU A 38 -16.12 -5.38 4.12
C LEU A 38 -15.44 -4.92 2.80
N PHE A 39 -15.39 -5.82 1.76
CA PHE A 39 -14.73 -5.52 0.44
C PHE A 39 -15.68 -5.56 -0.77
N ALA A 40 -15.31 -4.76 -1.82
CA ALA A 40 -16.05 -4.65 -3.06
C ALA A 40 -15.05 -5.03 -4.15
N CYS A 41 -15.29 -6.18 -4.74
CA CYS A 41 -14.42 -6.75 -5.79
C CYS A 41 -15.22 -7.54 -6.82
N ARG A 42 -14.70 -7.50 -8.07
CA ARG A 42 -15.27 -8.23 -9.22
C ARG A 42 -14.73 -9.69 -9.27
N GLY A 43 -13.43 -9.89 -8.85
CA GLY A 43 -12.86 -11.26 -8.75
C GLY A 43 -11.98 -11.62 -9.91
N ALA A 44 -10.64 -11.30 -9.84
CA ALA A 44 -9.75 -11.66 -10.93
C ALA A 44 -8.59 -12.45 -10.27
N ARG A 45 -7.71 -11.64 -9.59
CA ARG A 45 -6.47 -12.05 -8.84
C ARG A 45 -6.18 -11.10 -7.61
N LEU A 46 -4.94 -11.19 -6.95
CA LEU A 46 -4.48 -10.25 -5.86
C LEU A 46 -4.19 -8.83 -6.46
N GLY A 47 -4.04 -8.80 -7.85
CA GLY A 47 -3.81 -7.57 -8.67
C GLY A 47 -4.90 -6.50 -8.51
N ASP A 48 -6.21 -6.94 -8.37
CA ASP A 48 -7.41 -6.02 -8.18
C ASP A 48 -7.47 -5.40 -6.76
N TYR A 49 -6.81 -6.13 -5.82
CA TYR A 49 -6.72 -5.77 -4.37
C TYR A 49 -5.58 -4.73 -4.14
N LEU A 50 -4.51 -4.83 -5.00
CA LEU A 50 -3.35 -3.89 -5.01
C LEU A 50 -3.71 -2.53 -5.67
N THR A 51 -4.57 -2.62 -6.74
CA THR A 51 -5.12 -1.45 -7.49
C THR A 51 -6.12 -0.63 -6.62
N GLU A 52 -6.94 -1.31 -5.75
CA GLU A 52 -7.91 -0.65 -4.84
C GLU A 52 -7.19 0.01 -3.63
N ALA A 53 -6.06 -0.66 -3.23
CA ALA A 53 -5.16 -0.21 -2.13
C ALA A 53 -4.35 1.06 -2.54
N GLU A 54 -3.86 1.08 -3.83
CA GLU A 54 -3.16 2.26 -4.43
C GLU A 54 -4.16 3.46 -4.63
N GLU A 55 -5.44 3.12 -5.00
CA GLU A 55 -6.57 4.09 -5.20
C GLU A 55 -7.09 4.69 -3.85
N SER A 56 -6.89 3.94 -2.71
CA SER A 56 -7.29 4.37 -1.33
C SER A 56 -6.25 5.40 -0.77
N LEU A 57 -4.94 5.25 -1.20
CA LEU A 57 -3.82 6.18 -0.84
C LEU A 57 -3.97 7.54 -1.58
N THR A 58 -4.32 7.44 -2.91
CA THR A 58 -4.53 8.59 -3.86
C THR A 58 -5.83 9.43 -3.55
N HIS A 59 -6.91 8.79 -3.00
CA HIS A 59 -8.19 9.50 -2.62
C HIS A 59 -8.05 10.30 -1.28
N LEU A 60 -7.24 9.73 -0.31
CA LEU A 60 -6.92 10.35 1.01
C LEU A 60 -5.97 11.58 0.86
N GLU A 61 -5.08 11.51 -0.21
CA GLU A 61 -4.11 12.57 -0.63
C GLU A 61 -4.83 13.85 -1.15
N ALA A 62 -6.00 13.63 -1.86
CA ALA A 62 -6.84 14.73 -2.42
C ALA A 62 -7.49 15.55 -1.27
N ALA A 63 -7.94 14.82 -0.17
CA ALA A 63 -8.47 15.39 1.10
C ALA A 63 -7.41 16.22 1.90
N VAL A 64 -6.09 15.85 1.74
CA VAL A 64 -4.91 16.56 2.35
C VAL A 64 -4.83 17.99 1.72
N ASN A 65 -5.10 18.05 0.37
CA ASN A 65 -5.21 19.30 -0.46
C ASN A 65 -6.42 20.19 -0.02
N GLN A 66 -7.48 19.59 0.64
CA GLN A 66 -8.61 20.39 1.26
C GLN A 66 -8.06 21.11 2.55
N GLY A 67 -7.19 20.37 3.34
CA GLY A 67 -6.45 20.97 4.47
C GLY A 67 -6.85 20.47 5.86
N ASP A 68 -7.23 19.15 5.98
CA ASP A 68 -7.60 18.54 7.26
C ASP A 68 -6.39 17.82 7.87
N ALA A 69 -5.91 18.41 9.00
CA ALA A 69 -4.73 17.91 9.78
C ALA A 69 -5.05 16.61 10.57
N THR A 70 -6.36 16.39 10.89
CA THR A 70 -6.89 15.18 11.57
C THR A 70 -6.84 13.93 10.61
N ARG A 71 -7.11 14.13 9.26
CA ARG A 71 -7.07 13.05 8.23
C ARG A 71 -5.60 12.63 7.86
N VAL A 72 -4.65 13.59 8.11
CA VAL A 72 -3.18 13.47 7.88
C VAL A 72 -2.54 12.57 8.98
N ALA A 73 -2.91 12.92 10.27
CA ALA A 73 -2.50 12.26 11.53
C ALA A 73 -3.05 10.83 11.67
N TRP A 74 -4.34 10.63 11.21
CA TRP A 74 -5.02 9.31 11.10
C TRP A 74 -4.23 8.42 10.10
N LEU A 75 -3.87 9.02 8.94
CA LEU A 75 -3.03 8.38 7.87
C LEU A 75 -1.57 8.08 8.40
N ALA A 76 -0.98 9.04 9.21
CA ALA A 76 0.40 8.92 9.81
C ALA A 76 0.53 7.73 10.81
N GLU A 77 -0.56 7.57 11.64
CA GLU A 77 -0.75 6.46 12.65
C GLU A 77 -1.03 5.09 11.93
N ARG A 78 -1.78 5.15 10.78
CA ARG A 78 -2.06 4.00 9.86
C ARG A 78 -0.75 3.59 9.09
N LEU A 79 0.17 4.59 8.84
CA LEU A 79 1.46 4.40 8.13
C LEU A 79 2.49 3.59 9.01
N ALA A 80 2.60 3.96 10.34
CA ALA A 80 3.51 3.29 11.34
C ALA A 80 3.09 1.84 11.67
N ALA A 81 1.72 1.61 11.80
CA ALA A 81 1.08 0.28 12.07
C ALA A 81 1.25 -0.71 10.89
N GLN A 82 1.17 -0.17 9.62
CA GLN A 82 1.37 -0.95 8.38
C GLN A 82 2.85 -1.33 8.13
N ILE A 83 3.81 -0.49 8.64
CA ILE A 83 5.29 -0.79 8.55
C ILE A 83 5.61 -2.11 9.35
N GLU A 84 5.05 -2.21 10.60
CA GLU A 84 5.24 -3.37 11.53
C GLU A 84 4.60 -4.67 10.99
N ALA A 85 3.33 -4.56 10.47
CA ALA A 85 2.55 -5.71 9.97
C ALA A 85 3.03 -6.31 8.63
N LEU A 86 3.29 -5.41 7.62
CA LEU A 86 3.65 -5.82 6.22
C LEU A 86 5.13 -6.09 5.97
N GLN A 87 6.03 -5.23 6.53
CA GLN A 87 7.51 -5.39 6.38
C GLN A 87 8.01 -6.67 7.12
N ARG A 88 7.44 -6.94 8.36
CA ARG A 88 7.80 -8.12 9.20
C ARG A 88 7.13 -9.49 8.80
N GLU A 89 5.79 -9.50 8.42
CA GLU A 89 5.05 -10.77 8.01
C GLU A 89 5.55 -11.29 6.63
N ALA A 90 5.91 -10.34 5.69
CA ALA A 90 6.49 -10.66 4.38
C ALA A 90 8.00 -11.09 4.55
N ALA A 91 8.71 -10.56 5.65
CA ALA A 91 10.14 -10.87 5.97
C ALA A 91 10.39 -12.32 6.48
N THR A 92 9.44 -12.89 7.29
CA THR A 92 9.52 -14.28 7.84
C THR A 92 8.93 -15.30 6.81
N ALA A 93 8.04 -14.76 5.90
CA ALA A 93 7.34 -15.53 4.82
C ALA A 93 8.31 -15.86 3.64
N THR A 94 9.34 -14.95 3.41
CA THR A 94 10.39 -15.09 2.34
C THR A 94 11.53 -16.08 2.72
N LEU A 95 11.51 -16.53 4.00
CA LEU A 95 12.50 -17.47 4.60
C LEU A 95 12.14 -18.97 4.43
N ARG A 96 10.82 -19.32 4.49
CA ARG A 96 10.33 -20.70 4.22
C ARG A 96 10.23 -20.89 2.67
N ARG A 97 10.34 -19.69 2.00
CA ARG A 97 10.29 -19.45 0.52
C ARG A 97 11.62 -18.98 -0.04
N HIS A 98 12.67 -19.66 0.45
CA HIS A 98 14.09 -19.44 0.11
C HIS A 98 14.62 -20.88 -0.29
N GLU A 99 13.85 -21.92 0.23
CA GLU A 99 14.11 -23.39 0.07
C GLU A 99 13.50 -24.08 -1.20
N ASN A 100 12.33 -24.76 -1.04
CA ASN A 100 11.63 -25.52 -2.13
C ASN A 100 10.34 -24.80 -2.56
N ALA A 101 9.87 -23.94 -1.60
CA ALA A 101 8.62 -23.13 -1.67
C ALA A 101 8.80 -21.79 -2.45
N HIS A 102 10.11 -21.49 -2.73
CA HIS A 102 10.67 -20.23 -3.32
C HIS A 102 9.98 -19.71 -4.66
N LEU A 103 9.81 -20.69 -5.62
CA LEU A 103 9.30 -20.48 -7.03
C LEU A 103 7.92 -19.76 -7.31
N PRO A 104 6.68 -19.97 -6.59
CA PRO A 104 5.39 -19.28 -7.02
C PRO A 104 5.41 -17.72 -7.00
N GLY A 105 6.16 -17.19 -5.98
CA GLY A 105 6.38 -15.77 -5.75
C GLY A 105 7.42 -15.13 -6.64
N GLY A 106 8.73 -15.36 -6.32
CA GLY A 106 9.86 -14.73 -7.06
C GLY A 106 9.98 -13.23 -6.79
N ARG A 107 9.17 -12.46 -7.59
CA ARG A 107 9.06 -10.97 -7.48
C ARG A 107 7.63 -10.51 -7.03
N LEU A 108 6.73 -11.49 -6.63
CA LEU A 108 5.34 -11.19 -6.09
C LEU A 108 5.43 -10.59 -4.65
N HIS A 109 6.41 -11.11 -3.83
CA HIS A 109 6.70 -10.65 -2.44
C HIS A 109 7.36 -9.23 -2.48
N ALA A 110 8.07 -8.98 -3.66
CA ALA A 110 8.68 -7.68 -4.05
C ALA A 110 7.58 -6.62 -4.36
N ARG A 111 6.39 -7.08 -4.93
CA ARG A 111 5.23 -6.19 -5.22
C ARG A 111 4.54 -5.83 -3.89
N LEU A 112 4.28 -6.87 -3.04
CA LEU A 112 3.64 -6.68 -1.71
C LEU A 112 4.48 -5.71 -0.75
N ALA A 113 5.75 -6.09 -0.40
CA ALA A 113 6.61 -5.34 0.57
C ALA A 113 7.49 -4.19 -0.02
N GLU A 114 8.26 -4.43 -1.14
CA GLU A 114 9.17 -3.40 -1.75
C GLU A 114 8.44 -2.22 -2.49
N TYR A 115 7.26 -2.50 -3.17
CA TYR A 115 6.47 -1.45 -3.89
C TYR A 115 5.77 -0.49 -2.89
N GLN A 116 5.24 -1.03 -1.71
CA GLN A 116 4.60 -0.19 -0.65
C GLN A 116 5.63 0.75 0.10
N GLU A 117 6.91 0.26 0.33
CA GLU A 117 8.03 1.04 1.01
C GLU A 117 8.47 2.34 0.26
N TYR A 118 8.63 2.24 -1.12
CA TYR A 118 9.00 3.39 -2.02
C TYR A 118 7.88 4.46 -2.11
N GLU A 119 6.58 3.98 -2.10
CA GLU A 119 5.36 4.82 -2.12
C GLU A 119 5.17 5.63 -0.79
N ARG A 120 5.55 5.01 0.38
CA ARG A 120 5.48 5.62 1.76
C ARG A 120 6.37 6.90 1.96
N ARG A 121 7.65 6.90 1.43
CA ARG A 121 8.57 8.09 1.53
C ARG A 121 8.16 9.26 0.58
N LEU A 122 7.74 8.96 -0.69
CA LEU A 122 7.21 9.99 -1.64
C LEU A 122 5.96 10.70 -1.04
N LEU A 123 5.18 9.89 -0.25
CA LEU A 123 3.98 10.32 0.50
C LEU A 123 4.31 11.22 1.71
N ALA A 124 5.50 10.94 2.38
CA ALA A 124 6.00 11.65 3.59
C ALA A 124 6.36 13.11 3.29
N MET A 125 6.97 13.28 2.04
CA MET A 125 7.37 14.60 1.46
C MET A 125 6.14 15.49 1.17
N LYS A 126 5.01 14.83 0.69
CA LYS A 126 3.70 15.49 0.39
C LYS A 126 3.00 15.94 1.71
N ASN A 127 3.10 15.08 2.81
CA ASN A 127 2.43 15.35 4.13
C ASN A 127 3.08 16.49 5.00
N GLU A 128 4.45 16.49 5.14
CA GLU A 128 5.21 17.50 5.96
C GLU A 128 5.23 18.92 5.30
N ARG A 129 5.41 18.97 3.93
CA ARG A 129 5.44 20.22 3.12
C ARG A 129 4.06 20.93 3.06
N GLU A 130 2.92 20.14 2.97
CA GLU A 130 1.55 20.73 2.91
C GLU A 130 1.00 21.14 4.32
N GLN A 131 1.64 20.67 5.44
CA GLN A 131 1.22 21.03 6.84
C GLN A 131 1.62 22.51 7.22
N ARG A 132 2.96 22.83 7.03
CA ARG A 132 3.56 24.17 7.35
C ARG A 132 3.15 25.25 6.31
N TYR A 133 2.92 24.79 5.03
CA TYR A 133 2.47 25.64 3.89
C TYR A 133 0.91 25.80 3.83
N ALA A 134 0.15 24.90 4.60
CA ALA A 134 -1.36 24.96 4.78
C ALA A 134 -1.78 26.28 5.46
N GLU A 135 -0.88 26.75 6.41
CA GLU A 135 -1.01 28.05 7.14
C GLU A 135 -0.97 29.31 6.17
N ARG A 136 -0.09 29.24 5.10
CA ARG A 136 0.07 30.30 4.05
C ARG A 136 -1.18 30.39 3.09
N HIS A 137 -1.90 29.20 2.87
CA HIS A 137 -3.13 28.99 2.00
C HIS A 137 -3.08 29.52 0.52
N ASP A 138 -1.85 29.59 -0.06
CA ASP A 138 -1.65 30.08 -1.47
C ASP A 138 -1.71 28.90 -2.52
N PRO A 139 -2.19 29.11 -3.85
CA PRO A 139 -2.24 28.04 -4.93
C PRO A 139 -0.86 27.37 -5.36
N GLN A 140 0.31 27.97 -4.92
CA GLN A 140 1.69 27.51 -5.37
C GLN A 140 2.17 26.15 -4.75
N LEU A 141 1.74 25.91 -3.48
CA LEU A 141 2.06 24.69 -2.67
C LEU A 141 1.20 23.47 -3.14
N ALA A 142 -0.06 23.78 -3.64
CA ALA A 142 -1.03 22.79 -4.17
C ALA A 142 -0.52 22.24 -5.53
N ARG A 143 0.18 23.12 -6.33
CA ARG A 143 0.81 22.75 -7.64
C ARG A 143 2.09 21.85 -7.43
N GLU A 144 2.82 22.02 -6.25
CA GLU A 144 4.06 21.25 -5.89
C GLU A 144 3.75 19.77 -5.42
N ILE A 145 2.69 19.63 -4.55
CA ILE A 145 2.18 18.34 -3.97
C ILE A 145 1.46 17.48 -5.04
N THR A 146 0.67 18.15 -5.90
CA THR A 146 -0.04 17.58 -7.09
C THR A 146 1.00 17.00 -8.12
N ALA A 147 2.16 17.72 -8.29
CA ALA A 147 3.33 17.31 -9.14
C ALA A 147 4.01 16.00 -8.60
N LEU A 148 4.15 15.91 -7.22
CA LEU A 148 4.71 14.72 -6.49
C LEU A 148 3.70 13.52 -6.47
N ASP A 149 2.36 13.86 -6.54
CA ASP A 149 1.19 12.92 -6.60
C ASP A 149 1.15 12.13 -7.95
N GLU A 150 1.57 12.86 -9.04
CA GLU A 150 1.65 12.36 -10.42
C GLU A 150 2.90 11.43 -10.59
N ARG A 151 4.01 11.77 -9.83
CA ARG A 151 5.29 11.01 -9.81
C ARG A 151 5.18 9.66 -9.07
N LEU A 152 4.33 9.59 -7.99
CA LEU A 152 4.00 8.35 -7.26
C LEU A 152 3.27 7.34 -8.20
N THR A 153 2.34 7.87 -9.05
CA THR A 153 1.58 7.07 -10.06
C THR A 153 2.42 6.72 -11.33
N ARG A 154 3.25 7.69 -11.84
CA ARG A 154 4.12 7.51 -13.07
C ARG A 154 5.34 6.56 -12.83
N CYS A 155 5.94 6.61 -11.60
CA CYS A 155 7.11 5.75 -11.23
C CYS A 155 6.67 4.28 -11.00
N ARG A 156 5.46 4.06 -10.36
CA ARG A 156 4.87 2.73 -10.05
C ARG A 156 4.52 1.90 -11.34
N THR A 157 3.98 2.58 -12.41
CA THR A 157 3.59 1.96 -13.72
C THR A 157 4.84 1.57 -14.58
N ALA A 158 5.87 2.49 -14.64
CA ALA A 158 7.13 2.34 -15.44
C ALA A 158 8.06 1.22 -14.89
N ILE A 159 8.14 1.11 -13.53
CA ILE A 159 8.90 0.08 -12.79
C ILE A 159 8.22 -1.34 -12.94
N ALA A 160 6.82 -1.39 -12.91
CA ALA A 160 6.02 -2.64 -13.10
C ALA A 160 6.18 -3.28 -14.52
N ARG A 161 6.19 -2.43 -15.61
CA ARG A 161 6.34 -2.89 -17.06
C ARG A 161 7.75 -3.50 -17.38
N THR A 162 8.85 -2.86 -16.83
CA THR A 162 10.27 -3.31 -17.02
C THR A 162 10.59 -4.65 -16.26
N GLU A 163 9.93 -4.83 -15.06
CA GLU A 163 10.07 -6.05 -14.21
C GLU A 163 9.31 -7.29 -14.80
N ARG A 164 8.18 -7.05 -15.56
CA ARG A 164 7.35 -8.11 -16.24
C ARG A 164 8.09 -8.84 -17.39
N ALA A 165 8.87 -8.02 -18.17
CA ALA A 165 9.72 -8.49 -19.31
C ALA A 165 10.94 -9.31 -18.80
N LEU A 166 11.45 -8.94 -17.57
CA LEU A 166 12.58 -9.63 -16.86
C LEU A 166 12.13 -10.99 -16.23
N GLU A 167 10.81 -11.07 -15.84
CA GLU A 167 10.14 -12.28 -15.25
C GLU A 167 9.91 -13.43 -16.29
N ARG A 168 9.67 -13.03 -17.59
CA ARG A 168 9.38 -13.95 -18.74
C ARG A 168 10.61 -14.73 -19.35
N ILE A 169 11.86 -14.28 -19.05
CA ILE A 169 13.10 -14.98 -19.57
C ILE A 169 13.80 -15.75 -18.40
N THR A 170 13.18 -15.60 -17.20
CA THR A 170 13.59 -16.20 -15.92
C THR A 170 12.76 -17.51 -15.62
N ARG A 171 11.66 -17.69 -16.41
CA ARG A 171 10.68 -18.80 -16.25
C ARG A 171 10.22 -19.35 -17.63
N MET A 1 -13.31 9.22 26.35
CA MET A 1 -13.81 8.50 25.14
C MET A 1 -12.66 8.33 24.09
N ARG A 2 -12.46 7.06 23.65
CA ARG A 2 -11.41 6.69 22.65
C ARG A 2 -12.03 6.13 21.34
N THR A 3 -11.74 6.84 20.23
CA THR A 3 -12.18 6.48 18.85
C THR A 3 -10.95 6.26 17.87
N PRO A 4 -9.89 7.24 17.69
CA PRO A 4 -8.68 7.02 16.79
C PRO A 4 -7.68 5.88 17.22
N LEU A 5 -7.72 5.43 18.53
CA LEU A 5 -6.84 4.35 19.07
C LEU A 5 -7.46 2.94 18.83
N LEU A 6 -8.84 2.87 18.90
CA LEU A 6 -9.66 1.64 18.68
C LEU A 6 -9.80 1.30 17.17
N LEU A 7 -9.94 2.38 16.31
CA LEU A 7 -10.05 2.26 14.84
C LEU A 7 -8.67 1.83 14.25
N GLN A 8 -7.57 2.25 14.95
CA GLN A 8 -6.17 1.90 14.61
C GLN A 8 -5.91 0.37 14.82
N SER A 9 -6.50 -0.21 15.92
CA SER A 9 -6.40 -1.67 16.24
C SER A 9 -7.22 -2.53 15.24
N LEU A 10 -8.46 -2.02 14.88
CA LEU A 10 -9.33 -2.61 13.82
C LEU A 10 -8.61 -2.66 12.42
N LYS A 11 -7.90 -1.51 12.05
CA LYS A 11 -7.13 -1.36 10.75
C LYS A 11 -5.89 -2.30 10.63
N THR A 12 -5.16 -2.46 11.78
CA THR A 12 -3.96 -3.34 11.89
C THR A 12 -4.37 -4.84 11.79
N ARG A 13 -5.55 -5.24 12.39
CA ARG A 13 -6.09 -6.64 12.29
C ARG A 13 -6.48 -7.01 10.82
N VAL A 14 -6.85 -5.96 10.01
CA VAL A 14 -7.20 -6.06 8.54
C VAL A 14 -5.90 -6.21 7.67
N ALA A 15 -4.83 -5.39 7.93
CA ALA A 15 -3.50 -5.51 7.23
C ALA A 15 -2.74 -6.82 7.67
N ALA A 16 -3.02 -7.24 8.92
CA ALA A 16 -2.57 -8.54 9.53
C ALA A 16 -3.27 -9.75 8.80
N LEU A 17 -4.60 -9.57 8.46
CA LEU A 17 -5.43 -10.57 7.73
C LEU A 17 -5.00 -10.65 6.24
N HIS A 18 -4.58 -9.47 5.66
CA HIS A 18 -4.08 -9.26 4.25
C HIS A 18 -2.79 -10.11 3.97
N THR A 19 -1.85 -10.13 4.95
CA THR A 19 -0.55 -10.90 4.89
C THR A 19 -0.70 -12.42 5.22
N LEU A 20 -1.87 -12.80 5.80
CA LEU A 20 -2.22 -14.19 6.20
C LEU A 20 -3.07 -14.86 5.08
N ILE A 21 -3.64 -13.95 4.23
CA ILE A 21 -4.45 -14.25 3.02
C ILE A 21 -3.71 -13.79 1.71
N GLY A 22 -2.37 -13.53 1.87
CA GLY A 22 -1.51 -12.93 0.80
C GLY A 22 -1.33 -13.84 -0.43
N PRO A 23 -0.40 -14.90 -0.47
CA PRO A 23 -0.27 -15.84 -1.67
C PRO A 23 -1.52 -16.78 -1.92
N LEU A 24 -2.54 -16.68 -0.98
CA LEU A 24 -3.83 -17.44 -0.97
C LEU A 24 -4.96 -16.71 -1.79
N ALA A 25 -4.67 -15.44 -2.23
CA ALA A 25 -5.54 -14.54 -3.05
C ALA A 25 -5.94 -15.06 -4.46
N SER A 26 -4.93 -15.60 -5.22
CA SER A 26 -5.13 -16.12 -6.60
C SER A 26 -5.40 -17.64 -6.57
N GLN A 27 -4.77 -18.29 -5.55
CA GLN A 27 -4.86 -19.76 -5.27
C GLN A 27 -5.41 -20.04 -3.84
N ARG A 28 -6.65 -20.61 -3.76
CA ARG A 28 -7.32 -20.92 -2.45
C ARG A 28 -6.89 -22.30 -1.86
N HIS A 29 -6.45 -22.27 -0.55
CA HIS A 29 -5.98 -23.48 0.21
C HIS A 29 -6.87 -23.71 1.48
N PHE A 30 -6.27 -23.72 2.74
CA PHE A 30 -7.01 -23.98 4.01
C PHE A 30 -6.64 -22.95 5.14
N SER A 31 -7.43 -21.82 5.31
CA SER A 31 -7.21 -20.84 6.41
C SER A 31 -8.45 -20.81 7.38
N PRO A 32 -8.30 -21.13 8.78
CA PRO A 32 -9.45 -21.07 9.79
C PRO A 32 -10.11 -19.66 10.01
N ARG A 33 -9.31 -18.57 9.74
CA ARG A 33 -9.72 -17.15 9.87
C ARG A 33 -9.96 -16.44 8.49
N PHE A 34 -10.30 -17.24 7.45
CA PHE A 34 -10.56 -16.70 6.07
C PHE A 34 -11.92 -15.94 6.06
N ASP A 35 -11.90 -14.57 6.01
CA ASP A 35 -13.15 -13.80 5.98
C ASP A 35 -13.17 -12.85 4.77
N ARG A 36 -13.74 -13.37 3.66
CA ARG A 36 -13.86 -12.65 2.35
C ARG A 36 -15.11 -11.71 2.25
N GLN A 37 -15.96 -11.68 3.34
CA GLN A 37 -17.20 -10.83 3.42
C GLN A 37 -16.86 -9.36 3.78
N LEU A 38 -15.65 -9.14 4.42
CA LEU A 38 -15.11 -7.80 4.81
C LEU A 38 -14.24 -7.15 3.68
N PHE A 39 -14.05 -7.92 2.56
CA PHE A 39 -13.25 -7.50 1.38
C PHE A 39 -14.05 -7.52 0.06
N ALA A 40 -13.56 -6.70 -0.93
CA ALA A 40 -14.16 -6.58 -2.25
C ALA A 40 -13.07 -6.93 -3.27
N CYS A 41 -13.30 -8.06 -3.97
CA CYS A 41 -12.38 -8.56 -5.05
C CYS A 41 -13.20 -9.03 -6.27
N ARG A 42 -12.52 -9.09 -7.48
CA ARG A 42 -13.18 -9.47 -8.77
C ARG A 42 -12.81 -10.90 -9.30
N GLY A 43 -12.92 -11.87 -8.35
CA GLY A 43 -12.82 -13.33 -8.61
C GLY A 43 -11.78 -14.13 -7.83
N ALA A 44 -10.45 -13.95 -8.10
CA ALA A 44 -9.34 -14.69 -7.43
C ALA A 44 -7.99 -14.14 -7.90
N ARG A 45 -7.69 -12.86 -7.58
CA ARG A 45 -6.41 -12.24 -8.00
C ARG A 45 -5.76 -11.30 -6.95
N LEU A 46 -4.38 -11.41 -6.78
CA LEU A 46 -3.57 -10.44 -5.94
C LEU A 46 -3.49 -9.06 -6.67
N GLY A 47 -3.68 -9.14 -8.04
CA GLY A 47 -3.74 -7.97 -8.96
C GLY A 47 -4.91 -7.00 -8.69
N ASP A 48 -6.11 -7.56 -8.28
CA ASP A 48 -7.36 -6.76 -8.02
C ASP A 48 -7.35 -6.08 -6.64
N TYR A 49 -6.51 -6.65 -5.70
CA TYR A 49 -6.32 -6.12 -4.32
C TYR A 49 -5.30 -4.96 -4.38
N LEU A 50 -4.34 -5.02 -5.38
CA LEU A 50 -3.30 -3.99 -5.63
C LEU A 50 -3.86 -2.72 -6.33
N THR A 51 -4.81 -2.96 -7.28
CA THR A 51 -5.53 -1.91 -8.07
C THR A 51 -6.53 -1.09 -7.21
N GLU A 52 -7.21 -1.75 -6.21
CA GLU A 52 -8.19 -1.09 -5.30
C GLU A 52 -7.45 -0.32 -4.18
N ALA A 53 -6.23 -0.86 -3.85
CA ALA A 53 -5.28 -0.28 -2.85
C ALA A 53 -4.57 0.98 -3.42
N GLU A 54 -4.24 0.96 -4.75
CA GLU A 54 -3.65 2.09 -5.52
C GLU A 54 -4.66 3.29 -5.59
N GLU A 55 -5.96 2.93 -5.84
CA GLU A 55 -7.11 3.86 -5.93
C GLU A 55 -7.48 4.48 -4.53
N SER A 56 -7.44 3.64 -3.44
CA SER A 56 -7.70 4.09 -2.02
C SER A 56 -6.66 5.15 -1.49
N LEU A 57 -5.35 4.98 -1.89
CA LEU A 57 -4.23 5.89 -1.52
C LEU A 57 -4.37 7.28 -2.26
N THR A 58 -4.77 7.22 -3.57
CA THR A 58 -4.99 8.41 -4.47
C THR A 58 -6.28 9.24 -4.10
N HIS A 59 -7.35 8.58 -3.53
CA HIS A 59 -8.63 9.27 -3.12
C HIS A 59 -8.50 10.08 -1.79
N LEU A 60 -7.75 9.50 -0.79
CA LEU A 60 -7.46 10.12 0.55
C LEU A 60 -6.53 11.37 0.42
N GLU A 61 -5.57 11.30 -0.57
CA GLU A 61 -4.60 12.38 -0.95
C GLU A 61 -5.33 13.64 -1.54
N ALA A 62 -6.47 13.37 -2.29
CA ALA A 62 -7.34 14.41 -2.88
C ALA A 62 -8.05 15.29 -1.81
N ALA A 63 -8.54 14.61 -0.69
CA ALA A 63 -9.14 15.27 0.52
C ALA A 63 -8.12 16.13 1.32
N VAL A 64 -6.80 15.74 1.23
CA VAL A 64 -5.63 16.45 1.83
C VAL A 64 -5.50 17.86 1.15
N ASN A 65 -5.75 17.87 -0.20
CA ASN A 65 -5.80 19.10 -1.08
C ASN A 65 -7.05 20.00 -0.77
N GLN A 66 -8.04 19.47 0.02
CA GLN A 66 -9.21 20.26 0.54
C GLN A 66 -8.74 21.00 1.86
N GLY A 67 -7.92 20.27 2.69
CA GLY A 67 -7.26 20.90 3.86
C GLY A 67 -7.72 20.43 5.23
N ASP A 68 -8.12 19.12 5.34
CA ASP A 68 -8.53 18.52 6.62
C ASP A 68 -7.31 17.84 7.27
N ALA A 69 -6.84 18.51 8.37
CA ALA A 69 -5.65 18.08 9.17
C ALA A 69 -5.93 16.80 10.02
N THR A 70 -7.24 16.54 10.31
CA THR A 70 -7.72 15.33 11.02
C THR A 70 -7.60 14.06 10.11
N ARG A 71 -7.85 14.22 8.75
CA ARG A 71 -7.76 13.11 7.73
C ARG A 71 -6.26 12.77 7.38
N VAL A 72 -5.36 13.76 7.64
CA VAL A 72 -3.88 13.68 7.42
C VAL A 72 -3.22 12.84 8.54
N ALA A 73 -3.60 13.20 9.82
CA ALA A 73 -3.16 12.59 11.09
C ALA A 73 -3.68 11.15 11.25
N TRP A 74 -4.95 10.90 10.79
CA TRP A 74 -5.60 9.55 10.70
C TRP A 74 -4.79 8.68 9.71
N LEU A 75 -4.44 9.26 8.54
CA LEU A 75 -3.57 8.62 7.49
C LEU A 75 -2.12 8.35 8.03
N ALA A 76 -1.55 9.33 8.83
CA ALA A 76 -0.18 9.26 9.45
C ALA A 76 -0.05 8.10 10.51
N GLU A 77 -1.14 7.96 11.32
CA GLU A 77 -1.32 6.88 12.38
C GLU A 77 -1.54 5.48 11.72
N ARG A 78 -2.30 5.45 10.58
CA ARG A 78 -2.53 4.24 9.72
C ARG A 78 -1.22 3.87 8.94
N LEU A 79 -0.35 4.90 8.63
CA LEU A 79 0.94 4.70 7.90
C LEU A 79 1.98 3.95 8.79
N ALA A 80 2.11 4.39 10.10
CA ALA A 80 3.05 3.83 11.11
C ALA A 80 2.66 2.38 11.56
N ALA A 81 1.31 2.12 11.72
CA ALA A 81 0.70 0.80 12.10
C ALA A 81 0.88 -0.25 10.98
N GLN A 82 0.78 0.21 9.69
CA GLN A 82 1.00 -0.64 8.49
C GLN A 82 2.49 -0.97 8.27
N ILE A 83 3.43 -0.06 8.74
CA ILE A 83 4.91 -0.31 8.66
C ILE A 83 5.29 -1.57 9.53
N GLU A 84 4.73 -1.63 10.78
CA GLU A 84 4.98 -2.73 11.78
C GLU A 84 4.36 -4.08 11.32
N ALA A 85 3.08 -4.04 10.85
CA ALA A 85 2.32 -5.25 10.44
C ALA A 85 2.78 -5.87 9.09
N LEU A 86 3.01 -5.00 8.06
CA LEU A 86 3.36 -5.43 6.68
C LEU A 86 4.84 -5.69 6.43
N GLN A 87 5.74 -4.77 6.88
CA GLN A 87 7.23 -4.91 6.69
C GLN A 87 7.83 -6.11 7.47
N ARG A 88 7.29 -6.37 8.72
CA ARG A 88 7.70 -7.52 9.60
C ARG A 88 7.12 -8.93 9.12
N GLU A 89 5.82 -9.00 8.63
CA GLU A 89 5.22 -10.30 8.15
C GLU A 89 5.79 -10.65 6.73
N ALA A 90 6.19 -9.55 6.00
CA ALA A 90 6.87 -9.58 4.68
C ALA A 90 8.40 -9.92 4.86
N ALA A 91 8.96 -9.62 6.12
CA ALA A 91 10.40 -9.82 6.46
C ALA A 91 10.83 -11.31 6.42
N THR A 92 9.93 -12.20 6.99
CA THR A 92 10.07 -13.69 6.97
C THR A 92 9.67 -14.28 5.59
N ALA A 93 8.73 -13.57 4.87
CA ALA A 93 8.32 -13.91 3.45
C ALA A 93 9.53 -13.92 2.44
N THR A 94 10.65 -13.12 2.79
CA THR A 94 11.95 -13.03 2.00
C THR A 94 12.67 -14.44 1.83
N LEU A 95 12.26 -15.45 2.70
CA LEU A 95 12.69 -16.91 2.68
C LEU A 95 12.39 -17.67 1.34
N ARG A 96 11.77 -16.92 0.36
CA ARG A 96 11.40 -17.33 -1.05
C ARG A 96 12.65 -17.59 -1.99
N ARG A 97 13.75 -17.95 -1.33
CA ARG A 97 15.11 -18.22 -1.88
C ARG A 97 15.54 -19.73 -1.74
N HIS A 98 15.04 -20.38 -0.64
CA HIS A 98 15.40 -21.74 -0.24
C HIS A 98 14.62 -22.88 -0.95
N GLU A 99 13.32 -23.13 -0.58
CA GLU A 99 12.54 -24.28 -1.22
C GLU A 99 11.04 -24.01 -1.53
N ASN A 100 10.13 -24.49 -0.63
CA ASN A 100 8.62 -24.40 -0.76
C ASN A 100 8.02 -22.95 -0.77
N ALA A 101 8.82 -21.98 -0.23
CA ALA A 101 8.48 -20.53 -0.17
C ALA A 101 8.72 -19.79 -1.54
N HIS A 102 9.70 -20.34 -2.36
CA HIS A 102 10.14 -19.80 -3.70
C HIS A 102 9.06 -19.85 -4.83
N LEU A 103 8.48 -21.08 -5.09
CA LEU A 103 7.45 -21.32 -6.15
C LEU A 103 6.06 -20.59 -6.09
N PRO A 104 5.27 -20.39 -4.90
CA PRO A 104 3.91 -19.74 -4.99
C PRO A 104 3.95 -18.25 -5.45
N GLY A 105 5.08 -17.59 -5.06
CA GLY A 105 5.36 -16.24 -5.41
C GLY A 105 6.46 -16.15 -6.46
N GLY A 106 7.55 -15.43 -6.11
CA GLY A 106 8.69 -15.17 -7.02
C GLY A 106 8.53 -13.79 -7.67
N ARG A 107 7.36 -13.65 -8.38
CA ARG A 107 6.88 -12.41 -9.05
C ARG A 107 5.88 -11.64 -8.10
N LEU A 108 5.18 -12.40 -7.18
CA LEU A 108 4.20 -11.85 -6.19
C LEU A 108 4.86 -11.04 -5.04
N HIS A 109 6.10 -11.49 -4.62
CA HIS A 109 6.91 -10.88 -3.52
C HIS A 109 7.45 -9.49 -3.93
N ALA A 110 7.78 -9.36 -5.27
CA ALA A 110 8.20 -8.10 -5.95
C ALA A 110 7.04 -7.06 -5.94
N ARG A 111 5.77 -7.55 -6.10
CA ARG A 111 4.54 -6.71 -6.02
C ARG A 111 4.27 -6.26 -4.56
N LEU A 112 4.27 -7.24 -3.60
CA LEU A 112 4.01 -6.98 -2.15
C LEU A 112 5.10 -6.06 -1.43
N ALA A 113 6.40 -6.54 -1.38
CA ALA A 113 7.53 -5.85 -0.68
C ALA A 113 8.22 -4.67 -1.43
N GLU A 114 8.52 -4.81 -2.79
CA GLU A 114 9.21 -3.75 -3.59
C GLU A 114 8.33 -2.49 -3.88
N TYR A 115 6.96 -2.69 -4.05
CA TYR A 115 6.01 -1.55 -4.28
C TYR A 115 5.86 -0.66 -3.01
N GLN A 116 5.83 -1.30 -1.78
CA GLN A 116 5.72 -0.57 -0.46
C GLN A 116 6.95 0.37 -0.13
N GLU A 117 8.21 -0.09 -0.47
CA GLU A 117 9.48 0.71 -0.23
C GLU A 117 9.59 2.00 -1.12
N TYR A 118 9.20 1.89 -2.45
CA TYR A 118 9.20 3.03 -3.43
C TYR A 118 8.07 4.06 -3.13
N GLU A 119 6.90 3.54 -2.63
CA GLU A 119 5.70 4.34 -2.20
C GLU A 119 6.01 5.16 -0.91
N ARG A 120 6.85 4.57 0.03
CA ARG A 120 7.26 5.18 1.34
C ARG A 120 8.03 6.54 1.21
N ARG A 121 9.10 6.61 0.34
CA ARG A 121 9.88 7.89 0.13
C ARG A 121 9.12 8.97 -0.68
N LEU A 122 8.37 8.54 -1.75
CA LEU A 122 7.49 9.47 -2.55
C LEU A 122 6.40 10.10 -1.64
N LEU A 123 5.93 9.27 -0.63
CA LEU A 123 4.95 9.67 0.42
C LEU A 123 5.56 10.69 1.44
N ALA A 124 6.92 10.49 1.75
CA ALA A 124 7.71 11.30 2.72
C ALA A 124 7.88 12.77 2.27
N MET A 125 8.11 12.95 0.91
CA MET A 125 8.23 14.27 0.23
C MET A 125 6.88 15.07 0.32
N LYS A 126 5.74 14.31 0.14
CA LYS A 126 4.35 14.83 0.26
C LYS A 126 4.03 15.20 1.75
N ASN A 127 4.53 14.35 2.74
CA ASN A 127 4.31 14.52 4.22
C ASN A 127 4.99 15.78 4.83
N GLU A 128 6.21 16.16 4.32
CA GLU A 128 6.97 17.39 4.75
C GLU A 128 6.21 18.69 4.31
N ARG A 129 5.62 18.66 3.06
CA ARG A 129 4.81 19.77 2.47
C ARG A 129 3.37 19.85 3.10
N GLU A 130 2.86 18.70 3.66
CA GLU A 130 1.54 18.58 4.39
C GLU A 130 1.57 19.35 5.75
N GLN A 131 2.76 19.29 6.45
CA GLN A 131 3.04 20.01 7.73
C GLN A 131 3.07 21.56 7.51
N ARG A 132 3.67 21.99 6.33
CA ARG A 132 3.74 23.42 5.88
C ARG A 132 2.34 23.98 5.46
N TYR A 133 1.47 23.09 4.81
CA TYR A 133 0.06 23.42 4.38
C TYR A 133 -0.90 23.59 5.60
N ALA A 134 -0.66 22.77 6.68
CA ALA A 134 -1.41 22.82 7.96
C ALA A 134 -1.21 24.16 8.76
N GLU A 135 0.07 24.69 8.72
CA GLU A 135 0.52 25.93 9.44
C GLU A 135 0.38 27.28 8.64
N ARG A 136 0.68 27.28 7.28
CA ARG A 136 0.70 28.51 6.43
C ARG A 136 -0.52 28.62 5.45
N HIS A 137 -1.08 27.42 4.99
CA HIS A 137 -2.25 27.25 4.01
C HIS A 137 -2.10 27.94 2.60
N ASP A 138 -0.84 28.17 2.14
CA ASP A 138 -0.57 28.82 0.82
C ASP A 138 -0.75 27.84 -0.41
N PRO A 139 -1.40 28.32 -1.60
CA PRO A 139 -1.60 27.50 -2.87
C PRO A 139 -0.31 26.91 -3.55
N GLN A 140 0.91 27.43 -3.13
CA GLN A 140 2.25 27.02 -3.69
C GLN A 140 2.67 25.57 -3.32
N LEU A 141 2.32 25.17 -2.07
CA LEU A 141 2.61 23.85 -1.45
C LEU A 141 1.61 22.79 -1.97
N ALA A 142 0.38 23.33 -2.32
CA ALA A 142 -0.78 22.60 -2.87
C ALA A 142 -0.49 22.13 -4.32
N ARG A 143 0.25 23.00 -5.10
CA ARG A 143 0.75 22.66 -6.46
C ARG A 143 1.92 21.60 -6.38
N GLU A 144 2.74 21.66 -5.27
CA GLU A 144 3.90 20.72 -4.99
C GLU A 144 3.46 19.27 -4.57
N ILE A 145 2.39 19.11 -3.67
CA ILE A 145 1.81 17.78 -3.20
C ILE A 145 1.13 17.08 -4.42
N THR A 146 0.36 17.90 -5.20
CA THR A 146 -0.34 17.50 -6.46
C THR A 146 0.67 17.02 -7.58
N ALA A 147 1.82 17.76 -7.73
CA ALA A 147 2.95 17.41 -8.68
C ALA A 147 3.65 16.05 -8.31
N LEU A 148 3.83 15.81 -6.96
CA LEU A 148 4.41 14.57 -6.38
C LEU A 148 3.41 13.37 -6.46
N ASP A 149 2.05 13.70 -6.44
CA ASP A 149 0.91 12.73 -6.56
C ASP A 149 0.86 12.02 -7.95
N GLU A 150 1.21 12.84 -9.02
CA GLU A 150 1.25 12.39 -10.42
C GLU A 150 2.52 11.51 -10.68
N ARG A 151 3.65 11.88 -9.96
CA ARG A 151 4.97 11.18 -10.01
C ARG A 151 4.93 9.79 -9.34
N LEU A 152 4.13 9.64 -8.23
CA LEU A 152 3.89 8.35 -7.53
C LEU A 152 3.14 7.35 -8.48
N THR A 153 2.17 7.88 -9.29
CA THR A 153 1.41 7.08 -10.28
C THR A 153 2.23 6.78 -11.59
N ARG A 154 3.04 7.79 -12.07
CA ARG A 154 3.91 7.67 -13.31
C ARG A 154 5.14 6.73 -13.11
N CYS A 155 5.77 6.76 -11.89
CA CYS A 155 6.94 5.91 -11.53
C CYS A 155 6.54 4.43 -11.35
N ARG A 156 5.32 4.18 -10.73
CA ARG A 156 4.74 2.82 -10.48
C ARG A 156 4.41 2.02 -11.81
N THR A 157 3.91 2.76 -12.87
CA THR A 157 3.57 2.19 -14.22
C THR A 157 4.89 1.76 -14.96
N ALA A 158 5.95 2.62 -14.81
CA ALA A 158 7.31 2.45 -15.39
C ALA A 158 8.10 1.27 -14.75
N ILE A 159 7.91 1.11 -13.40
CA ILE A 159 8.49 0.02 -12.55
C ILE A 159 7.80 -1.35 -12.87
N ALA A 160 6.44 -1.35 -13.11
CA ALA A 160 5.62 -2.55 -13.48
C ALA A 160 6.06 -3.24 -14.83
N ARG A 161 6.33 -2.41 -15.89
CA ARG A 161 6.77 -2.89 -17.26
C ARG A 161 8.23 -3.44 -17.31
N THR A 162 9.19 -2.75 -16.61
CA THR A 162 10.65 -3.12 -16.56
C THR A 162 10.97 -4.40 -15.71
N GLU A 163 10.24 -4.56 -14.55
CA GLU A 163 10.40 -5.73 -13.63
C GLU A 163 9.76 -7.04 -14.18
N ARG A 164 8.58 -6.95 -14.91
CA ARG A 164 7.87 -8.13 -15.51
C ARG A 164 8.62 -8.81 -16.67
N ALA A 165 9.26 -7.94 -17.52
CA ALA A 165 10.04 -8.38 -18.70
C ALA A 165 11.37 -9.07 -18.28
N LEU A 166 11.98 -8.52 -17.15
CA LEU A 166 13.27 -9.00 -16.56
C LEU A 166 13.11 -10.36 -15.82
N GLU A 167 11.90 -10.57 -15.19
CA GLU A 167 11.53 -11.81 -14.47
C GLU A 167 11.21 -13.00 -15.43
N ARG A 168 10.82 -12.66 -16.71
CA ARG A 168 10.45 -13.65 -17.74
C ARG A 168 11.65 -14.21 -18.57
N ILE A 169 12.81 -13.47 -18.57
CA ILE A 169 13.99 -13.88 -19.37
C ILE A 169 15.14 -14.28 -18.41
N THR A 170 14.71 -14.58 -17.15
CA THR A 170 15.58 -14.98 -16.01
C THR A 170 16.40 -16.20 -16.44
N ARG A 171 15.67 -17.10 -17.16
CA ARG A 171 16.25 -18.35 -17.73
C ARG A 171 15.99 -18.46 -19.26
N MET A 1 -8.48 17.47 20.02
CA MET A 1 -7.86 16.48 19.09
C MET A 1 -8.36 15.05 19.38
N ARG A 2 -8.80 14.34 18.29
CA ARG A 2 -9.32 12.93 18.35
C ARG A 2 -8.38 11.96 17.57
N THR A 3 -8.00 10.83 18.25
CA THR A 3 -7.10 9.79 17.68
C THR A 3 -7.80 8.38 17.66
N PRO A 4 -8.11 7.74 16.41
CA PRO A 4 -8.75 6.36 16.32
C PRO A 4 -7.87 5.19 16.90
N LEU A 5 -8.35 4.57 18.02
CA LEU A 5 -7.66 3.42 18.70
C LEU A 5 -8.25 2.05 18.29
N LEU A 6 -9.63 1.98 18.26
CA LEU A 6 -10.41 0.76 17.89
C LEU A 6 -10.43 0.53 16.35
N LEU A 7 -10.49 1.67 15.58
CA LEU A 7 -10.48 1.67 14.10
C LEU A 7 -9.09 1.26 13.56
N GLN A 8 -8.02 1.62 14.34
CA GLN A 8 -6.61 1.25 14.04
C GLN A 8 -6.37 -0.27 14.22
N SER A 9 -7.06 -0.90 15.25
CA SER A 9 -6.99 -2.37 15.53
C SER A 9 -7.78 -3.18 14.44
N LEU A 10 -8.99 -2.63 14.03
CA LEU A 10 -9.81 -3.19 12.90
C LEU A 10 -9.01 -3.22 11.55
N LYS A 11 -8.27 -2.08 11.25
CA LYS A 11 -7.40 -1.92 10.03
C LYS A 11 -6.17 -2.86 9.96
N THR A 12 -5.51 -3.10 11.15
CA THR A 12 -4.33 -4.00 11.26
C THR A 12 -4.74 -5.48 11.05
N ARG A 13 -5.94 -5.91 11.57
CA ARG A 13 -6.53 -7.29 11.38
C ARG A 13 -6.84 -7.59 9.88
N VAL A 14 -7.18 -6.51 9.09
CA VAL A 14 -7.46 -6.56 7.62
C VAL A 14 -6.13 -6.72 6.81
N ALA A 15 -5.07 -5.90 7.15
CA ALA A 15 -3.71 -6.01 6.53
C ALA A 15 -2.98 -7.34 6.94
N ALA A 16 -3.31 -7.79 8.16
CA ALA A 16 -2.89 -9.12 8.75
C ALA A 16 -3.53 -10.30 7.92
N LEU A 17 -4.85 -10.16 7.56
CA LEU A 17 -5.60 -11.16 6.75
C LEU A 17 -5.10 -11.18 5.29
N HIS A 18 -4.70 -9.95 4.78
CA HIS A 18 -4.14 -9.66 3.41
C HIS A 18 -2.78 -10.42 3.16
N THR A 19 -1.91 -10.50 4.20
CA THR A 19 -0.59 -11.26 4.14
C THR A 19 -0.75 -12.80 4.27
N LEU A 20 -1.94 -13.27 4.74
CA LEU A 20 -2.28 -14.71 4.94
C LEU A 20 -3.09 -15.24 3.71
N ILE A 21 -3.66 -14.27 2.95
CA ILE A 21 -4.46 -14.47 1.71
C ILE A 21 -3.81 -13.84 0.43
N GLY A 22 -2.53 -13.42 0.60
CA GLY A 22 -1.82 -12.64 -0.45
C GLY A 22 -1.18 -13.49 -1.54
N PRO A 23 0.02 -14.22 -1.29
CA PRO A 23 0.64 -15.13 -2.32
C PRO A 23 -0.28 -16.33 -2.79
N LEU A 24 -1.35 -16.64 -1.94
CA LEU A 24 -2.33 -17.72 -2.18
C LEU A 24 -3.34 -17.39 -3.33
N ALA A 25 -3.81 -16.08 -3.43
CA ALA A 25 -4.77 -15.63 -4.50
C ALA A 25 -4.10 -15.27 -5.88
N SER A 26 -2.73 -15.24 -5.96
CA SER A 26 -1.98 -14.96 -7.22
C SER A 26 -1.75 -16.27 -8.04
N GLN A 27 -1.67 -17.41 -7.28
CA GLN A 27 -1.47 -18.80 -7.79
C GLN A 27 -2.75 -19.68 -7.51
N ARG A 28 -2.72 -20.99 -7.92
CA ARG A 28 -3.85 -21.95 -7.70
C ARG A 28 -3.65 -22.73 -6.37
N HIS A 29 -4.37 -22.23 -5.32
CA HIS A 29 -4.33 -22.79 -3.93
C HIS A 29 -5.74 -23.12 -3.37
N PHE A 30 -5.79 -24.13 -2.44
CA PHE A 30 -7.03 -24.62 -1.77
C PHE A 30 -7.19 -23.98 -0.33
N SER A 31 -7.80 -22.75 -0.21
CA SER A 31 -7.98 -22.09 1.11
C SER A 31 -9.49 -22.04 1.56
N PRO A 32 -9.95 -22.91 2.60
CA PRO A 32 -11.35 -22.85 3.19
C PRO A 32 -11.59 -21.71 4.26
N ARG A 33 -10.50 -20.97 4.65
CA ARG A 33 -10.52 -19.84 5.64
C ARG A 33 -10.50 -18.42 4.95
N PHE A 34 -10.90 -18.38 3.66
CA PHE A 34 -10.97 -17.13 2.87
C PHE A 34 -12.28 -16.37 3.25
N ASP A 35 -12.20 -15.19 3.94
CA ASP A 35 -13.44 -14.48 4.34
C ASP A 35 -13.93 -13.59 3.18
N ARG A 36 -14.84 -14.20 2.39
CA ARG A 36 -15.46 -13.61 1.16
C ARG A 36 -16.67 -12.67 1.44
N GLN A 37 -17.22 -12.72 2.69
CA GLN A 37 -18.41 -11.91 3.10
C GLN A 37 -18.02 -10.46 3.47
N LEU A 38 -16.74 -10.27 3.95
CA LEU A 38 -16.18 -8.95 4.35
C LEU A 38 -15.30 -8.32 3.22
N PHE A 39 -15.15 -9.05 2.06
CA PHE A 39 -14.31 -8.57 0.92
C PHE A 39 -15.08 -8.42 -0.41
N ALA A 40 -14.52 -7.49 -1.26
CA ALA A 40 -15.04 -7.18 -2.59
C ALA A 40 -13.90 -7.47 -3.58
N CYS A 41 -14.12 -8.49 -4.41
CA CYS A 41 -13.15 -8.91 -5.46
C CYS A 41 -13.85 -9.17 -6.81
N ARG A 42 -13.04 -9.11 -7.92
CA ARG A 42 -13.52 -9.29 -9.33
C ARG A 42 -12.99 -10.60 -9.99
N GLY A 43 -12.61 -11.59 -9.14
CA GLY A 43 -12.14 -12.90 -9.66
C GLY A 43 -10.77 -13.39 -9.20
N ALA A 44 -10.69 -14.11 -7.98
CA ALA A 44 -9.45 -14.76 -7.36
C ALA A 44 -8.06 -14.14 -7.71
N ARG A 45 -7.88 -12.84 -7.37
CA ARG A 45 -6.61 -12.13 -7.70
C ARG A 45 -5.98 -11.33 -6.54
N LEU A 46 -4.59 -11.51 -6.36
CA LEU A 46 -3.77 -10.66 -5.43
C LEU A 46 -3.65 -9.24 -6.10
N GLY A 47 -3.74 -9.26 -7.48
CA GLY A 47 -3.72 -8.07 -8.36
C GLY A 47 -4.88 -7.09 -8.13
N ASP A 48 -6.12 -7.64 -7.82
CA ASP A 48 -7.36 -6.82 -7.62
C ASP A 48 -7.42 -6.19 -6.21
N TYR A 49 -6.71 -6.86 -5.25
CA TYR A 49 -6.64 -6.41 -3.81
C TYR A 49 -5.56 -5.31 -3.67
N LEU A 50 -4.52 -5.39 -4.56
CA LEU A 50 -3.41 -4.41 -4.65
C LEU A 50 -3.85 -3.10 -5.34
N THR A 51 -4.76 -3.26 -6.36
CA THR A 51 -5.39 -2.16 -7.14
C THR A 51 -6.39 -1.35 -6.27
N GLU A 52 -7.05 -2.05 -5.26
CA GLU A 52 -8.02 -1.41 -4.33
C GLU A 52 -7.24 -0.67 -3.20
N ALA A 53 -6.03 -1.25 -2.88
CA ALA A 53 -5.07 -0.70 -1.87
C ALA A 53 -4.34 0.57 -2.38
N GLU A 54 -3.93 0.57 -3.69
CA GLU A 54 -3.28 1.74 -4.39
C GLU A 54 -4.31 2.90 -4.60
N GLU A 55 -5.61 2.53 -4.87
CA GLU A 55 -6.78 3.45 -5.05
C GLU A 55 -7.25 4.09 -3.69
N SER A 56 -7.01 3.37 -2.54
CA SER A 56 -7.38 3.85 -1.16
C SER A 56 -6.36 4.90 -0.65
N LEU A 57 -5.06 4.80 -1.15
CA LEU A 57 -3.96 5.76 -0.84
C LEU A 57 -4.19 7.11 -1.59
N THR A 58 -4.65 7.01 -2.88
CA THR A 58 -4.93 8.15 -3.82
C THR A 58 -6.22 8.98 -3.43
N HIS A 59 -7.27 8.33 -2.82
CA HIS A 59 -8.54 9.04 -2.38
C HIS A 59 -8.36 9.85 -1.06
N LEU A 60 -7.60 9.24 -0.06
CA LEU A 60 -7.27 9.87 1.26
C LEU A 60 -6.28 11.07 1.09
N GLU A 61 -5.39 10.97 0.03
CA GLU A 61 -4.42 12.01 -0.40
C GLU A 61 -5.15 13.28 -0.96
N ALA A 62 -6.33 13.05 -1.64
CA ALA A 62 -7.19 14.12 -2.22
C ALA A 62 -7.78 15.06 -1.12
N ALA A 63 -8.19 14.47 0.07
CA ALA A 63 -8.65 15.26 1.27
C ALA A 63 -7.49 16.04 1.95
N VAL A 64 -6.24 15.46 1.85
CA VAL A 64 -4.95 16.04 2.33
C VAL A 64 -4.70 17.40 1.62
N ASN A 65 -5.02 17.44 0.27
CA ASN A 65 -4.87 18.64 -0.63
C ASN A 65 -5.56 19.93 -0.06
N GLN A 66 -6.73 19.70 0.67
CA GLN A 66 -7.54 20.74 1.37
C GLN A 66 -6.80 21.34 2.62
N GLY A 67 -6.06 20.47 3.39
CA GLY A 67 -5.26 20.92 4.52
C GLY A 67 -5.76 20.50 5.90
N ASP A 68 -6.35 19.26 6.02
CA ASP A 68 -6.86 18.72 7.29
C ASP A 68 -5.73 17.93 7.98
N ALA A 69 -5.30 18.51 9.13
CA ALA A 69 -4.19 17.98 9.98
C ALA A 69 -4.56 16.66 10.73
N THR A 70 -5.88 16.49 11.04
CA THR A 70 -6.44 15.28 11.71
C THR A 70 -6.45 14.04 10.74
N ARG A 71 -6.76 14.26 9.40
CA ARG A 71 -6.79 13.18 8.36
C ARG A 71 -5.36 12.71 7.93
N VAL A 72 -4.36 13.63 8.15
CA VAL A 72 -2.92 13.43 7.85
C VAL A 72 -2.28 12.52 8.94
N ALA A 73 -2.58 12.89 10.24
CA ALA A 73 -2.12 12.22 11.49
C ALA A 73 -2.71 10.79 11.66
N TRP A 74 -4.00 10.64 11.26
CA TRP A 74 -4.77 9.35 11.19
C TRP A 74 -4.12 8.40 10.14
N LEU A 75 -3.72 8.99 9.00
CA LEU A 75 -3.00 8.28 7.89
C LEU A 75 -1.53 7.97 8.31
N ALA A 76 -0.87 8.92 9.07
CA ALA A 76 0.55 8.77 9.57
C ALA A 76 0.71 7.57 10.57
N GLU A 77 -0.31 7.44 11.46
CA GLU A 77 -0.45 6.33 12.49
C GLU A 77 -0.82 4.97 11.83
N ARG A 78 -1.67 5.02 10.75
CA ARG A 78 -2.05 3.85 9.91
C ARG A 78 -0.84 3.40 9.00
N LEU A 79 0.04 4.37 8.62
CA LEU A 79 1.25 4.13 7.80
C LEU A 79 2.37 3.38 8.59
N ALA A 80 2.62 3.81 9.89
CA ALA A 80 3.63 3.21 10.79
C ALA A 80 3.27 1.76 11.24
N ALA A 81 1.93 1.53 11.54
CA ALA A 81 1.32 0.23 11.95
C ALA A 81 1.34 -0.81 10.81
N GLN A 82 1.11 -0.34 9.54
CA GLN A 82 1.17 -1.19 8.31
C GLN A 82 2.62 -1.56 7.93
N ILE A 83 3.63 -0.69 8.29
CA ILE A 83 5.09 -0.99 8.06
C ILE A 83 5.50 -2.28 8.87
N GLU A 84 5.07 -2.32 10.19
CA GLU A 84 5.37 -3.45 11.14
C GLU A 84 4.69 -4.76 10.73
N ALA A 85 3.37 -4.68 10.33
CA ALA A 85 2.56 -5.86 9.96
C ALA A 85 2.92 -6.48 8.58
N LEU A 86 3.09 -5.61 7.54
CA LEU A 86 3.35 -6.03 6.12
C LEU A 86 4.80 -6.30 5.75
N GLN A 87 5.76 -5.44 6.20
CA GLN A 87 7.21 -5.61 5.92
C GLN A 87 7.80 -6.85 6.66
N ARG A 88 7.32 -7.10 7.94
CA ARG A 88 7.76 -8.25 8.78
C ARG A 88 7.09 -9.64 8.43
N GLU A 89 5.75 -9.68 8.08
CA GLU A 89 5.03 -10.96 7.70
C GLU A 89 5.50 -11.45 6.30
N ALA A 90 5.86 -10.47 5.40
CA ALA A 90 6.43 -10.76 4.05
C ALA A 90 7.94 -11.20 4.19
N ALA A 91 8.65 -10.69 5.29
CA ALA A 91 10.08 -10.97 5.59
C ALA A 91 10.36 -12.43 6.08
N THR A 92 9.42 -13.02 6.88
CA THR A 92 9.52 -14.43 7.40
C THR A 92 8.93 -15.43 6.35
N ALA A 93 8.05 -14.87 5.45
CA ALA A 93 7.35 -15.64 4.36
C ALA A 93 8.31 -15.94 3.16
N THR A 94 9.35 -15.02 2.98
CA THR A 94 10.41 -15.09 1.91
C THR A 94 11.54 -16.12 2.24
N LEU A 95 11.52 -16.64 3.48
CA LEU A 95 12.50 -17.65 3.99
C LEU A 95 12.09 -19.13 3.72
N ARG A 96 10.77 -19.41 3.68
CA ARG A 96 10.24 -20.75 3.29
C ARG A 96 10.15 -20.79 1.72
N ARG A 97 10.26 -19.55 1.12
CA ARG A 97 10.21 -19.24 -0.33
C ARG A 97 11.53 -18.66 -0.89
N HIS A 98 12.63 -19.26 -0.39
CA HIS A 98 14.04 -18.94 -0.79
C HIS A 98 14.65 -20.31 -1.26
N GLU A 99 13.76 -21.36 -1.11
CA GLU A 99 14.02 -22.80 -1.41
C GLU A 99 13.69 -23.29 -2.85
N ASN A 100 12.46 -23.83 -3.05
CA ASN A 100 11.97 -24.41 -4.34
C ASN A 100 10.85 -23.54 -4.93
N ALA A 101 10.24 -22.79 -3.97
CA ALA A 101 9.08 -21.90 -4.15
C ALA A 101 9.40 -20.49 -4.69
N HIS A 102 10.74 -20.13 -4.65
CA HIS A 102 11.29 -18.75 -4.91
C HIS A 102 10.91 -18.12 -6.30
N LEU A 103 10.91 -18.95 -7.41
CA LEU A 103 10.55 -18.51 -8.80
C LEU A 103 9.01 -18.15 -8.96
N PRO A 104 7.94 -19.04 -8.59
CA PRO A 104 6.48 -18.62 -8.64
C PRO A 104 5.97 -17.82 -7.36
N GLY A 105 6.87 -17.63 -6.36
CA GLY A 105 6.57 -16.83 -5.19
C GLY A 105 7.85 -16.19 -4.67
N GLY A 106 8.12 -14.97 -5.13
CA GLY A 106 9.34 -14.22 -4.84
C GLY A 106 9.30 -12.86 -5.54
N ARG A 107 8.79 -12.88 -6.82
CA ARG A 107 8.59 -11.68 -7.72
C ARG A 107 7.47 -10.73 -7.17
N LEU A 108 6.36 -11.35 -6.65
CA LEU A 108 5.16 -10.67 -6.03
C LEU A 108 5.45 -10.11 -4.61
N HIS A 109 6.44 -10.75 -3.90
CA HIS A 109 6.90 -10.38 -2.53
C HIS A 109 7.62 -8.99 -2.55
N ALA A 110 8.36 -8.76 -3.70
CA ALA A 110 9.05 -7.48 -4.05
C ALA A 110 8.00 -6.34 -4.31
N ARG A 111 6.82 -6.70 -4.93
CA ARG A 111 5.69 -5.75 -5.15
C ARG A 111 4.99 -5.41 -3.82
N LEU A 112 4.73 -6.45 -2.96
CA LEU A 112 4.11 -6.24 -1.62
C LEU A 112 4.96 -5.30 -0.65
N ALA A 113 6.23 -5.71 -0.33
CA ALA A 113 7.13 -4.99 0.64
C ALA A 113 7.97 -3.81 0.06
N GLU A 114 8.68 -4.01 -1.11
CA GLU A 114 9.55 -2.96 -1.76
C GLU A 114 8.77 -1.78 -2.42
N TYR A 115 7.54 -2.04 -3.03
CA TYR A 115 6.68 -0.98 -3.65
C TYR A 115 6.09 -0.03 -2.56
N GLN A 116 5.67 -0.59 -1.36
CA GLN A 116 5.14 0.24 -0.22
C GLN A 116 6.24 1.18 0.42
N GLU A 117 7.54 0.73 0.46
CA GLU A 117 8.73 1.52 0.99
C GLU A 117 9.03 2.80 0.12
N TYR A 118 8.97 2.65 -1.26
CA TYR A 118 9.17 3.75 -2.26
C TYR A 118 8.01 4.79 -2.25
N GLU A 119 6.75 4.27 -2.03
CA GLU A 119 5.50 5.07 -1.93
C GLU A 119 5.47 5.92 -0.61
N ARG A 120 6.05 5.37 0.51
CA ARG A 120 6.15 5.99 1.87
C ARG A 120 6.98 7.34 1.87
N ARG A 121 8.20 7.35 1.20
CA ARG A 121 9.07 8.57 1.12
C ARG A 121 8.53 9.69 0.17
N LEU A 122 7.98 9.32 -1.03
CA LEU A 122 7.35 10.31 -1.96
C LEU A 122 6.13 10.99 -1.26
N LEU A 123 5.45 10.19 -0.39
CA LEU A 123 4.31 10.63 0.45
C LEU A 123 4.74 11.56 1.62
N ALA A 124 6.00 11.31 2.16
CA ALA A 124 6.60 12.06 3.30
C ALA A 124 6.89 13.53 2.93
N MET A 125 7.37 13.70 1.64
CA MET A 125 7.68 15.02 1.00
C MET A 125 6.38 15.87 0.83
N LYS A 126 5.24 15.16 0.47
CA LYS A 126 3.90 15.76 0.30
C LYS A 126 3.30 16.20 1.68
N ASN A 127 3.53 15.35 2.76
CA ASN A 127 2.96 15.60 4.14
C ASN A 127 3.67 16.74 4.95
N GLU A 128 5.05 16.77 4.98
CA GLU A 128 5.86 17.79 5.73
C GLU A 128 5.80 19.22 5.10
N ARG A 129 5.88 19.28 3.72
CA ARG A 129 5.82 20.56 2.93
C ARG A 129 4.42 21.22 2.96
N GLU A 130 3.30 20.41 2.95
CA GLU A 130 1.91 20.94 2.99
C GLU A 130 1.45 21.40 4.41
N GLN A 131 2.10 20.88 5.52
CA GLN A 131 1.72 21.23 6.93
C GLN A 131 2.18 22.68 7.34
N ARG A 132 3.52 22.95 7.14
CA ARG A 132 4.19 24.24 7.51
C ARG A 132 3.78 25.40 6.57
N TYR A 133 3.55 25.05 5.26
CA TYR A 133 3.10 25.99 4.21
C TYR A 133 1.53 26.13 4.13
N ALA A 134 0.77 25.22 4.87
CA ALA A 134 -0.76 25.29 5.01
C ALA A 134 -1.16 26.59 5.75
N GLU A 135 -0.24 27.03 6.66
CA GLU A 135 -0.33 28.31 7.46
C GLU A 135 -0.20 29.61 6.57
N ARG A 136 0.30 29.46 5.29
CA ARG A 136 0.52 30.56 4.31
C ARG A 136 -0.73 30.67 3.34
N HIS A 137 -1.42 29.46 3.13
CA HIS A 137 -2.64 29.23 2.24
C HIS A 137 -2.50 29.68 0.75
N ASP A 138 -1.25 29.57 0.20
CA ASP A 138 -0.97 29.97 -1.22
C ASP A 138 -1.26 28.81 -2.25
N PRO A 139 -1.81 29.12 -3.52
CA PRO A 139 -2.07 28.08 -4.60
C PRO A 139 -0.78 27.36 -5.21
N GLN A 140 0.43 27.92 -4.89
CA GLN A 140 1.77 27.46 -5.46
C GLN A 140 2.22 26.06 -4.95
N LEU A 141 1.86 25.77 -3.68
CA LEU A 141 2.18 24.53 -2.94
C LEU A 141 1.23 23.38 -3.39
N ALA A 142 -0.03 23.80 -3.79
CA ALA A 142 -1.10 22.90 -4.29
C ALA A 142 -0.70 22.34 -5.68
N ARG A 143 0.05 23.18 -6.49
CA ARG A 143 0.64 22.79 -7.80
C ARG A 143 1.86 21.82 -7.61
N GLU A 144 2.63 21.96 -6.45
CA GLU A 144 3.85 21.14 -6.11
C GLU A 144 3.50 19.69 -5.58
N ILE A 145 2.48 19.59 -4.64
CA ILE A 145 1.96 18.34 -4.01
C ILE A 145 1.21 17.44 -5.03
N THR A 146 0.40 18.11 -5.89
CA THR A 146 -0.36 17.50 -7.03
C THR A 146 0.63 16.89 -8.11
N ALA A 147 1.77 17.64 -8.36
CA ALA A 147 2.89 17.21 -9.28
C ALA A 147 3.64 15.95 -8.75
N LEU A 148 3.86 15.90 -7.38
CA LEU A 148 4.49 14.76 -6.65
C LEU A 148 3.52 13.53 -6.55
N ASP A 149 2.16 13.83 -6.56
CA ASP A 149 1.03 12.84 -6.52
C ASP A 149 0.92 12.03 -7.86
N GLU A 150 1.29 12.75 -8.99
CA GLU A 150 1.30 12.24 -10.37
C GLU A 150 2.54 11.31 -10.58
N ARG A 151 3.69 11.68 -9.89
CA ARG A 151 4.98 10.94 -9.91
C ARG A 151 4.92 9.61 -9.12
N LEU A 152 4.11 9.56 -8.01
CA LEU A 152 3.84 8.35 -7.21
C LEU A 152 3.05 7.31 -8.07
N THR A 153 2.06 7.80 -8.88
CA THR A 153 1.25 6.97 -9.82
C THR A 153 2.03 6.55 -11.11
N ARG A 154 2.87 7.50 -11.66
CA ARG A 154 3.72 7.26 -12.89
C ARG A 154 4.96 6.35 -12.63
N CYS A 155 5.49 6.37 -11.35
CA CYS A 155 6.66 5.55 -10.91
C CYS A 155 6.27 4.06 -10.75
N ARG A 156 5.04 3.77 -10.19
CA ARG A 156 4.53 2.37 -9.99
C ARG A 156 4.11 1.64 -11.32
N THR A 157 3.62 2.42 -12.35
CA THR A 157 3.17 1.88 -13.68
C THR A 157 4.34 1.51 -14.65
N ALA A 158 5.30 2.48 -14.83
CA ALA A 158 6.48 2.36 -15.73
C ALA A 158 7.49 1.28 -15.26
N ILE A 159 7.65 1.17 -13.90
CA ILE A 159 8.50 0.16 -13.23
C ILE A 159 7.85 -1.27 -13.32
N ALA A 160 6.46 -1.39 -13.23
CA ALA A 160 5.74 -2.70 -13.34
C ALA A 160 5.89 -3.41 -14.74
N ARG A 161 5.80 -2.64 -15.86
CA ARG A 161 5.92 -3.19 -17.27
C ARG A 161 7.36 -3.62 -17.69
N THR A 162 8.40 -2.76 -17.40
CA THR A 162 9.83 -3.02 -17.79
C THR A 162 10.57 -4.10 -16.93
N GLU A 163 10.36 -4.07 -15.57
CA GLU A 163 11.02 -5.03 -14.62
C GLU A 163 10.40 -6.46 -14.63
N ARG A 164 9.03 -6.60 -14.84
CA ARG A 164 8.35 -7.96 -14.88
C ARG A 164 8.68 -8.77 -16.16
N ALA A 165 8.87 -8.01 -17.29
CA ALA A 165 9.21 -8.58 -18.62
C ALA A 165 10.67 -9.14 -18.63
N LEU A 166 11.61 -8.42 -17.88
CA LEU A 166 13.05 -8.78 -17.70
C LEU A 166 13.23 -10.02 -16.78
N GLU A 167 12.34 -10.12 -15.73
CA GLU A 167 12.29 -11.24 -14.74
C GLU A 167 11.69 -12.55 -15.33
N ARG A 168 10.90 -12.45 -16.46
CA ARG A 168 10.26 -13.62 -17.11
C ARG A 168 11.21 -14.44 -18.07
N ILE A 169 12.35 -13.82 -18.49
CA ILE A 169 13.31 -14.47 -19.40
C ILE A 169 14.64 -14.67 -18.61
N THR A 170 14.48 -14.63 -17.23
CA THR A 170 15.56 -14.77 -16.20
C THR A 170 16.41 -16.05 -16.43
N ARG A 171 15.68 -17.06 -16.99
CA ARG A 171 16.23 -18.41 -17.34
C ARG A 171 16.40 -18.59 -18.88
N MET A 1 -5.50 15.46 19.84
CA MET A 1 -6.94 15.73 19.62
C MET A 1 -7.48 14.90 18.42
N ARG A 2 -8.59 14.11 18.70
CA ARG A 2 -9.34 13.18 17.74
C ARG A 2 -8.42 12.06 17.11
N THR A 3 -8.09 11.04 17.96
CA THR A 3 -7.20 9.90 17.57
C THR A 3 -7.98 8.54 17.52
N PRO A 4 -8.26 7.91 16.26
CA PRO A 4 -8.95 6.56 16.11
C PRO A 4 -8.16 5.36 16.74
N LEU A 5 -8.74 4.74 17.82
CA LEU A 5 -8.13 3.56 18.53
C LEU A 5 -8.72 2.19 18.07
N LEU A 6 -10.09 2.16 17.92
CA LEU A 6 -10.86 0.98 17.46
C LEU A 6 -10.76 0.76 15.93
N LEU A 7 -10.70 1.90 15.17
CA LEU A 7 -10.56 1.91 13.69
C LEU A 7 -9.14 1.46 13.27
N GLN A 8 -8.15 1.78 14.14
CA GLN A 8 -6.72 1.38 13.96
C GLN A 8 -6.53 -0.16 14.13
N SER A 9 -7.29 -0.78 15.10
CA SER A 9 -7.28 -2.26 15.34
C SER A 9 -7.99 -3.02 14.19
N LEU A 10 -9.15 -2.45 13.70
CA LEU A 10 -9.91 -2.96 12.52
C LEU A 10 -9.01 -2.99 11.22
N LYS A 11 -8.22 -1.87 10.98
CA LYS A 11 -7.29 -1.70 9.82
C LYS A 11 -6.08 -2.69 9.81
N THR A 12 -5.50 -2.93 11.03
CA THR A 12 -4.35 -3.87 11.24
C THR A 12 -4.79 -5.34 11.03
N ARG A 13 -6.04 -5.73 11.47
CA ARG A 13 -6.62 -7.10 11.24
C ARG A 13 -6.81 -7.42 9.71
N VAL A 14 -7.07 -6.34 8.89
CA VAL A 14 -7.23 -6.40 7.39
C VAL A 14 -5.85 -6.58 6.68
N ALA A 15 -4.81 -5.77 7.09
CA ALA A 15 -3.42 -5.88 6.55
C ALA A 15 -2.70 -7.19 7.04
N ALA A 16 -3.14 -7.64 8.24
CA ALA A 16 -2.79 -8.98 8.87
C ALA A 16 -3.35 -10.17 8.00
N LEU A 17 -4.60 -10.00 7.46
CA LEU A 17 -5.28 -10.99 6.55
C LEU A 17 -4.61 -11.00 5.14
N HIS A 18 -4.14 -9.80 4.68
CA HIS A 18 -3.44 -9.55 3.37
C HIS A 18 -2.09 -10.35 3.25
N THR A 19 -1.30 -10.37 4.37
CA THR A 19 0.03 -11.10 4.47
C THR A 19 -0.09 -12.62 4.78
N LEU A 20 -1.28 -13.05 5.27
CA LEU A 20 -1.65 -14.46 5.63
C LEU A 20 -2.37 -15.18 4.43
N ILE A 21 -2.82 -14.38 3.42
CA ILE A 21 -3.47 -14.87 2.16
C ILE A 21 -2.47 -14.64 0.95
N GLY A 22 -1.51 -13.66 1.17
CA GLY A 22 -0.47 -13.14 0.20
C GLY A 22 -0.05 -14.02 -0.98
N PRO A 23 0.96 -15.00 -0.85
CA PRO A 23 1.36 -15.89 -1.99
C PRO A 23 0.31 -16.99 -2.45
N LEU A 24 -0.72 -17.29 -1.59
CA LEU A 24 -1.76 -18.34 -1.85
C LEU A 24 -2.82 -17.95 -2.96
N ALA A 25 -3.33 -16.65 -2.97
CA ALA A 25 -4.31 -16.18 -4.02
C ALA A 25 -3.64 -15.75 -5.37
N SER A 26 -2.28 -15.58 -5.37
CA SER A 26 -1.47 -15.20 -6.57
C SER A 26 -1.11 -16.48 -7.41
N GLN A 27 -1.14 -17.64 -6.68
CA GLN A 27 -0.85 -19.01 -7.22
C GLN A 27 -2.15 -19.86 -7.40
N ARG A 28 -3.30 -19.36 -6.79
CA ARG A 28 -4.70 -19.97 -6.79
C ARG A 28 -4.77 -21.38 -6.12
N HIS A 29 -4.72 -21.37 -4.75
CA HIS A 29 -4.78 -22.60 -3.89
C HIS A 29 -6.14 -22.69 -3.11
N PHE A 30 -6.12 -22.81 -1.74
CA PHE A 30 -7.35 -22.90 -0.89
C PHE A 30 -7.30 -21.86 0.28
N SER A 31 -8.26 -20.87 0.36
CA SER A 31 -8.30 -19.87 1.47
C SER A 31 -9.61 -20.02 2.34
N PRO A 32 -9.55 -20.63 3.63
CA PRO A 32 -10.74 -20.76 4.55
C PRO A 32 -11.29 -19.42 5.20
N ARG A 33 -10.33 -18.45 5.41
CA ARG A 33 -10.54 -17.11 6.08
C ARG A 33 -10.60 -15.90 5.09
N PHE A 34 -11.06 -16.17 3.86
CA PHE A 34 -11.23 -15.14 2.79
C PHE A 34 -12.53 -14.33 3.13
N ASP A 35 -12.43 -13.02 3.58
CA ASP A 35 -13.66 -12.30 3.95
C ASP A 35 -14.17 -11.35 2.84
N ARG A 36 -15.20 -11.87 2.13
CA ARG A 36 -15.89 -11.20 1.00
C ARG A 36 -17.04 -10.24 1.44
N GLN A 37 -17.33 -10.17 2.79
CA GLN A 37 -18.44 -9.35 3.34
C GLN A 37 -18.05 -7.85 3.45
N LEU A 38 -16.71 -7.59 3.69
CA LEU A 38 -16.15 -6.22 3.82
C LEU A 38 -15.50 -5.71 2.49
N PHE A 39 -15.51 -6.58 1.41
CA PHE A 39 -14.90 -6.23 0.10
C PHE A 39 -15.88 -6.25 -1.10
N ALA A 40 -15.52 -5.44 -2.15
CA ALA A 40 -16.31 -5.29 -3.39
C ALA A 40 -15.36 -5.62 -4.54
N CYS A 41 -15.60 -6.82 -5.08
CA CYS A 41 -14.84 -7.44 -6.20
C CYS A 41 -15.33 -8.89 -6.40
N ARG A 42 -14.79 -9.57 -7.44
CA ARG A 42 -15.11 -10.99 -7.73
C ARG A 42 -14.18 -11.88 -6.84
N GLY A 43 -12.90 -11.41 -6.69
CA GLY A 43 -11.89 -11.97 -5.73
C GLY A 43 -11.43 -13.42 -5.87
N ALA A 44 -10.44 -13.74 -6.76
CA ALA A 44 -9.85 -15.10 -6.88
C ALA A 44 -8.29 -14.96 -6.86
N ARG A 45 -7.79 -13.71 -7.26
CA ARG A 45 -6.36 -13.34 -7.35
C ARG A 45 -6.04 -12.13 -6.41
N LEU A 46 -4.75 -12.05 -5.94
CA LEU A 46 -4.23 -10.94 -5.08
C LEU A 46 -4.08 -9.60 -5.89
N GLY A 47 -4.07 -9.73 -7.27
CA GLY A 47 -3.96 -8.58 -8.24
C GLY A 47 -5.08 -7.52 -8.09
N ASP A 48 -6.37 -8.00 -7.92
CA ASP A 48 -7.59 -7.14 -7.76
C ASP A 48 -7.69 -6.48 -6.37
N TYR A 49 -7.02 -7.16 -5.38
CA TYR A 49 -6.96 -6.70 -3.96
C TYR A 49 -5.86 -5.62 -3.79
N LEU A 50 -4.80 -5.73 -4.65
CA LEU A 50 -3.64 -4.80 -4.72
C LEU A 50 -4.00 -3.47 -5.45
N THR A 51 -4.83 -3.62 -6.53
CA THR A 51 -5.36 -2.49 -7.36
C THR A 51 -6.37 -1.62 -6.55
N GLU A 52 -7.11 -2.26 -5.59
CA GLU A 52 -8.07 -1.55 -4.70
C GLU A 52 -7.30 -0.84 -3.55
N ALA A 53 -6.13 -1.47 -3.21
CA ALA A 53 -5.17 -0.96 -2.18
C ALA A 53 -4.39 0.29 -2.69
N GLU A 54 -4.01 0.29 -4.02
CA GLU A 54 -3.36 1.45 -4.73
C GLU A 54 -4.34 2.66 -4.84
N GLU A 55 -5.66 2.33 -5.12
CA GLU A 55 -6.80 3.26 -5.26
C GLU A 55 -7.30 3.88 -3.90
N SER A 56 -7.05 3.13 -2.75
CA SER A 56 -7.44 3.60 -1.38
C SER A 56 -6.42 4.64 -0.84
N LEU A 57 -5.12 4.48 -1.27
CA LEU A 57 -3.99 5.40 -0.93
C LEU A 57 -4.11 6.74 -1.73
N THR A 58 -4.50 6.63 -3.03
CA THR A 58 -4.70 7.78 -4.00
C THR A 58 -5.97 8.66 -3.66
N HIS A 59 -7.06 8.04 -3.10
CA HIS A 59 -8.33 8.77 -2.72
C HIS A 59 -8.19 9.60 -1.40
N LEU A 60 -7.43 9.03 -0.39
CA LEU A 60 -7.13 9.70 0.93
C LEU A 60 -6.17 10.91 0.74
N GLU A 61 -5.21 10.77 -0.26
CA GLU A 61 -4.22 11.81 -0.70
C GLU A 61 -4.92 13.07 -1.30
N ALA A 62 -6.10 12.81 -2.00
CA ALA A 62 -6.95 13.86 -2.61
C ALA A 62 -7.59 14.79 -1.54
N ALA A 63 -8.05 14.16 -0.38
CA ALA A 63 -8.60 14.87 0.83
C ALA A 63 -7.50 15.70 1.59
N VAL A 64 -6.21 15.24 1.45
CA VAL A 64 -4.99 15.90 2.00
C VAL A 64 -4.81 17.29 1.28
N ASN A 65 -5.08 17.29 -0.07
CA ASN A 65 -5.11 18.50 -0.98
C ASN A 65 -6.30 19.47 -0.65
N GLN A 66 -7.33 18.98 0.14
CA GLN A 66 -8.43 19.84 0.69
C GLN A 66 -7.89 20.58 1.97
N GLY A 67 -7.05 19.86 2.80
CA GLY A 67 -6.34 20.52 3.91
C GLY A 67 -6.78 20.11 5.32
N ASP A 68 -7.27 18.84 5.49
CA ASP A 68 -7.70 18.33 6.80
C ASP A 68 -6.52 17.66 7.52
N ALA A 69 -6.11 18.33 8.63
CA ALA A 69 -4.95 17.93 9.48
C ALA A 69 -5.24 16.66 10.33
N THR A 70 -6.54 16.39 10.66
CA THR A 70 -6.98 15.17 11.38
C THR A 70 -6.94 13.89 10.47
N ARG A 71 -7.17 14.06 9.10
CA ARG A 71 -7.13 12.95 8.08
C ARG A 71 -5.67 12.57 7.70
N VAL A 72 -4.73 13.54 7.93
CA VAL A 72 -3.26 13.41 7.66
C VAL A 72 -2.60 12.56 8.79
N ALA A 73 -2.96 12.95 10.07
CA ALA A 73 -2.52 12.34 11.35
C ALA A 73 -3.07 10.92 11.54
N TRP A 74 -4.36 10.69 11.12
CA TRP A 74 -5.04 9.35 11.07
C TRP A 74 -4.28 8.44 10.06
N LEU A 75 -3.94 9.01 8.88
CA LEU A 75 -3.10 8.35 7.82
C LEU A 75 -1.65 8.06 8.33
N ALA A 76 -1.06 9.04 9.13
CA ALA A 76 0.34 8.95 9.72
C ALA A 76 0.46 7.79 10.78
N GLU A 77 -0.62 7.64 11.61
CA GLU A 77 -0.80 6.56 12.66
C GLU A 77 -1.03 5.17 11.98
N ARG A 78 -1.78 5.18 10.83
CA ARG A 78 -2.03 4.01 9.94
C ARG A 78 -0.72 3.62 9.15
N LEU A 79 0.17 4.63 8.88
CA LEU A 79 1.45 4.46 8.15
C LEU A 79 2.51 3.68 9.02
N ALA A 80 2.65 4.07 10.35
CA ALA A 80 3.59 3.45 11.33
C ALA A 80 3.19 2.00 11.72
N ALA A 81 1.83 1.75 11.89
CA ALA A 81 1.22 0.43 12.22
C ALA A 81 1.37 -0.59 11.06
N GLN A 82 1.28 -0.09 9.78
CA GLN A 82 1.46 -0.92 8.56
C GLN A 82 2.95 -1.27 8.31
N ILE A 83 3.91 -0.41 8.78
CA ILE A 83 5.39 -0.68 8.69
C ILE A 83 5.74 -1.97 9.53
N GLU A 84 5.19 -2.04 10.78
CA GLU A 84 5.42 -3.18 11.74
C GLU A 84 4.78 -4.50 11.25
N ALA A 85 3.50 -4.41 10.74
CA ALA A 85 2.73 -5.58 10.27
C ALA A 85 3.21 -6.18 8.91
N LEU A 86 3.48 -5.29 7.90
CA LEU A 86 3.85 -5.73 6.51
C LEU A 86 5.33 -6.03 6.28
N GLN A 87 6.24 -5.17 6.80
CA GLN A 87 7.72 -5.36 6.65
C GLN A 87 8.25 -6.59 7.45
N ARG A 88 7.68 -6.82 8.69
CA ARG A 88 8.05 -7.97 9.58
C ARG A 88 7.39 -9.36 9.18
N GLU A 89 6.07 -9.37 8.75
CA GLU A 89 5.36 -10.64 8.34
C GLU A 89 5.86 -11.14 6.96
N ALA A 90 6.30 -10.18 6.07
CA ALA A 90 6.93 -10.49 4.77
C ALA A 90 8.41 -10.98 5.01
N ALA A 91 9.06 -10.46 6.15
CA ALA A 91 10.45 -10.80 6.57
C ALA A 91 10.64 -12.25 7.08
N THR A 92 9.61 -12.89 7.71
CA THR A 92 9.65 -14.33 8.14
C THR A 92 9.17 -15.25 6.98
N ALA A 93 8.38 -14.60 6.05
CA ALA A 93 7.78 -15.23 4.85
C ALA A 93 8.85 -15.46 3.73
N THR A 94 10.03 -14.71 3.87
CA THR A 94 11.23 -14.76 2.93
C THR A 94 11.90 -16.16 2.84
N LEU A 95 11.80 -16.94 3.97
CA LEU A 95 12.36 -18.33 4.12
C LEU A 95 11.74 -19.42 3.18
N ARG A 96 10.43 -19.26 2.83
CA ARG A 96 9.70 -20.17 1.87
C ARG A 96 10.23 -19.97 0.41
N ARG A 97 10.61 -18.69 0.08
CA ARG A 97 11.13 -18.20 -1.23
C ARG A 97 12.69 -17.92 -1.23
N HIS A 98 13.49 -18.68 -0.43
CA HIS A 98 14.97 -18.43 -0.32
C HIS A 98 15.69 -19.77 -0.73
N GLU A 99 14.79 -20.73 -1.05
CA GLU A 99 15.09 -22.16 -1.40
C GLU A 99 14.87 -22.59 -2.88
N ASN A 100 13.64 -23.07 -3.21
CA ASN A 100 13.26 -23.61 -4.54
C ASN A 100 12.28 -22.66 -5.26
N ALA A 101 11.59 -21.88 -4.37
CA ALA A 101 10.52 -20.90 -4.70
C ALA A 101 11.07 -19.51 -5.14
N HIS A 102 12.43 -19.32 -4.95
CA HIS A 102 13.19 -18.03 -5.14
C HIS A 102 12.89 -17.26 -6.48
N LEU A 103 12.84 -17.99 -7.64
CA LEU A 103 12.54 -17.39 -8.99
C LEU A 103 11.01 -16.97 -9.20
N PRO A 104 9.90 -17.87 -9.03
CA PRO A 104 8.44 -17.43 -9.18
C PRO A 104 7.75 -16.78 -7.90
N GLY A 105 8.50 -16.73 -6.77
CA GLY A 105 8.01 -16.16 -5.50
C GLY A 105 8.83 -14.97 -5.00
N GLY A 106 9.87 -14.56 -5.80
CA GLY A 106 10.77 -13.43 -5.45
C GLY A 106 10.33 -12.08 -6.02
N ARG A 107 9.30 -12.12 -6.93
CA ARG A 107 8.68 -10.93 -7.58
C ARG A 107 7.39 -10.47 -6.85
N LEU A 108 6.69 -11.45 -6.18
CA LEU A 108 5.46 -11.21 -5.37
C LEU A 108 5.79 -10.48 -4.04
N HIS A 109 6.95 -10.87 -3.40
CA HIS A 109 7.47 -10.25 -2.13
C HIS A 109 8.03 -8.83 -2.46
N ALA A 110 8.48 -8.68 -3.76
CA ALA A 110 8.95 -7.41 -4.36
C ALA A 110 7.76 -6.41 -4.55
N ARG A 111 6.52 -6.95 -4.91
CA ARG A 111 5.30 -6.15 -5.09
C ARG A 111 4.70 -5.78 -3.71
N LEU A 112 4.52 -6.81 -2.82
CA LEU A 112 3.98 -6.61 -1.45
C LEU A 112 4.84 -5.61 -0.57
N ALA A 113 6.16 -5.95 -0.32
CA ALA A 113 7.07 -5.16 0.57
C ALA A 113 7.85 -3.99 -0.12
N GLU A 114 8.51 -4.22 -1.31
CA GLU A 114 9.34 -3.16 -2.02
C GLU A 114 8.50 -2.02 -2.68
N TYR A 115 7.28 -2.35 -3.28
CA TYR A 115 6.39 -1.34 -3.92
C TYR A 115 5.72 -0.40 -2.88
N GLN A 116 5.29 -0.96 -1.67
CA GLN A 116 4.68 -0.13 -0.58
C GLN A 116 5.71 0.83 0.12
N GLU A 117 7.02 0.37 0.29
CA GLU A 117 8.14 1.18 0.91
C GLU A 117 8.54 2.47 0.10
N TYR A 118 8.59 2.35 -1.28
CA TYR A 118 8.90 3.48 -2.22
C TYR A 118 7.76 4.55 -2.26
N GLU A 119 6.47 4.06 -2.13
CA GLU A 119 5.24 4.91 -2.07
C GLU A 119 5.17 5.75 -0.76
N ARG A 120 5.65 5.16 0.39
CA ARG A 120 5.67 5.79 1.77
C ARG A 120 6.60 7.04 1.88
N ARG A 121 7.84 7.02 1.26
CA ARG A 121 8.78 8.20 1.27
C ARG A 121 8.33 9.36 0.33
N LEU A 122 7.80 9.04 -0.88
CA LEU A 122 7.22 10.07 -1.81
C LEU A 122 6.02 10.79 -1.12
N LEU A 123 5.29 10.01 -0.25
CA LEU A 123 4.16 10.48 0.59
C LEU A 123 4.62 11.41 1.75
N ALA A 124 5.88 11.12 2.29
CA ALA A 124 6.53 11.85 3.42
C ALA A 124 6.90 13.30 3.02
N MET A 125 7.37 13.42 1.72
CA MET A 125 7.74 14.72 1.05
C MET A 125 6.49 15.63 0.89
N LYS A 126 5.31 14.98 0.56
CA LYS A 126 3.97 15.64 0.41
C LYS A 126 3.43 16.12 1.81
N ASN A 127 3.68 15.27 2.89
CA ASN A 127 3.19 15.55 4.30
C ASN A 127 3.96 16.68 5.06
N GLU A 128 5.34 16.67 5.01
CA GLU A 128 6.24 17.68 5.71
C GLU A 128 6.16 19.11 5.08
N ARG A 129 6.10 19.17 3.69
CA ARG A 129 5.98 20.43 2.91
C ARG A 129 4.58 21.09 3.09
N GLU A 130 3.49 20.26 3.24
CA GLU A 130 2.10 20.76 3.47
C GLU A 130 1.88 21.33 4.92
N GLN A 131 2.67 20.86 5.94
CA GLN A 131 2.50 21.31 7.38
C GLN A 131 2.97 22.79 7.61
N ARG A 132 4.26 23.05 7.19
CA ARG A 132 4.97 24.36 7.38
C ARG A 132 4.43 25.47 6.43
N TYR A 133 4.03 25.04 5.19
CA TYR A 133 3.45 25.92 4.15
C TYR A 133 1.89 26.08 4.28
N ALA A 134 1.20 25.20 5.13
CA ALA A 134 -0.28 25.28 5.45
C ALA A 134 -0.63 26.60 6.15
N GLU A 135 0.35 27.09 6.98
CA GLU A 135 0.29 28.40 7.72
C GLU A 135 0.34 29.68 6.79
N ARG A 136 0.76 29.48 5.48
CA ARG A 136 0.89 30.57 4.47
C ARG A 136 -0.43 30.66 3.61
N HIS A 137 -1.12 29.46 3.45
CA HIS A 137 -2.42 29.22 2.68
C HIS A 137 -2.49 29.72 1.20
N ASP A 138 -1.31 29.86 0.54
CA ASP A 138 -1.24 30.34 -0.89
C ASP A 138 -1.42 29.17 -1.93
N PRO A 139 -2.07 29.37 -3.18
CA PRO A 139 -2.25 28.29 -4.26
C PRO A 139 -0.95 27.60 -4.84
N GLN A 140 0.27 28.17 -4.54
CA GLN A 140 1.60 27.67 -5.11
C GLN A 140 2.06 26.30 -4.54
N LEU A 141 1.70 26.04 -3.26
CA LEU A 141 2.03 24.80 -2.49
C LEU A 141 1.09 23.64 -2.93
N ALA A 142 -0.17 24.02 -3.35
CA ALA A 142 -1.24 23.07 -3.82
C ALA A 142 -0.86 22.48 -5.20
N ARG A 143 -0.13 23.31 -6.05
CA ARG A 143 0.43 22.87 -7.36
C ARG A 143 1.65 21.90 -7.13
N GLU A 144 2.47 22.13 -6.02
CA GLU A 144 3.68 21.33 -5.63
C GLU A 144 3.35 19.87 -5.09
N ILE A 145 2.30 19.71 -4.18
CA ILE A 145 1.83 18.38 -3.60
C ILE A 145 1.16 17.52 -4.71
N THR A 146 0.34 18.23 -5.56
CA THR A 146 -0.38 17.66 -6.74
C THR A 146 0.64 17.09 -7.83
N ALA A 147 1.79 17.85 -8.03
CA ALA A 147 2.92 17.45 -8.94
C ALA A 147 3.66 16.16 -8.46
N LEU A 148 3.85 16.05 -7.10
CA LEU A 148 4.47 14.87 -6.40
C LEU A 148 3.51 13.64 -6.39
N ASP A 149 2.15 13.93 -6.39
CA ASP A 149 1.03 12.93 -6.42
C ASP A 149 0.96 12.16 -7.77
N GLU A 150 1.31 12.92 -8.89
CA GLU A 150 1.31 12.41 -10.28
C GLU A 150 2.56 11.49 -10.50
N ARG A 151 3.70 11.85 -9.82
CA ARG A 151 5.00 11.12 -9.84
C ARG A 151 4.94 9.76 -9.11
N LEU A 152 4.12 9.68 -8.00
CA LEU A 152 3.84 8.43 -7.23
C LEU A 152 3.12 7.39 -8.16
N THR A 153 2.16 7.89 -9.00
CA THR A 153 1.41 7.05 -9.98
C THR A 153 2.24 6.71 -11.27
N ARG A 154 3.02 7.71 -11.80
CA ARG A 154 3.87 7.55 -13.04
C ARG A 154 5.13 6.65 -12.84
N CYS A 155 5.76 6.71 -11.62
CA CYS A 155 6.96 5.89 -11.27
C CYS A 155 6.59 4.41 -11.06
N ARG A 156 5.38 4.16 -10.43
CA ARG A 156 4.81 2.81 -10.15
C ARG A 156 4.48 1.99 -11.48
N THR A 157 3.97 2.72 -12.54
CA THR A 157 3.63 2.14 -13.89
C THR A 157 4.92 1.76 -14.72
N ALA A 158 5.95 2.67 -14.68
CA ALA A 158 7.26 2.54 -15.40
C ALA A 158 8.14 1.37 -14.89
N ILE A 159 8.12 1.18 -13.54
CA ILE A 159 8.82 0.08 -12.81
C ILE A 159 8.13 -1.31 -13.12
N ALA A 160 6.75 -1.32 -13.19
CA ALA A 160 5.92 -2.53 -13.52
C ALA A 160 6.13 -3.06 -14.98
N ARG A 161 6.25 -2.13 -16.00
CA ARG A 161 6.48 -2.45 -17.46
C ARG A 161 7.88 -3.09 -17.74
N THR A 162 8.95 -2.57 -17.05
CA THR A 162 10.37 -3.08 -17.15
C THR A 162 10.54 -4.49 -16.50
N GLU A 163 9.70 -4.78 -15.43
CA GLU A 163 9.66 -6.08 -14.71
C GLU A 163 8.93 -7.19 -15.55
N ARG A 164 7.99 -6.78 -16.48
CA ARG A 164 7.22 -7.70 -17.41
C ARG A 164 8.13 -8.32 -18.50
N ALA A 165 9.10 -7.48 -19.01
CA ALA A 165 10.13 -7.87 -20.02
C ALA A 165 11.16 -8.85 -19.37
N LEU A 166 11.43 -8.64 -18.03
CA LEU A 166 12.34 -9.47 -17.18
C LEU A 166 11.72 -10.87 -16.88
N GLU A 167 10.34 -10.93 -16.83
CA GLU A 167 9.53 -12.17 -16.60
C GLU A 167 9.54 -13.15 -17.81
N ARG A 168 9.76 -12.58 -19.05
CA ARG A 168 9.79 -13.34 -20.31
C ARG A 168 11.17 -14.03 -20.63
N ILE A 169 12.30 -13.58 -19.98
CA ILE A 169 13.64 -14.15 -20.26
C ILE A 169 14.15 -14.84 -18.98
N THR A 170 13.13 -15.20 -18.12
CA THR A 170 13.31 -15.87 -16.81
C THR A 170 14.07 -17.17 -16.97
N ARG A 171 13.69 -17.88 -18.07
CA ARG A 171 14.32 -19.19 -18.42
C ARG A 171 15.13 -19.11 -19.75
N MET A 1 -7.23 17.02 19.27
CA MET A 1 -7.67 16.62 20.65
C MET A 1 -8.24 15.18 20.69
N ARG A 2 -8.90 14.73 19.56
CA ARG A 2 -9.51 13.37 19.43
C ARG A 2 -8.74 12.49 18.40
N THR A 3 -8.30 11.28 18.86
CA THR A 3 -7.56 10.29 18.03
C THR A 3 -8.21 8.86 18.13
N PRO A 4 -8.45 8.08 16.94
CA PRO A 4 -9.04 6.69 16.96
C PRO A 4 -8.15 5.59 17.67
N LEU A 5 -8.70 4.97 18.77
CA LEU A 5 -8.01 3.89 19.55
C LEU A 5 -8.51 2.48 19.15
N LEU A 6 -9.88 2.33 19.08
CA LEU A 6 -10.58 1.08 18.72
C LEU A 6 -10.57 0.82 17.18
N LEU A 7 -10.69 1.92 16.37
CA LEU A 7 -10.68 1.88 14.90
C LEU A 7 -9.26 1.51 14.38
N GLN A 8 -8.22 1.99 15.13
CA GLN A 8 -6.78 1.70 14.83
C GLN A 8 -6.44 0.19 15.06
N SER A 9 -7.08 -0.43 16.12
CA SER A 9 -6.92 -1.88 16.44
C SER A 9 -7.67 -2.76 15.40
N LEU A 10 -8.92 -2.30 14.99
CA LEU A 10 -9.73 -2.95 13.91
C LEU A 10 -8.97 -2.98 12.54
N LYS A 11 -8.30 -1.80 12.17
CA LYS A 11 -7.50 -1.62 10.90
C LYS A 11 -6.24 -2.52 10.80
N THR A 12 -5.50 -2.68 11.95
CA THR A 12 -4.28 -3.54 12.04
C THR A 12 -4.67 -5.04 11.94
N ARG A 13 -5.85 -5.47 12.51
CA ARG A 13 -6.38 -6.87 12.41
C ARG A 13 -6.72 -7.26 10.92
N VAL A 14 -7.10 -6.21 10.09
CA VAL A 14 -7.42 -6.33 8.62
C VAL A 14 -6.12 -6.48 7.76
N ALA A 15 -5.06 -5.62 8.00
CA ALA A 15 -3.74 -5.74 7.30
C ALA A 15 -2.95 -7.02 7.76
N ALA A 16 -3.20 -7.42 9.01
CA ALA A 16 -2.71 -8.71 9.65
C ALA A 16 -3.36 -9.96 8.94
N LEU A 17 -4.70 -9.84 8.62
CA LEU A 17 -5.50 -10.88 7.92
C LEU A 17 -5.11 -10.95 6.42
N HIS A 18 -4.76 -9.75 5.82
CA HIS A 18 -4.30 -9.56 4.39
C HIS A 18 -3.00 -10.37 4.10
N THR A 19 -2.03 -10.35 5.07
CA THR A 19 -0.74 -11.11 5.00
C THR A 19 -0.88 -12.64 5.28
N LEU A 20 -2.04 -13.05 5.86
CA LEU A 20 -2.34 -14.46 6.22
C LEU A 20 -3.21 -15.11 5.11
N ILE A 21 -3.86 -14.20 4.31
CA ILE A 21 -4.73 -14.50 3.14
C ILE A 21 -4.12 -14.00 1.79
N GLY A 22 -2.79 -13.67 1.84
CA GLY A 22 -2.07 -13.02 0.71
C GLY A 22 -1.99 -13.89 -0.55
N PRO A 23 -1.12 -15.00 -0.63
CA PRO A 23 -1.06 -15.91 -1.84
C PRO A 23 -2.38 -16.79 -2.11
N LEU A 24 -3.41 -16.62 -1.19
CA LEU A 24 -4.73 -17.32 -1.23
C LEU A 24 -5.80 -16.54 -2.09
N ALA A 25 -5.49 -15.23 -2.39
CA ALA A 25 -6.30 -14.26 -3.22
C ALA A 25 -6.56 -14.68 -4.70
N SER A 26 -5.50 -15.19 -5.40
CA SER A 26 -5.57 -15.67 -6.82
C SER A 26 -5.84 -17.19 -6.86
N GLN A 27 -5.26 -17.89 -5.84
CA GLN A 27 -5.36 -19.38 -5.65
C GLN A 27 -6.15 -19.74 -4.36
N ARG A 28 -7.46 -20.12 -4.54
CA ARG A 28 -8.37 -20.49 -3.42
C ARG A 28 -8.33 -22.02 -3.12
N HIS A 29 -7.92 -22.35 -1.84
CA HIS A 29 -7.82 -23.76 -1.36
C HIS A 29 -8.71 -24.00 -0.10
N PHE A 30 -8.21 -23.59 1.13
CA PHE A 30 -8.95 -23.76 2.41
C PHE A 30 -8.61 -22.58 3.41
N SER A 31 -9.59 -21.66 3.71
CA SER A 31 -9.37 -20.55 4.67
C SER A 31 -10.34 -20.70 5.92
N PRO A 32 -9.82 -21.13 7.18
CA PRO A 32 -10.67 -21.27 8.44
C PRO A 32 -11.25 -19.93 9.05
N ARG A 33 -10.42 -18.84 8.91
CA ARG A 33 -10.67 -17.45 9.44
C ARG A 33 -11.10 -16.41 8.34
N PHE A 34 -11.79 -16.88 7.27
CA PHE A 34 -12.26 -16.00 6.14
C PHE A 34 -13.12 -14.78 6.64
N ASP A 35 -12.45 -13.60 6.52
CA ASP A 35 -12.94 -12.27 6.90
C ASP A 35 -12.55 -11.26 5.79
N ARG A 36 -12.98 -11.66 4.56
CA ARG A 36 -12.79 -10.91 3.29
C ARG A 36 -13.91 -9.85 3.01
N GLN A 37 -14.93 -9.79 3.94
CA GLN A 37 -16.07 -8.82 3.87
C GLN A 37 -15.65 -7.41 4.38
N LEU A 38 -14.47 -7.34 5.09
CA LEU A 38 -13.86 -6.06 5.60
C LEU A 38 -13.02 -5.32 4.50
N PHE A 39 -12.87 -6.00 3.33
CA PHE A 39 -12.17 -5.52 2.10
C PHE A 39 -13.18 -5.51 0.93
N ALA A 40 -12.93 -4.70 -0.15
CA ALA A 40 -13.86 -4.63 -1.27
C ALA A 40 -13.09 -5.06 -2.52
N CYS A 41 -13.49 -6.27 -2.96
CA CYS A 41 -12.97 -6.97 -4.16
C CYS A 41 -14.01 -8.05 -4.55
N ARG A 42 -13.89 -8.56 -5.80
CA ARG A 42 -14.81 -9.58 -6.37
C ARG A 42 -14.14 -10.98 -6.44
N GLY A 43 -12.76 -11.05 -6.52
CA GLY A 43 -12.04 -12.36 -6.58
C GLY A 43 -11.53 -12.61 -7.98
N ALA A 44 -10.34 -12.04 -8.34
CA ALA A 44 -9.81 -12.14 -9.69
C ALA A 44 -8.35 -12.62 -9.66
N ARG A 45 -7.57 -11.91 -8.73
CA ARG A 45 -6.12 -12.01 -8.50
C ARG A 45 -5.67 -11.10 -7.26
N LEU A 46 -4.34 -11.25 -6.81
CA LEU A 46 -3.65 -10.34 -5.77
C LEU A 46 -3.46 -8.89 -6.36
N GLY A 47 -3.44 -8.82 -7.72
CA GLY A 47 -3.32 -7.56 -8.54
C GLY A 47 -4.44 -6.53 -8.30
N ASP A 48 -5.72 -7.02 -8.12
CA ASP A 48 -6.91 -6.13 -7.85
C ASP A 48 -6.85 -5.51 -6.45
N TYR A 49 -6.42 -6.34 -5.44
CA TYR A 49 -6.27 -5.92 -3.99
C TYR A 49 -5.20 -4.81 -3.83
N LEU A 50 -4.13 -4.89 -4.68
CA LEU A 50 -3.01 -3.93 -4.74
C LEU A 50 -3.36 -2.61 -5.47
N THR A 51 -4.13 -2.73 -6.59
CA THR A 51 -4.62 -1.60 -7.43
C THR A 51 -5.72 -0.79 -6.69
N GLU A 52 -6.52 -1.47 -5.81
CA GLU A 52 -7.59 -0.84 -5.00
C GLU A 52 -6.98 -0.15 -3.76
N ALA A 53 -5.83 -0.75 -3.30
CA ALA A 53 -5.00 -0.23 -2.17
C ALA A 53 -4.22 1.05 -2.58
N GLU A 54 -3.70 1.07 -3.86
CA GLU A 54 -3.00 2.25 -4.49
C GLU A 54 -4.02 3.42 -4.73
N GLU A 55 -5.27 3.05 -5.15
CA GLU A 55 -6.45 3.95 -5.41
C GLU A 55 -7.07 4.53 -4.11
N SER A 56 -6.89 3.82 -2.94
CA SER A 56 -7.39 4.27 -1.61
C SER A 56 -6.43 5.36 -1.03
N LEU A 57 -5.10 5.21 -1.38
CA LEU A 57 -4.00 6.14 -1.00
C LEU A 57 -4.10 7.48 -1.82
N THR A 58 -4.45 7.36 -3.14
CA THR A 58 -4.65 8.51 -4.10
C THR A 58 -5.93 9.37 -3.79
N HIS A 59 -7.03 8.74 -3.25
CA HIS A 59 -8.31 9.46 -2.87
C HIS A 59 -8.16 10.27 -1.53
N LEU A 60 -7.33 9.73 -0.56
CA LEU A 60 -7.00 10.39 0.75
C LEU A 60 -6.07 11.63 0.55
N GLU A 61 -5.20 11.56 -0.53
CA GLU A 61 -4.26 12.64 -0.97
C GLU A 61 -5.03 13.86 -1.57
N ALA A 62 -6.21 13.54 -2.24
CA ALA A 62 -7.12 14.54 -2.84
C ALA A 62 -7.75 15.44 -1.72
N ALA A 63 -8.14 14.76 -0.58
CA ALA A 63 -8.69 15.39 0.66
C ALA A 63 -7.67 16.26 1.46
N VAL A 64 -6.32 15.93 1.41
CA VAL A 64 -5.26 16.72 2.11
C VAL A 64 -5.07 18.12 1.47
N ASN A 65 -5.34 18.13 0.14
CA ASN A 65 -5.40 19.32 -0.77
C ASN A 65 -6.66 20.22 -0.46
N GLN A 66 -7.63 19.67 0.36
CA GLN A 66 -8.80 20.45 0.89
C GLN A 66 -8.36 21.11 2.24
N GLY A 67 -7.55 20.35 3.06
CA GLY A 67 -6.93 20.94 4.27
C GLY A 67 -7.39 20.39 5.63
N ASP A 68 -7.69 19.04 5.68
CA ASP A 68 -8.08 18.37 6.93
C ASP A 68 -6.86 17.67 7.54
N ALA A 69 -6.36 18.28 8.65
CA ALA A 69 -5.16 17.82 9.43
C ALA A 69 -5.44 16.53 10.26
N THR A 70 -6.76 16.27 10.53
CA THR A 70 -7.27 15.07 11.23
C THR A 70 -7.14 13.81 10.29
N ARG A 71 -7.39 13.99 8.94
CA ARG A 71 -7.29 12.92 7.89
C ARG A 71 -5.80 12.57 7.56
N VAL A 72 -4.88 13.55 7.84
CA VAL A 72 -3.40 13.46 7.66
C VAL A 72 -2.79 12.56 8.76
N ALA A 73 -3.18 12.89 10.05
CA ALA A 73 -2.76 12.23 11.30
C ALA A 73 -3.28 10.77 11.41
N TRP A 74 -4.54 10.55 10.95
CA TRP A 74 -5.23 9.23 10.84
C TRP A 74 -4.50 8.31 9.81
N LEU A 75 -4.11 8.90 8.67
CA LEU A 75 -3.33 8.21 7.60
C LEU A 75 -1.85 7.97 8.05
N ALA A 76 -1.26 8.95 8.82
CA ALA A 76 0.15 8.87 9.37
C ALA A 76 0.34 7.72 10.41
N GLU A 77 -0.69 7.55 11.31
CA GLU A 77 -0.77 6.48 12.37
C GLU A 77 -1.01 5.05 11.76
N ARG A 78 -1.87 5.00 10.68
CA ARG A 78 -2.15 3.78 9.85
C ARG A 78 -0.91 3.42 8.96
N LEU A 79 -0.08 4.44 8.56
CA LEU A 79 1.15 4.26 7.76
C LEU A 79 2.28 3.53 8.56
N ALA A 80 2.52 3.97 9.86
CA ALA A 80 3.55 3.42 10.78
C ALA A 80 3.23 1.96 11.25
N ALA A 81 1.91 1.68 11.55
CA ALA A 81 1.37 0.35 11.99
C ALA A 81 1.44 -0.72 10.88
N GLN A 82 1.18 -0.29 9.60
CA GLN A 82 1.27 -1.17 8.40
C GLN A 82 2.74 -1.50 8.00
N ILE A 83 3.71 -0.58 8.32
CA ILE A 83 5.17 -0.84 8.06
C ILE A 83 5.65 -2.07 8.92
N GLU A 84 5.25 -2.09 10.24
CA GLU A 84 5.62 -3.16 11.22
C GLU A 84 5.00 -4.53 10.85
N ALA A 85 3.67 -4.51 10.49
CA ALA A 85 2.90 -5.72 10.16
C ALA A 85 3.25 -6.37 8.78
N LEU A 86 3.36 -5.51 7.71
CA LEU A 86 3.59 -5.99 6.29
C LEU A 86 5.05 -6.22 5.90
N GLN A 87 5.98 -5.31 6.32
CA GLN A 87 7.45 -5.47 6.02
C GLN A 87 8.06 -6.68 6.78
N ARG A 88 7.63 -6.91 8.07
CA ARG A 88 8.12 -8.03 8.93
C ARG A 88 7.49 -9.45 8.61
N GLU A 89 6.12 -9.52 8.35
CA GLU A 89 5.39 -10.83 8.06
C GLU A 89 5.77 -11.37 6.65
N ALA A 90 5.97 -10.42 5.66
CA ALA A 90 6.42 -10.72 4.29
C ALA A 90 7.94 -11.10 4.30
N ALA A 91 8.75 -10.53 5.30
CA ALA A 91 10.22 -10.78 5.46
C ALA A 91 10.57 -12.22 5.92
N THR A 92 9.76 -12.88 6.81
CA THR A 92 10.00 -14.29 7.24
C THR A 92 9.37 -15.29 6.21
N ALA A 93 8.38 -14.73 5.42
CA ALA A 93 7.61 -15.47 4.36
C ALA A 93 8.46 -15.79 3.09
N THR A 94 9.44 -14.86 2.73
CA THR A 94 10.38 -15.01 1.56
C THR A 94 11.56 -16.01 1.85
N LEU A 95 11.70 -16.43 3.14
CA LEU A 95 12.76 -17.37 3.62
C LEU A 95 12.41 -18.88 3.45
N ARG A 96 11.12 -19.26 3.56
CA ARG A 96 10.67 -20.67 3.29
C ARG A 96 10.52 -20.84 1.75
N ARG A 97 10.49 -19.64 1.06
CA ARG A 97 10.33 -19.43 -0.41
C ARG A 97 11.56 -18.83 -1.09
N HIS A 98 12.73 -19.33 -0.66
CA HIS A 98 14.06 -18.93 -1.18
C HIS A 98 14.73 -20.29 -1.63
N GLU A 99 13.89 -21.37 -1.44
CA GLU A 99 14.23 -22.80 -1.68
C GLU A 99 13.72 -23.44 -3.01
N ASN A 100 12.52 -24.04 -2.98
CA ASN A 100 11.87 -24.77 -4.11
C ASN A 100 10.62 -24.03 -4.59
N ALA A 101 10.08 -23.26 -3.60
CA ALA A 101 8.83 -22.47 -3.66
C ALA A 101 8.96 -21.08 -4.35
N HIS A 102 10.26 -20.65 -4.55
CA HIS A 102 10.66 -19.27 -5.02
C HIS A 102 10.00 -18.79 -6.38
N LEU A 103 9.83 -19.72 -7.38
CA LEU A 103 9.19 -19.40 -8.70
C LEU A 103 7.62 -19.12 -8.59
N PRO A 104 6.69 -20.03 -7.95
CA PRO A 104 5.23 -19.70 -7.72
C PRO A 104 4.94 -18.76 -6.47
N GLY A 105 6.02 -18.32 -5.79
CA GLY A 105 5.91 -17.37 -4.69
C GLY A 105 7.26 -16.74 -4.42
N GLY A 106 7.48 -15.58 -5.07
CA GLY A 106 8.74 -14.82 -5.02
C GLY A 106 8.59 -13.54 -5.85
N ARG A 107 7.92 -13.71 -7.05
CA ARG A 107 7.56 -12.60 -8.01
C ARG A 107 6.46 -11.67 -7.39
N LEU A 108 5.53 -12.33 -6.60
CA LEU A 108 4.41 -11.68 -5.83
C LEU A 108 4.95 -10.88 -4.61
N HIS A 109 6.13 -11.32 -4.05
CA HIS A 109 6.81 -10.68 -2.89
C HIS A 109 7.39 -9.29 -3.28
N ALA A 110 7.84 -9.21 -4.59
CA ALA A 110 8.34 -7.97 -5.28
C ALA A 110 7.20 -6.92 -5.45
N ARG A 111 5.96 -7.41 -5.76
CA ARG A 111 4.73 -6.58 -5.86
C ARG A 111 4.26 -6.11 -4.46
N LEU A 112 4.16 -7.06 -3.47
CA LEU A 112 3.73 -6.74 -2.07
C LEU A 112 4.72 -5.75 -1.29
N ALA A 113 6.02 -6.16 -1.11
CA ALA A 113 7.05 -5.40 -0.33
C ALA A 113 7.78 -4.23 -1.07
N GLU A 114 8.21 -4.42 -2.37
CA GLU A 114 8.94 -3.35 -3.16
C GLU A 114 8.04 -2.15 -3.60
N TYR A 115 6.71 -2.40 -3.89
CA TYR A 115 5.74 -1.31 -4.27
C TYR A 115 5.47 -0.35 -3.08
N GLN A 116 5.33 -0.92 -1.81
CA GLN A 116 5.12 -0.08 -0.57
C GLN A 116 6.34 0.83 -0.18
N GLU A 117 7.62 0.33 -0.33
CA GLU A 117 8.90 1.10 0.02
C GLU A 117 9.17 2.36 -0.89
N TYR A 118 8.96 2.20 -2.26
CA TYR A 118 9.15 3.30 -3.26
C TYR A 118 8.07 4.42 -3.14
N GLU A 119 6.80 3.98 -2.80
CA GLU A 119 5.63 4.87 -2.57
C GLU A 119 5.76 5.67 -1.23
N ARG A 120 6.51 5.09 -0.22
CA ARG A 120 6.77 5.70 1.14
C ARG A 120 7.64 7.00 1.11
N ARG A 121 8.79 7.01 0.34
CA ARG A 121 9.66 8.24 0.19
C ARG A 121 9.01 9.35 -0.69
N LEU A 122 8.32 8.93 -1.80
CA LEU A 122 7.52 9.87 -2.65
C LEU A 122 6.40 10.55 -1.81
N LEU A 123 5.86 9.76 -0.81
CA LEU A 123 4.84 10.20 0.18
C LEU A 123 5.41 11.22 1.21
N ALA A 124 6.76 11.00 1.58
CA ALA A 124 7.54 11.81 2.57
C ALA A 124 7.71 13.27 2.10
N MET A 125 7.95 13.41 0.74
CA MET A 125 8.07 14.72 0.02
C MET A 125 6.72 15.50 0.08
N LYS A 126 5.57 14.73 -0.06
CA LYS A 126 4.18 15.25 0.04
C LYS A 126 3.85 15.66 1.52
N ASN A 127 4.40 14.86 2.52
CA ASN A 127 4.21 15.08 4.01
C ASN A 127 4.84 16.40 4.55
N GLU A 128 6.06 16.80 4.02
CA GLU A 128 6.78 18.07 4.40
C GLU A 128 6.01 19.34 3.89
N ARG A 129 5.43 19.24 2.64
CA ARG A 129 4.61 20.32 1.99
C ARG A 129 3.16 20.40 2.59
N GLU A 130 2.67 19.26 3.20
CA GLU A 130 1.34 19.14 3.91
C GLU A 130 1.35 19.91 5.26
N GLN A 131 2.56 19.91 5.96
CA GLN A 131 2.81 20.65 7.24
C GLN A 131 2.77 22.19 6.99
N ARG A 132 3.34 22.63 5.80
CA ARG A 132 3.35 24.05 5.31
C ARG A 132 1.91 24.53 4.90
N TYR A 133 1.09 23.60 4.28
CA TYR A 133 -0.34 23.86 3.85
C TYR A 133 -1.28 24.03 5.08
N ALA A 134 -1.02 23.25 6.17
CA ALA A 134 -1.76 23.29 7.47
C ALA A 134 -1.62 24.67 8.22
N GLU A 135 -0.36 25.25 8.16
CA GLU A 135 0.04 26.52 8.84
C GLU A 135 -0.17 27.84 8.03
N ARG A 136 0.12 27.82 6.67
CA ARG A 136 0.09 29.04 5.79
C ARG A 136 -1.14 29.08 4.81
N HIS A 137 -1.64 27.85 4.36
CA HIS A 137 -2.78 27.61 3.38
C HIS A 137 -2.66 28.29 1.97
N ASP A 138 -1.40 28.51 1.49
CA ASP A 138 -1.13 29.14 0.15
C ASP A 138 -1.31 28.14 -1.05
N PRO A 139 -1.89 28.60 -2.28
CA PRO A 139 -2.07 27.72 -3.52
C PRO A 139 -0.76 27.12 -4.17
N GLN A 140 0.43 27.69 -3.76
CA GLN A 140 1.81 27.30 -4.31
C GLN A 140 2.25 25.88 -3.87
N LEU A 141 1.92 25.52 -2.61
CA LEU A 141 2.24 24.22 -1.96
C LEU A 141 1.26 23.12 -2.45
N ALA A 142 0.03 23.61 -2.80
CA ALA A 142 -1.11 22.83 -3.34
C ALA A 142 -0.80 22.33 -4.77
N ARG A 143 -0.08 23.21 -5.56
CA ARG A 143 0.44 22.87 -6.92
C ARG A 143 1.62 21.83 -6.80
N GLU A 144 2.45 21.93 -5.69
CA GLU A 144 3.63 21.03 -5.39
C GLU A 144 3.24 19.57 -4.94
N ILE A 145 2.18 19.39 -4.03
CA ILE A 145 1.65 18.05 -3.53
C ILE A 145 0.97 17.30 -4.72
N THR A 146 0.19 18.08 -5.51
CA THR A 146 -0.54 17.62 -6.75
C THR A 146 0.49 17.14 -7.87
N ALA A 147 1.61 17.92 -8.05
CA ALA A 147 2.74 17.59 -8.99
C ALA A 147 3.47 16.26 -8.60
N LEU A 148 3.66 16.06 -7.25
CA LEU A 148 4.25 14.83 -6.63
C LEU A 148 3.29 13.61 -6.71
N ASP A 149 1.93 13.89 -6.74
CA ASP A 149 0.82 12.89 -6.87
C ASP A 149 0.82 12.18 -8.24
N GLU A 150 1.22 12.97 -9.31
CA GLU A 150 1.33 12.52 -10.71
C GLU A 150 2.62 11.63 -10.89
N ARG A 151 3.72 12.02 -10.14
CA ARG A 151 5.05 11.34 -10.12
C ARG A 151 5.01 9.99 -9.39
N LEU A 152 4.17 9.88 -8.30
CA LEU A 152 3.92 8.62 -7.54
C LEU A 152 3.21 7.57 -8.46
N THR A 153 2.27 8.05 -9.33
CA THR A 153 1.55 7.20 -10.33
C THR A 153 2.45 6.85 -11.57
N ARG A 154 3.29 7.84 -12.04
CA ARG A 154 4.24 7.65 -13.20
C ARG A 154 5.46 6.74 -12.87
N CYS A 155 5.96 6.77 -11.58
CA CYS A 155 7.09 5.91 -11.10
C CYS A 155 6.63 4.44 -10.96
N ARG A 156 5.35 4.22 -10.47
CA ARG A 156 4.67 2.89 -10.32
C ARG A 156 4.55 2.11 -11.69
N THR A 157 4.27 2.88 -12.82
CA THR A 157 4.17 2.36 -14.22
C THR A 157 5.58 1.89 -14.73
N ALA A 158 6.65 2.69 -14.38
CA ALA A 158 8.08 2.46 -14.73
C ALA A 158 8.69 1.21 -14.01
N ILE A 159 8.25 1.02 -12.71
CA ILE A 159 8.59 -0.14 -11.83
C ILE A 159 7.95 -1.47 -12.40
N ALA A 160 6.66 -1.37 -12.88
CA ALA A 160 5.89 -2.49 -13.52
C ALA A 160 6.53 -3.01 -14.86
N ARG A 161 7.04 -2.06 -15.72
CA ARG A 161 7.69 -2.35 -17.06
C ARG A 161 9.09 -3.09 -16.92
N THR A 162 9.91 -2.67 -15.89
CA THR A 162 11.26 -3.28 -15.58
C THR A 162 11.13 -4.71 -14.97
N GLU A 163 10.02 -4.93 -14.18
CA GLU A 163 9.66 -6.24 -13.55
C GLU A 163 9.17 -7.28 -14.62
N ARG A 164 8.54 -6.77 -15.75
CA ARG A 164 8.06 -7.59 -16.92
C ARG A 164 9.24 -8.18 -17.74
N ALA A 165 10.38 -7.43 -17.79
CA ALA A 165 11.66 -7.83 -18.45
C ALA A 165 12.37 -9.00 -17.65
N LEU A 166 12.20 -8.98 -16.27
CA LEU A 166 12.72 -10.01 -15.32
C LEU A 166 11.85 -11.31 -15.30
N GLU A 167 10.49 -11.13 -15.53
CA GLU A 167 9.45 -12.23 -15.61
C GLU A 167 9.55 -13.11 -16.89
N ARG A 168 10.02 -12.44 -18.01
CA ARG A 168 10.21 -12.98 -19.40
C ARG A 168 11.05 -14.32 -19.46
N ILE A 169 12.17 -14.32 -18.68
CA ILE A 169 13.14 -15.39 -18.57
C ILE A 169 12.94 -16.07 -17.21
N THR A 170 13.93 -16.89 -16.83
CA THR A 170 13.97 -17.52 -15.51
C THR A 170 15.01 -16.72 -14.64
N ARG A 171 14.97 -15.37 -14.91
CA ARG A 171 15.78 -14.27 -14.22
C ARG A 171 17.28 -14.24 -14.67
N MET A 1 -14.43 7.58 24.83
CA MET A 1 -13.39 8.66 24.90
C MET A 1 -12.27 8.45 23.83
N ARG A 2 -11.93 7.16 23.50
CA ARG A 2 -10.88 6.80 22.51
C ARG A 2 -11.49 6.17 21.22
N THR A 3 -11.21 6.86 20.07
CA THR A 3 -11.64 6.42 18.71
C THR A 3 -10.41 6.15 17.75
N PRO A 4 -9.36 7.13 17.52
CA PRO A 4 -8.15 6.87 16.62
C PRO A 4 -7.15 5.74 17.10
N LEU A 5 -7.14 5.39 18.43
CA LEU A 5 -6.26 4.33 19.03
C LEU A 5 -6.87 2.90 18.85
N LEU A 6 -8.24 2.83 18.94
CA LEU A 6 -9.06 1.59 18.78
C LEU A 6 -9.21 1.18 17.29
N LEU A 7 -9.35 2.22 16.39
CA LEU A 7 -9.45 2.03 14.92
C LEU A 7 -8.10 1.58 14.34
N GLN A 8 -7.00 2.01 15.01
CA GLN A 8 -5.59 1.64 14.68
C GLN A 8 -5.34 0.12 14.91
N SER A 9 -5.90 -0.46 16.04
CA SER A 9 -5.79 -1.90 16.38
C SER A 9 -6.64 -2.77 15.41
N LEU A 10 -7.88 -2.26 15.06
CA LEU A 10 -8.77 -2.87 14.02
C LEU A 10 -8.06 -2.96 12.61
N LYS A 11 -7.36 -1.82 12.20
CA LYS A 11 -6.62 -1.70 10.89
C LYS A 11 -5.38 -2.62 10.77
N THR A 12 -4.61 -2.78 11.91
CA THR A 12 -3.40 -3.65 11.98
C THR A 12 -3.81 -5.14 11.92
N ARG A 13 -4.96 -5.54 12.59
CA ARG A 13 -5.52 -6.93 12.56
C ARG A 13 -5.92 -7.36 11.11
N VAL A 14 -6.38 -6.35 10.28
CA VAL A 14 -6.81 -6.52 8.86
C VAL A 14 -5.58 -6.69 7.89
N ALA A 15 -4.52 -5.83 8.04
CA ALA A 15 -3.23 -5.93 7.25
C ALA A 15 -2.40 -7.20 7.67
N ALA A 16 -2.59 -7.58 8.94
CA ALA A 16 -2.07 -8.86 9.56
C ALA A 16 -2.82 -10.11 8.96
N LEU A 17 -4.17 -9.99 8.73
CA LEU A 17 -5.03 -11.07 8.12
C LEU A 17 -4.73 -11.24 6.60
N HIS A 18 -4.50 -10.08 5.91
CA HIS A 18 -4.18 -9.95 4.45
C HIS A 18 -2.85 -10.68 4.08
N THR A 19 -1.80 -10.61 4.96
CA THR A 19 -0.49 -11.33 4.77
C THR A 19 -0.63 -12.88 4.94
N LEU A 20 -1.60 -13.32 5.83
CA LEU A 20 -1.96 -14.75 6.08
C LEU A 20 -2.90 -15.36 4.97
N ILE A 21 -3.60 -14.42 4.26
CA ILE A 21 -4.55 -14.64 3.11
C ILE A 21 -3.87 -14.11 1.80
N GLY A 22 -2.52 -13.90 1.88
CA GLY A 22 -1.71 -13.32 0.78
C GLY A 22 -1.67 -14.19 -0.49
N PRO A 23 -0.88 -15.35 -0.59
CA PRO A 23 -0.84 -16.23 -1.82
C PRO A 23 -2.17 -17.04 -2.17
N LEU A 24 -3.24 -16.92 -1.30
CA LEU A 24 -4.57 -17.61 -1.44
C LEU A 24 -5.58 -16.80 -2.34
N ALA A 25 -5.29 -15.46 -2.48
CA ALA A 25 -6.02 -14.42 -3.30
C ALA A 25 -6.11 -14.68 -4.84
N SER A 26 -4.95 -15.10 -5.47
CA SER A 26 -4.81 -15.39 -6.93
C SER A 26 -5.10 -16.90 -7.24
N GLN A 27 -4.97 -17.74 -6.18
CA GLN A 27 -5.23 -19.22 -6.24
C GLN A 27 -6.75 -19.58 -6.10
N ARG A 28 -7.13 -20.83 -6.55
CA ARG A 28 -8.54 -21.37 -6.53
C ARG A 28 -9.14 -21.66 -5.10
N HIS A 29 -8.25 -21.98 -4.09
CA HIS A 29 -8.67 -22.26 -2.68
C HIS A 29 -8.81 -20.95 -1.83
N PHE A 30 -9.98 -20.84 -1.12
CA PHE A 30 -10.32 -19.66 -0.28
C PHE A 30 -10.08 -19.90 1.26
N SER A 31 -9.92 -18.78 2.06
CA SER A 31 -9.67 -18.86 3.53
C SER A 31 -10.98 -18.65 4.40
N PRO A 32 -11.32 -19.59 5.41
CA PRO A 32 -12.54 -19.46 6.33
C PRO A 32 -12.55 -18.25 7.35
N ARG A 33 -11.37 -17.55 7.49
CA ARG A 33 -11.15 -16.40 8.44
C ARG A 33 -11.12 -15.01 7.71
N PHE A 34 -11.37 -15.03 6.38
CA PHE A 34 -11.39 -13.82 5.51
C PHE A 34 -12.63 -12.98 5.87
N ASP A 35 -12.44 -11.76 6.48
CA ASP A 35 -13.63 -10.98 6.85
C ASP A 35 -13.99 -10.01 5.69
N ARG A 36 -14.80 -10.56 4.76
CA ARG A 36 -15.26 -9.89 3.49
C ARG A 36 -16.48 -8.94 3.69
N GLN A 37 -16.90 -8.73 4.99
CA GLN A 37 -18.04 -7.85 5.35
C GLN A 37 -17.60 -6.35 5.34
N LEU A 38 -16.25 -6.12 5.58
CA LEU A 38 -15.65 -4.74 5.57
C LEU A 38 -14.92 -4.40 4.23
N PHE A 39 -14.79 -5.41 3.31
CA PHE A 39 -14.08 -5.22 1.99
C PHE A 39 -14.99 -5.47 0.78
N ALA A 40 -14.63 -4.84 -0.40
CA ALA A 40 -15.38 -4.97 -1.63
C ALA A 40 -14.42 -5.49 -2.70
N CYS A 41 -14.64 -6.75 -3.05
CA CYS A 41 -13.86 -7.47 -4.09
C CYS A 41 -14.74 -8.55 -4.71
N ARG A 42 -14.62 -8.65 -6.05
CA ARG A 42 -15.39 -9.62 -6.89
C ARG A 42 -14.76 -11.04 -6.92
N GLY A 43 -13.39 -11.14 -6.80
CA GLY A 43 -12.70 -12.48 -6.84
C GLY A 43 -12.05 -12.62 -8.20
N ALA A 44 -10.87 -11.96 -8.41
CA ALA A 44 -10.23 -11.90 -9.71
C ALA A 44 -8.77 -12.35 -9.60
N ARG A 45 -8.04 -11.65 -8.61
CA ARG A 45 -6.61 -11.76 -8.33
C ARG A 45 -6.18 -10.89 -7.06
N LEU A 46 -4.85 -11.04 -6.62
CA LEU A 46 -4.14 -10.16 -5.58
C LEU A 46 -3.93 -8.74 -6.22
N GLY A 47 -3.95 -8.73 -7.59
CA GLY A 47 -3.86 -7.52 -8.49
C GLY A 47 -4.97 -6.47 -8.26
N ASP A 48 -6.24 -6.94 -7.90
CA ASP A 48 -7.39 -6.01 -7.61
C ASP A 48 -7.25 -5.36 -6.22
N TYR A 49 -6.42 -6.02 -5.36
CA TYR A 49 -6.15 -5.56 -3.96
C TYR A 49 -5.05 -4.47 -3.94
N LEU A 50 -4.09 -4.57 -4.92
CA LEU A 50 -2.99 -3.59 -5.14
C LEU A 50 -3.50 -2.30 -5.85
N THR A 51 -4.49 -2.51 -6.77
CA THR A 51 -5.20 -1.44 -7.53
C THR A 51 -6.14 -0.63 -6.61
N GLU A 52 -6.83 -1.29 -5.61
CA GLU A 52 -7.72 -0.62 -4.62
C GLU A 52 -6.90 0.19 -3.58
N ALA A 53 -5.68 -0.36 -3.30
CA ALA A 53 -4.68 0.24 -2.37
C ALA A 53 -4.01 1.51 -2.97
N GLU A 54 -3.72 1.50 -4.32
CA GLU A 54 -3.20 2.69 -5.06
C GLU A 54 -4.29 3.79 -5.23
N GLU A 55 -5.58 3.34 -5.44
CA GLU A 55 -6.79 4.20 -5.62
C GLU A 55 -7.24 4.87 -4.27
N SER A 56 -6.91 4.21 -3.10
CA SER A 56 -7.24 4.72 -1.73
C SER A 56 -6.20 5.81 -1.31
N LEU A 57 -4.94 5.67 -1.86
CA LEU A 57 -3.81 6.63 -1.67
C LEU A 57 -4.04 7.93 -2.49
N THR A 58 -4.53 7.76 -3.76
CA THR A 58 -4.85 8.87 -4.73
C THR A 58 -6.15 9.68 -4.35
N HIS A 59 -7.20 9.03 -3.76
CA HIS A 59 -8.48 9.71 -3.36
C HIS A 59 -8.36 10.55 -2.04
N LEU A 60 -7.55 10.00 -1.05
CA LEU A 60 -7.26 10.66 0.27
C LEU A 60 -6.31 11.89 0.12
N GLU A 61 -5.41 11.83 -0.92
CA GLU A 61 -4.45 12.91 -1.31
C GLU A 61 -5.19 14.15 -1.92
N ALA A 62 -6.34 13.87 -2.64
CA ALA A 62 -7.20 14.92 -3.25
C ALA A 62 -7.86 15.76 -2.12
N ALA A 63 -8.31 15.03 -1.02
CA ALA A 63 -8.88 15.59 0.23
C ALA A 63 -7.91 16.44 1.11
N VAL A 64 -6.55 16.11 1.07
CA VAL A 64 -5.52 16.88 1.84
C VAL A 64 -5.32 18.31 1.27
N ASN A 65 -5.55 18.37 -0.07
CA ASN A 65 -5.59 19.60 -0.92
C ASN A 65 -6.93 20.41 -0.70
N GLN A 66 -7.90 19.78 0.05
CA GLN A 66 -9.21 20.40 0.47
C GLN A 66 -9.10 21.02 1.91
N GLY A 67 -7.95 20.70 2.61
CA GLY A 67 -7.61 21.19 3.96
C GLY A 67 -8.15 20.41 5.16
N ASP A 68 -8.16 19.04 5.05
CA ASP A 68 -8.60 18.16 6.15
C ASP A 68 -7.35 17.54 6.79
N ALA A 69 -6.88 18.24 7.88
CA ALA A 69 -5.67 17.87 8.70
C ALA A 69 -5.92 16.62 9.59
N THR A 70 -7.24 16.35 9.87
CA THR A 70 -7.73 15.16 10.61
C THR A 70 -7.56 13.88 9.72
N ARG A 71 -7.74 14.01 8.35
CA ARG A 71 -7.59 12.88 7.37
C ARG A 71 -6.08 12.56 7.11
N VAL A 72 -5.20 13.57 7.39
CA VAL A 72 -3.71 13.53 7.24
C VAL A 72 -3.11 12.65 8.37
N ALA A 73 -3.52 13.01 9.63
CA ALA A 73 -3.13 12.38 10.91
C ALA A 73 -3.67 10.93 11.06
N TRP A 74 -4.91 10.70 10.56
CA TRP A 74 -5.57 9.36 10.47
C TRP A 74 -4.76 8.46 9.51
N LEU A 75 -4.38 9.02 8.33
CA LEU A 75 -3.52 8.36 7.30
C LEU A 75 -2.07 8.10 7.82
N ALA A 76 -1.49 9.08 8.62
CA ALA A 76 -0.11 9.00 9.22
C ALA A 76 0.00 7.85 10.27
N GLU A 77 -1.08 7.71 11.09
CA GLU A 77 -1.29 6.64 12.14
C GLU A 77 -1.52 5.23 11.48
N ARG A 78 -2.27 5.20 10.33
CA ARG A 78 -2.52 3.99 9.48
C ARG A 78 -1.21 3.59 8.69
N LEU A 79 -0.32 4.60 8.38
CA LEU A 79 0.95 4.40 7.66
C LEU A 79 2.00 3.64 8.55
N ALA A 80 2.15 4.08 9.86
CA ALA A 80 3.10 3.49 10.85
C ALA A 80 2.70 2.05 11.29
N ALA A 81 1.34 1.81 11.46
CA ALA A 81 0.72 0.51 11.82
C ALA A 81 0.88 -0.56 10.70
N GLN A 82 0.76 -0.12 9.40
CA GLN A 82 0.94 -0.99 8.22
C GLN A 82 2.42 -1.34 7.95
N ILE A 83 3.39 -0.44 8.39
CA ILE A 83 4.87 -0.71 8.26
C ILE A 83 5.26 -1.96 9.12
N GLU A 84 4.72 -2.00 10.39
CA GLU A 84 4.95 -3.11 11.39
C GLU A 84 4.36 -4.45 10.90
N ALA A 85 3.11 -4.40 10.34
CA ALA A 85 2.38 -5.61 9.88
C ALA A 85 2.94 -6.21 8.55
N LEU A 86 3.27 -5.34 7.56
CA LEU A 86 3.73 -5.76 6.20
C LEU A 86 5.23 -6.03 6.05
N GLN A 87 6.10 -5.15 6.61
CA GLN A 87 7.60 -5.32 6.53
C GLN A 87 8.08 -6.55 7.34
N ARG A 88 7.45 -6.80 8.55
CA ARG A 88 7.78 -7.94 9.46
C ARG A 88 7.15 -9.33 9.04
N GLU A 89 5.85 -9.36 8.55
CA GLU A 89 5.16 -10.64 8.16
C GLU A 89 5.67 -11.14 6.79
N ALA A 90 6.11 -10.16 5.90
CA ALA A 90 6.75 -10.44 4.59
C ALA A 90 8.24 -10.88 4.83
N ALA A 91 8.85 -10.40 6.01
CA ALA A 91 10.24 -10.75 6.43
C ALA A 91 10.38 -12.22 6.92
N THR A 92 9.32 -12.84 7.55
CA THR A 92 9.31 -14.26 7.97
C THR A 92 8.86 -15.18 6.78
N ALA A 93 8.14 -14.51 5.80
CA ALA A 93 7.59 -15.13 4.55
C ALA A 93 8.70 -15.38 3.46
N THR A 94 9.78 -14.50 3.48
CA THR A 94 10.97 -14.53 2.56
C THR A 94 12.01 -15.65 2.97
N LEU A 95 11.76 -16.22 4.18
CA LEU A 95 12.50 -17.36 4.82
C LEU A 95 11.91 -18.71 4.32
N ARG A 96 10.59 -18.72 3.98
CA ARG A 96 9.87 -19.91 3.47
C ARG A 96 10.21 -20.20 1.95
N ARG A 97 11.11 -19.30 1.35
CA ARG A 97 11.62 -19.37 -0.08
C ARG A 97 12.61 -20.54 -0.28
N HIS A 98 12.95 -21.06 0.90
CA HIS A 98 13.66 -22.28 1.15
C HIS A 98 12.82 -23.41 0.46
N GLU A 99 11.41 -23.43 0.59
CA GLU A 99 10.60 -24.52 -0.12
C GLU A 99 9.13 -24.24 -0.58
N ASN A 100 8.29 -23.57 0.26
CA ASN A 100 6.82 -23.36 -0.01
C ASN A 100 6.45 -21.93 -0.50
N ALA A 101 7.33 -20.93 -0.28
CA ALA A 101 7.13 -19.52 -0.73
C ALA A 101 7.67 -19.21 -2.13
N HIS A 102 8.70 -20.02 -2.61
CA HIS A 102 9.45 -19.76 -3.87
C HIS A 102 8.63 -20.03 -5.17
N LEU A 103 8.06 -21.28 -5.38
CA LEU A 103 7.22 -21.59 -6.59
C LEU A 103 5.83 -20.88 -6.77
N PRO A 104 4.88 -20.61 -5.71
CA PRO A 104 3.54 -19.95 -5.98
C PRO A 104 3.63 -18.50 -6.54
N GLY A 105 4.79 -17.86 -6.20
CA GLY A 105 5.11 -16.55 -6.61
C GLY A 105 6.47 -16.44 -7.28
N GLY A 106 7.38 -15.73 -6.58
CA GLY A 106 8.74 -15.42 -7.06
C GLY A 106 8.78 -13.95 -7.56
N ARG A 107 7.52 -13.49 -7.88
CA ARG A 107 7.15 -12.13 -8.32
C ARG A 107 6.11 -11.50 -7.34
N LEU A 108 5.39 -12.38 -6.52
CA LEU A 108 4.36 -11.93 -5.50
C LEU A 108 4.99 -11.11 -4.34
N HIS A 109 6.21 -11.56 -3.89
CA HIS A 109 7.01 -10.94 -2.78
C HIS A 109 7.51 -9.53 -3.23
N ALA A 110 7.85 -9.44 -4.57
CA ALA A 110 8.25 -8.20 -5.29
C ALA A 110 7.05 -7.19 -5.41
N ARG A 111 5.80 -7.72 -5.61
CA ARG A 111 4.56 -6.90 -5.67
C ARG A 111 4.14 -6.41 -4.26
N LEU A 112 4.09 -7.36 -3.26
CA LEU A 112 3.72 -7.06 -1.85
C LEU A 112 4.71 -6.05 -1.10
N ALA A 113 6.03 -6.44 -0.98
CA ALA A 113 7.08 -5.66 -0.24
C ALA A 113 7.75 -4.46 -1.01
N GLU A 114 8.10 -4.63 -2.35
CA GLU A 114 8.77 -3.54 -3.15
C GLU A 114 7.82 -2.36 -3.53
N TYR A 115 6.49 -2.65 -3.80
CA TYR A 115 5.47 -1.59 -4.11
C TYR A 115 5.22 -0.64 -2.91
N GLN A 116 5.11 -1.20 -1.64
CA GLN A 116 4.89 -0.37 -0.40
C GLN A 116 6.13 0.49 0.04
N GLU A 117 7.41 0.01 -0.23
CA GLU A 117 8.69 0.76 0.11
C GLU A 117 8.93 2.04 -0.77
N TYR A 118 8.67 1.94 -2.12
CA TYR A 118 8.80 3.07 -3.10
C TYR A 118 7.68 4.15 -2.92
N GLU A 119 6.45 3.67 -2.55
CA GLU A 119 5.24 4.51 -2.25
C GLU A 119 5.38 5.25 -0.87
N ARG A 120 6.25 4.71 0.06
CA ARG A 120 6.56 5.26 1.42
C ARG A 120 7.35 6.61 1.39
N ARG A 121 8.50 6.68 0.62
CA ARG A 121 9.34 7.92 0.48
C ARG A 121 8.66 9.04 -0.37
N LEU A 122 7.96 8.63 -1.47
CA LEU A 122 7.17 9.57 -2.32
C LEU A 122 6.04 10.25 -1.49
N LEU A 123 5.50 9.45 -0.50
CA LEU A 123 4.47 9.88 0.49
C LEU A 123 5.05 10.89 1.53
N ALA A 124 6.40 10.66 1.89
CA ALA A 124 7.17 11.45 2.89
C ALA A 124 7.41 12.92 2.46
N MET A 125 7.69 13.08 1.11
CA MET A 125 7.88 14.41 0.43
C MET A 125 6.55 15.23 0.47
N LYS A 126 5.40 14.49 0.25
CA LYS A 126 4.01 15.04 0.31
C LYS A 126 3.63 15.42 1.79
N ASN A 127 4.10 14.58 2.80
CA ASN A 127 3.81 14.77 4.28
C ASN A 127 4.42 16.07 4.90
N GLU A 128 5.68 16.44 4.47
CA GLU A 128 6.41 17.68 4.92
C GLU A 128 5.72 18.98 4.37
N ARG A 129 5.25 18.90 3.07
CA ARG A 129 4.51 20.00 2.37
C ARG A 129 3.03 20.15 2.88
N GLU A 130 2.46 19.02 3.44
CA GLU A 130 1.08 18.96 4.05
C GLU A 130 1.04 19.70 5.43
N GLN A 131 2.20 19.63 6.20
CA GLN A 131 2.40 20.35 7.50
C GLN A 131 2.44 21.89 7.30
N ARG A 132 3.09 22.33 6.15
CA ARG A 132 3.18 23.76 5.72
C ARG A 132 1.81 24.30 5.18
N TYR A 133 0.97 23.40 4.52
CA TYR A 133 -0.40 23.72 3.99
C TYR A 133 -1.41 23.95 5.16
N ALA A 134 -1.27 23.15 6.25
CA ALA A 134 -2.08 23.24 7.50
C ALA A 134 -1.86 24.58 8.29
N GLU A 135 -0.58 25.07 8.31
CA GLU A 135 -0.13 26.30 9.05
C GLU A 135 -0.21 27.66 8.25
N ARG A 136 0.17 27.65 6.90
CA ARG A 136 0.25 28.88 6.06
C ARG A 136 -0.92 29.00 5.00
N HIS A 137 -1.46 27.81 4.51
CA HIS A 137 -2.57 27.65 3.47
C HIS A 137 -2.33 28.33 2.07
N ASP A 138 -1.03 28.50 1.67
CA ASP A 138 -0.66 29.14 0.36
C ASP A 138 -0.81 28.15 -0.86
N PRO A 139 -1.38 28.61 -2.09
CA PRO A 139 -1.52 27.77 -3.36
C PRO A 139 -0.19 27.16 -3.96
N GLN A 140 0.99 27.66 -3.49
CA GLN A 140 2.38 27.24 -3.98
C GLN A 140 2.74 25.78 -3.59
N LEU A 141 2.33 25.40 -2.36
CA LEU A 141 2.56 24.07 -1.71
C LEU A 141 1.56 23.03 -2.29
N ALA A 142 0.37 23.58 -2.69
CA ALA A 142 -0.77 22.86 -3.32
C ALA A 142 -0.39 22.36 -4.73
N ARG A 143 0.40 23.20 -5.47
CA ARG A 143 1.00 22.85 -6.79
C ARG A 143 2.13 21.77 -6.63
N GLU A 144 2.90 21.84 -5.46
CA GLU A 144 4.02 20.89 -5.11
C GLU A 144 3.54 19.43 -4.70
N ILE A 145 2.43 19.29 -3.85
CA ILE A 145 1.80 17.98 -3.41
C ILE A 145 1.17 17.27 -4.66
N THR A 146 0.47 18.09 -5.50
CA THR A 146 -0.18 17.69 -6.79
C THR A 146 0.90 17.19 -7.84
N ALA A 147 2.08 17.91 -7.91
CA ALA A 147 3.26 17.53 -8.78
C ALA A 147 3.88 16.15 -8.37
N LEU A 148 3.94 15.89 -7.02
CA LEU A 148 4.42 14.62 -6.42
C LEU A 148 3.38 13.46 -6.58
N ASP A 149 2.05 13.84 -6.69
CA ASP A 149 0.88 12.91 -6.92
C ASP A 149 0.95 12.19 -8.29
N GLU A 150 1.45 12.96 -9.33
CA GLU A 150 1.64 12.49 -10.72
C GLU A 150 2.90 11.55 -10.81
N ARG A 151 3.96 11.88 -9.98
CA ARG A 151 5.24 11.13 -9.87
C ARG A 151 5.08 9.76 -9.16
N LEU A 152 4.16 9.68 -8.15
CA LEU A 152 3.78 8.43 -7.42
C LEU A 152 3.06 7.45 -8.39
N THR A 153 2.19 8.01 -9.31
CA THR A 153 1.46 7.21 -10.35
C THR A 153 2.39 6.81 -11.55
N ARG A 154 3.34 7.73 -11.95
CA ARG A 154 4.35 7.51 -13.04
C ARG A 154 5.49 6.52 -12.64
N CYS A 155 5.82 6.46 -11.30
CA CYS A 155 6.85 5.54 -10.73
C CYS A 155 6.30 4.08 -10.72
N ARG A 156 4.96 3.92 -10.35
CA ARG A 156 4.22 2.62 -10.34
C ARG A 156 4.16 1.95 -11.78
N THR A 157 4.01 2.81 -12.85
CA THR A 157 3.99 2.39 -14.29
C THR A 157 5.43 1.90 -14.73
N ALA A 158 6.49 2.65 -14.26
CA ALA A 158 7.93 2.42 -14.53
C ALA A 158 8.47 1.10 -13.88
N ILE A 159 7.96 0.83 -12.63
CA ILE A 159 8.24 -0.39 -11.81
C ILE A 159 7.61 -1.65 -12.51
N ALA A 160 6.34 -1.51 -13.05
CA ALA A 160 5.61 -2.58 -13.82
C ALA A 160 6.34 -2.98 -15.15
N ARG A 161 6.93 -1.96 -15.88
CA ARG A 161 7.70 -2.13 -17.16
C ARG A 161 9.06 -2.91 -16.96
N THR A 162 9.78 -2.61 -15.82
CA THR A 162 11.08 -3.29 -15.43
C THR A 162 10.86 -4.77 -14.98
N GLU A 163 9.64 -5.05 -14.40
CA GLU A 163 9.18 -6.41 -13.97
C GLU A 163 8.84 -7.31 -15.20
N ARG A 164 8.41 -6.67 -16.35
CA ARG A 164 8.09 -7.34 -17.67
C ARG A 164 9.37 -7.90 -18.36
N ALA A 165 10.50 -7.14 -18.19
CA ALA A 165 11.87 -7.52 -18.69
C ALA A 165 12.42 -8.73 -17.86
N LEU A 166 12.04 -8.77 -16.53
CA LEU A 166 12.39 -9.86 -15.56
C LEU A 166 11.59 -11.18 -15.83
N GLU A 167 10.33 -11.00 -16.38
CA GLU A 167 9.38 -12.11 -16.79
C GLU A 167 9.90 -12.94 -18.00
N ARG A 168 10.61 -12.23 -18.96
CA ARG A 168 11.17 -12.80 -20.23
C ARG A 168 12.47 -13.66 -20.09
N ILE A 169 13.21 -13.58 -18.93
CA ILE A 169 14.45 -14.40 -18.73
C ILE A 169 14.16 -15.54 -17.69
N THR A 170 12.90 -15.53 -17.19
CA THR A 170 12.34 -16.48 -16.21
C THR A 170 11.62 -17.67 -16.94
N ARG A 171 11.31 -17.45 -18.25
CA ARG A 171 10.54 -18.42 -19.11
C ARG A 171 11.18 -18.56 -20.50
N MET A 1 -8.10 16.76 20.75
CA MET A 1 -7.03 16.26 19.84
C MET A 1 -7.60 15.32 18.72
N ARG A 2 -8.69 14.52 19.07
CA ARG A 2 -9.43 13.52 18.17
C ARG A 2 -8.49 12.39 17.62
N THR A 3 -8.03 11.51 18.56
CA THR A 3 -7.12 10.37 18.25
C THR A 3 -7.83 8.98 18.42
N PRO A 4 -8.25 8.26 17.26
CA PRO A 4 -8.91 6.88 17.31
C PRO A 4 -8.01 5.75 17.94
N LEU A 5 -8.53 5.11 19.04
CA LEU A 5 -7.83 4.01 19.77
C LEU A 5 -8.38 2.60 19.36
N LEU A 6 -9.74 2.47 19.36
CA LEU A 6 -10.49 1.24 18.99
C LEU A 6 -10.52 0.99 17.46
N LEU A 7 -10.63 2.11 16.67
CA LEU A 7 -10.65 2.10 15.19
C LEU A 7 -9.24 1.72 14.64
N GLN A 8 -8.18 2.13 15.40
CA GLN A 8 -6.76 1.81 15.07
C GLN A 8 -6.47 0.29 15.26
N SER A 9 -7.12 -0.35 16.30
CA SER A 9 -7.01 -1.82 16.57
C SER A 9 -7.79 -2.64 15.50
N LEU A 10 -9.02 -2.14 15.12
CA LEU A 10 -9.85 -2.71 14.02
C LEU A 10 -9.09 -2.72 12.64
N LYS A 11 -8.39 -1.56 12.32
CA LYS A 11 -7.57 -1.36 11.07
C LYS A 11 -6.32 -2.27 10.96
N THR A 12 -5.61 -2.48 12.12
CA THR A 12 -4.41 -3.35 12.21
C THR A 12 -4.81 -4.84 12.04
N ARG A 13 -5.99 -5.28 12.62
CA ARG A 13 -6.54 -6.67 12.48
C ARG A 13 -6.87 -7.04 10.98
N VAL A 14 -7.22 -5.98 10.16
CA VAL A 14 -7.54 -6.09 8.69
C VAL A 14 -6.23 -6.23 7.85
N ALA A 15 -5.17 -5.39 8.12
CA ALA A 15 -3.84 -5.48 7.43
C ALA A 15 -3.05 -6.76 7.89
N ALA A 16 -3.32 -7.18 9.13
CA ALA A 16 -2.84 -8.47 9.77
C ALA A 16 -3.51 -9.71 9.04
N LEU A 17 -4.83 -9.58 8.70
CA LEU A 17 -5.62 -10.61 7.97
C LEU A 17 -5.19 -10.70 6.49
N HIS A 18 -4.82 -9.50 5.88
CA HIS A 18 -4.31 -9.32 4.48
C HIS A 18 -2.99 -10.12 4.22
N THR A 19 -2.06 -10.10 5.22
CA THR A 19 -0.75 -10.83 5.19
C THR A 19 -0.85 -12.36 5.49
N LEU A 20 -2.03 -12.77 6.06
CA LEU A 20 -2.34 -14.17 6.47
C LEU A 20 -3.20 -14.85 5.35
N ILE A 21 -3.78 -13.97 4.50
CA ILE A 21 -4.61 -14.30 3.31
C ILE A 21 -3.90 -13.86 1.99
N GLY A 22 -2.56 -13.59 2.11
CA GLY A 22 -1.73 -13.01 1.01
C GLY A 22 -1.56 -13.94 -0.20
N PRO A 23 -0.69 -15.06 -0.19
CA PRO A 23 -0.57 -16.01 -1.36
C PRO A 23 -1.85 -16.91 -1.64
N LEU A 24 -2.90 -16.77 -0.74
CA LEU A 24 -4.21 -17.48 -0.78
C LEU A 24 -5.29 -16.71 -1.64
N ALA A 25 -4.95 -15.42 -2.00
CA ALA A 25 -5.76 -14.49 -2.84
C ALA A 25 -6.00 -14.96 -4.31
N SER A 26 -4.92 -15.51 -4.97
CA SER A 26 -4.95 -16.00 -6.38
C SER A 26 -5.32 -17.51 -6.44
N GLN A 27 -4.89 -18.22 -5.34
CA GLN A 27 -5.10 -19.68 -5.14
C GLN A 27 -5.91 -19.95 -3.84
N ARG A 28 -7.23 -20.28 -4.00
CA ARG A 28 -8.16 -20.56 -2.86
C ARG A 28 -8.32 -22.08 -2.58
N HIS A 29 -7.98 -22.47 -1.30
CA HIS A 29 -8.07 -23.88 -0.82
C HIS A 29 -8.95 -23.98 0.46
N PHE A 30 -8.39 -23.66 1.68
CA PHE A 30 -9.12 -23.72 2.97
C PHE A 30 -8.69 -22.53 3.92
N SER A 31 -9.56 -21.47 4.09
CA SER A 31 -9.28 -20.33 5.00
C SER A 31 -10.31 -20.31 6.20
N PRO A 32 -9.90 -20.66 7.53
CA PRO A 32 -10.84 -20.66 8.74
C PRO A 32 -11.47 -19.27 9.16
N ARG A 33 -10.69 -18.16 8.91
CA ARG A 33 -11.03 -16.75 9.26
C ARG A 33 -11.48 -15.89 8.01
N PHE A 34 -12.07 -16.59 7.02
CA PHE A 34 -12.55 -16.01 5.73
C PHE A 34 -13.48 -14.74 5.87
N ASP A 35 -12.87 -13.60 5.42
CA ASP A 35 -13.48 -12.24 5.40
C ASP A 35 -13.86 -11.80 3.95
N ARG A 36 -14.72 -12.64 3.35
CA ARG A 36 -15.28 -12.47 1.97
C ARG A 36 -16.38 -11.39 1.88
N GLN A 37 -17.19 -11.23 2.98
CA GLN A 37 -18.33 -10.27 3.09
C GLN A 37 -17.87 -8.81 3.35
N LEU A 38 -16.63 -8.64 3.94
CA LEU A 38 -16.05 -7.31 4.24
C LEU A 38 -15.09 -6.82 3.11
N PHE A 39 -14.80 -7.73 2.11
CA PHE A 39 -13.89 -7.44 0.96
C PHE A 39 -14.58 -7.51 -0.41
N ALA A 40 -13.99 -6.74 -1.37
CA ALA A 40 -14.44 -6.66 -2.75
C ALA A 40 -13.26 -7.05 -3.65
N CYS A 41 -13.43 -8.20 -4.35
CA CYS A 41 -12.42 -8.72 -5.31
C CYS A 41 -13.13 -9.21 -6.60
N ARG A 42 -12.38 -9.26 -7.75
CA ARG A 42 -12.95 -9.64 -9.08
C ARG A 42 -12.54 -11.07 -9.59
N GLY A 43 -12.67 -12.04 -8.66
CA GLY A 43 -12.56 -13.50 -8.93
C GLY A 43 -11.55 -14.31 -8.12
N ALA A 44 -10.20 -14.10 -8.34
CA ALA A 44 -9.12 -14.85 -7.63
C ALA A 44 -7.75 -14.25 -7.99
N ARG A 45 -7.50 -12.98 -7.60
CA ARG A 45 -6.20 -12.34 -7.91
C ARG A 45 -5.60 -11.46 -6.77
N LEU A 46 -4.23 -11.60 -6.55
CA LEU A 46 -3.42 -10.69 -5.63
C LEU A 46 -3.32 -9.29 -6.32
N GLY A 47 -3.41 -9.32 -7.69
CA GLY A 47 -3.42 -8.14 -8.60
C GLY A 47 -4.57 -7.17 -8.35
N ASP A 48 -5.81 -7.72 -8.01
CA ASP A 48 -7.04 -6.89 -7.77
C ASP A 48 -7.03 -6.26 -6.35
N TYR A 49 -6.22 -6.89 -5.43
CA TYR A 49 -6.03 -6.42 -4.03
C TYR A 49 -4.98 -5.28 -4.00
N LEU A 50 -3.98 -5.34 -4.94
CA LEU A 50 -2.90 -4.32 -5.10
C LEU A 50 -3.40 -3.04 -5.84
N THR A 51 -4.32 -3.27 -6.83
CA THR A 51 -4.98 -2.22 -7.65
C THR A 51 -6.01 -1.39 -6.83
N GLU A 52 -6.73 -2.06 -5.85
CA GLU A 52 -7.74 -1.40 -4.98
C GLU A 52 -7.05 -0.67 -3.80
N ALA A 53 -5.86 -1.22 -3.42
CA ALA A 53 -4.97 -0.67 -2.35
C ALA A 53 -4.24 0.62 -2.83
N GLU A 54 -3.80 0.63 -4.14
CA GLU A 54 -3.17 1.82 -4.81
C GLU A 54 -4.22 2.97 -5.01
N GLU A 55 -5.50 2.56 -5.36
CA GLU A 55 -6.68 3.45 -5.56
C GLU A 55 -7.24 4.04 -4.22
N SER A 56 -7.01 3.31 -3.06
CA SER A 56 -7.46 3.75 -1.70
C SER A 56 -6.48 4.82 -1.14
N LEU A 57 -5.17 4.72 -1.58
CA LEU A 57 -4.08 5.68 -1.24
C LEU A 57 -4.28 7.03 -1.98
N THR A 58 -4.68 6.94 -3.29
CA THR A 58 -4.95 8.10 -4.21
C THR A 58 -6.26 8.91 -3.87
N HIS A 59 -7.34 8.23 -3.34
CA HIS A 59 -8.65 8.90 -2.96
C HIS A 59 -8.58 9.68 -1.59
N LEU A 60 -7.90 9.04 -0.56
CA LEU A 60 -7.67 9.63 0.80
C LEU A 60 -6.73 10.87 0.73
N GLU A 61 -5.73 10.79 -0.23
CA GLU A 61 -4.74 11.87 -0.57
C GLU A 61 -5.43 13.14 -1.18
N ALA A 62 -6.56 12.90 -1.95
CA ALA A 62 -7.38 13.96 -2.59
C ALA A 62 -8.05 14.91 -1.54
N ALA A 63 -8.55 14.35 -0.37
CA ALA A 63 -9.10 15.17 0.77
C ALA A 63 -7.98 15.93 1.54
N VAL A 64 -6.75 15.31 1.54
CA VAL A 64 -5.48 15.84 2.10
C VAL A 64 -5.09 17.18 1.39
N ASN A 65 -5.31 17.22 0.01
CA ASN A 65 -5.06 18.41 -0.87
C ASN A 65 -5.79 19.71 -0.38
N GLN A 66 -7.02 19.49 0.27
CA GLN A 66 -7.88 20.55 0.89
C GLN A 66 -7.22 21.14 2.18
N GLY A 67 -6.54 20.28 3.00
CA GLY A 67 -5.81 20.77 4.19
C GLY A 67 -6.41 20.39 5.54
N ASP A 68 -7.07 19.18 5.64
CA ASP A 68 -7.64 18.69 6.89
C ASP A 68 -6.54 17.96 7.67
N ALA A 69 -6.18 18.60 8.82
CA ALA A 69 -5.09 18.15 9.74
C ALA A 69 -5.44 16.84 10.51
N THR A 70 -6.77 16.63 10.79
CA THR A 70 -7.30 15.42 11.46
C THR A 70 -7.24 14.17 10.50
N ARG A 71 -7.52 14.36 9.16
CA ARG A 71 -7.50 13.26 8.12
C ARG A 71 -6.04 12.86 7.72
N VAL A 72 -5.07 13.79 7.95
CA VAL A 72 -3.62 13.62 7.67
C VAL A 72 -2.97 12.75 8.78
N ALA A 73 -3.30 13.12 10.07
CA ALA A 73 -2.85 12.50 11.33
C ALA A 73 -3.41 11.07 11.53
N TRP A 74 -4.69 10.87 11.10
CA TRP A 74 -5.41 9.55 11.05
C TRP A 74 -4.74 8.61 10.01
N LEU A 75 -4.31 9.20 8.88
CA LEU A 75 -3.57 8.51 7.78
C LEU A 75 -2.09 8.23 8.25
N ALA A 76 -1.47 9.21 9.00
CA ALA A 76 -0.06 9.12 9.53
C ALA A 76 0.12 7.96 10.56
N GLU A 77 -0.91 7.80 11.44
CA GLU A 77 -1.02 6.72 12.51
C GLU A 77 -1.32 5.32 11.87
N ARG A 78 -2.16 5.31 10.79
CA ARG A 78 -2.45 4.09 9.95
C ARG A 78 -1.17 3.71 9.11
N LEU A 79 -0.37 4.73 8.64
CA LEU A 79 0.87 4.54 7.86
C LEU A 79 2.00 3.85 8.70
N ALA A 80 2.21 4.32 9.98
CA ALA A 80 3.24 3.80 10.94
C ALA A 80 2.91 2.35 11.43
N ALA A 81 1.58 2.08 11.71
CA ALA A 81 1.02 0.76 12.15
C ALA A 81 1.11 -0.30 11.03
N GLN A 82 0.88 0.12 9.74
CA GLN A 82 1.00 -0.74 8.55
C GLN A 82 2.47 -1.06 8.19
N ILE A 83 3.43 -0.13 8.55
CA ILE A 83 4.91 -0.37 8.33
C ILE A 83 5.37 -1.61 9.18
N GLU A 84 4.94 -1.64 10.49
CA GLU A 84 5.29 -2.73 11.48
C GLU A 84 4.66 -4.09 11.09
N ALA A 85 3.34 -4.06 10.68
CA ALA A 85 2.59 -5.28 10.33
C ALA A 85 2.97 -5.91 8.96
N LEU A 86 3.13 -5.05 7.91
CA LEU A 86 3.40 -5.49 6.49
C LEU A 86 4.87 -5.72 6.14
N GLN A 87 5.79 -4.80 6.58
CA GLN A 87 7.27 -4.92 6.31
C GLN A 87 7.90 -6.12 7.08
N ARG A 88 7.42 -6.35 8.36
CA ARG A 88 7.89 -7.48 9.24
C ARG A 88 7.27 -8.89 8.91
N GLU A 89 5.94 -8.98 8.49
CA GLU A 89 5.28 -10.29 8.13
C GLU A 89 5.76 -10.75 6.71
N ALA A 90 6.16 -9.73 5.85
CA ALA A 90 6.76 -9.96 4.51
C ALA A 90 8.27 -10.37 4.70
N ALA A 91 8.90 -9.87 5.85
CA ALA A 91 10.32 -10.17 6.26
C ALA A 91 10.51 -11.63 6.77
N THR A 92 9.42 -12.24 7.37
CA THR A 92 9.40 -13.66 7.83
C THR A 92 9.01 -14.60 6.63
N ALA A 93 8.30 -13.97 5.62
CA ALA A 93 7.80 -14.61 4.37
C ALA A 93 8.94 -14.83 3.31
N THR A 94 10.01 -13.93 3.39
CA THR A 94 11.24 -13.95 2.51
C THR A 94 12.26 -15.06 2.96
N LEU A 95 11.98 -15.62 4.17
CA LEU A 95 12.72 -16.73 4.84
C LEU A 95 12.10 -18.10 4.41
N ARG A 96 10.77 -18.07 4.08
CA ARG A 96 9.98 -19.25 3.64
C ARG A 96 10.14 -19.52 2.11
N ARG A 97 11.11 -18.78 1.45
CA ARG A 97 11.49 -18.91 -0.01
C ARG A 97 12.44 -20.10 -0.21
N HIS A 98 12.81 -20.59 0.99
CA HIS A 98 13.51 -21.83 1.23
C HIS A 98 12.53 -22.94 0.69
N GLU A 99 11.17 -22.85 1.07
CA GLU A 99 10.12 -23.82 0.51
C GLU A 99 8.70 -23.26 0.31
N ASN A 100 7.82 -23.36 1.37
CA ASN A 100 6.36 -22.91 1.43
C ASN A 100 5.94 -21.64 0.59
N ALA A 101 6.74 -20.53 0.66
CA ALA A 101 6.49 -19.24 -0.06
C ALA A 101 6.93 -19.23 -1.54
N HIS A 102 7.92 -20.12 -1.94
CA HIS A 102 8.54 -20.24 -3.30
C HIS A 102 7.63 -21.03 -4.30
N LEU A 103 6.42 -21.50 -3.78
CA LEU A 103 5.53 -22.42 -4.58
C LEU A 103 5.05 -21.68 -5.88
N PRO A 104 4.39 -20.39 -5.90
CA PRO A 104 4.17 -19.64 -7.18
C PRO A 104 5.54 -19.11 -7.77
N GLY A 105 6.44 -18.63 -6.85
CA GLY A 105 7.81 -18.22 -7.20
C GLY A 105 8.18 -16.85 -6.66
N GLY A 106 9.08 -16.18 -7.41
CA GLY A 106 9.61 -14.84 -7.04
C GLY A 106 8.86 -13.63 -7.65
N ARG A 107 7.74 -13.91 -8.38
CA ARG A 107 6.86 -12.88 -9.03
C ARG A 107 6.04 -12.05 -7.99
N LEU A 108 5.50 -12.76 -6.93
CA LEU A 108 4.65 -12.16 -5.86
C LEU A 108 5.42 -11.31 -4.80
N HIS A 109 6.68 -11.74 -4.46
CA HIS A 109 7.54 -11.09 -3.42
C HIS A 109 8.02 -9.69 -3.87
N ALA A 110 8.32 -9.60 -5.23
CA ALA A 110 8.70 -8.34 -5.95
C ALA A 110 7.51 -7.34 -6.01
N ARG A 111 6.25 -7.87 -6.19
CA ARG A 111 5.01 -7.05 -6.18
C ARG A 111 4.65 -6.55 -4.76
N LEU A 112 4.61 -7.50 -3.76
CA LEU A 112 4.27 -7.18 -2.34
C LEU A 112 5.29 -6.22 -1.61
N ALA A 113 6.60 -6.64 -1.50
CA ALA A 113 7.67 -5.88 -0.77
C ALA A 113 8.29 -4.63 -1.49
N GLU A 114 8.65 -4.74 -2.83
CA GLU A 114 9.29 -3.61 -3.59
C GLU A 114 8.34 -2.41 -3.93
N TYR A 115 7.02 -2.70 -4.27
CA TYR A 115 6.01 -1.64 -4.61
C TYR A 115 5.60 -0.80 -3.37
N GLN A 116 5.48 -1.46 -2.15
CA GLN A 116 5.14 -0.77 -0.86
C GLN A 116 6.26 0.22 -0.35
N GLU A 117 7.59 -0.16 -0.47
CA GLU A 117 8.76 0.69 -0.02
C GLU A 117 8.97 2.01 -0.86
N TYR A 118 8.82 1.93 -2.23
CA TYR A 118 8.95 3.09 -3.17
C TYR A 118 7.80 4.14 -3.03
N GLU A 119 6.54 3.63 -2.76
CA GLU A 119 5.31 4.46 -2.54
C GLU A 119 5.36 5.27 -1.20
N ARG A 120 5.94 4.66 -0.11
CA ARG A 120 6.09 5.27 1.26
C ARG A 120 7.00 6.54 1.33
N ARG A 121 8.19 6.54 0.61
CA ARG A 121 9.11 7.74 0.56
C ARG A 121 8.55 8.91 -0.32
N LEU A 122 7.93 8.57 -1.49
CA LEU A 122 7.24 9.59 -2.35
C LEU A 122 6.08 10.27 -1.56
N LEU A 123 5.44 9.47 -0.65
CA LEU A 123 4.36 9.92 0.28
C LEU A 123 4.89 10.86 1.40
N ALA A 124 6.21 10.61 1.82
CA ALA A 124 6.94 11.36 2.89
C ALA A 124 7.22 12.83 2.49
N MET A 125 7.59 12.98 1.16
CA MET A 125 7.86 14.31 0.49
C MET A 125 6.57 15.19 0.43
N LYS A 126 5.39 14.49 0.19
CA LYS A 126 4.01 15.09 0.18
C LYS A 126 3.58 15.50 1.62
N ASN A 127 4.02 14.70 2.66
CA ASN A 127 3.72 14.95 4.13
C ASN A 127 4.45 16.21 4.71
N GLU A 128 5.76 16.45 4.30
CA GLU A 128 6.60 17.63 4.74
C GLU A 128 6.06 18.99 4.16
N ARG A 129 5.61 18.96 2.85
CA ARG A 129 5.02 20.12 2.11
C ARG A 129 3.57 20.44 2.60
N GLU A 130 2.91 19.40 3.23
CA GLU A 130 1.54 19.51 3.83
C GLU A 130 1.57 20.19 5.22
N GLN A 131 2.75 20.06 5.94
CA GLN A 131 3.01 20.70 7.28
C GLN A 131 3.08 22.24 7.12
N ARG A 132 3.73 22.69 5.96
CA ARG A 132 3.84 24.12 5.54
C ARG A 132 2.45 24.70 5.09
N TYR A 133 1.58 23.84 4.40
CA TYR A 133 0.19 24.20 3.94
C TYR A 133 -0.79 24.37 5.15
N ALA A 134 -0.59 23.55 6.23
CA ALA A 134 -1.36 23.59 7.49
C ALA A 134 -1.15 24.92 8.29
N GLU A 135 0.13 25.45 8.26
CA GLU A 135 0.57 26.68 9.00
C GLU A 135 0.43 28.04 8.21
N ARG A 136 0.75 28.04 6.84
CA ARG A 136 0.77 29.27 5.99
C ARG A 136 -0.43 29.37 4.98
N HIS A 137 -0.96 28.15 4.52
CA HIS A 137 -2.10 27.96 3.50
C HIS A 137 -1.88 28.61 2.09
N ASP A 138 -0.60 28.70 1.64
CA ASP A 138 -0.26 29.28 0.30
C ASP A 138 -0.44 28.25 -0.88
N PRO A 139 -1.08 28.67 -2.10
CA PRO A 139 -1.27 27.79 -3.33
C PRO A 139 0.03 27.15 -3.97
N GLN A 140 1.23 27.68 -3.56
CA GLN A 140 2.59 27.23 -4.10
C GLN A 140 2.98 25.78 -3.70
N LEU A 141 2.63 25.41 -2.45
CA LEU A 141 2.90 24.09 -1.81
C LEU A 141 1.90 23.03 -2.31
N ALA A 142 0.68 23.57 -2.66
CA ALA A 142 -0.49 22.84 -3.21
C ALA A 142 -0.19 22.35 -4.64
N ARG A 143 0.56 23.19 -5.43
CA ARG A 143 1.07 22.81 -6.78
C ARG A 143 2.21 21.73 -6.66
N GLU A 144 3.02 21.79 -5.53
CA GLU A 144 4.15 20.83 -5.21
C GLU A 144 3.67 19.39 -4.76
N ILE A 145 2.59 19.29 -3.87
CA ILE A 145 1.97 17.97 -3.39
C ILE A 145 1.31 17.24 -4.60
N THR A 146 0.57 18.05 -5.42
CA THR A 146 -0.14 17.65 -6.66
C THR A 146 0.88 17.13 -7.76
N ALA A 147 2.05 17.84 -7.92
CA ALA A 147 3.19 17.45 -8.84
C ALA A 147 3.84 16.08 -8.45
N LEU A 148 4.01 15.86 -7.10
CA LEU A 148 4.56 14.60 -6.50
C LEU A 148 3.53 13.43 -6.57
N ASP A 149 2.18 13.78 -6.54
CA ASP A 149 1.01 12.83 -6.63
C ASP A 149 0.94 12.10 -8.01
N GLU A 150 1.30 12.90 -9.09
CA GLU A 150 1.34 12.47 -10.50
C GLU A 150 2.59 11.55 -10.75
N ARG A 151 3.72 11.87 -10.00
CA ARG A 151 5.01 11.13 -10.03
C ARG A 151 4.91 9.73 -9.37
N LEU A 152 4.05 9.59 -8.30
CA LEU A 152 3.76 8.29 -7.63
C LEU A 152 3.02 7.32 -8.61
N THR A 153 2.09 7.90 -9.44
CA THR A 153 1.36 7.12 -10.49
C THR A 153 2.23 6.83 -11.75
N ARG A 154 3.08 7.83 -12.18
CA ARG A 154 4.01 7.72 -13.36
C ARG A 154 5.23 6.77 -13.12
N CYS A 155 5.79 6.76 -11.86
CA CYS A 155 6.94 5.90 -11.46
C CYS A 155 6.51 4.42 -11.34
N ARG A 156 5.26 4.16 -10.80
CA ARG A 156 4.66 2.80 -10.64
C ARG A 156 4.43 2.07 -12.03
N THR A 157 4.02 2.86 -13.09
CA THR A 157 3.80 2.38 -14.49
C THR A 157 5.18 2.02 -15.19
N ALA A 158 6.20 2.91 -14.95
CA ALA A 158 7.59 2.81 -15.49
C ALA A 158 8.39 1.61 -14.90
N ILE A 159 8.17 1.36 -13.57
CA ILE A 159 8.75 0.23 -12.79
C ILE A 159 8.10 -1.13 -13.24
N ALA A 160 6.74 -1.14 -13.50
CA ALA A 160 5.97 -2.32 -13.99
C ALA A 160 6.43 -2.84 -15.40
N ARG A 161 6.69 -1.90 -16.37
CA ARG A 161 7.14 -2.22 -17.78
C ARG A 161 8.59 -2.81 -17.87
N THR A 162 9.54 -2.22 -17.06
CA THR A 162 10.98 -2.66 -16.99
C THR A 162 11.17 -4.05 -16.28
N GLU A 163 10.32 -4.30 -15.22
CA GLU A 163 10.30 -5.57 -14.45
C GLU A 163 9.70 -6.76 -15.25
N ARG A 164 8.65 -6.49 -16.12
CA ARG A 164 7.96 -7.54 -16.98
C ARG A 164 8.86 -8.17 -18.06
N ALA A 165 9.72 -7.30 -18.69
CA ALA A 165 10.68 -7.70 -19.75
C ALA A 165 11.86 -8.52 -19.16
N LEU A 166 12.26 -8.17 -17.87
CA LEU A 166 13.34 -8.83 -17.08
C LEU A 166 12.90 -10.20 -16.47
N GLU A 167 11.58 -10.33 -16.12
CA GLU A 167 10.94 -11.56 -15.54
C GLU A 167 10.75 -12.70 -16.59
N ARG A 168 10.63 -12.29 -17.91
CA ARG A 168 10.41 -13.21 -19.07
C ARG A 168 11.72 -13.82 -19.70
N ILE A 169 12.90 -13.24 -19.35
CA ILE A 169 14.22 -13.67 -19.90
C ILE A 169 15.02 -14.56 -18.88
N THR A 170 14.49 -14.59 -17.63
CA THR A 170 15.02 -15.39 -16.49
C THR A 170 14.24 -16.75 -16.33
N ARG A 171 13.33 -17.05 -17.33
CA ARG A 171 12.46 -18.25 -17.33
C ARG A 171 12.89 -19.28 -18.42
N MET A 1 -7.02 15.26 16.25
CA MET A 1 -7.96 15.90 17.22
C MET A 1 -8.77 14.85 18.03
N ARG A 2 -9.14 13.69 17.37
CA ARG A 2 -9.92 12.57 18.00
C ARG A 2 -9.02 11.35 18.40
N THR A 3 -7.88 11.12 17.64
CA THR A 3 -6.88 9.98 17.82
C THR A 3 -7.56 8.55 17.69
N PRO A 4 -7.78 7.98 16.39
CA PRO A 4 -8.42 6.62 16.18
C PRO A 4 -7.60 5.41 16.78
N LEU A 5 -8.15 4.81 17.88
CA LEU A 5 -7.50 3.65 18.60
C LEU A 5 -8.09 2.28 18.14
N LEU A 6 -9.44 2.24 17.96
CA LEU A 6 -10.20 1.05 17.51
C LEU A 6 -10.06 0.81 15.99
N LEU A 7 -10.05 1.96 15.21
CA LEU A 7 -9.90 1.98 13.73
C LEU A 7 -8.48 1.55 13.31
N GLN A 8 -7.49 1.87 14.18
CA GLN A 8 -6.07 1.47 14.01
C GLN A 8 -5.89 -0.06 14.20
N SER A 9 -6.64 -0.68 15.20
CA SER A 9 -6.62 -2.15 15.47
C SER A 9 -7.33 -2.93 14.33
N LEU A 10 -8.51 -2.37 13.83
CA LEU A 10 -9.25 -2.91 12.66
C LEU A 10 -8.36 -2.94 11.36
N LYS A 11 -7.59 -1.80 11.12
CA LYS A 11 -6.67 -1.64 9.94
C LYS A 11 -5.44 -2.58 9.94
N THR A 12 -4.83 -2.80 11.16
CA THR A 12 -3.66 -3.69 11.35
C THR A 12 -4.07 -5.18 11.17
N ARG A 13 -5.30 -5.58 11.66
CA ARG A 13 -5.86 -6.97 11.48
C ARG A 13 -6.10 -7.31 9.97
N VAL A 14 -6.40 -6.25 9.13
CA VAL A 14 -6.63 -6.33 7.65
C VAL A 14 -5.28 -6.51 6.87
N ALA A 15 -4.23 -5.68 7.19
CA ALA A 15 -2.86 -5.81 6.57
C ALA A 15 -2.13 -7.11 7.03
N ALA A 16 -2.48 -7.52 8.25
CA ALA A 16 -2.09 -8.84 8.90
C ALA A 16 -2.76 -10.06 8.14
N LEU A 17 -4.08 -9.89 7.74
CA LEU A 17 -4.85 -10.91 6.97
C LEU A 17 -4.32 -11.03 5.52
N HIS A 18 -3.93 -9.85 4.93
CA HIS A 18 -3.36 -9.66 3.56
C HIS A 18 -2.03 -10.47 3.34
N THR A 19 -1.14 -10.48 4.37
CA THR A 19 0.16 -11.25 4.34
C THR A 19 0.01 -12.78 4.61
N LEU A 20 -1.17 -13.19 5.15
CA LEU A 20 -1.51 -14.61 5.52
C LEU A 20 -2.34 -15.28 4.38
N ILE A 21 -2.93 -14.39 3.53
CA ILE A 21 -3.76 -14.71 2.32
C ILE A 21 -3.08 -14.23 1.01
N GLY A 22 -1.78 -13.85 1.13
CA GLY A 22 -0.99 -13.18 0.05
C GLY A 22 -0.66 -14.00 -1.21
N PRO A 23 0.20 -15.11 -1.18
CA PRO A 23 0.51 -15.95 -2.39
C PRO A 23 -0.66 -16.85 -2.97
N LEU A 24 -1.81 -16.94 -2.23
CA LEU A 24 -2.96 -17.82 -2.60
C LEU A 24 -3.90 -17.23 -3.70
N ALA A 25 -4.41 -15.94 -3.58
CA ALA A 25 -5.35 -15.37 -4.62
C ALA A 25 -4.69 -14.86 -5.94
N SER A 26 -3.32 -14.76 -5.96
CA SER A 26 -2.53 -14.37 -7.17
C SER A 26 -2.10 -15.62 -8.01
N GLN A 27 -2.48 -16.83 -7.46
CA GLN A 27 -2.20 -18.18 -8.07
C GLN A 27 -3.47 -18.76 -8.79
N ARG A 28 -4.18 -19.77 -8.16
CA ARG A 28 -5.40 -20.43 -8.75
C ARG A 28 -6.55 -20.63 -7.72
N HIS A 29 -6.22 -21.09 -6.46
CA HIS A 29 -7.22 -21.39 -5.37
C HIS A 29 -7.40 -20.22 -4.35
N PHE A 30 -8.68 -20.02 -3.92
CA PHE A 30 -9.08 -18.95 -2.95
C PHE A 30 -9.02 -19.44 -1.46
N SER A 31 -8.86 -18.48 -0.46
CA SER A 31 -8.74 -18.82 0.99
C SER A 31 -10.08 -18.58 1.79
N PRO A 32 -10.51 -19.53 2.77
CA PRO A 32 -11.78 -19.38 3.62
C PRO A 32 -11.82 -18.20 4.67
N ARG A 33 -10.64 -17.53 4.90
CA ARG A 33 -10.45 -16.42 5.90
C ARG A 33 -10.49 -14.98 5.25
N PHE A 34 -11.05 -14.92 4.03
CA PHE A 34 -11.27 -13.65 3.27
C PHE A 34 -12.43 -12.87 3.93
N ASP A 35 -12.16 -11.70 4.57
CA ASP A 35 -13.26 -10.96 5.20
C ASP A 35 -13.94 -10.02 4.18
N ARG A 36 -15.01 -10.58 3.56
CA ARG A 36 -15.81 -9.94 2.47
C ARG A 36 -16.88 -8.94 2.99
N GLN A 37 -17.01 -8.80 4.35
CA GLN A 37 -18.03 -7.95 4.99
C GLN A 37 -17.61 -6.46 4.99
N LEU A 38 -16.24 -6.19 5.03
CA LEU A 38 -15.68 -4.82 5.00
C LEU A 38 -15.11 -4.43 3.60
N PHE A 39 -15.12 -5.40 2.62
CA PHE A 39 -14.57 -5.17 1.25
C PHE A 39 -15.60 -5.34 0.13
N ALA A 40 -15.31 -4.65 -1.03
CA ALA A 40 -16.17 -4.68 -2.22
C ALA A 40 -15.28 -5.16 -3.36
N CYS A 41 -15.56 -6.40 -3.77
CA CYS A 41 -14.85 -7.12 -4.85
C CYS A 41 -15.80 -8.14 -5.50
N ARG A 42 -15.38 -8.71 -6.65
CA ARG A 42 -16.19 -9.71 -7.41
C ARG A 42 -15.53 -11.12 -7.40
N GLY A 43 -14.15 -11.19 -7.36
CA GLY A 43 -13.44 -12.51 -7.35
C GLY A 43 -12.64 -12.60 -8.62
N ALA A 44 -11.39 -12.00 -8.64
CA ALA A 44 -10.60 -11.89 -9.86
C ALA A 44 -9.16 -12.41 -9.63
N ARG A 45 -8.50 -11.75 -8.57
CA ARG A 45 -7.10 -11.93 -8.16
C ARG A 45 -6.72 -11.06 -6.88
N LEU A 46 -5.44 -11.25 -6.31
CA LEU A 46 -4.83 -10.39 -5.21
C LEU A 46 -4.49 -8.98 -5.81
N GLY A 47 -4.36 -8.97 -7.19
CA GLY A 47 -4.12 -7.76 -8.03
C GLY A 47 -5.21 -6.67 -7.89
N ASP A 48 -6.50 -7.11 -7.69
CA ASP A 48 -7.67 -6.17 -7.50
C ASP A 48 -7.71 -5.58 -6.06
N TYR A 49 -7.02 -6.30 -5.12
CA TYR A 49 -6.93 -5.89 -3.68
C TYR A 49 -5.81 -4.83 -3.49
N LEU A 50 -4.76 -4.95 -4.35
CA LEU A 50 -3.60 -4.01 -4.44
C LEU A 50 -3.99 -2.68 -5.16
N THR A 51 -4.88 -2.85 -6.19
CA THR A 51 -5.49 -1.76 -7.00
C THR A 51 -6.51 -0.95 -6.16
N GLU A 52 -7.17 -1.61 -5.13
CA GLU A 52 -8.14 -0.94 -4.22
C GLU A 52 -7.37 -0.15 -3.14
N ALA A 53 -6.16 -0.72 -2.79
CA ALA A 53 -5.21 -0.16 -1.80
C ALA A 53 -4.48 1.11 -2.33
N GLU A 54 -4.11 1.10 -3.65
CA GLU A 54 -3.51 2.28 -4.36
C GLU A 54 -4.56 3.41 -4.56
N GLU A 55 -5.83 3.00 -4.87
CA GLU A 55 -7.01 3.91 -5.08
C GLU A 55 -7.53 4.58 -3.77
N SER A 56 -7.30 3.90 -2.58
CA SER A 56 -7.72 4.43 -1.24
C SER A 56 -6.68 5.48 -0.74
N LEU A 57 -5.39 5.29 -1.17
CA LEU A 57 -4.23 6.18 -0.88
C LEU A 57 -4.36 7.52 -1.71
N THR A 58 -4.77 7.36 -3.02
CA THR A 58 -5.00 8.48 -4.01
C THR A 58 -6.30 9.32 -3.72
N HIS A 59 -7.37 8.69 -3.11
CA HIS A 59 -8.66 9.39 -2.76
C HIS A 59 -8.54 10.28 -1.49
N LEU A 60 -7.74 9.79 -0.47
CA LEU A 60 -7.45 10.50 0.82
C LEU A 60 -6.52 11.73 0.59
N GLU A 61 -5.59 11.60 -0.43
CA GLU A 61 -4.64 12.65 -0.91
C GLU A 61 -5.38 13.87 -1.55
N ALA A 62 -6.54 13.57 -2.27
CA ALA A 62 -7.39 14.60 -2.91
C ALA A 62 -8.08 15.50 -1.85
N ALA A 63 -8.53 14.86 -0.70
CA ALA A 63 -9.09 15.54 0.51
C ALA A 63 -8.05 16.43 1.25
N VAL A 64 -6.73 16.05 1.14
CA VAL A 64 -5.55 16.80 1.68
C VAL A 64 -5.48 18.19 0.97
N ASN A 65 -5.76 18.17 -0.37
CA ASN A 65 -5.86 19.36 -1.27
C ASN A 65 -7.12 20.25 -0.95
N GLN A 66 -8.07 19.74 -0.10
CA GLN A 66 -9.22 20.54 0.44
C GLN A 66 -8.74 21.29 1.73
N GLY A 67 -7.91 20.56 2.57
CA GLY A 67 -7.22 21.17 3.73
C GLY A 67 -7.65 20.67 5.11
N ASP A 68 -7.94 19.33 5.23
CA ASP A 68 -8.29 18.69 6.51
C ASP A 68 -7.05 18.00 7.11
N ALA A 69 -6.54 18.64 8.20
CA ALA A 69 -5.33 18.19 8.97
C ALA A 69 -5.61 16.92 9.83
N THR A 70 -6.92 16.69 10.15
CA THR A 70 -7.43 15.50 10.90
C THR A 70 -7.34 14.22 10.00
N ARG A 71 -7.61 14.36 8.64
CA ARG A 71 -7.55 13.23 7.65
C ARG A 71 -6.06 12.84 7.30
N VAL A 72 -5.14 13.82 7.52
CA VAL A 72 -3.66 13.74 7.30
C VAL A 72 -3.01 12.88 8.42
N ALA A 73 -3.39 13.26 9.70
CA ALA A 73 -2.96 12.66 10.97
C ALA A 73 -3.51 11.23 11.16
N TRP A 74 -4.77 10.99 10.68
CA TRP A 74 -5.42 9.64 10.62
C TRP A 74 -4.60 8.74 9.66
N LEU A 75 -4.25 9.31 8.48
CA LEU A 75 -3.37 8.66 7.43
C LEU A 75 -1.91 8.40 7.97
N ALA A 76 -1.37 9.38 8.79
CA ALA A 76 0.00 9.31 9.42
C ALA A 76 0.09 8.13 10.46
N GLU A 77 -1.02 7.97 11.24
CA GLU A 77 -1.26 6.87 12.26
C GLU A 77 -1.49 5.49 11.55
N ARG A 78 -2.17 5.52 10.36
CA ARG A 78 -2.41 4.37 9.44
C ARG A 78 -1.07 3.95 8.73
N LEU A 79 -0.14 4.95 8.50
CA LEU A 79 1.18 4.75 7.87
C LEU A 79 2.18 3.99 8.82
N ALA A 80 2.19 4.40 10.15
CA ALA A 80 3.04 3.80 11.22
C ALA A 80 2.59 2.34 11.58
N ALA A 81 1.22 2.11 11.59
CA ALA A 81 0.55 0.79 11.84
C ALA A 81 0.86 -0.22 10.70
N GLN A 82 0.92 0.28 9.42
CA GLN A 82 1.26 -0.52 8.23
C GLN A 82 2.78 -0.87 8.17
N ILE A 83 3.67 0.00 8.78
CA ILE A 83 5.14 -0.26 8.88
C ILE A 83 5.40 -1.56 9.73
N GLU A 84 4.70 -1.66 10.91
CA GLU A 84 4.79 -2.82 11.87
C GLU A 84 4.22 -4.12 11.28
N ALA A 85 3.05 -4.02 10.57
CA ALA A 85 2.35 -5.18 9.98
C ALA A 85 3.04 -5.76 8.72
N LEU A 86 3.54 -4.86 7.80
CA LEU A 86 4.17 -5.27 6.52
C LEU A 86 5.67 -5.58 6.61
N GLN A 87 6.48 -4.72 7.28
CA GLN A 87 7.97 -4.95 7.39
C GLN A 87 8.32 -6.23 8.18
N ARG A 88 7.54 -6.52 9.28
CA ARG A 88 7.70 -7.73 10.16
C ARG A 88 7.11 -9.08 9.57
N GLU A 89 5.85 -9.05 8.97
CA GLU A 89 5.18 -10.29 8.41
C GLU A 89 5.81 -10.70 7.04
N ALA A 90 6.26 -9.64 6.28
CA ALA A 90 7.01 -9.78 5.00
C ALA A 90 8.49 -10.17 5.30
N ALA A 91 9.00 -9.85 6.59
CA ALA A 91 10.42 -10.15 7.00
C ALA A 91 10.74 -11.67 7.01
N THR A 92 9.76 -12.50 7.54
CA THR A 92 9.85 -14.00 7.54
C THR A 92 9.52 -14.58 6.13
N ALA A 93 8.64 -13.84 5.35
CA ALA A 93 8.30 -14.17 3.92
C ALA A 93 9.57 -14.21 2.98
N THR A 94 10.68 -13.42 3.38
CA THR A 94 12.03 -13.34 2.68
C THR A 94 12.77 -14.76 2.58
N LEU A 95 12.31 -15.74 3.43
CA LEU A 95 12.72 -17.22 3.47
C LEU A 95 12.50 -17.99 2.10
N ARG A 96 11.94 -17.25 1.08
CA ARG A 96 11.68 -17.71 -0.35
C ARG A 96 13.01 -17.94 -1.21
N ARG A 97 14.05 -18.36 -0.47
CA ARG A 97 15.45 -18.63 -0.91
C ARG A 97 15.85 -20.14 -0.78
N HIS A 98 15.30 -20.80 0.31
CA HIS A 98 15.63 -22.17 0.73
C HIS A 98 14.89 -23.31 -0.03
N GLU A 99 13.57 -23.57 0.23
CA GLU A 99 12.84 -24.72 -0.46
C GLU A 99 11.36 -24.45 -0.85
N ASN A 100 10.39 -24.92 0.03
CA ASN A 100 8.89 -24.82 -0.18
C ASN A 100 8.32 -23.37 -0.23
N ALA A 101 9.10 -22.42 0.36
CA ALA A 101 8.80 -20.97 0.40
C ALA A 101 9.13 -20.24 -0.96
N HIS A 102 10.14 -20.80 -1.72
CA HIS A 102 10.66 -20.26 -3.03
C HIS A 102 9.61 -20.29 -4.21
N LEU A 103 9.02 -21.51 -4.49
CA LEU A 103 8.01 -21.75 -5.57
C LEU A 103 6.65 -20.99 -5.59
N PRO A 104 5.81 -20.71 -4.44
CA PRO A 104 4.50 -20.01 -4.66
C PRO A 104 4.61 -18.52 -5.10
N GLY A 105 5.74 -17.90 -4.62
CA GLY A 105 6.11 -16.55 -4.94
C GLY A 105 7.28 -16.50 -5.91
N GLY A 106 8.35 -15.77 -5.50
CA GLY A 106 9.56 -15.56 -6.33
C GLY A 106 9.45 -14.25 -7.13
N ARG A 107 8.26 -14.13 -7.81
CA ARG A 107 7.82 -12.96 -8.63
C ARG A 107 6.77 -12.10 -7.84
N LEU A 108 5.94 -12.80 -6.97
CA LEU A 108 4.85 -12.21 -6.13
C LEU A 108 5.35 -11.38 -4.91
N HIS A 109 6.56 -11.75 -4.36
CA HIS A 109 7.22 -11.07 -3.19
C HIS A 109 7.72 -9.66 -3.61
N ALA A 110 8.08 -9.54 -4.95
CA ALA A 110 8.49 -8.29 -5.64
C ALA A 110 7.27 -7.32 -5.80
N ARG A 111 6.02 -7.88 -5.99
CA ARG A 111 4.77 -7.06 -6.09
C ARG A 111 4.33 -6.57 -4.70
N LEU A 112 4.28 -7.53 -3.70
CA LEU A 112 3.89 -7.24 -2.29
C LEU A 112 4.84 -6.19 -1.53
N ALA A 113 6.18 -6.55 -1.40
CA ALA A 113 7.20 -5.75 -0.65
C ALA A 113 7.81 -4.51 -1.40
N GLU A 114 8.17 -4.63 -2.73
CA GLU A 114 8.79 -3.49 -3.52
C GLU A 114 7.80 -2.33 -3.87
N TYR A 115 6.49 -2.65 -4.15
CA TYR A 115 5.44 -1.61 -4.47
C TYR A 115 5.13 -0.71 -3.24
N GLN A 116 4.98 -1.32 -2.00
CA GLN A 116 4.68 -0.55 -0.74
C GLN A 116 5.87 0.33 -0.21
N GLU A 117 7.16 -0.16 -0.29
CA GLU A 117 8.40 0.59 0.19
C GLU A 117 8.76 1.86 -0.65
N TYR A 118 8.64 1.76 -2.04
CA TYR A 118 8.90 2.88 -3.00
C TYR A 118 7.84 4.02 -2.86
N GLU A 119 6.56 3.60 -2.55
CA GLU A 119 5.40 4.50 -2.30
C GLU A 119 5.53 5.28 -0.95
N ARG A 120 6.24 4.67 0.10
CA ARG A 120 6.49 5.28 1.45
C ARG A 120 7.38 6.57 1.42
N ARG A 121 8.51 6.56 0.62
CA ARG A 121 9.42 7.75 0.47
C ARG A 121 8.80 8.90 -0.40
N LEU A 122 8.10 8.52 -1.51
CA LEU A 122 7.34 9.48 -2.37
C LEU A 122 6.23 10.18 -1.54
N LEU A 123 5.67 9.39 -0.55
CA LEU A 123 4.65 9.87 0.44
C LEU A 123 5.27 10.85 1.49
N ALA A 124 6.61 10.59 1.84
CA ALA A 124 7.40 11.35 2.86
C ALA A 124 7.67 12.81 2.41
N MET A 125 7.96 12.96 1.06
CA MET A 125 8.18 14.27 0.36
C MET A 125 6.89 15.14 0.39
N LYS A 126 5.71 14.43 0.20
CA LYS A 126 4.34 15.03 0.28
C LYS A 126 4.03 15.43 1.76
N ASN A 127 4.46 14.55 2.76
CA ASN A 127 4.25 14.72 4.24
C ASN A 127 4.93 15.98 4.86
N GLU A 128 6.18 16.32 4.38
CA GLU A 128 6.96 17.54 4.82
C GLU A 128 6.26 18.86 4.33
N ARG A 129 5.72 18.81 3.05
CA ARG A 129 4.98 19.92 2.41
C ARG A 129 3.49 20.06 2.93
N GLU A 130 2.94 18.92 3.52
CA GLU A 130 1.59 18.85 4.18
C GLU A 130 1.59 19.63 5.53
N GLN A 131 2.76 19.58 6.28
CA GLN A 131 2.99 20.32 7.56
C GLN A 131 3.03 21.87 7.31
N ARG A 132 3.69 22.27 6.14
CA ARG A 132 3.77 23.70 5.67
C ARG A 132 2.39 24.24 5.17
N TYR A 133 1.55 23.35 4.50
CA TYR A 133 0.18 23.66 3.99
C TYR A 133 -0.85 23.86 5.15
N ALA A 134 -0.72 23.05 6.25
CA ALA A 134 -1.55 23.13 7.48
C ALA A 134 -1.36 24.47 8.28
N GLU A 135 -0.06 24.97 8.31
CA GLU A 135 0.36 26.19 9.06
C GLU A 135 0.28 27.55 8.27
N ARG A 136 0.64 27.56 6.93
CA ARG A 136 0.69 28.80 6.10
C ARG A 136 -0.50 28.91 5.06
N HIS A 137 -1.03 27.72 4.57
CA HIS A 137 -2.16 27.55 3.55
C HIS A 137 -1.97 28.27 2.17
N ASP A 138 -0.69 28.46 1.72
CA ASP A 138 -0.39 29.11 0.40
C ASP A 138 -0.53 28.14 -0.83
N PRO A 139 -1.14 28.61 -2.04
CA PRO A 139 -1.30 27.78 -3.32
C PRO A 139 0.02 27.15 -3.94
N GLN A 140 1.22 27.64 -3.48
CA GLN A 140 2.59 27.20 -4.00
C GLN A 140 2.95 25.73 -3.63
N LEU A 141 2.57 25.35 -2.38
CA LEU A 141 2.80 24.02 -1.75
C LEU A 141 1.77 23.00 -2.29
N ALA A 142 0.57 23.57 -2.65
CA ALA A 142 -0.61 22.89 -3.23
C ALA A 142 -0.31 22.38 -4.65
N ARG A 143 0.46 23.21 -5.45
CA ARG A 143 0.98 22.82 -6.80
C ARG A 143 2.10 21.73 -6.68
N GLU A 144 2.93 21.79 -5.57
CA GLU A 144 4.05 20.82 -5.26
C GLU A 144 3.58 19.38 -4.80
N ILE A 145 2.52 19.27 -3.89
CA ILE A 145 1.93 17.97 -3.39
C ILE A 145 1.20 17.24 -4.57
N THR A 146 0.46 18.07 -5.39
CA THR A 146 -0.27 17.65 -6.63
C THR A 146 0.74 17.11 -7.73
N ALA A 147 1.91 17.81 -7.88
CA ALA A 147 3.04 17.41 -8.80
C ALA A 147 3.68 16.04 -8.37
N LEU A 148 3.82 15.83 -7.02
CA LEU A 148 4.34 14.59 -6.38
C LEU A 148 3.30 13.41 -6.45
N ASP A 149 1.96 13.77 -6.49
CA ASP A 149 0.79 12.84 -6.60
C ASP A 149 0.76 12.08 -7.96
N GLU A 150 1.17 12.84 -9.05
CA GLU A 150 1.25 12.36 -10.45
C GLU A 150 2.51 11.46 -10.63
N ARG A 151 3.63 11.81 -9.88
CA ARG A 151 4.93 11.07 -9.88
C ARG A 151 4.84 9.71 -9.16
N LEU A 152 3.98 9.63 -8.08
CA LEU A 152 3.67 8.37 -7.32
C LEU A 152 2.90 7.36 -8.24
N THR A 153 1.96 7.90 -9.09
CA THR A 153 1.19 7.09 -10.08
C THR A 153 2.06 6.68 -11.33
N ARG A 154 2.94 7.64 -11.80
CA ARG A 154 3.88 7.41 -12.96
C ARG A 154 5.07 6.46 -12.62
N CYS A 155 5.50 6.43 -11.31
CA CYS A 155 6.60 5.54 -10.80
C CYS A 155 6.08 4.08 -10.71
N ARG A 156 4.78 3.91 -10.24
CA ARG A 156 4.08 2.59 -10.13
C ARG A 156 3.94 1.85 -11.52
N THR A 157 3.69 2.65 -12.63
CA THR A 157 3.58 2.16 -14.04
C THR A 157 5.00 1.72 -14.57
N ALA A 158 6.05 2.56 -14.22
CA ALA A 158 7.48 2.38 -14.60
C ALA A 158 8.14 1.12 -13.94
N ILE A 159 7.77 0.87 -12.65
CA ILE A 159 8.17 -0.31 -11.83
C ILE A 159 7.54 -1.63 -12.42
N ALA A 160 6.22 -1.54 -12.87
CA ALA A 160 5.47 -2.65 -13.53
C ALA A 160 6.11 -3.11 -14.90
N ARG A 161 6.57 -2.12 -15.75
CA ARG A 161 7.23 -2.35 -17.09
C ARG A 161 8.65 -3.03 -16.97
N THR A 162 9.45 -2.60 -15.93
CA THR A 162 10.82 -3.14 -15.63
C THR A 162 10.77 -4.59 -15.05
N GLU A 163 9.67 -4.90 -14.28
CA GLU A 163 9.40 -6.24 -13.67
C GLU A 163 8.96 -7.30 -14.73
N ARG A 164 8.26 -6.84 -15.84
CA ARG A 164 7.78 -7.69 -16.98
C ARG A 164 8.94 -8.26 -17.83
N ALA A 165 9.99 -7.39 -18.04
CA ALA A 165 11.24 -7.73 -18.78
C ALA A 165 12.08 -8.77 -17.98
N LEU A 166 12.08 -8.59 -16.60
CA LEU A 166 12.78 -9.48 -15.61
C LEU A 166 12.12 -10.87 -15.49
N GLU A 167 10.77 -10.93 -15.74
CA GLU A 167 9.94 -12.17 -15.74
C GLU A 167 10.22 -13.08 -16.97
N ARG A 168 10.66 -12.43 -18.11
CA ARG A 168 10.93 -13.09 -19.39
C ARG A 168 12.40 -13.63 -19.54
N ILE A 169 13.38 -13.03 -18.77
CA ILE A 169 14.81 -13.40 -18.91
C ILE A 169 15.27 -14.18 -17.67
N THR A 170 14.22 -14.56 -16.84
CA THR A 170 14.37 -15.31 -15.56
C THR A 170 15.25 -16.52 -15.80
N ARG A 171 14.99 -17.17 -16.97
CA ARG A 171 15.77 -18.35 -17.42
C ARG A 171 16.37 -18.15 -18.84
N MET A 1 -5.37 15.37 20.05
CA MET A 1 -6.83 15.69 20.07
C MET A 1 -7.57 14.91 18.95
N ARG A 2 -8.64 14.12 19.38
CA ARG A 2 -9.54 13.24 18.52
C ARG A 2 -8.77 12.16 17.68
N THR A 3 -8.21 11.16 18.42
CA THR A 3 -7.40 10.05 17.82
C THR A 3 -8.15 8.66 17.89
N PRO A 4 -8.48 7.96 16.67
CA PRO A 4 -9.15 6.59 16.64
C PRO A 4 -8.31 5.43 17.30
N LEU A 5 -8.91 4.78 18.36
CA LEU A 5 -8.28 3.63 19.09
C LEU A 5 -8.85 2.26 18.63
N LEU A 6 -10.23 2.18 18.54
CA LEU A 6 -10.99 0.99 18.11
C LEU A 6 -10.97 0.77 16.58
N LEU A 7 -11.01 1.92 15.81
CA LEU A 7 -10.97 1.94 14.33
C LEU A 7 -9.57 1.52 13.82
N GLN A 8 -8.52 1.90 14.63
CA GLN A 8 -7.11 1.53 14.36
C GLN A 8 -6.88 0.00 14.55
N SER A 9 -7.59 -0.63 15.54
CA SER A 9 -7.54 -2.10 15.82
C SER A 9 -8.28 -2.90 14.71
N LEU A 10 -9.48 -2.36 14.26
CA LEU A 10 -10.27 -2.91 13.10
C LEU A 10 -9.43 -2.93 11.77
N LYS A 11 -8.66 -1.80 11.51
CA LYS A 11 -7.76 -1.63 10.33
C LYS A 11 -6.54 -2.59 10.32
N THR A 12 -5.96 -2.84 11.53
CA THR A 12 -4.82 -3.76 11.75
C THR A 12 -5.27 -5.22 11.49
N ARG A 13 -6.53 -5.61 11.91
CA ARG A 13 -7.14 -6.97 11.64
C ARG A 13 -7.29 -7.27 10.10
N VAL A 14 -7.50 -6.17 9.29
CA VAL A 14 -7.62 -6.23 7.79
C VAL A 14 -6.20 -6.41 7.14
N ALA A 15 -5.17 -5.61 7.60
CA ALA A 15 -3.75 -5.73 7.14
C ALA A 15 -3.10 -7.07 7.66
N ALA A 16 -3.62 -7.51 8.81
CA ALA A 16 -3.33 -8.85 9.44
C ALA A 16 -3.84 -10.00 8.50
N LEU A 17 -5.05 -9.80 7.87
CA LEU A 17 -5.68 -10.75 6.88
C LEU A 17 -4.93 -10.74 5.49
N HIS A 18 -4.23 -9.60 5.17
CA HIS A 18 -3.38 -9.39 3.94
C HIS A 18 -2.12 -10.26 4.00
N THR A 19 -1.55 -10.36 5.21
CA THR A 19 -0.31 -11.10 5.49
C THR A 19 -0.47 -12.62 5.85
N LEU A 20 -1.69 -12.97 6.31
CA LEU A 20 -2.10 -14.33 6.79
C LEU A 20 -2.75 -15.17 5.70
N ILE A 21 -3.15 -14.53 4.61
CA ILE A 21 -3.63 -15.24 3.43
C ILE A 21 -2.42 -15.01 2.44
N GLY A 22 -2.37 -13.72 2.00
CA GLY A 22 -1.32 -13.11 1.14
C GLY A 22 -1.03 -13.95 -0.11
N PRO A 23 0.04 -14.88 -0.14
CA PRO A 23 0.31 -15.82 -1.30
C PRO A 23 -0.82 -16.92 -1.58
N LEU A 24 -1.83 -17.01 -0.64
CA LEU A 24 -3.02 -17.94 -0.69
C LEU A 24 -4.26 -17.30 -1.43
N ALA A 25 -4.09 -15.99 -1.82
CA ALA A 25 -5.05 -15.15 -2.63
C ALA A 25 -5.37 -15.66 -4.08
N SER A 26 -4.28 -16.14 -4.81
CA SER A 26 -4.36 -16.61 -6.22
C SER A 26 -4.65 -18.13 -6.31
N GLN A 27 -4.10 -18.86 -5.30
CA GLN A 27 -4.20 -20.35 -5.14
C GLN A 27 -5.18 -20.75 -3.99
N ARG A 28 -6.16 -21.66 -4.28
CA ARG A 28 -7.20 -22.10 -3.29
C ARG A 28 -6.68 -23.25 -2.35
N HIS A 29 -6.63 -22.89 -1.03
CA HIS A 29 -6.16 -23.77 0.09
C HIS A 29 -7.19 -23.74 1.28
N PHE A 30 -7.03 -24.68 2.26
CA PHE A 30 -7.92 -24.82 3.46
C PHE A 30 -7.58 -23.79 4.60
N SER A 31 -8.31 -22.61 4.67
CA SER A 31 -8.12 -21.61 5.75
C SER A 31 -9.41 -21.49 6.65
N PRO A 32 -9.34 -21.82 8.04
CA PRO A 32 -10.53 -21.71 8.99
C PRO A 32 -11.16 -20.27 9.18
N ARG A 33 -10.33 -19.20 8.93
CA ARG A 33 -10.74 -17.77 9.06
C ARG A 33 -10.97 -17.06 7.66
N PHE A 34 -11.33 -17.86 6.65
CA PHE A 34 -11.62 -17.35 5.25
C PHE A 34 -12.96 -16.55 5.26
N ASP A 35 -12.92 -15.18 5.17
CA ASP A 35 -14.18 -14.42 5.15
C ASP A 35 -14.28 -13.56 3.88
N ARG A 36 -14.94 -14.16 2.86
CA ARG A 36 -15.17 -13.56 1.50
C ARG A 36 -16.39 -12.59 1.43
N GLN A 37 -17.25 -12.56 2.51
CA GLN A 37 -18.46 -11.69 2.59
C GLN A 37 -18.11 -10.22 3.00
N LEU A 38 -16.93 -10.05 3.69
CA LEU A 38 -16.40 -8.74 4.15
C LEU A 38 -15.34 -8.15 3.14
N PHE A 39 -15.03 -8.95 2.07
CA PHE A 39 -14.03 -8.56 1.02
C PHE A 39 -14.63 -8.50 -0.39
N ALA A 40 -13.97 -7.68 -1.28
CA ALA A 40 -14.35 -7.49 -2.66
C ALA A 40 -13.15 -7.88 -3.54
N CYS A 41 -13.33 -8.99 -4.27
CA CYS A 41 -12.31 -9.53 -5.22
C CYS A 41 -13.00 -10.04 -6.52
N ARG A 42 -12.22 -10.08 -7.65
CA ARG A 42 -12.77 -10.48 -8.99
C ARG A 42 -12.33 -11.91 -9.47
N GLY A 43 -12.46 -12.89 -8.54
CA GLY A 43 -12.29 -14.34 -8.82
C GLY A 43 -11.29 -15.13 -7.97
N ALA A 44 -9.94 -14.89 -8.12
CA ALA A 44 -8.86 -15.62 -7.37
C ALA A 44 -7.48 -15.04 -7.72
N ARG A 45 -7.26 -13.72 -7.47
CA ARG A 45 -5.97 -13.08 -7.82
C ARG A 45 -5.39 -12.11 -6.74
N LEU A 46 -4.00 -12.17 -6.56
CA LEU A 46 -3.23 -11.16 -5.71
C LEU A 46 -3.22 -9.79 -6.45
N GLY A 47 -3.40 -9.88 -7.81
CA GLY A 47 -3.48 -8.71 -8.73
C GLY A 47 -4.66 -7.75 -8.44
N ASP A 48 -5.86 -8.34 -8.05
CA ASP A 48 -7.11 -7.56 -7.78
C ASP A 48 -7.11 -6.88 -6.39
N TYR A 49 -6.32 -7.50 -5.44
CA TYR A 49 -6.17 -7.00 -4.04
C TYR A 49 -5.11 -5.85 -4.03
N LEU A 50 -4.13 -5.94 -4.97
CA LEU A 50 -3.05 -4.94 -5.17
C LEU A 50 -3.53 -3.66 -5.90
N THR A 51 -4.44 -3.88 -6.91
CA THR A 51 -5.09 -2.80 -7.73
C THR A 51 -6.08 -1.97 -6.88
N GLU A 52 -6.72 -2.63 -5.84
CA GLU A 52 -7.69 -1.97 -4.93
C GLU A 52 -6.91 -1.21 -3.83
N ALA A 53 -5.69 -1.75 -3.51
CA ALA A 53 -4.73 -1.18 -2.52
C ALA A 53 -4.02 0.10 -3.06
N GLU A 54 -3.65 0.07 -4.40
CA GLU A 54 -3.05 1.23 -5.14
C GLU A 54 -4.07 2.39 -5.31
N GLU A 55 -5.37 2.02 -5.57
CA GLU A 55 -6.54 2.93 -5.73
C GLU A 55 -7.05 3.55 -4.38
N SER A 56 -6.82 2.82 -3.22
CA SER A 56 -7.24 3.27 -1.85
C SER A 56 -6.24 4.33 -1.30
N LEU A 57 -4.92 4.19 -1.73
CA LEU A 57 -3.81 5.12 -1.38
C LEU A 57 -3.98 6.49 -2.12
N THR A 58 -4.42 6.42 -3.43
CA THR A 58 -4.65 7.59 -4.34
C THR A 58 -5.92 8.45 -3.94
N HIS A 59 -7.03 7.81 -3.43
CA HIS A 59 -8.29 8.55 -3.01
C HIS A 59 -8.13 9.29 -1.63
N LEU A 60 -7.39 8.62 -0.66
CA LEU A 60 -7.07 9.17 0.69
C LEU A 60 -6.10 10.39 0.60
N GLU A 61 -5.14 10.31 -0.39
CA GLU A 61 -4.14 11.38 -0.72
C GLU A 61 -4.85 12.68 -1.28
N ALA A 62 -6.02 12.45 -2.00
CA ALA A 62 -6.86 13.53 -2.59
C ALA A 62 -7.50 14.48 -1.53
N ALA A 63 -7.98 13.90 -0.36
CA ALA A 63 -8.51 14.70 0.80
C ALA A 63 -7.39 15.47 1.55
N VAL A 64 -6.16 14.85 1.52
CA VAL A 64 -4.89 15.38 2.07
C VAL A 64 -4.51 16.71 1.34
N ASN A 65 -4.75 16.75 -0.04
CA ASN A 65 -4.50 17.93 -0.94
C ASN A 65 -5.22 19.24 -0.44
N GLN A 66 -6.43 19.03 0.22
CA GLN A 66 -7.27 20.10 0.86
C GLN A 66 -6.60 20.69 2.14
N GLY A 67 -5.93 19.82 2.97
CA GLY A 67 -5.18 20.31 4.14
C GLY A 67 -5.78 19.97 5.50
N ASP A 68 -6.48 18.79 5.63
CA ASP A 68 -7.09 18.38 6.90
C ASP A 68 -6.03 17.66 7.75
N ALA A 69 -5.71 18.33 8.88
CA ALA A 69 -4.66 17.92 9.87
C ALA A 69 -5.03 16.62 10.64
N THR A 70 -6.36 16.42 10.94
CA THR A 70 -6.90 15.22 11.62
C THR A 70 -6.85 13.96 10.68
N ARG A 71 -7.14 14.14 9.32
CA ARG A 71 -7.13 13.03 8.31
C ARG A 71 -5.68 12.60 7.92
N VAL A 72 -4.69 13.53 8.12
CA VAL A 72 -3.25 13.33 7.84
C VAL A 72 -2.60 12.47 8.95
N ALA A 73 -2.92 12.87 10.25
CA ALA A 73 -2.46 12.26 11.52
C ALA A 73 -3.03 10.83 11.74
N TRP A 74 -4.33 10.65 11.35
CA TRP A 74 -5.07 9.35 11.31
C TRP A 74 -4.41 8.39 10.27
N LEU A 75 -4.00 8.96 9.13
CA LEU A 75 -3.27 8.26 8.03
C LEU A 75 -1.79 7.97 8.47
N ALA A 76 -1.15 8.92 9.22
CA ALA A 76 0.27 8.82 9.75
C ALA A 76 0.44 7.64 10.76
N GLU A 77 -0.60 7.49 11.64
CA GLU A 77 -0.75 6.40 12.68
C GLU A 77 -1.04 5.02 12.01
N ARG A 78 -1.86 5.04 10.91
CA ARG A 78 -2.18 3.88 10.04
C ARG A 78 -0.94 3.48 9.16
N LEU A 79 -0.07 4.48 8.79
CA LEU A 79 1.15 4.29 7.98
C LEU A 79 2.27 3.55 8.78
N ALA A 80 2.52 3.99 10.07
CA ALA A 80 3.56 3.41 10.98
C ALA A 80 3.21 1.96 11.45
N ALA A 81 1.88 1.70 11.75
CA ALA A 81 1.32 0.38 12.18
C ALA A 81 1.36 -0.66 11.06
N GLN A 82 1.11 -0.22 9.78
CA GLN A 82 1.18 -1.10 8.58
C GLN A 82 2.63 -1.43 8.17
N ILE A 83 3.62 -0.52 8.51
CA ILE A 83 5.09 -0.78 8.25
C ILE A 83 5.55 -2.02 9.09
N GLU A 84 5.16 -2.06 10.41
CA GLU A 84 5.51 -3.15 11.38
C GLU A 84 4.87 -4.50 10.99
N ALA A 85 3.55 -4.46 10.62
CA ALA A 85 2.76 -5.67 10.27
C ALA A 85 3.12 -6.30 8.89
N LEU A 86 3.28 -5.43 7.84
CA LEU A 86 3.52 -5.89 6.42
C LEU A 86 4.98 -6.14 6.05
N GLN A 87 5.91 -5.22 6.47
CA GLN A 87 7.38 -5.36 6.19
C GLN A 87 8.01 -6.58 6.95
N ARG A 88 7.58 -6.79 8.24
CA ARG A 88 8.07 -7.91 9.10
C ARG A 88 7.42 -9.31 8.83
N GLU A 89 6.06 -9.38 8.54
CA GLU A 89 5.36 -10.68 8.27
C GLU A 89 5.70 -11.20 6.83
N ALA A 90 5.99 -10.22 5.89
CA ALA A 90 6.47 -10.52 4.50
C ALA A 90 7.98 -10.95 4.57
N ALA A 91 8.75 -10.42 5.62
CA ALA A 91 10.20 -10.70 5.86
C ALA A 91 10.48 -12.15 6.37
N THR A 92 9.55 -12.75 7.20
CA THR A 92 9.67 -14.15 7.71
C THR A 92 9.09 -15.16 6.67
N ALA A 93 8.16 -14.61 5.78
CA ALA A 93 7.45 -15.37 4.70
C ALA A 93 8.39 -15.63 3.46
N THR A 94 9.43 -14.70 3.29
CA THR A 94 10.47 -14.73 2.19
C THR A 94 11.55 -15.83 2.44
N LEU A 95 11.54 -16.41 3.66
CA LEU A 95 12.44 -17.52 4.07
C LEU A 95 11.82 -18.93 3.80
N ARG A 96 10.46 -19.05 3.91
CA ARG A 96 9.68 -20.31 3.64
C ARG A 96 9.67 -20.70 2.12
N ARG A 97 9.66 -19.66 1.22
CA ARG A 97 9.66 -19.79 -0.27
C ARG A 97 11.08 -20.01 -0.90
N HIS A 98 12.15 -19.28 -0.35
CA HIS A 98 13.62 -19.29 -0.80
C HIS A 98 14.23 -20.70 -1.19
N GLU A 99 13.57 -21.72 -0.61
CA GLU A 99 13.85 -23.18 -0.79
C GLU A 99 13.59 -23.75 -2.23
N ASN A 100 12.33 -24.16 -2.57
CA ASN A 100 11.96 -24.74 -3.91
C ASN A 100 10.94 -23.84 -4.66
N ALA A 101 10.25 -23.02 -3.82
CA ALA A 101 9.15 -22.07 -4.19
C ALA A 101 9.64 -20.70 -4.72
N HIS A 102 10.98 -20.47 -4.60
CA HIS A 102 11.71 -19.17 -4.85
C HIS A 102 11.37 -18.44 -6.20
N LEU A 103 11.25 -19.21 -7.34
CA LEU A 103 10.91 -18.65 -8.70
C LEU A 103 9.41 -18.14 -8.85
N PRO A 104 8.25 -18.98 -8.56
CA PRO A 104 6.83 -18.45 -8.64
C PRO A 104 6.30 -17.70 -7.33
N GLY A 105 7.23 -17.50 -6.36
CA GLY A 105 6.96 -16.81 -5.10
C GLY A 105 7.85 -15.58 -4.90
N GLY A 106 8.74 -15.31 -5.89
CA GLY A 106 9.71 -14.18 -5.85
C GLY A 106 9.32 -13.00 -6.74
N ARG A 107 8.13 -13.11 -7.42
CA ARG A 107 7.57 -12.06 -8.33
C ARG A 107 6.57 -11.14 -7.58
N LEU A 108 5.63 -11.78 -6.80
CA LEU A 108 4.59 -11.10 -5.98
C LEU A 108 5.13 -10.45 -4.67
N HIS A 109 6.23 -11.03 -4.08
CA HIS A 109 6.86 -10.54 -2.81
C HIS A 109 7.54 -9.15 -2.98
N ALA A 110 8.16 -8.95 -4.20
CA ALA A 110 8.79 -7.68 -4.67
C ALA A 110 7.72 -6.56 -4.88
N ARG A 111 6.50 -6.95 -5.39
CA ARG A 111 5.33 -6.02 -5.56
C ARG A 111 4.75 -5.63 -4.18
N LEU A 112 4.53 -6.65 -3.28
CA LEU A 112 3.99 -6.44 -1.91
C LEU A 112 4.89 -5.48 -1.00
N ALA A 113 6.18 -5.89 -0.74
CA ALA A 113 7.12 -5.15 0.18
C ALA A 113 7.98 -4.02 -0.47
N GLU A 114 8.65 -4.27 -1.64
CA GLU A 114 9.54 -3.26 -2.33
C GLU A 114 8.77 -2.07 -2.99
N TYR A 115 7.55 -2.33 -3.62
CA TYR A 115 6.74 -1.25 -4.26
C TYR A 115 6.04 -0.33 -3.21
N GLN A 116 5.65 -0.91 -2.00
CA GLN A 116 5.06 -0.12 -0.88
C GLN A 116 6.09 0.90 -0.25
N GLU A 117 7.41 0.50 -0.14
CA GLU A 117 8.55 1.34 0.43
C GLU A 117 8.89 2.61 -0.43
N TYR A 118 8.90 2.46 -1.81
CA TYR A 118 9.16 3.57 -2.79
C TYR A 118 8.05 4.66 -2.78
N GLU A 119 6.76 4.20 -2.60
CA GLU A 119 5.55 5.06 -2.49
C GLU A 119 5.52 5.88 -1.15
N ARG A 120 6.12 5.29 -0.04
CA ARG A 120 6.22 5.90 1.35
C ARG A 120 7.09 7.20 1.41
N ARG A 121 8.28 7.23 0.71
CA ARG A 121 9.18 8.44 0.66
C ARG A 121 8.62 9.58 -0.24
N LEU A 122 8.00 9.21 -1.40
CA LEU A 122 7.31 10.18 -2.29
C LEU A 122 6.12 10.86 -1.53
N LEU A 123 5.50 10.05 -0.60
CA LEU A 123 4.41 10.49 0.32
C LEU A 123 4.94 11.45 1.45
N ALA A 124 6.26 11.22 1.86
CA ALA A 124 6.97 11.99 2.93
C ALA A 124 7.23 13.45 2.47
N MET A 125 7.57 13.58 1.12
CA MET A 125 7.80 14.89 0.41
C MET A 125 6.49 15.72 0.36
N LYS A 126 5.32 14.99 0.16
CA LYS A 126 3.93 15.56 0.17
C LYS A 126 3.55 16.07 1.60
N ASN A 127 3.97 15.30 2.66
CA ASN A 127 3.67 15.59 4.11
C ASN A 127 4.47 16.80 4.74
N GLU A 128 5.83 16.88 4.50
CA GLU A 128 6.73 17.97 5.04
C GLU A 128 6.48 19.37 4.42
N ARG A 129 6.24 19.41 3.05
CA ARG A 129 5.94 20.67 2.27
C ARG A 129 4.53 21.24 2.64
N GLU A 130 3.56 20.30 2.95
CA GLU A 130 2.18 20.61 3.38
C GLU A 130 2.10 21.28 4.79
N GLN A 131 2.99 20.87 5.77
CA GLN A 131 2.99 21.39 7.18
C GLN A 131 3.41 22.89 7.28
N ARG A 132 4.52 23.22 6.50
CA ARG A 132 5.16 24.58 6.46
C ARG A 132 4.29 25.64 5.74
N TYR A 133 3.59 25.21 4.63
CA TYR A 133 2.68 26.07 3.84
C TYR A 133 1.21 26.09 4.40
N ALA A 134 0.87 25.12 5.34
CA ALA A 134 -0.46 25.01 6.05
C ALA A 134 -0.72 26.24 6.96
N GLU A 135 0.41 26.73 7.60
CA GLU A 135 0.47 27.95 8.47
C GLU A 135 0.41 29.30 7.67
N ARG A 136 0.66 29.21 6.31
CA ARG A 136 0.66 30.36 5.38
C ARG A 136 -0.71 30.46 4.60
N HIS A 137 -1.40 29.26 4.43
CA HIS A 137 -2.75 29.03 3.73
C HIS A 137 -2.87 29.61 2.27
N ASP A 138 -1.72 29.76 1.58
CA ASP A 138 -1.65 30.30 0.18
C ASP A 138 -1.67 29.15 -0.89
N PRO A 139 -2.25 29.37 -2.20
CA PRO A 139 -2.31 28.34 -3.34
C PRO A 139 -0.97 27.58 -3.74
N GLN A 140 0.20 28.00 -3.16
CA GLN A 140 1.57 27.40 -3.47
C GLN A 140 1.74 25.92 -2.96
N LEU A 141 0.84 25.50 -2.01
CA LEU A 141 0.79 24.11 -1.43
C LEU A 141 0.12 23.14 -2.46
N ALA A 142 -0.89 23.70 -3.23
CA ALA A 142 -1.68 22.95 -4.24
C ALA A 142 -0.84 22.60 -5.48
N ARG A 143 0.11 23.53 -5.86
CA ARG A 143 1.06 23.32 -6.99
C ARG A 143 2.14 22.22 -6.65
N GLU A 144 2.62 22.18 -5.36
CA GLU A 144 3.67 21.22 -4.85
C GLU A 144 3.17 19.74 -4.58
N ILE A 145 2.01 19.57 -3.86
CA ILE A 145 1.41 18.21 -3.50
C ILE A 145 0.87 17.50 -4.77
N THR A 146 0.18 18.28 -5.67
CA THR A 146 -0.39 17.79 -6.97
C THR A 146 0.76 17.28 -7.94
N ALA A 147 1.93 18.02 -7.95
CA ALA A 147 3.16 17.66 -8.76
C ALA A 147 3.82 16.32 -8.32
N LEU A 148 3.89 16.09 -6.96
CA LEU A 148 4.43 14.84 -6.33
C LEU A 148 3.43 13.64 -6.43
N ASP A 149 2.07 13.98 -6.50
CA ASP A 149 0.92 13.03 -6.66
C ASP A 149 0.91 12.32 -8.05
N GLU A 150 1.30 13.13 -9.11
CA GLU A 150 1.36 12.73 -10.52
C GLU A 150 2.60 11.81 -10.77
N ARG A 151 3.74 12.15 -10.05
CA ARG A 151 5.04 11.44 -10.10
C ARG A 151 4.97 10.06 -9.41
N LEU A 152 4.16 9.95 -8.29
CA LEU A 152 3.89 8.67 -7.56
C LEU A 152 3.15 7.66 -8.51
N THR A 153 2.20 8.19 -9.33
CA THR A 153 1.43 7.38 -10.33
C THR A 153 2.25 7.07 -11.62
N ARG A 154 3.04 8.09 -12.13
CA ARG A 154 3.88 7.95 -13.38
C ARG A 154 5.11 7.02 -13.22
N CYS A 155 5.78 7.05 -12.01
CA CYS A 155 6.98 6.21 -11.73
C CYS A 155 6.60 4.73 -11.48
N ARG A 156 5.44 4.47 -10.77
CA ARG A 156 4.91 3.12 -10.46
C ARG A 156 4.51 2.31 -11.75
N THR A 157 3.91 3.01 -12.77
CA THR A 157 3.47 2.41 -14.07
C THR A 157 4.68 2.02 -14.99
N ALA A 158 5.71 2.95 -15.09
CA ALA A 158 6.93 2.79 -15.92
C ALA A 158 7.90 1.70 -15.40
N ILE A 159 8.03 1.64 -14.03
CA ILE A 159 8.84 0.65 -13.29
C ILE A 159 8.18 -0.77 -13.33
N ALA A 160 6.79 -0.88 -13.22
CA ALA A 160 6.05 -2.18 -13.29
C ALA A 160 6.14 -2.90 -14.67
N ARG A 161 6.04 -2.13 -15.82
CA ARG A 161 6.10 -2.69 -17.22
C ARG A 161 7.52 -3.23 -17.65
N THR A 162 8.62 -2.48 -17.28
CA THR A 162 10.05 -2.86 -17.59
C THR A 162 10.54 -4.09 -16.76
N GLU A 163 10.11 -4.16 -15.46
CA GLU A 163 10.45 -5.26 -14.52
C GLU A 163 9.70 -6.59 -14.87
N ARG A 164 8.41 -6.50 -15.38
CA ARG A 164 7.57 -7.69 -15.77
C ARG A 164 8.13 -8.51 -16.96
N ALA A 165 8.73 -7.77 -17.94
CA ALA A 165 9.37 -8.34 -19.17
C ALA A 165 10.70 -9.10 -18.82
N LEU A 166 11.45 -8.57 -17.77
CA LEU A 166 12.72 -9.15 -17.25
C LEU A 166 12.48 -10.37 -16.28
N GLU A 167 11.38 -10.29 -15.46
CA GLU A 167 10.95 -11.34 -14.46
C GLU A 167 10.30 -12.60 -15.10
N ARG A 168 9.67 -12.40 -16.34
CA ARG A 168 8.93 -13.42 -17.16
C ARG A 168 9.73 -14.76 -17.37
N ILE A 169 11.05 -14.52 -17.66
CA ILE A 169 12.06 -15.51 -17.92
C ILE A 169 12.89 -15.66 -16.65
N THR A 170 13.84 -16.58 -16.73
CA THR A 170 14.75 -16.89 -15.63
C THR A 170 15.99 -15.92 -15.63
N ARG A 171 15.94 -14.93 -16.58
CA ARG A 171 17.06 -13.94 -16.77
C ARG A 171 16.54 -12.52 -17.11
N MET A 1 -21.39 5.47 19.20
CA MET A 1 -20.12 6.13 19.64
C MET A 1 -18.92 5.65 18.79
N ARG A 2 -18.15 6.64 18.24
CA ARG A 2 -16.93 6.39 17.39
C ARG A 2 -15.64 6.92 18.11
N THR A 3 -14.63 6.03 18.22
CA THR A 3 -13.31 6.34 18.85
C THR A 3 -12.10 6.02 17.91
N PRO A 4 -11.15 7.03 17.59
CA PRO A 4 -9.91 6.82 16.71
C PRO A 4 -8.86 5.75 17.20
N LEU A 5 -8.76 5.49 18.56
CA LEU A 5 -7.81 4.49 19.15
C LEU A 5 -8.28 3.03 18.91
N LEU A 6 -9.64 2.84 18.97
CA LEU A 6 -10.34 1.54 18.74
C LEU A 6 -10.43 1.18 17.23
N LEU A 7 -10.58 2.23 16.35
CA LEU A 7 -10.63 2.08 14.88
C LEU A 7 -9.22 1.69 14.35
N GLN A 8 -8.17 2.18 15.07
CA GLN A 8 -6.73 1.86 14.78
C GLN A 8 -6.40 0.37 15.03
N SER A 9 -7.02 -0.22 16.12
CA SER A 9 -6.89 -1.67 16.47
C SER A 9 -7.65 -2.55 15.47
N LEU A 10 -8.90 -2.10 15.07
CA LEU A 10 -9.72 -2.77 14.00
C LEU A 10 -8.96 -2.84 12.62
N LYS A 11 -8.28 -1.69 12.23
CA LYS A 11 -7.47 -1.55 10.95
C LYS A 11 -6.22 -2.45 10.88
N THR A 12 -5.48 -2.58 12.04
CA THR A 12 -4.26 -3.43 12.16
C THR A 12 -4.64 -4.93 12.10
N ARG A 13 -5.81 -5.34 12.71
CA ARG A 13 -6.36 -6.74 12.64
C ARG A 13 -6.71 -7.16 11.17
N VAL A 14 -7.11 -6.14 10.32
CA VAL A 14 -7.46 -6.29 8.86
C VAL A 14 -6.16 -6.46 7.99
N ALA A 15 -5.11 -5.61 8.21
CA ALA A 15 -3.78 -5.74 7.51
C ALA A 15 -3.00 -7.02 7.98
N ALA A 16 -3.24 -7.39 9.25
CA ALA A 16 -2.77 -8.67 9.90
C ALA A 16 -3.46 -9.92 9.22
N LEU A 17 -4.79 -9.77 8.90
CA LEU A 17 -5.62 -10.81 8.21
C LEU A 17 -5.21 -10.94 6.73
N HIS A 18 -4.86 -9.76 6.08
CA HIS A 18 -4.38 -9.61 4.66
C HIS A 18 -3.08 -10.43 4.38
N THR A 19 -2.12 -10.41 5.35
CA THR A 19 -0.84 -11.18 5.28
C THR A 19 -0.99 -12.70 5.60
N LEU A 20 -2.16 -13.09 6.20
CA LEU A 20 -2.47 -14.48 6.61
C LEU A 20 -3.38 -15.16 5.53
N ILE A 21 -4.00 -14.26 4.70
CA ILE A 21 -4.89 -14.58 3.54
C ILE A 21 -4.26 -14.13 2.19
N GLY A 22 -2.92 -13.86 2.25
CA GLY A 22 -2.14 -13.29 1.13
C GLY A 22 -2.10 -14.16 -0.13
N PRO A 23 -1.25 -15.27 -0.22
CA PRO A 23 -1.19 -16.18 -1.44
C PRO A 23 -2.49 -17.06 -1.75
N LEU A 24 -3.53 -16.94 -0.85
CA LEU A 24 -4.84 -17.67 -0.93
C LEU A 24 -5.93 -16.87 -1.75
N ALA A 25 -5.62 -15.55 -2.01
CA ALA A 25 -6.43 -14.55 -2.81
C ALA A 25 -6.68 -14.94 -4.30
N SER A 26 -5.60 -15.46 -4.99
CA SER A 26 -5.63 -15.90 -6.42
C SER A 26 -5.86 -17.43 -6.50
N GLN A 27 -5.33 -18.14 -5.45
CA GLN A 27 -5.42 -19.63 -5.28
C GLN A 27 -6.53 -19.99 -4.25
N ARG A 28 -7.78 -20.20 -4.78
CA ARG A 28 -8.99 -20.53 -3.95
C ARG A 28 -9.36 -22.03 -3.93
N HIS A 29 -9.54 -22.57 -2.69
CA HIS A 29 -9.94 -23.98 -2.42
C HIS A 29 -11.08 -24.03 -1.37
N PHE A 30 -10.81 -23.54 -0.10
CA PHE A 30 -11.79 -23.47 1.03
C PHE A 30 -11.52 -22.17 1.87
N SER A 31 -12.58 -21.59 2.55
CA SER A 31 -12.45 -20.35 3.36
C SER A 31 -12.63 -20.61 4.89
N PRO A 32 -11.49 -20.63 5.77
CA PRO A 32 -11.62 -20.81 7.26
C PRO A 32 -11.97 -19.50 8.10
N ARG A 33 -11.07 -18.46 7.99
CA ARG A 33 -11.20 -17.13 8.68
C ARG A 33 -11.30 -15.91 7.69
N PHE A 34 -11.67 -16.18 6.42
CA PHE A 34 -11.81 -15.11 5.37
C PHE A 34 -13.08 -14.27 5.64
N ASP A 35 -12.95 -12.97 6.05
CA ASP A 35 -14.18 -12.20 6.27
C ASP A 35 -14.36 -11.19 5.12
N ARG A 36 -15.05 -11.69 4.06
CA ARG A 36 -15.33 -10.97 2.78
C ARG A 36 -16.57 -10.02 2.86
N GLN A 37 -17.13 -9.86 4.10
CA GLN A 37 -18.32 -8.99 4.37
C GLN A 37 -17.88 -7.50 4.47
N LEU A 38 -16.58 -7.26 4.89
CA LEU A 38 -16.00 -5.90 5.03
C LEU A 38 -15.14 -5.47 3.78
N PHE A 39 -14.92 -6.44 2.82
CA PHE A 39 -14.10 -6.18 1.59
C PHE A 39 -14.93 -6.32 0.30
N ALA A 40 -14.50 -5.60 -0.79
CA ALA A 40 -15.17 -5.63 -2.07
C ALA A 40 -14.16 -6.08 -3.12
N CYS A 41 -14.39 -7.31 -3.59
CA CYS A 41 -13.59 -7.99 -4.64
C CYS A 41 -14.45 -9.08 -5.29
N ARG A 42 -14.29 -9.18 -6.63
CA ARG A 42 -15.04 -10.15 -7.48
C ARG A 42 -14.39 -11.57 -7.49
N GLY A 43 -13.02 -11.66 -7.36
CA GLY A 43 -12.33 -12.98 -7.38
C GLY A 43 -11.56 -13.08 -8.67
N ALA A 44 -10.33 -12.45 -8.72
CA ALA A 44 -9.55 -12.36 -9.93
C ALA A 44 -8.12 -12.82 -9.70
N ARG A 45 -7.50 -12.14 -8.63
CA ARG A 45 -6.08 -12.23 -8.22
C ARG A 45 -5.76 -11.35 -6.93
N LEU A 46 -4.45 -11.45 -6.41
CA LEU A 46 -3.85 -10.54 -5.33
C LEU A 46 -3.68 -9.10 -5.94
N GLY A 47 -3.62 -9.07 -7.31
CA GLY A 47 -3.51 -7.85 -8.17
C GLY A 47 -4.65 -6.83 -7.99
N ASP A 48 -5.93 -7.32 -7.74
CA ASP A 48 -7.13 -6.43 -7.52
C ASP A 48 -7.13 -5.81 -6.11
N TYR A 49 -6.38 -6.48 -5.18
CA TYR A 49 -6.25 -6.06 -3.75
C TYR A 49 -5.17 -4.95 -3.62
N LEU A 50 -4.12 -5.03 -4.51
CA LEU A 50 -3.02 -4.02 -4.61
C LEU A 50 -3.46 -2.73 -5.35
N THR A 51 -4.34 -2.92 -6.37
CA THR A 51 -4.95 -1.83 -7.20
C THR A 51 -5.95 -0.98 -6.37
N GLU A 52 -6.77 -1.64 -5.47
CA GLU A 52 -7.76 -0.94 -4.60
C GLU A 52 -7.05 -0.20 -3.44
N ALA A 53 -5.89 -0.79 -3.03
CA ALA A 53 -4.98 -0.23 -1.98
C ALA A 53 -4.22 1.04 -2.47
N GLU A 54 -3.77 1.03 -3.78
CA GLU A 54 -3.11 2.20 -4.44
C GLU A 54 -4.14 3.35 -4.69
N GLU A 55 -5.40 2.95 -5.06
CA GLU A 55 -6.58 3.85 -5.31
C GLU A 55 -7.15 4.49 -4.00
N SER A 56 -6.92 3.81 -2.82
CA SER A 56 -7.37 4.29 -1.48
C SER A 56 -6.40 5.39 -0.95
N LEU A 57 -5.07 5.25 -1.33
CA LEU A 57 -3.98 6.22 -0.99
C LEU A 57 -4.13 7.55 -1.81
N THR A 58 -4.51 7.38 -3.13
CA THR A 58 -4.74 8.50 -4.12
C THR A 58 -6.05 9.32 -3.84
N HIS A 59 -7.13 8.66 -3.29
CA HIS A 59 -8.44 9.34 -2.96
C HIS A 59 -8.36 10.17 -1.64
N LEU A 60 -7.57 9.66 -0.63
CA LEU A 60 -7.32 10.33 0.69
C LEU A 60 -6.41 11.58 0.53
N GLU A 61 -5.47 11.50 -0.48
CA GLU A 61 -4.53 12.59 -0.88
C GLU A 61 -5.28 13.81 -1.51
N ALA A 62 -6.43 13.50 -2.24
CA ALA A 62 -7.30 14.50 -2.88
C ALA A 62 -8.02 15.39 -1.81
N ALA A 63 -8.48 14.71 -0.68
CA ALA A 63 -9.08 15.36 0.53
C ALA A 63 -8.07 16.27 1.32
N VAL A 64 -6.74 15.91 1.20
CA VAL A 64 -5.59 16.68 1.78
C VAL A 64 -5.51 18.08 1.08
N ASN A 65 -5.79 18.07 -0.27
CA ASN A 65 -5.90 19.27 -1.15
C ASN A 65 -7.18 20.14 -0.81
N GLN A 66 -8.13 19.58 0.02
CA GLN A 66 -9.31 20.35 0.54
C GLN A 66 -8.88 21.06 1.87
N GLY A 67 -8.05 20.31 2.71
CA GLY A 67 -7.42 20.91 3.90
C GLY A 67 -7.85 20.34 5.26
N ASP A 68 -8.02 18.98 5.33
CA ASP A 68 -8.35 18.27 6.58
C ASP A 68 -7.09 17.60 7.14
N ALA A 69 -6.55 18.23 8.23
CA ALA A 69 -5.32 17.78 8.97
C ALA A 69 -5.57 16.50 9.83
N THR A 70 -6.88 16.26 10.15
CA THR A 70 -7.38 15.07 10.88
C THR A 70 -7.28 13.79 9.99
N ARG A 71 -7.55 13.94 8.62
CA ARG A 71 -7.47 12.82 7.63
C ARG A 71 -5.98 12.45 7.28
N VAL A 72 -5.06 13.43 7.52
CA VAL A 72 -3.58 13.34 7.30
C VAL A 72 -2.93 12.49 8.43
N ALA A 73 -3.30 12.86 9.70
CA ALA A 73 -2.84 12.25 10.97
C ALA A 73 -3.37 10.81 11.16
N TRP A 74 -4.64 10.57 10.70
CA TRP A 74 -5.31 9.24 10.64
C TRP A 74 -4.52 8.32 9.66
N LEU A 75 -4.20 8.88 8.48
CA LEU A 75 -3.34 8.23 7.41
C LEU A 75 -1.88 7.96 7.94
N ALA A 76 -1.30 8.95 8.71
CA ALA A 76 0.09 8.88 9.29
C ALA A 76 0.26 7.74 10.36
N GLU A 77 -0.80 7.60 11.22
CA GLU A 77 -0.93 6.54 12.30
C GLU A 77 -1.17 5.12 11.68
N ARG A 78 -1.98 5.05 10.57
CA ARG A 78 -2.23 3.81 9.77
C ARG A 78 -0.94 3.41 8.97
N LEU A 79 -0.11 4.42 8.56
CA LEU A 79 1.15 4.23 7.82
C LEU A 79 2.25 3.51 8.67
N ALA A 80 2.47 3.98 9.95
CA ALA A 80 3.48 3.42 10.90
C ALA A 80 3.13 1.98 11.40
N ALA A 81 1.80 1.72 11.68
CA ALA A 81 1.24 0.41 12.14
C ALA A 81 1.31 -0.69 11.04
N GLN A 82 1.09 -0.29 9.75
CA GLN A 82 1.18 -1.18 8.58
C GLN A 82 2.65 -1.53 8.20
N ILE A 83 3.63 -0.61 8.53
CA ILE A 83 5.10 -0.88 8.30
C ILE A 83 5.56 -2.11 9.17
N GLU A 84 5.14 -2.11 10.48
CA GLU A 84 5.49 -3.17 11.48
C GLU A 84 4.85 -4.54 11.13
N ALA A 85 3.53 -4.51 10.75
CA ALA A 85 2.74 -5.72 10.45
C ALA A 85 3.11 -6.40 9.09
N LEU A 86 3.26 -5.56 8.02
CA LEU A 86 3.50 -6.03 6.62
C LEU A 86 4.95 -6.30 6.26
N GLN A 87 5.90 -5.38 6.62
CA GLN A 87 7.36 -5.56 6.32
C GLN A 87 8.00 -6.76 7.09
N ARG A 88 7.55 -6.99 8.38
CA ARG A 88 8.01 -8.13 9.24
C ARG A 88 7.37 -9.54 8.85
N GLU A 89 6.01 -9.60 8.51
CA GLU A 89 5.32 -10.91 8.16
C GLU A 89 5.74 -11.36 6.73
N ALA A 90 6.05 -10.30 5.88
CA ALA A 90 6.57 -10.43 4.51
C ALA A 90 8.10 -10.77 4.53
N ALA A 91 8.83 -10.43 5.68
CA ALA A 91 10.30 -10.66 5.81
C ALA A 91 10.71 -12.18 5.76
N THR A 92 9.93 -13.06 6.51
CA THR A 92 10.10 -14.55 6.49
C THR A 92 9.45 -15.19 5.23
N ALA A 93 8.39 -14.49 4.69
CA ALA A 93 7.70 -14.85 3.40
C ALA A 93 8.68 -14.87 2.18
N THR A 94 9.82 -14.02 2.26
CA THR A 94 10.97 -13.92 1.26
C THR A 94 11.74 -15.31 1.05
N LEU A 95 11.37 -16.29 1.92
CA LEU A 95 11.89 -17.70 1.94
C LEU A 95 11.04 -18.76 1.17
N ARG A 96 9.70 -18.90 1.48
CA ARG A 96 8.76 -19.86 0.77
C ARG A 96 8.43 -19.30 -0.64
N ARG A 97 9.01 -18.07 -0.81
CA ARG A 97 8.99 -17.18 -1.98
C ARG A 97 9.58 -17.74 -3.26
N HIS A 98 10.67 -18.56 -3.20
CA HIS A 98 11.40 -18.97 -4.38
C HIS A 98 10.88 -20.40 -4.75
N GLU A 99 10.00 -21.00 -3.86
CA GLU A 99 9.46 -22.39 -4.14
C GLU A 99 7.94 -22.56 -4.51
N ASN A 100 6.97 -22.17 -3.63
CA ASN A 100 5.48 -22.35 -3.90
C ASN A 100 4.75 -20.98 -4.07
N ALA A 101 5.42 -19.90 -3.63
CA ALA A 101 5.01 -18.48 -3.74
C ALA A 101 5.41 -17.82 -5.11
N HIS A 102 6.46 -18.43 -5.78
CA HIS A 102 7.07 -17.93 -7.06
C HIS A 102 6.12 -17.98 -8.31
N LEU A 103 5.56 -19.20 -8.64
CA LEU A 103 4.63 -19.42 -9.80
C LEU A 103 3.16 -18.83 -9.79
N PRO A 104 2.33 -18.72 -8.61
CA PRO A 104 0.89 -18.23 -8.68
C PRO A 104 0.60 -16.80 -9.29
N GLY A 105 1.66 -15.96 -9.37
CA GLY A 105 1.56 -14.61 -9.92
C GLY A 105 2.82 -14.11 -10.61
N GLY A 106 4.05 -14.63 -10.22
CA GLY A 106 5.31 -14.21 -10.84
C GLY A 106 6.04 -13.14 -10.03
N ARG A 107 5.43 -11.93 -10.04
CA ARG A 107 5.91 -10.73 -9.33
C ARG A 107 5.01 -10.43 -8.08
N LEU A 108 4.51 -11.49 -7.36
CA LEU A 108 3.60 -11.32 -6.16
C LEU A 108 4.27 -10.60 -4.97
N HIS A 109 5.52 -11.06 -4.64
CA HIS A 109 6.37 -10.54 -3.55
C HIS A 109 6.92 -9.13 -3.93
N ALA A 110 7.24 -8.95 -5.26
CA ALA A 110 7.64 -7.66 -5.88
C ALA A 110 6.46 -6.64 -5.88
N ARG A 111 5.19 -7.16 -5.94
CA ARG A 111 3.96 -6.32 -5.85
C ARG A 111 3.70 -5.93 -4.38
N LEU A 112 3.75 -6.94 -3.43
CA LEU A 112 3.52 -6.71 -1.97
C LEU A 112 4.64 -5.80 -1.29
N ALA A 113 5.93 -6.29 -1.27
CA ALA A 113 7.09 -5.61 -0.61
C ALA A 113 7.76 -4.41 -1.38
N GLU A 114 7.99 -4.52 -2.74
CA GLU A 114 8.66 -3.45 -3.54
C GLU A 114 7.76 -2.20 -3.83
N TYR A 115 6.38 -2.42 -3.94
CA TYR A 115 5.42 -1.29 -4.15
C TYR A 115 5.28 -0.42 -2.87
N GLN A 116 5.31 -1.05 -1.64
CA GLN A 116 5.25 -0.33 -0.32
C GLN A 116 6.51 0.59 -0.03
N GLU A 117 7.76 0.11 -0.38
CA GLU A 117 9.06 0.86 -0.14
C GLU A 117 9.25 2.13 -1.07
N TYR A 118 8.91 2.01 -2.40
CA TYR A 118 9.02 3.13 -3.41
C TYR A 118 7.97 4.25 -3.19
N GLU A 119 6.73 3.82 -2.75
CA GLU A 119 5.59 4.72 -2.41
C GLU A 119 5.82 5.46 -1.06
N ARG A 120 6.67 4.86 -0.14
CA ARG A 120 7.04 5.42 1.21
C ARG A 120 7.86 6.75 1.13
N ARG A 121 8.97 6.81 0.29
CA ARG A 121 9.78 8.06 0.13
C ARG A 121 9.10 9.14 -0.74
N LEU A 122 8.33 8.70 -1.78
CA LEU A 122 7.49 9.62 -2.61
C LEU A 122 6.41 10.30 -1.72
N LEU A 123 5.93 9.52 -0.67
CA LEU A 123 4.97 9.99 0.36
C LEU A 123 5.60 11.01 1.34
N ALA A 124 6.96 10.80 1.64
CA ALA A 124 7.78 11.62 2.59
C ALA A 124 7.95 13.08 2.10
N MET A 125 8.14 13.21 0.72
CA MET A 125 8.25 14.51 0.00
C MET A 125 6.90 15.30 0.09
N LYS A 126 5.75 14.53 -0.01
CA LYS A 126 4.36 15.06 0.14
C LYS A 126 4.09 15.48 1.62
N ASN A 127 4.65 14.67 2.62
CA ASN A 127 4.49 14.86 4.11
C ASN A 127 5.13 16.19 4.65
N GLU A 128 6.33 16.59 4.10
CA GLU A 128 7.05 17.86 4.47
C GLU A 128 6.26 19.12 3.98
N ARG A 129 5.68 19.02 2.74
CA ARG A 129 4.83 20.09 2.10
C ARG A 129 3.39 20.16 2.74
N GLU A 130 2.89 19.01 3.33
CA GLU A 130 1.58 18.89 4.05
C GLU A 130 1.59 19.68 5.40
N GLN A 131 2.78 19.66 6.11
CA GLN A 131 3.01 20.42 7.39
C GLN A 131 3.00 21.97 7.13
N ARG A 132 3.59 22.38 5.95
CA ARG A 132 3.63 23.80 5.46
C ARG A 132 2.20 24.29 5.01
N TYR A 133 1.37 23.37 4.38
CA TYR A 133 -0.04 23.64 3.92
C TYR A 133 -1.02 23.82 5.12
N ALA A 134 -0.80 23.04 6.22
CA ALA A 134 -1.58 23.11 7.49
C ALA A 134 -1.39 24.47 8.26
N GLU A 135 -0.12 25.01 8.21
CA GLU A 135 0.30 26.26 8.92
C GLU A 135 0.15 27.60 8.11
N ARG A 136 0.45 27.59 6.75
CA ARG A 136 0.44 28.82 5.89
C ARG A 136 -0.78 28.88 4.90
N HIS A 137 -1.29 27.66 4.45
CA HIS A 137 -2.45 27.44 3.46
C HIS A 137 -2.31 28.14 2.06
N ASP A 138 -1.05 28.39 1.60
CA ASP A 138 -0.78 29.05 0.28
C ASP A 138 -0.96 28.07 -0.95
N PRO A 139 -1.59 28.56 -2.15
CA PRO A 139 -1.76 27.74 -3.43
C PRO A 139 -0.43 27.14 -4.07
N GLN A 140 0.76 27.67 -3.63
CA GLN A 140 2.13 27.26 -4.15
C GLN A 140 2.53 25.82 -3.73
N LEU A 141 2.18 25.45 -2.48
CA LEU A 141 2.44 24.15 -1.82
C LEU A 141 1.45 23.08 -2.35
N ALA A 142 0.24 23.61 -2.71
CA ALA A 142 -0.93 22.87 -3.27
C ALA A 142 -0.61 22.36 -4.70
N ARG A 143 0.14 23.21 -5.50
CA ARG A 143 0.67 22.84 -6.84
C ARG A 143 1.82 21.78 -6.71
N GLU A 144 2.63 21.87 -5.60
CA GLU A 144 3.80 20.94 -5.29
C GLU A 144 3.38 19.48 -4.85
N ILE A 145 2.32 19.32 -3.93
CA ILE A 145 1.76 18.00 -3.44
C ILE A 145 1.07 17.27 -4.64
N THR A 146 0.28 18.07 -5.43
CA THR A 146 -0.45 17.65 -6.66
C THR A 146 0.55 17.15 -7.79
N ALA A 147 1.70 17.90 -7.96
CA ALA A 147 2.83 17.54 -8.91
C ALA A 147 3.49 16.17 -8.52
N LEU A 148 3.64 15.94 -7.18
CA LEU A 148 4.18 14.69 -6.56
C LEU A 148 3.16 13.50 -6.66
N ASP A 149 1.81 13.85 -6.70
CA ASP A 149 0.66 12.88 -6.86
C ASP A 149 0.72 12.14 -8.22
N GLU A 150 1.15 12.93 -9.28
CA GLU A 150 1.30 12.47 -10.67
C GLU A 150 2.59 11.58 -10.82
N ARG A 151 3.69 11.95 -10.07
CA ARG A 151 4.99 11.23 -10.04
C ARG A 151 4.92 9.87 -9.31
N LEU A 152 4.09 9.78 -8.22
CA LEU A 152 3.82 8.52 -7.47
C LEU A 152 3.07 7.49 -8.38
N THR A 153 2.14 8.00 -9.25
CA THR A 153 1.39 7.17 -10.24
C THR A 153 2.25 6.81 -11.50
N ARG A 154 3.07 7.80 -12.01
CA ARG A 154 3.98 7.62 -13.21
C ARG A 154 5.19 6.68 -12.95
N CYS A 155 5.75 6.70 -11.68
CA CYS A 155 6.87 5.81 -11.25
C CYS A 155 6.38 4.35 -11.11
N ARG A 156 5.11 4.16 -10.57
CA ARG A 156 4.41 2.85 -10.39
C ARG A 156 4.24 2.04 -11.75
N THR A 157 3.93 2.77 -12.87
CA THR A 157 3.76 2.17 -14.24
C THR A 157 5.14 1.81 -14.91
N ALA A 158 6.15 2.74 -14.76
CA ALA A 158 7.53 2.62 -15.34
C ALA A 158 8.38 1.48 -14.69
N ILE A 159 8.22 1.32 -13.35
CA ILE A 159 8.85 0.27 -12.51
C ILE A 159 8.25 -1.15 -12.84
N ALA A 160 6.87 -1.23 -13.06
CA ALA A 160 6.17 -2.49 -13.43
C ALA A 160 6.60 -3.09 -14.82
N ARG A 161 6.77 -2.22 -15.87
CA ARG A 161 7.16 -2.64 -17.28
C ARG A 161 8.65 -3.13 -17.42
N THR A 162 9.62 -2.41 -16.75
CA THR A 162 11.09 -2.73 -16.79
C THR A 162 11.47 -4.04 -16.02
N GLU A 163 10.79 -4.27 -14.85
CA GLU A 163 11.00 -5.47 -13.99
C GLU A 163 10.36 -6.77 -14.58
N ARG A 164 9.24 -6.62 -15.38
CA ARG A 164 8.54 -7.78 -16.05
C ARG A 164 9.35 -8.45 -17.17
N ALA A 165 10.09 -7.58 -17.94
CA ALA A 165 10.98 -7.99 -19.07
C ALA A 165 12.24 -8.73 -18.55
N LEU A 166 12.76 -8.26 -17.35
CA LEU A 166 13.95 -8.83 -16.63
C LEU A 166 13.63 -10.19 -15.92
N GLU A 167 12.34 -10.34 -15.45
CA GLU A 167 11.81 -11.55 -14.76
C GLU A 167 11.57 -12.77 -15.72
N ARG A 168 11.30 -12.45 -17.04
CA ARG A 168 11.01 -13.45 -18.11
C ARG A 168 12.27 -14.07 -18.80
N ILE A 169 13.46 -13.45 -18.59
CA ILE A 169 14.76 -13.88 -19.22
C ILE A 169 15.67 -14.67 -18.22
N THR A 170 15.22 -14.65 -16.93
CA THR A 170 15.88 -15.36 -15.80
C THR A 170 15.13 -16.71 -15.46
N ARG A 171 14.11 -17.06 -16.32
CA ARG A 171 13.23 -18.25 -16.12
C ARG A 171 13.27 -19.21 -17.34
N MET A 1 -4.34 15.78 17.36
CA MET A 1 -3.42 14.63 17.10
C MET A 1 -3.72 13.44 18.06
N ARG A 2 -3.79 12.20 17.44
CA ARG A 2 -4.06 10.85 18.11
C ARG A 2 -5.45 10.77 18.82
N THR A 3 -6.52 10.61 17.99
CA THR A 3 -7.93 10.50 18.46
C THR A 3 -8.55 9.05 18.28
N PRO A 4 -8.55 8.31 17.04
CA PRO A 4 -9.14 6.92 16.93
C PRO A 4 -8.31 5.79 17.65
N LEU A 5 -8.92 5.17 18.70
CA LEU A 5 -8.30 4.04 19.47
C LEU A 5 -8.85 2.66 19.02
N LEU A 6 -10.21 2.59 18.88
CA LEU A 6 -10.97 1.39 18.45
C LEU A 6 -10.90 1.15 16.93
N LEU A 7 -11.01 2.29 16.14
CA LEU A 7 -10.95 2.29 14.66
C LEU A 7 -9.54 1.95 14.14
N GLN A 8 -8.50 2.38 14.91
CA GLN A 8 -7.07 2.07 14.61
C GLN A 8 -6.76 0.55 14.83
N SER A 9 -7.43 -0.07 15.87
CA SER A 9 -7.31 -1.53 16.19
C SER A 9 -8.01 -2.40 15.12
N LEU A 10 -9.24 -1.94 14.66
CA LEU A 10 -10.00 -2.57 13.53
C LEU A 10 -9.17 -2.58 12.20
N LYS A 11 -8.49 -1.39 11.91
CA LYS A 11 -7.61 -1.16 10.72
C LYS A 11 -6.33 -2.03 10.65
N THR A 12 -5.60 -2.17 11.79
CA THR A 12 -4.36 -2.99 11.89
C THR A 12 -4.67 -4.52 11.80
N ARG A 13 -5.83 -4.97 12.38
CA ARG A 13 -6.32 -6.40 12.29
C ARG A 13 -6.62 -6.82 10.80
N VAL A 14 -7.02 -5.81 9.95
CA VAL A 14 -7.33 -5.96 8.48
C VAL A 14 -6.01 -6.08 7.62
N ALA A 15 -5.00 -5.19 7.85
CA ALA A 15 -3.67 -5.24 7.15
C ALA A 15 -2.81 -6.47 7.61
N ALA A 16 -3.05 -6.87 8.89
CA ALA A 16 -2.52 -8.12 9.53
C ALA A 16 -3.16 -9.39 8.85
N LEU A 17 -4.50 -9.30 8.54
CA LEU A 17 -5.29 -10.35 7.85
C LEU A 17 -4.86 -10.47 6.37
N HIS A 18 -4.50 -9.30 5.72
CA HIS A 18 -4.02 -9.14 4.31
C HIS A 18 -2.70 -9.95 4.05
N THR A 19 -1.73 -9.90 5.01
CA THR A 19 -0.42 -10.62 4.94
C THR A 19 -0.54 -12.15 5.32
N LEU A 20 -1.69 -12.53 5.95
CA LEU A 20 -1.97 -13.92 6.41
C LEU A 20 -2.85 -14.65 5.34
N ILE A 21 -3.45 -13.80 4.47
CA ILE A 21 -4.30 -14.18 3.31
C ILE A 21 -3.61 -13.76 1.96
N GLY A 22 -2.28 -13.48 2.07
CA GLY A 22 -1.47 -12.91 0.95
C GLY A 22 -1.32 -13.86 -0.25
N PRO A 23 -0.41 -14.96 -0.24
CA PRO A 23 -0.27 -15.93 -1.39
C PRO A 23 -1.55 -16.85 -1.68
N LEU A 24 -2.61 -16.71 -0.80
CA LEU A 24 -3.91 -17.45 -0.90
C LEU A 24 -4.96 -16.70 -1.80
N ALA A 25 -4.65 -15.39 -2.11
CA ALA A 25 -5.44 -14.47 -3.01
C ALA A 25 -5.57 -14.95 -4.50
N SER A 26 -4.41 -15.47 -5.07
CA SER A 26 -4.31 -15.99 -6.47
C SER A 26 -4.71 -17.49 -6.58
N GLN A 27 -4.44 -18.23 -5.47
CA GLN A 27 -4.76 -19.69 -5.34
C GLN A 27 -6.11 -19.91 -4.58
N ARG A 28 -7.19 -20.14 -5.39
CA ARG A 28 -8.58 -20.34 -4.89
C ARG A 28 -8.98 -21.84 -4.78
N HIS A 29 -9.25 -22.29 -3.52
CA HIS A 29 -9.68 -23.67 -3.17
C HIS A 29 -10.83 -23.63 -2.13
N PHE A 30 -10.54 -23.14 -0.87
CA PHE A 30 -11.51 -23.01 0.25
C PHE A 30 -11.24 -21.65 1.00
N SER A 31 -12.31 -21.02 1.63
CA SER A 31 -12.18 -19.73 2.35
C SER A 31 -12.37 -19.92 3.91
N PRO A 32 -11.23 -19.87 4.78
CA PRO A 32 -11.37 -19.98 6.29
C PRO A 32 -11.79 -18.64 7.03
N ARG A 33 -10.93 -17.56 6.86
CA ARG A 33 -11.13 -16.20 7.45
C ARG A 33 -11.21 -15.05 6.37
N PHE A 34 -11.47 -15.42 5.11
CA PHE A 34 -11.55 -14.44 3.97
C PHE A 34 -12.86 -13.63 4.05
N ASP A 35 -12.83 -12.32 4.39
CA ASP A 35 -14.10 -11.58 4.46
C ASP A 35 -14.22 -10.65 3.24
N ARG A 36 -14.82 -11.24 2.17
CA ARG A 36 -15.02 -10.59 0.84
C ARG A 36 -16.30 -9.70 0.76
N GLN A 37 -17.02 -9.57 1.92
CA GLN A 37 -18.25 -8.73 2.05
C GLN A 37 -17.90 -7.22 2.23
N LEU A 38 -16.62 -6.95 2.70
CA LEU A 38 -16.10 -5.58 2.91
C LEU A 38 -15.31 -5.04 1.67
N PHE A 39 -15.11 -5.92 0.62
CA PHE A 39 -14.37 -5.57 -0.63
C PHE A 39 -15.24 -5.65 -1.90
N ALA A 40 -14.85 -4.82 -2.94
CA ALA A 40 -15.55 -4.75 -4.23
C ALA A 40 -14.50 -5.05 -5.29
N CYS A 41 -14.62 -6.29 -5.81
CA CYS A 41 -13.71 -6.88 -6.82
C CYS A 41 -14.18 -8.28 -7.20
N ARG A 42 -13.52 -8.86 -8.23
CA ARG A 42 -13.78 -10.24 -8.69
C ARG A 42 -12.91 -11.20 -7.84
N GLY A 43 -11.63 -10.71 -7.60
CA GLY A 43 -10.64 -11.32 -6.63
C GLY A 43 -10.21 -12.77 -6.81
N ALA A 44 -9.27 -13.07 -7.75
CA ALA A 44 -8.72 -14.44 -7.94
C ALA A 44 -7.20 -14.26 -8.24
N ARG A 45 -6.68 -13.03 -7.82
CA ARG A 45 -5.30 -12.56 -8.04
C ARG A 45 -4.90 -11.54 -6.91
N LEU A 46 -3.57 -11.56 -6.53
CA LEU A 46 -2.94 -10.55 -5.59
C LEU A 46 -2.87 -9.12 -6.26
N GLY A 47 -2.83 -9.12 -7.63
CA GLY A 47 -2.77 -7.88 -8.48
C GLY A 47 -3.95 -6.89 -8.34
N ASP A 48 -5.22 -7.43 -8.20
CA ASP A 48 -6.47 -6.58 -8.09
C ASP A 48 -6.64 -5.92 -6.70
N TYR A 49 -6.03 -6.56 -5.66
CA TYR A 49 -6.08 -6.08 -4.25
C TYR A 49 -4.99 -4.99 -4.00
N LEU A 50 -3.85 -5.11 -4.76
CA LEU A 50 -2.71 -4.16 -4.74
C LEU A 50 -3.05 -2.83 -5.48
N THR A 51 -3.82 -2.97 -6.61
CA THR A 51 -4.34 -1.85 -7.45
C THR A 51 -5.44 -1.02 -6.71
N GLU A 52 -6.26 -1.69 -5.84
CA GLU A 52 -7.31 -1.01 -5.00
C GLU A 52 -6.65 -0.25 -3.83
N ALA A 53 -5.50 -0.82 -3.35
CA ALA A 53 -4.65 -0.28 -2.25
C ALA A 53 -3.89 1.01 -2.69
N GLU A 54 -3.37 1.03 -3.96
CA GLU A 54 -2.69 2.22 -4.58
C GLU A 54 -3.71 3.37 -4.87
N GLU A 55 -4.96 2.95 -5.27
CA GLU A 55 -6.16 3.81 -5.56
C GLU A 55 -6.78 4.42 -4.27
N SER A 56 -6.56 3.73 -3.09
CA SER A 56 -7.03 4.18 -1.74
C SER A 56 -6.14 5.34 -1.22
N LEU A 57 -4.81 5.31 -1.58
CA LEU A 57 -3.82 6.37 -1.22
C LEU A 57 -4.04 7.69 -2.04
N THR A 58 -4.43 7.55 -3.35
CA THR A 58 -4.68 8.65 -4.33
C THR A 58 -5.96 9.53 -4.06
N HIS A 59 -7.16 8.95 -3.74
CA HIS A 59 -8.39 9.78 -3.43
C HIS A 59 -8.37 10.45 -2.02
N LEU A 60 -7.67 9.79 -1.01
CA LEU A 60 -7.49 10.33 0.38
C LEU A 60 -6.52 11.57 0.40
N GLU A 61 -5.52 11.56 -0.56
CA GLU A 61 -4.53 12.66 -0.80
C GLU A 61 -5.22 13.92 -1.40
N ALA A 62 -6.32 13.65 -2.21
CA ALA A 62 -7.16 14.70 -2.85
C ALA A 62 -7.93 15.55 -1.79
N ALA A 63 -8.45 14.84 -0.70
CA ALA A 63 -9.11 15.47 0.49
C ALA A 63 -8.13 16.34 1.34
N VAL A 64 -6.80 15.96 1.30
CA VAL A 64 -5.67 16.68 1.95
C VAL A 64 -5.53 18.10 1.29
N ASN A 65 -5.73 18.14 -0.07
CA ASN A 65 -5.77 19.37 -0.93
C ASN A 65 -7.03 20.25 -0.64
N GLN A 66 -8.08 19.68 0.06
CA GLN A 66 -9.26 20.47 0.55
C GLN A 66 -8.85 21.21 1.88
N GLY A 67 -8.03 20.51 2.74
CA GLY A 67 -7.43 21.15 3.93
C GLY A 67 -7.89 20.65 5.30
N ASP A 68 -8.20 19.31 5.39
CA ASP A 68 -8.60 18.67 6.65
C ASP A 68 -7.37 17.99 7.28
N ALA A 69 -6.91 18.62 8.41
CA ALA A 69 -5.73 18.17 9.22
C ALA A 69 -6.02 16.89 10.05
N THR A 70 -7.35 16.62 10.30
CA THR A 70 -7.86 15.42 11.00
C THR A 70 -7.70 14.16 10.08
N ARG A 71 -7.92 14.33 8.72
CA ARG A 71 -7.79 13.24 7.69
C ARG A 71 -6.29 12.90 7.39
N VAL A 72 -5.38 13.89 7.68
CA VAL A 72 -3.89 13.80 7.51
C VAL A 72 -3.30 12.92 8.66
N ALA A 73 -3.76 13.26 9.91
CA ALA A 73 -3.39 12.61 11.19
C ALA A 73 -3.91 11.15 11.29
N TRP A 74 -5.13 10.91 10.72
CA TRP A 74 -5.80 9.57 10.57
C TRP A 74 -4.98 8.68 9.58
N LEU A 75 -4.47 9.33 8.50
CA LEU A 75 -3.62 8.71 7.45
C LEU A 75 -2.20 8.43 8.04
N ALA A 76 -1.67 9.37 8.89
CA ALA A 76 -0.33 9.27 9.56
C ALA A 76 -0.26 8.07 10.58
N GLU A 77 -1.40 7.89 11.32
CA GLU A 77 -1.65 6.78 12.33
C GLU A 77 -1.80 5.39 11.63
N ARG A 78 -2.50 5.38 10.45
CA ARG A 78 -2.69 4.19 9.57
C ARG A 78 -1.33 3.85 8.81
N LEU A 79 -0.47 4.89 8.55
CA LEU A 79 0.84 4.73 7.88
C LEU A 79 1.88 4.00 8.81
N ALA A 80 1.97 4.45 10.11
CA ALA A 80 2.90 3.90 11.14
C ALA A 80 2.54 2.46 11.58
N ALA A 81 1.19 2.17 11.73
CA ALA A 81 0.61 0.84 12.10
C ALA A 81 0.84 -0.22 10.99
N GLN A 82 0.74 0.21 9.69
CA GLN A 82 1.01 -0.65 8.51
C GLN A 82 2.52 -0.93 8.31
N ILE A 83 3.42 0.00 8.78
CA ILE A 83 4.92 -0.21 8.71
C ILE A 83 5.32 -1.45 9.61
N GLU A 84 4.75 -1.50 10.86
CA GLU A 84 5.01 -2.58 11.88
C GLU A 84 4.46 -3.95 11.43
N ALA A 85 3.18 -3.97 10.91
CA ALA A 85 2.49 -5.21 10.47
C ALA A 85 3.05 -5.83 9.16
N LEU A 86 3.32 -4.94 8.14
CA LEU A 86 3.77 -5.36 6.78
C LEU A 86 5.28 -5.57 6.63
N GLN A 87 6.13 -4.62 7.15
CA GLN A 87 7.64 -4.72 7.04
C GLN A 87 8.21 -5.93 7.85
N ARG A 88 7.62 -6.21 9.06
CA ARG A 88 8.00 -7.36 9.95
C ARG A 88 7.50 -8.77 9.45
N GLU A 89 6.21 -8.91 8.94
CA GLU A 89 5.67 -10.22 8.41
C GLU A 89 6.33 -10.57 7.05
N ALA A 90 6.67 -9.47 6.28
CA ALA A 90 7.39 -9.52 4.98
C ALA A 90 8.91 -9.82 5.20
N ALA A 91 9.45 -9.47 6.45
CA ALA A 91 10.90 -9.64 6.79
C ALA A 91 11.36 -11.12 6.84
N THR A 92 10.49 -11.98 7.52
CA THR A 92 10.65 -13.46 7.67
C THR A 92 10.18 -14.22 6.38
N ALA A 93 9.34 -13.49 5.56
CA ALA A 93 8.77 -13.97 4.27
C ALA A 93 9.89 -14.08 3.17
N THR A 94 10.90 -13.11 3.21
CA THR A 94 12.09 -13.06 2.26
C THR A 94 13.20 -14.11 2.64
N LEU A 95 13.05 -14.69 3.86
CA LEU A 95 13.90 -15.76 4.46
C LEU A 95 13.30 -17.17 4.15
N ARG A 96 11.94 -17.23 3.99
CA ARG A 96 11.19 -18.47 3.70
C ARG A 96 11.19 -18.82 2.17
N ARG A 97 12.00 -18.06 1.35
CA ARG A 97 12.21 -18.27 -0.15
C ARG A 97 13.18 -19.44 -0.38
N HIS A 98 13.75 -19.82 0.79
CA HIS A 98 14.55 -21.00 1.01
C HIS A 98 13.57 -22.20 0.73
N GLU A 99 12.29 -22.15 1.30
CA GLU A 99 11.25 -23.24 0.99
C GLU A 99 9.77 -22.79 0.99
N ASN A 100 9.09 -22.81 2.19
CA ASN A 100 7.64 -22.45 2.45
C ASN A 100 6.99 -21.31 1.57
N ALA A 101 7.70 -20.16 1.39
CA ALA A 101 7.25 -18.98 0.60
C ALA A 101 7.45 -19.08 -0.94
N HIS A 102 8.42 -19.96 -1.41
CA HIS A 102 8.85 -20.15 -2.84
C HIS A 102 7.87 -21.04 -3.68
N LEU A 103 6.81 -21.57 -2.97
CA LEU A 103 5.88 -22.56 -3.62
C LEU A 103 4.88 -21.82 -4.63
N PRO A 104 3.98 -20.74 -4.21
CA PRO A 104 3.13 -19.97 -5.20
C PRO A 104 3.79 -18.69 -5.82
N GLY A 105 4.99 -18.31 -5.30
CA GLY A 105 5.65 -17.10 -5.74
C GLY A 105 6.90 -17.27 -6.59
N GLY A 106 7.91 -16.46 -6.21
CA GLY A 106 9.19 -16.32 -6.94
C GLY A 106 9.24 -14.96 -7.69
N ARG A 107 8.01 -14.52 -8.10
CA ARG A 107 7.72 -13.23 -8.82
C ARG A 107 6.73 -12.35 -7.98
N LEU A 108 5.98 -13.00 -7.01
CA LEU A 108 4.97 -12.33 -6.08
C LEU A 108 5.64 -11.44 -5.00
N HIS A 109 6.91 -11.81 -4.60
CA HIS A 109 7.73 -11.10 -3.59
C HIS A 109 8.16 -9.70 -4.09
N ALA A 110 8.42 -9.63 -5.46
CA ALA A 110 8.72 -8.38 -6.22
C ALA A 110 7.50 -7.41 -6.25
N ARG A 111 6.26 -7.97 -6.32
CA ARG A 111 4.99 -7.18 -6.26
C ARG A 111 4.74 -6.65 -4.82
N LEU A 112 4.84 -7.57 -3.80
CA LEU A 112 4.62 -7.24 -2.35
C LEU A 112 5.68 -6.23 -1.73
N ALA A 113 7.01 -6.62 -1.73
CA ALA A 113 8.14 -5.82 -1.12
C ALA A 113 8.61 -4.55 -1.91
N GLU A 114 8.74 -4.62 -3.29
CA GLU A 114 9.21 -3.46 -4.13
C GLU A 114 8.19 -2.30 -4.25
N TYR A 115 6.85 -2.62 -4.34
CA TYR A 115 5.76 -1.59 -4.42
C TYR A 115 5.62 -0.76 -3.10
N GLN A 116 5.73 -1.44 -1.89
CA GLN A 116 5.62 -0.74 -0.56
C GLN A 116 6.83 0.21 -0.20
N GLU A 117 8.10 -0.19 -0.54
CA GLU A 117 9.35 0.63 -0.23
C GLU A 117 9.50 1.93 -1.10
N TYR A 118 9.20 1.82 -2.45
CA TYR A 118 9.27 2.97 -3.43
C TYR A 118 8.15 4.03 -3.19
N GLU A 119 6.92 3.54 -2.80
CA GLU A 119 5.74 4.40 -2.47
C GLU A 119 5.89 5.11 -1.08
N ARG A 120 6.72 4.52 -0.13
CA ARG A 120 6.99 5.05 1.25
C ARG A 120 7.81 6.40 1.24
N ARG A 121 8.95 6.47 0.46
CA ARG A 121 9.77 7.74 0.35
C ARG A 121 9.08 8.84 -0.49
N LEU A 122 8.38 8.42 -1.60
CA LEU A 122 7.54 9.35 -2.42
C LEU A 122 6.43 10.00 -1.56
N LEU A 123 5.91 9.20 -0.57
CA LEU A 123 4.90 9.63 0.43
C LEU A 123 5.47 10.62 1.48
N ALA A 124 6.82 10.40 1.84
CA ALA A 124 7.59 11.19 2.84
C ALA A 124 7.78 12.66 2.40
N MET A 125 8.04 12.82 1.04
CA MET A 125 8.17 14.15 0.35
C MET A 125 6.82 14.93 0.42
N LYS A 126 5.67 14.17 0.25
CA LYS A 126 4.28 14.70 0.36
C LYS A 126 3.96 15.09 1.84
N ASN A 127 4.47 14.24 2.83
CA ASN A 127 4.25 14.43 4.32
C ASN A 127 4.90 15.71 4.92
N GLU A 128 6.13 16.09 4.42
CA GLU A 128 6.88 17.34 4.85
C GLU A 128 6.11 18.63 4.39
N ARG A 129 5.54 18.58 3.13
CA ARG A 129 4.73 19.68 2.52
C ARG A 129 3.27 19.74 3.12
N GLU A 130 2.77 18.58 3.69
CA GLU A 130 1.44 18.46 4.39
C GLU A 130 1.43 19.23 5.74
N GLN A 131 2.62 19.21 6.46
CA GLN A 131 2.86 19.95 7.75
C GLN A 131 2.85 21.50 7.50
N ARG A 132 3.46 21.93 6.33
CA ARG A 132 3.52 23.35 5.87
C ARG A 132 2.10 23.87 5.42
N TYR A 133 1.27 22.99 4.76
CA TYR A 133 -0.12 23.29 4.30
C TYR A 133 -1.13 23.41 5.50
N ALA A 134 -0.88 22.61 6.58
CA ALA A 134 -1.68 22.62 7.84
C ALA A 134 -1.54 23.97 8.64
N GLU A 135 -0.28 24.55 8.63
CA GLU A 135 0.11 25.80 9.36
C GLU A 135 -0.06 27.14 8.57
N ARG A 136 0.28 27.15 7.22
CA ARG A 136 0.28 28.38 6.36
C ARG A 136 -0.93 28.43 5.35
N HIS A 137 -1.43 27.22 4.88
CA HIS A 137 -2.56 27.00 3.88
C HIS A 137 -2.41 27.72 2.48
N ASP A 138 -1.15 27.99 2.05
CA ASP A 138 -0.87 28.66 0.74
C ASP A 138 -1.01 27.68 -0.50
N PRO A 139 -1.66 28.14 -1.69
CA PRO A 139 -1.82 27.30 -2.96
C PRO A 139 -0.49 26.74 -3.62
N GLN A 140 0.68 27.30 -3.19
CA GLN A 140 2.06 26.92 -3.73
C GLN A 140 2.49 25.47 -3.33
N LEU A 141 2.15 25.09 -2.08
CA LEU A 141 2.44 23.78 -1.44
C LEU A 141 1.47 22.70 -1.96
N ALA A 142 0.23 23.21 -2.31
CA ALA A 142 -0.92 22.47 -2.87
C ALA A 142 -0.60 21.99 -4.30
N ARG A 143 0.13 22.87 -5.09
CA ARG A 143 0.65 22.53 -6.44
C ARG A 143 1.83 21.48 -6.32
N GLU A 144 2.66 21.56 -5.21
CA GLU A 144 3.82 20.64 -4.92
C GLU A 144 3.40 19.17 -4.50
N ILE A 145 2.35 19.00 -3.59
CA ILE A 145 1.79 17.67 -3.13
C ILE A 145 1.12 16.94 -4.33
N THR A 146 0.33 17.74 -5.12
CA THR A 146 -0.38 17.32 -6.36
C THR A 146 0.64 16.86 -7.48
N ALA A 147 1.78 17.63 -7.64
CA ALA A 147 2.93 17.29 -8.56
C ALA A 147 3.63 15.95 -8.19
N LEU A 148 3.78 15.72 -6.84
CA LEU A 148 4.36 14.47 -6.24
C LEU A 148 3.37 13.26 -6.35
N ASP A 149 2.02 13.56 -6.40
CA ASP A 149 0.90 12.58 -6.57
C ASP A 149 0.95 11.87 -7.96
N GLU A 150 1.37 12.71 -9.00
CA GLU A 150 1.52 12.31 -10.41
C GLU A 150 2.83 11.45 -10.58
N ARG A 151 3.91 11.80 -9.79
CA ARG A 151 5.24 11.12 -9.76
C ARG A 151 5.19 9.72 -9.12
N LEU A 152 4.28 9.55 -8.09
CA LEU A 152 3.99 8.25 -7.41
C LEU A 152 3.29 7.28 -8.42
N THR A 153 2.39 7.84 -9.30
CA THR A 153 1.71 7.07 -10.39
C THR A 153 2.64 6.80 -11.62
N ARG A 154 3.54 7.80 -11.96
CA ARG A 154 4.56 7.68 -13.07
C ARG A 154 5.70 6.66 -12.77
N CYS A 155 6.13 6.56 -11.45
CA CYS A 155 7.16 5.58 -10.99
C CYS A 155 6.59 4.13 -11.05
N ARG A 156 5.25 3.98 -10.69
CA ARG A 156 4.45 2.72 -10.74
C ARG A 156 4.40 2.10 -12.20
N THR A 157 4.30 2.99 -13.26
CA THR A 157 4.30 2.61 -14.71
C THR A 157 5.70 2.02 -15.15
N ALA A 158 6.80 2.71 -14.67
CA ALA A 158 8.23 2.35 -14.92
C ALA A 158 8.64 1.00 -14.25
N ILE A 159 8.11 0.78 -13.02
CA ILE A 159 8.26 -0.46 -12.20
C ILE A 159 7.50 -1.66 -12.90
N ALA A 160 6.24 -1.41 -13.41
CA ALA A 160 5.40 -2.42 -14.15
C ALA A 160 6.02 -2.90 -15.50
N ARG A 161 6.67 -1.95 -16.29
CA ARG A 161 7.36 -2.23 -17.60
C ARG A 161 8.63 -3.14 -17.46
N THR A 162 9.45 -2.92 -16.36
CA THR A 162 10.68 -3.71 -16.05
C THR A 162 10.35 -5.16 -15.55
N GLU A 163 9.18 -5.31 -14.85
CA GLU A 163 8.63 -6.61 -14.34
C GLU A 163 8.14 -7.54 -15.51
N ARG A 164 7.56 -6.91 -16.61
CA ARG A 164 7.08 -7.60 -17.86
C ARG A 164 8.24 -8.22 -18.68
N ALA A 165 9.42 -7.52 -18.69
CA ALA A 165 10.70 -8.00 -19.31
C ALA A 165 11.28 -9.24 -18.54
N LEU A 166 11.08 -9.27 -17.17
CA LEU A 166 11.50 -10.39 -16.26
C LEU A 166 10.55 -11.64 -16.36
N GLU A 167 9.21 -11.38 -16.62
CA GLU A 167 8.11 -12.39 -16.77
C GLU A 167 8.20 -13.26 -18.06
N ARG A 168 8.49 -12.56 -19.21
CA ARG A 168 8.57 -13.15 -20.57
C ARG A 168 9.96 -13.72 -20.92
N ILE A 169 11.06 -13.05 -20.39
CA ILE A 169 12.54 -13.30 -20.63
C ILE A 169 12.93 -13.99 -22.00
N THR A 170 12.25 -13.47 -23.02
CA THR A 170 12.34 -13.84 -24.43
C THR A 170 11.91 -12.63 -25.31
N ARG A 171 11.21 -11.62 -24.64
CA ARG A 171 10.60 -10.36 -25.27
C ARG A 171 9.25 -10.63 -26.01
N MET A 1 -12.93 12.66 22.55
CA MET A 1 -11.72 12.06 21.91
C MET A 1 -11.45 12.72 20.53
N ARG A 2 -10.18 13.16 20.33
CA ARG A 2 -9.69 13.82 19.07
C ARG A 2 -8.88 12.85 18.15
N THR A 3 -8.21 11.82 18.77
CA THR A 3 -7.38 10.81 18.04
C THR A 3 -8.01 9.36 18.17
N PRO A 4 -8.31 8.60 17.00
CA PRO A 4 -8.88 7.18 17.03
C PRO A 4 -7.98 6.10 17.73
N LEU A 5 -8.55 5.46 18.80
CA LEU A 5 -7.88 4.36 19.57
C LEU A 5 -8.42 2.97 19.15
N LEU A 6 -9.80 2.84 19.13
CA LEU A 6 -10.54 1.60 18.77
C LEU A 6 -10.59 1.37 17.24
N LEU A 7 -10.74 2.49 16.46
CA LEU A 7 -10.78 2.48 14.98
C LEU A 7 -9.38 2.12 14.40
N GLN A 8 -8.31 2.54 15.14
CA GLN A 8 -6.90 2.24 14.81
C GLN A 8 -6.58 0.73 14.99
N SER A 9 -7.20 0.08 16.03
CA SER A 9 -7.07 -1.39 16.29
C SER A 9 -7.84 -2.22 15.24
N LEU A 10 -9.08 -1.74 14.86
CA LEU A 10 -9.91 -2.33 13.77
C LEU A 10 -9.17 -2.30 12.39
N LYS A 11 -8.49 -1.12 12.06
CA LYS A 11 -7.69 -0.89 10.81
C LYS A 11 -6.43 -1.78 10.67
N THR A 12 -5.69 -1.96 11.82
CA THR A 12 -4.47 -2.80 11.91
C THR A 12 -4.84 -4.31 11.78
N ARG A 13 -6.02 -4.76 12.34
CA ARG A 13 -6.54 -6.17 12.18
C ARG A 13 -6.86 -6.50 10.68
N VAL A 14 -7.24 -5.44 9.90
CA VAL A 14 -7.53 -5.50 8.42
C VAL A 14 -6.20 -5.61 7.60
N ALA A 15 -5.16 -4.78 7.90
CA ALA A 15 -3.80 -4.89 7.25
C ALA A 15 -3.05 -6.17 7.72
N ALA A 16 -3.36 -6.60 8.96
CA ALA A 16 -2.90 -7.90 9.57
C ALA A 16 -3.48 -9.07 8.74
N LEU A 17 -4.77 -8.92 8.29
CA LEU A 17 -5.49 -9.86 7.42
C LEU A 17 -4.91 -9.84 5.98
N HIS A 18 -4.46 -8.62 5.46
CA HIS A 18 -3.87 -8.40 4.06
C HIS A 18 -2.66 -9.28 3.79
N THR A 19 -1.78 -9.36 4.81
CA THR A 19 -0.56 -10.18 4.74
C THR A 19 -0.74 -11.68 5.11
N LEU A 20 -1.90 -12.02 5.75
CA LEU A 20 -2.20 -13.39 6.24
C LEU A 20 -3.13 -14.13 5.23
N ILE A 21 -3.79 -13.31 4.36
CA ILE A 21 -4.70 -13.76 3.27
C ILE A 21 -4.06 -13.59 1.87
N GLY A 22 -3.00 -12.72 1.78
CA GLY A 22 -2.25 -12.39 0.54
C GLY A 22 -1.88 -13.62 -0.32
N PRO A 23 -0.92 -14.55 0.10
CA PRO A 23 -0.62 -15.83 -0.65
C PRO A 23 -1.86 -16.77 -1.00
N LEU A 24 -3.00 -16.65 -0.24
CA LEU A 24 -4.28 -17.41 -0.44
C LEU A 24 -5.31 -16.67 -1.38
N ALA A 25 -4.94 -15.43 -1.87
CA ALA A 25 -5.74 -14.59 -2.82
C ALA A 25 -5.93 -15.15 -4.26
N SER A 26 -4.80 -15.71 -4.88
CA SER A 26 -4.80 -16.26 -6.27
C SER A 26 -5.20 -17.76 -6.29
N GLN A 27 -4.77 -18.47 -5.21
CA GLN A 27 -5.04 -19.93 -4.99
C GLN A 27 -6.25 -20.17 -4.03
N ARG A 28 -7.30 -20.88 -4.56
CA ARG A 28 -8.56 -21.19 -3.82
C ARG A 28 -8.67 -22.69 -3.41
N HIS A 29 -8.84 -22.92 -2.07
CA HIS A 29 -9.01 -24.28 -1.46
C HIS A 29 -10.18 -24.26 -0.42
N PHE A 30 -9.96 -23.56 0.75
CA PHE A 30 -10.94 -23.39 1.86
C PHE A 30 -10.69 -22.00 2.55
N SER A 31 -11.77 -21.36 3.15
CA SER A 31 -11.67 -20.03 3.81
C SER A 31 -11.84 -20.10 5.37
N PRO A 32 -10.70 -19.94 6.23
CA PRO A 32 -10.84 -19.94 7.74
C PRO A 32 -11.31 -18.58 8.41
N ARG A 33 -10.50 -17.47 8.18
CA ARG A 33 -10.76 -16.09 8.71
C ARG A 33 -10.91 -15.03 7.54
N PHE A 34 -11.14 -15.54 6.32
CA PHE A 34 -11.26 -14.69 5.08
C PHE A 34 -12.60 -13.90 5.11
N ASP A 35 -12.58 -12.55 5.31
CA ASP A 35 -13.85 -11.82 5.36
C ASP A 35 -14.02 -10.91 4.12
N ARG A 36 -14.74 -11.49 3.12
CA ARG A 36 -15.05 -10.83 1.80
C ARG A 36 -16.30 -9.90 1.84
N GLN A 37 -16.94 -9.78 3.05
CA GLN A 37 -18.14 -8.92 3.29
C GLN A 37 -17.74 -7.42 3.44
N LEU A 38 -16.44 -7.16 3.83
CA LEU A 38 -15.88 -5.78 4.00
C LEU A 38 -15.17 -5.26 2.70
N PHE A 39 -15.03 -6.17 1.67
CA PHE A 39 -14.36 -5.85 0.36
C PHE A 39 -15.31 -5.98 -0.85
N ALA A 40 -15.00 -5.19 -1.94
CA ALA A 40 -15.80 -5.17 -3.18
C ALA A 40 -14.83 -5.50 -4.31
N CYS A 41 -14.97 -6.74 -4.78
CA CYS A 41 -14.11 -7.31 -5.85
C CYS A 41 -14.60 -8.71 -6.25
N ARG A 42 -13.96 -9.26 -7.31
CA ARG A 42 -14.23 -10.64 -7.79
C ARG A 42 -13.29 -11.57 -6.98
N GLY A 43 -12.02 -11.05 -6.80
CA GLY A 43 -10.96 -11.61 -5.88
C GLY A 43 -10.47 -13.03 -6.08
N ALA A 44 -9.78 -13.36 -7.21
CA ALA A 44 -9.21 -14.71 -7.45
C ALA A 44 -7.72 -14.50 -7.89
N ARG A 45 -7.20 -13.27 -7.50
CA ARG A 45 -5.87 -12.76 -7.84
C ARG A 45 -5.35 -11.80 -6.71
N LEU A 46 -4.00 -11.85 -6.44
CA LEU A 46 -3.28 -10.90 -5.50
C LEU A 46 -3.21 -9.45 -6.12
N GLY A 47 -3.29 -9.40 -7.50
CA GLY A 47 -3.28 -8.14 -8.32
C GLY A 47 -4.47 -7.17 -8.07
N ASP A 48 -5.73 -7.74 -7.89
CA ASP A 48 -7.00 -6.93 -7.68
C ASP A 48 -7.11 -6.27 -6.29
N TYR A 49 -6.44 -6.90 -5.29
CA TYR A 49 -6.43 -6.41 -3.87
C TYR A 49 -5.36 -5.30 -3.70
N LEU A 50 -4.27 -5.40 -4.53
CA LEU A 50 -3.15 -4.43 -4.60
C LEU A 50 -3.53 -3.12 -5.33
N THR A 51 -4.37 -3.27 -6.42
CA THR A 51 -4.93 -2.17 -7.24
C THR A 51 -5.98 -1.35 -6.43
N GLU A 52 -6.71 -2.02 -5.47
CA GLU A 52 -7.69 -1.38 -4.56
C GLU A 52 -6.95 -0.62 -3.44
N ALA A 53 -5.75 -1.18 -3.10
CA ALA A 53 -4.82 -0.62 -2.06
C ALA A 53 -4.12 0.70 -2.56
N GLU A 54 -3.73 0.75 -3.88
CA GLU A 54 -3.16 1.97 -4.53
C GLU A 54 -4.23 3.09 -4.73
N GLU A 55 -5.49 2.65 -5.04
CA GLU A 55 -6.71 3.50 -5.25
C GLU A 55 -7.26 4.09 -3.91
N SER A 56 -6.97 3.40 -2.75
CA SER A 56 -7.38 3.85 -1.37
C SER A 56 -6.44 5.00 -0.88
N LEU A 57 -5.14 4.91 -1.32
CA LEU A 57 -4.06 5.91 -1.02
C LEU A 57 -4.29 7.27 -1.81
N THR A 58 -4.74 7.15 -3.09
CA THR A 58 -5.00 8.31 -4.04
C THR A 58 -6.25 9.20 -3.67
N HIS A 59 -7.45 8.64 -3.31
CA HIS A 59 -8.66 9.48 -2.93
C HIS A 59 -8.56 10.14 -1.50
N LEU A 60 -7.79 9.48 -0.55
CA LEU A 60 -7.53 10.02 0.84
C LEU A 60 -6.58 11.27 0.80
N GLU A 61 -5.64 11.27 -0.21
CA GLU A 61 -4.69 12.39 -0.51
C GLU A 61 -5.45 13.65 -1.06
N ALA A 62 -6.59 13.36 -1.80
CA ALA A 62 -7.50 14.39 -2.38
C ALA A 62 -8.21 15.24 -1.28
N ALA A 63 -8.64 14.55 -0.16
CA ALA A 63 -9.22 15.19 1.07
C ALA A 63 -8.19 16.10 1.84
N VAL A 64 -6.87 15.74 1.67
CA VAL A 64 -5.69 16.51 2.21
C VAL A 64 -5.65 17.91 1.49
N ASN A 65 -5.97 17.89 0.13
CA ASN A 65 -6.13 19.11 -0.75
C ASN A 65 -7.34 20.00 -0.30
N GLN A 66 -8.38 19.41 0.40
CA GLN A 66 -9.49 20.19 1.04
C GLN A 66 -8.93 20.98 2.28
N GLY A 67 -8.01 20.32 3.07
CA GLY A 67 -7.29 21.03 4.15
C GLY A 67 -7.66 20.63 5.57
N ASP A 68 -8.13 19.36 5.77
CA ASP A 68 -8.52 18.86 7.09
C ASP A 68 -7.31 18.19 7.77
N ALA A 69 -6.89 18.86 8.89
CA ALA A 69 -5.73 18.47 9.74
C ALA A 69 -5.99 17.16 10.55
N THR A 70 -7.31 16.91 10.87
CA THR A 70 -7.80 15.70 11.57
C THR A 70 -7.70 14.45 10.62
N ARG A 71 -7.99 14.64 9.27
CA ARG A 71 -7.93 13.56 8.23
C ARG A 71 -6.45 13.22 7.84
N VAL A 72 -5.51 14.18 8.08
CA VAL A 72 -4.05 14.06 7.83
C VAL A 72 -3.40 13.17 8.93
N ALA A 73 -3.78 13.49 10.22
CA ALA A 73 -3.35 12.85 11.48
C ALA A 73 -3.88 11.38 11.60
N TRP A 74 -5.13 11.16 11.13
CA TRP A 74 -5.83 9.84 11.01
C TRP A 74 -5.12 8.96 9.93
N LEU A 75 -4.68 9.62 8.84
CA LEU A 75 -3.90 9.02 7.71
C LEU A 75 -2.44 8.70 8.20
N ALA A 76 -1.85 9.62 9.06
CA ALA A 76 -0.47 9.50 9.65
C ALA A 76 -0.36 8.29 10.64
N GLU A 77 -1.46 8.10 11.45
CA GLU A 77 -1.65 6.97 12.45
C GLU A 77 -1.84 5.60 11.73
N ARG A 78 -2.60 5.62 10.58
CA ARG A 78 -2.82 4.45 9.67
C ARG A 78 -1.52 4.14 8.84
N LEU A 79 -0.68 5.19 8.56
CA LEU A 79 0.60 5.06 7.81
C LEU A 79 1.69 4.30 8.63
N ALA A 80 1.87 4.71 9.95
CA ALA A 80 2.87 4.12 10.90
C ALA A 80 2.53 2.65 11.30
N ALA A 81 1.20 2.36 11.52
CA ALA A 81 0.64 1.01 11.89
C ALA A 81 0.77 -0.01 10.73
N GLN A 82 0.58 0.47 9.45
CA GLN A 82 0.75 -0.37 8.23
C GLN A 82 2.23 -0.66 7.90
N ILE A 83 3.17 0.25 8.32
CA ILE A 83 4.65 0.03 8.15
C ILE A 83 5.10 -1.22 8.99
N GLU A 84 4.62 -1.30 10.28
CA GLU A 84 4.94 -2.41 11.24
C GLU A 84 4.36 -3.76 10.80
N ALA A 85 3.05 -3.77 10.38
CA ALA A 85 2.31 -4.99 9.99
C ALA A 85 2.71 -5.58 8.61
N LEU A 86 2.85 -4.69 7.58
CA LEU A 86 3.13 -5.11 6.16
C LEU A 86 4.61 -5.32 5.82
N GLN A 87 5.49 -4.37 6.25
CA GLN A 87 6.98 -4.45 5.99
C GLN A 87 7.67 -5.61 6.77
N ARG A 88 7.22 -5.87 8.05
CA ARG A 88 7.74 -6.97 8.92
C ARG A 88 7.19 -8.39 8.57
N GLU A 89 5.89 -8.52 8.11
CA GLU A 89 5.31 -9.84 7.70
C GLU A 89 5.84 -10.23 6.29
N ALA A 90 6.24 -9.18 5.48
CA ALA A 90 6.91 -9.35 4.15
C ALA A 90 8.40 -9.74 4.36
N ALA A 91 9.00 -9.25 5.52
CA ALA A 91 10.40 -9.50 5.97
C ALA A 91 10.61 -10.97 6.48
N THR A 92 9.53 -11.61 7.06
CA THR A 92 9.53 -13.03 7.50
C THR A 92 9.19 -13.97 6.30
N ALA A 93 8.49 -13.36 5.28
CA ALA A 93 8.04 -14.01 4.00
C ALA A 93 9.20 -14.20 2.98
N THR A 94 10.25 -13.29 3.07
CA THR A 94 11.49 -13.29 2.20
C THR A 94 12.52 -14.37 2.68
N LEU A 95 12.22 -14.91 3.90
CA LEU A 95 12.99 -15.97 4.62
C LEU A 95 12.39 -17.36 4.29
N ARG A 96 11.03 -17.40 4.17
CA ARG A 96 10.24 -18.61 3.85
C ARG A 96 10.32 -18.97 2.33
N ARG A 97 11.09 -18.12 1.54
CA ARG A 97 11.35 -18.29 0.08
C ARG A 97 12.32 -19.46 -0.22
N HIS A 98 12.87 -19.89 0.91
CA HIS A 98 13.67 -21.07 1.07
C HIS A 98 12.74 -22.28 0.66
N GLU A 99 11.41 -22.33 1.15
CA GLU A 99 10.49 -23.49 0.74
C GLU A 99 8.93 -23.29 0.74
N ASN A 100 8.36 -22.48 1.65
CA ASN A 100 6.88 -22.28 1.83
C ASN A 100 6.32 -21.09 1.00
N ALA A 101 7.09 -19.97 0.93
CA ALA A 101 6.71 -18.73 0.20
C ALA A 101 6.97 -18.76 -1.32
N HIS A 102 7.92 -19.63 -1.80
CA HIS A 102 8.38 -19.77 -3.22
C HIS A 102 7.39 -20.68 -4.05
N LEU A 103 6.32 -21.19 -3.33
CA LEU A 103 5.38 -22.21 -3.88
C LEU A 103 4.53 -21.67 -5.10
N PRO A 104 3.73 -20.45 -5.06
CA PRO A 104 3.04 -19.95 -6.31
C PRO A 104 4.04 -19.50 -7.43
N GLY A 105 5.16 -18.80 -7.06
CA GLY A 105 6.21 -18.47 -8.02
C GLY A 105 6.04 -17.15 -8.76
N GLY A 106 7.20 -16.60 -9.12
CA GLY A 106 7.29 -15.40 -9.98
C GLY A 106 7.46 -14.05 -9.31
N ARG A 107 6.52 -13.14 -9.71
CA ARG A 107 6.47 -11.71 -9.31
C ARG A 107 5.60 -11.38 -8.07
N LEU A 108 5.29 -12.37 -7.16
CA LEU A 108 4.48 -12.09 -5.94
C LEU A 108 5.24 -11.23 -4.89
N HIS A 109 6.56 -11.58 -4.68
CA HIS A 109 7.48 -10.90 -3.72
C HIS A 109 7.91 -9.51 -4.23
N ALA A 110 8.06 -9.43 -5.61
CA ALA A 110 8.35 -8.17 -6.37
C ALA A 110 7.15 -7.18 -6.29
N ARG A 111 5.89 -7.71 -6.29
CA ARG A 111 4.66 -6.90 -6.14
C ARG A 111 4.47 -6.47 -4.67
N LEU A 112 4.55 -7.44 -3.69
CA LEU A 112 4.37 -7.15 -2.23
C LEU A 112 5.50 -6.21 -1.61
N ALA A 113 6.80 -6.67 -1.65
CA ALA A 113 7.97 -5.93 -1.04
C ALA A 113 8.60 -4.76 -1.88
N GLU A 114 8.80 -4.93 -3.25
CA GLU A 114 9.42 -3.87 -4.12
C GLU A 114 8.50 -2.63 -4.36
N TYR A 115 7.13 -2.85 -4.48
CA TYR A 115 6.14 -1.74 -4.65
C TYR A 115 6.06 -0.84 -3.38
N GLN A 116 6.07 -1.47 -2.14
CA GLN A 116 6.03 -0.72 -0.83
C GLN A 116 7.27 0.18 -0.51
N GLU A 117 8.53 -0.28 -0.87
CA GLU A 117 9.81 0.50 -0.63
C GLU A 117 9.94 1.81 -1.49
N TYR A 118 9.55 1.72 -2.82
CA TYR A 118 9.56 2.88 -3.78
C TYR A 118 8.44 3.92 -3.46
N GLU A 119 7.25 3.40 -2.97
CA GLU A 119 6.07 4.21 -2.54
C GLU A 119 6.32 4.96 -1.18
N ARG A 120 7.24 4.39 -0.30
CA ARG A 120 7.60 4.95 1.04
C ARG A 120 8.40 6.30 0.95
N ARG A 121 9.46 6.39 0.06
CA ARG A 121 10.25 7.67 -0.14
C ARG A 121 9.46 8.76 -0.93
N LEU A 122 8.68 8.34 -1.96
CA LEU A 122 7.77 9.26 -2.72
C LEU A 122 6.69 9.88 -1.76
N LEU A 123 6.29 9.05 -0.73
CA LEU A 123 5.34 9.44 0.35
C LEU A 123 5.99 10.47 1.34
N ALA A 124 7.37 10.29 1.58
CA ALA A 124 8.21 11.10 2.52
C ALA A 124 8.33 12.58 2.05
N MET A 125 8.48 12.75 0.69
CA MET A 125 8.55 14.08 0.00
C MET A 125 7.21 14.86 0.16
N LYS A 126 6.06 14.08 0.05
CA LYS A 126 4.67 14.58 0.25
C LYS A 126 4.42 14.95 1.75
N ASN A 127 4.98 14.09 2.70
CA ASN A 127 4.80 14.22 4.20
C ASN A 127 5.40 15.53 4.80
N GLU A 128 6.61 15.97 4.29
CA GLU A 128 7.29 17.25 4.71
C GLU A 128 6.49 18.51 4.24
N ARG A 129 5.95 18.45 2.96
CA ARG A 129 5.10 19.53 2.34
C ARG A 129 3.64 19.59 2.95
N GLU A 130 3.12 18.40 3.44
CA GLU A 130 1.77 18.27 4.12
C GLU A 130 1.76 18.95 5.53
N GLN A 131 2.94 18.88 6.26
CA GLN A 131 3.18 19.53 7.59
C GLN A 131 3.17 21.09 7.44
N ARG A 132 3.78 21.59 6.30
CA ARG A 132 3.82 23.03 5.91
C ARG A 132 2.40 23.57 5.52
N TYR A 133 1.56 22.71 4.83
CA TYR A 133 0.15 23.02 4.41
C TYR A 133 -0.82 23.10 5.64
N ALA A 134 -0.55 22.26 6.69
CA ALA A 134 -1.32 22.24 7.97
C ALA A 134 -1.16 23.56 8.82
N GLU A 135 0.09 24.14 8.79
CA GLU A 135 0.50 25.37 9.55
C GLU A 135 0.34 26.73 8.79
N ARG A 136 0.65 26.77 7.43
CA ARG A 136 0.64 28.03 6.61
C ARG A 136 -0.60 28.12 5.64
N HIS A 137 -1.13 26.93 5.17
CA HIS A 137 -2.30 26.75 4.21
C HIS A 137 -2.19 27.46 2.81
N ASP A 138 -0.93 27.68 2.33
CA ASP A 138 -0.68 28.35 1.00
C ASP A 138 -0.89 27.38 -0.22
N PRO A 139 -1.59 27.86 -1.39
CA PRO A 139 -1.81 27.05 -2.66
C PRO A 139 -0.52 26.49 -3.39
N GLN A 140 0.68 27.04 -3.00
CA GLN A 140 2.04 26.69 -3.61
C GLN A 140 2.50 25.24 -3.27
N LEU A 141 2.21 24.81 -2.02
CA LEU A 141 2.55 23.48 -1.45
C LEU A 141 1.57 22.41 -1.96
N ALA A 142 0.32 22.92 -2.24
CA ALA A 142 -0.85 22.19 -2.76
C ALA A 142 -0.63 21.76 -4.24
N ARG A 143 0.03 22.65 -5.04
CA ARG A 143 0.47 22.35 -6.43
C ARG A 143 1.66 21.32 -6.42
N GLU A 144 2.56 21.41 -5.37
CA GLU A 144 3.74 20.50 -5.16
C GLU A 144 3.35 19.04 -4.68
N ILE A 145 2.35 18.90 -3.71
CA ILE A 145 1.85 17.58 -3.18
C ILE A 145 1.03 16.79 -4.26
N THR A 146 0.22 17.54 -5.07
CA THR A 146 -0.59 17.05 -6.21
C THR A 146 0.37 16.56 -7.38
N ALA A 147 1.50 17.34 -7.58
CA ALA A 147 2.59 17.02 -8.58
C ALA A 147 3.35 15.70 -8.24
N LEU A 148 3.60 15.49 -6.91
CA LEU A 148 4.25 14.27 -6.35
C LEU A 148 3.29 13.04 -6.36
N ASP A 149 1.93 13.32 -6.29
CA ASP A 149 0.81 12.32 -6.35
C ASP A 149 0.71 11.63 -7.74
N GLU A 150 1.01 12.45 -8.82
CA GLU A 150 1.00 12.05 -10.24
C GLU A 150 2.27 11.19 -10.55
N ARG A 151 3.43 11.57 -9.90
CA ARG A 151 4.76 10.90 -10.01
C ARG A 151 4.78 9.51 -9.33
N LEU A 152 4.03 9.36 -8.18
CA LEU A 152 3.85 8.08 -7.45
C LEU A 152 3.06 7.06 -8.34
N THR A 153 2.04 7.57 -9.12
CA THR A 153 1.23 6.75 -10.07
C THR A 153 2.00 6.44 -11.40
N ARG A 154 2.78 7.47 -11.93
CA ARG A 154 3.61 7.34 -13.19
C ARG A 154 4.86 6.44 -13.04
N CYS A 155 5.48 6.43 -11.80
CA CYS A 155 6.67 5.60 -11.46
C CYS A 155 6.23 4.11 -11.31
N ARG A 156 5.00 3.87 -10.69
CA ARG A 156 4.35 2.53 -10.50
C ARG A 156 4.13 1.76 -11.86
N THR A 157 3.74 2.50 -12.95
CA THR A 157 3.54 1.97 -14.33
C THR A 157 4.91 1.60 -15.00
N ALA A 158 5.95 2.49 -14.78
CA ALA A 158 7.34 2.36 -15.32
C ALA A 158 8.14 1.17 -14.70
N ILE A 159 7.92 0.97 -13.36
CA ILE A 159 8.47 -0.14 -12.52
C ILE A 159 7.93 -1.54 -12.99
N ALA A 160 6.56 -1.61 -13.29
CA ALA A 160 5.89 -2.86 -13.78
C ALA A 160 6.40 -3.36 -15.18
N ARG A 161 6.60 -2.42 -16.17
CA ARG A 161 7.06 -2.75 -17.58
C ARG A 161 8.56 -3.22 -17.69
N THR A 162 9.50 -2.55 -16.93
CA THR A 162 10.97 -2.87 -16.93
C THR A 162 11.32 -4.22 -16.23
N GLU A 163 10.57 -4.53 -15.11
CA GLU A 163 10.73 -5.80 -14.32
C GLU A 163 10.15 -7.05 -15.05
N ARG A 164 9.06 -6.86 -15.90
CA ARG A 164 8.41 -7.96 -16.70
C ARG A 164 9.29 -8.52 -17.85
N ALA A 165 10.05 -7.57 -18.49
CA ALA A 165 10.98 -7.87 -19.62
C ALA A 165 12.23 -8.67 -19.11
N LEU A 166 12.70 -8.30 -17.86
CA LEU A 166 13.85 -8.93 -17.13
C LEU A 166 13.50 -10.35 -16.57
N GLU A 167 12.20 -10.54 -16.18
CA GLU A 167 11.66 -11.83 -15.63
C GLU A 167 11.48 -12.95 -16.70
N ARG A 168 11.27 -12.51 -18.00
CA ARG A 168 11.03 -13.42 -19.17
C ARG A 168 12.33 -13.96 -19.86
N ILE A 169 13.49 -13.32 -19.56
CA ILE A 169 14.82 -13.68 -20.18
C ILE A 169 15.70 -14.55 -19.22
N THR A 170 15.22 -14.65 -17.95
CA THR A 170 15.86 -15.45 -16.86
C THR A 170 15.11 -16.83 -16.66
N ARG A 171 14.08 -17.10 -17.57
CA ARG A 171 13.14 -18.30 -17.57
C ARG A 171 11.96 -18.14 -16.55
N MET A 1 -7.53 17.38 17.68
CA MET A 1 -8.25 17.39 18.98
C MET A 1 -8.55 15.95 19.47
N ARG A 2 -8.99 15.04 18.54
CA ARG A 2 -9.34 13.61 18.85
C ARG A 2 -8.45 12.62 18.04
N THR A 3 -7.93 11.58 18.76
CA THR A 3 -7.07 10.52 18.17
C THR A 3 -7.76 9.10 18.27
N PRO A 4 -7.99 8.33 17.10
CA PRO A 4 -8.63 6.94 17.12
C PRO A 4 -7.83 5.85 17.90
N LEU A 5 -8.48 5.25 18.95
CA LEU A 5 -7.89 4.17 19.79
C LEU A 5 -8.40 2.78 19.38
N LEU A 6 -9.77 2.64 19.28
CA LEU A 6 -10.48 1.40 18.91
C LEU A 6 -10.42 1.13 17.38
N LEU A 7 -10.53 2.24 16.57
CA LEU A 7 -10.49 2.20 15.09
C LEU A 7 -9.06 1.77 14.62
N GLN A 8 -8.03 2.16 15.43
CA GLN A 8 -6.61 1.80 15.22
C GLN A 8 -6.36 0.27 15.41
N SER A 9 -7.05 -0.35 16.43
CA SER A 9 -6.97 -1.83 16.71
C SER A 9 -7.85 -2.68 15.74
N LEU A 10 -8.86 -1.98 15.14
CA LEU A 10 -9.79 -2.55 14.15
C LEU A 10 -9.08 -2.70 12.75
N LYS A 11 -8.35 -1.61 12.30
CA LYS A 11 -7.62 -1.58 10.99
C LYS A 11 -6.35 -2.50 10.90
N THR A 12 -5.58 -2.59 12.06
CA THR A 12 -4.34 -3.41 12.17
C THR A 12 -4.69 -4.93 12.17
N ARG A 13 -5.84 -5.34 12.81
CA ARG A 13 -6.34 -6.76 12.76
C ARG A 13 -6.71 -7.19 11.30
N VAL A 14 -7.14 -6.17 10.46
CA VAL A 14 -7.51 -6.35 9.01
C VAL A 14 -6.22 -6.53 8.13
N ALA A 15 -5.14 -5.69 8.32
CA ALA A 15 -3.82 -5.83 7.60
C ALA A 15 -3.04 -7.11 8.08
N ALA A 16 -3.30 -7.47 9.35
CA ALA A 16 -2.85 -8.75 10.03
C ALA A 16 -3.53 -10.01 9.39
N LEU A 17 -4.86 -9.89 9.03
CA LEU A 17 -5.67 -10.95 8.38
C LEU A 17 -5.29 -11.09 6.86
N HIS A 18 -4.98 -9.91 6.22
CA HIS A 18 -4.55 -9.75 4.79
C HIS A 18 -3.17 -10.46 4.51
N THR A 19 -2.21 -10.38 5.49
CA THR A 19 -0.87 -11.07 5.43
C THR A 19 -1.01 -12.62 5.56
N LEU A 20 -2.06 -13.08 6.30
CA LEU A 20 -2.41 -14.53 6.46
C LEU A 20 -3.25 -15.09 5.24
N ILE A 21 -3.84 -14.12 4.46
CA ILE A 21 -4.64 -14.29 3.19
C ILE A 21 -3.80 -13.70 1.97
N GLY A 22 -2.46 -13.53 2.22
CA GLY A 22 -1.51 -12.91 1.23
C GLY A 22 -1.30 -13.77 -0.02
N PRO A 23 -0.31 -14.79 -0.10
CA PRO A 23 -0.17 -15.73 -1.29
C PRO A 23 -1.43 -16.67 -1.56
N LEU A 24 -2.46 -16.53 -0.64
CA LEU A 24 -3.76 -17.25 -0.62
C LEU A 24 -4.87 -16.55 -1.49
N ALA A 25 -4.57 -15.28 -1.93
CA ALA A 25 -5.42 -14.40 -2.78
C ALA A 25 -5.73 -14.93 -4.22
N SER A 26 -4.67 -15.46 -4.92
CA SER A 26 -4.77 -16.00 -6.31
C SER A 26 -5.03 -17.52 -6.29
N GLN A 27 -4.45 -18.17 -5.24
CA GLN A 27 -4.54 -19.63 -4.97
C GLN A 27 -5.23 -19.94 -3.60
N ARG A 28 -6.42 -20.61 -3.67
CA ARG A 28 -7.24 -20.96 -2.45
C ARG A 28 -6.74 -22.21 -1.65
N HIS A 29 -6.55 -21.98 -0.32
CA HIS A 29 -6.10 -23.00 0.69
C HIS A 29 -7.09 -23.04 1.89
N PHE A 30 -6.97 -24.09 2.78
CA PHE A 30 -7.85 -24.31 3.97
C PHE A 30 -7.59 -23.29 5.17
N SER A 31 -8.32 -22.13 5.19
CA SER A 31 -8.24 -21.14 6.30
C SER A 31 -9.64 -21.05 7.03
N PRO A 32 -9.73 -21.32 8.44
CA PRO A 32 -11.04 -21.28 9.20
C PRO A 32 -11.69 -19.85 9.44
N ARG A 33 -10.85 -18.78 9.25
CA ARG A 33 -11.22 -17.34 9.45
C ARG A 33 -11.55 -16.59 8.11
N PHE A 34 -11.69 -17.37 7.01
CA PHE A 34 -11.86 -16.84 5.61
C PHE A 34 -13.16 -16.03 5.46
N ASP A 35 -13.05 -14.66 5.36
CA ASP A 35 -14.24 -13.85 5.17
C ASP A 35 -14.03 -12.81 4.06
N ARG A 36 -14.46 -13.22 2.83
CA ARG A 36 -14.37 -12.40 1.58
C ARG A 36 -15.56 -11.43 1.37
N GLN A 37 -16.57 -11.42 2.32
CA GLN A 37 -17.78 -10.54 2.25
C GLN A 37 -17.47 -9.09 2.74
N LEU A 38 -16.36 -8.94 3.57
CA LEU A 38 -15.86 -7.62 4.08
C LEU A 38 -14.86 -6.94 3.11
N PHE A 39 -14.53 -7.66 1.99
CA PHE A 39 -13.59 -7.22 0.92
C PHE A 39 -14.24 -7.20 -0.47
N ALA A 40 -13.65 -6.38 -1.40
CA ALA A 40 -14.11 -6.24 -2.77
C ALA A 40 -12.92 -6.60 -3.69
N CYS A 41 -13.09 -7.73 -4.40
CA CYS A 41 -12.07 -8.23 -5.38
C CYS A 41 -12.75 -8.70 -6.69
N ARG A 42 -11.95 -8.77 -7.81
CA ARG A 42 -12.48 -9.15 -9.16
C ARG A 42 -12.06 -10.59 -9.64
N GLY A 43 -12.27 -11.55 -8.70
CA GLY A 43 -12.16 -13.02 -8.93
C GLY A 43 -11.22 -13.82 -8.04
N ALA A 44 -9.86 -13.62 -8.17
CA ALA A 44 -8.82 -14.37 -7.39
C ALA A 44 -7.44 -13.81 -7.73
N ARG A 45 -7.18 -12.53 -7.37
CA ARG A 45 -5.86 -11.92 -7.67
C ARG A 45 -5.29 -11.00 -6.54
N LEU A 46 -3.92 -11.17 -6.28
CA LEU A 46 -3.13 -10.24 -5.36
C LEU A 46 -2.98 -8.84 -6.05
N GLY A 47 -3.03 -8.88 -7.43
CA GLY A 47 -2.99 -7.69 -8.33
C GLY A 47 -4.18 -6.71 -8.17
N ASP A 48 -5.42 -7.26 -7.90
CA ASP A 48 -6.67 -6.45 -7.75
C ASP A 48 -6.79 -5.76 -6.35
N TYR A 49 -6.10 -6.38 -5.34
CA TYR A 49 -6.10 -5.87 -3.92
C TYR A 49 -5.05 -4.73 -3.82
N LEU A 50 -3.97 -4.83 -4.67
CA LEU A 50 -2.86 -3.85 -4.76
C LEU A 50 -3.25 -2.56 -5.54
N THR A 51 -4.05 -2.77 -6.63
CA THR A 51 -4.61 -1.70 -7.51
C THR A 51 -5.70 -0.87 -6.78
N GLU A 52 -6.45 -1.52 -5.82
CA GLU A 52 -7.50 -0.85 -5.02
C GLU A 52 -6.85 -0.07 -3.84
N ALA A 53 -5.67 -0.63 -3.40
CA ALA A 53 -4.81 -0.05 -2.32
C ALA A 53 -4.05 1.22 -2.79
N GLU A 54 -3.57 1.21 -4.09
CA GLU A 54 -2.90 2.37 -4.75
C GLU A 54 -3.93 3.53 -5.01
N GLU A 55 -5.20 3.12 -5.37
CA GLU A 55 -6.38 4.00 -5.62
C GLU A 55 -6.96 4.61 -4.30
N SER A 56 -6.70 3.92 -3.12
CA SER A 56 -7.14 4.38 -1.77
C SER A 56 -6.17 5.48 -1.25
N LEU A 57 -4.86 5.40 -1.68
CA LEU A 57 -3.79 6.40 -1.37
C LEU A 57 -4.00 7.72 -2.17
N THR A 58 -4.40 7.56 -3.48
CA THR A 58 -4.67 8.66 -4.46
C THR A 58 -5.98 9.47 -4.14
N HIS A 59 -7.02 8.80 -3.52
CA HIS A 59 -8.32 9.46 -3.14
C HIS A 59 -8.19 10.31 -1.84
N LEU A 60 -7.36 9.79 -0.84
CA LEU A 60 -7.05 10.48 0.47
C LEU A 60 -6.13 11.73 0.25
N GLU A 61 -5.25 11.66 -0.80
CA GLU A 61 -4.31 12.74 -1.25
C GLU A 61 -5.08 13.96 -1.86
N ALA A 62 -6.25 13.65 -2.55
CA ALA A 62 -7.14 14.67 -3.14
C ALA A 62 -7.79 15.54 -2.01
N ALA A 63 -8.19 14.81 -0.89
CA ALA A 63 -8.73 15.37 0.37
C ALA A 63 -7.75 16.25 1.21
N VAL A 64 -6.39 15.95 1.15
CA VAL A 64 -5.35 16.73 1.89
C VAL A 64 -5.18 18.17 1.28
N ASN A 65 -5.43 18.20 -0.05
CA ASN A 65 -5.50 19.43 -0.91
C ASN A 65 -6.85 20.23 -0.68
N GLN A 66 -7.81 19.60 0.09
CA GLN A 66 -9.12 20.19 0.49
C GLN A 66 -9.05 20.80 1.93
N GLY A 67 -7.92 20.49 2.67
CA GLY A 67 -7.66 20.98 4.05
C GLY A 67 -8.25 20.14 5.19
N ASP A 68 -7.95 18.80 5.18
CA ASP A 68 -8.39 17.86 6.22
C ASP A 68 -7.12 17.24 6.86
N ALA A 69 -6.67 17.93 7.96
CA ALA A 69 -5.46 17.55 8.77
C ALA A 69 -5.71 16.28 9.65
N THR A 70 -7.02 15.98 9.90
CA THR A 70 -7.50 14.78 10.62
C THR A 70 -7.29 13.50 9.72
N ARG A 71 -7.47 13.64 8.35
CA ARG A 71 -7.27 12.51 7.37
C ARG A 71 -5.76 12.22 7.12
N VAL A 72 -4.90 13.25 7.43
CA VAL A 72 -3.41 13.24 7.31
C VAL A 72 -2.81 12.37 8.45
N ALA A 73 -3.27 12.70 9.70
CA ALA A 73 -2.88 12.07 10.98
C ALA A 73 -3.39 10.61 11.12
N TRP A 74 -4.63 10.36 10.58
CA TRP A 74 -5.26 9.01 10.48
C TRP A 74 -4.46 8.11 9.50
N LEU A 75 -4.02 8.69 8.36
CA LEU A 75 -3.20 7.98 7.33
C LEU A 75 -1.73 7.76 7.82
N ALA A 76 -1.19 8.75 8.63
CA ALA A 76 0.19 8.69 9.24
C ALA A 76 0.31 7.53 10.30
N GLU A 77 -0.77 7.36 11.12
CA GLU A 77 -0.93 6.27 12.16
C GLU A 77 -1.12 4.86 11.50
N ARG A 78 -1.88 4.82 10.35
CA ARG A 78 -2.11 3.62 9.48
C ARG A 78 -0.81 3.24 8.70
N LEU A 79 0.03 4.26 8.33
CA LEU A 79 1.31 4.06 7.63
C LEU A 79 2.36 3.33 8.54
N ALA A 80 2.48 3.80 9.84
CA ALA A 80 3.42 3.24 10.87
C ALA A 80 3.02 1.80 11.34
N ALA A 81 1.67 1.55 11.53
CA ALA A 81 1.07 0.25 11.95
C ALA A 81 1.20 -0.83 10.87
N GLN A 82 1.06 -0.42 9.56
CA GLN A 82 1.25 -1.32 8.39
C GLN A 82 2.73 -1.67 8.15
N ILE A 83 3.69 -0.77 8.55
CA ILE A 83 5.17 -1.06 8.44
C ILE A 83 5.54 -2.31 9.33
N GLU A 84 5.02 -2.31 10.61
CA GLU A 84 5.27 -3.39 11.62
C GLU A 84 4.65 -4.75 11.20
N ALA A 85 3.36 -4.70 10.71
CA ALA A 85 2.60 -5.91 10.32
C ALA A 85 3.07 -6.55 8.97
N LEU A 86 3.31 -5.67 7.95
CA LEU A 86 3.66 -6.08 6.55
C LEU A 86 5.14 -6.36 6.33
N GLN A 87 6.08 -5.50 6.83
CA GLN A 87 7.55 -5.71 6.65
C GLN A 87 8.09 -6.96 7.44
N ARG A 88 7.52 -7.21 8.68
CA ARG A 88 7.90 -8.37 9.56
C ARG A 88 7.26 -9.77 9.14
N GLU A 89 5.93 -9.78 8.72
CA GLU A 89 5.20 -11.05 8.33
C GLU A 89 5.68 -11.51 6.93
N ALA A 90 6.05 -10.48 6.08
CA ALA A 90 6.64 -10.65 4.75
C ALA A 90 8.16 -11.02 4.84
N ALA A 91 8.84 -10.67 6.03
CA ALA A 91 10.30 -10.90 6.23
C ALA A 91 10.73 -12.40 6.21
N THR A 92 9.96 -13.28 6.96
CA THR A 92 10.15 -14.77 6.98
C THR A 92 9.49 -15.43 5.75
N ALA A 93 8.41 -14.76 5.22
CA ALA A 93 7.72 -15.16 3.96
C ALA A 93 8.68 -15.21 2.73
N THR A 94 9.84 -14.38 2.75
CA THR A 94 10.94 -14.32 1.68
C THR A 94 11.69 -15.70 1.46
N LEU A 95 11.36 -16.65 2.38
CA LEU A 95 11.87 -18.06 2.42
C LEU A 95 11.02 -19.10 1.64
N ARG A 96 9.68 -19.25 2.00
CA ARG A 96 8.71 -20.19 1.33
C ARG A 96 8.36 -19.65 -0.09
N ARG A 97 8.91 -18.42 -0.28
CA ARG A 97 8.86 -17.56 -1.45
C ARG A 97 9.50 -18.09 -2.74
N HIS A 98 10.66 -18.83 -2.65
CA HIS A 98 11.42 -19.20 -3.84
C HIS A 98 10.86 -20.55 -4.38
N GLU A 99 9.88 -21.13 -3.60
CA GLU A 99 9.22 -22.44 -3.98
C GLU A 99 7.69 -22.41 -4.31
N ASN A 100 6.85 -21.66 -3.54
CA ASN A 100 5.36 -21.60 -3.73
C ASN A 100 4.83 -20.17 -4.04
N ALA A 101 5.59 -19.12 -3.65
CA ALA A 101 5.24 -17.67 -3.88
C ALA A 101 5.72 -17.11 -5.25
N HIS A 102 6.77 -17.77 -5.85
CA HIS A 102 7.44 -17.33 -7.12
C HIS A 102 6.54 -17.44 -8.41
N LEU A 103 5.96 -18.65 -8.71
CA LEU A 103 5.06 -18.88 -9.90
C LEU A 103 3.61 -18.24 -9.97
N PRO A 104 2.73 -18.07 -8.84
CA PRO A 104 1.30 -17.54 -8.99
C PRO A 104 1.10 -16.12 -9.64
N GLY A 105 2.17 -15.29 -9.59
CA GLY A 105 2.16 -13.94 -10.13
C GLY A 105 3.41 -13.57 -10.92
N GLY A 106 4.60 -14.22 -10.63
CA GLY A 106 5.86 -13.93 -11.35
C GLY A 106 6.87 -13.35 -10.41
N ARG A 107 6.54 -12.13 -9.95
CA ARG A 107 7.31 -11.34 -8.98
C ARG A 107 6.30 -10.73 -7.96
N LEU A 108 5.52 -11.63 -7.24
CA LEU A 108 4.48 -11.22 -6.21
C LEU A 108 5.09 -10.47 -5.02
N HIS A 109 6.25 -11.02 -4.57
CA HIS A 109 7.06 -10.55 -3.44
C HIS A 109 7.73 -9.17 -3.73
N ALA A 110 8.17 -8.99 -5.03
CA ALA A 110 8.69 -7.69 -5.55
C ALA A 110 7.55 -6.63 -5.68
N ARG A 111 6.29 -7.09 -5.91
CA ARG A 111 5.08 -6.23 -5.94
C ARG A 111 4.65 -5.85 -4.49
N LEU A 112 4.64 -6.86 -3.55
CA LEU A 112 4.27 -6.62 -2.11
C LEU A 112 5.30 -5.68 -1.34
N ALA A 113 6.61 -6.11 -1.23
CA ALA A 113 7.70 -5.40 -0.49
C ALA A 113 8.32 -4.13 -1.18
N GLU A 114 8.65 -4.19 -2.52
CA GLU A 114 9.27 -3.04 -3.27
C GLU A 114 8.29 -1.87 -3.56
N TYR A 115 6.95 -2.16 -3.82
CA TYR A 115 5.92 -1.11 -4.05
C TYR A 115 5.65 -0.26 -2.78
N GLN A 116 5.63 -0.93 -1.55
CA GLN A 116 5.44 -0.23 -0.24
C GLN A 116 6.64 0.74 0.14
N GLU A 117 7.93 0.32 -0.14
CA GLU A 117 9.18 1.12 0.17
C GLU A 117 9.37 2.40 -0.74
N TYR A 118 9.09 2.26 -2.09
CA TYR A 118 9.20 3.37 -3.10
C TYR A 118 8.09 4.44 -2.92
N GLU A 119 6.85 3.97 -2.55
CA GLU A 119 5.66 4.84 -2.28
C GLU A 119 5.78 5.56 -0.90
N ARG A 120 6.60 4.99 0.06
CA ARG A 120 6.88 5.55 1.44
C ARG A 120 7.64 6.92 1.40
N ARG A 121 8.79 7.00 0.63
CA ARG A 121 9.59 8.26 0.48
C ARG A 121 8.90 9.35 -0.40
N LEU A 122 8.23 8.92 -1.50
CA LEU A 122 7.43 9.83 -2.37
C LEU A 122 6.27 10.48 -1.55
N LEU A 123 5.74 9.67 -0.57
CA LEU A 123 4.68 10.09 0.40
C LEU A 123 5.21 11.10 1.45
N ALA A 124 6.55 10.92 1.85
CA ALA A 124 7.28 11.72 2.86
C ALA A 124 7.50 13.19 2.40
N MET A 125 7.82 13.35 1.06
CA MET A 125 8.00 14.67 0.38
C MET A 125 6.66 15.47 0.38
N LYS A 126 5.53 14.72 0.15
CA LYS A 126 4.13 15.24 0.18
C LYS A 126 3.71 15.63 1.63
N ASN A 127 4.16 14.79 2.66
CA ASN A 127 3.84 14.98 4.13
C ASN A 127 4.45 16.26 4.77
N GLU A 128 5.71 16.64 4.35
CA GLU A 128 6.43 17.89 4.80
C GLU A 128 5.72 19.18 4.27
N ARG A 129 5.24 19.11 2.97
CA ARG A 129 4.48 20.21 2.28
C ARG A 129 2.99 20.31 2.80
N GLU A 130 2.42 19.17 3.33
CA GLU A 130 1.05 19.07 3.96
C GLU A 130 1.01 19.84 5.33
N GLN A 131 2.17 19.79 6.10
CA GLN A 131 2.37 20.52 7.40
C GLN A 131 2.41 22.06 7.16
N ARG A 132 3.05 22.49 6.00
CA ARG A 132 3.13 23.91 5.53
C ARG A 132 1.74 24.43 5.04
N TYR A 133 0.91 23.52 4.40
CA TYR A 133 -0.49 23.82 3.92
C TYR A 133 -1.47 24.05 5.11
N ALA A 134 -1.29 23.27 6.23
CA ALA A 134 -2.07 23.37 7.49
C ALA A 134 -1.88 24.73 8.24
N GLU A 135 -0.60 25.25 8.21
CA GLU A 135 -0.16 26.51 8.90
C GLU A 135 -0.28 27.85 8.07
N ARG A 136 0.04 27.80 6.72
CA ARG A 136 0.09 29.02 5.84
C ARG A 136 -1.10 29.10 4.80
N HIS A 137 -1.62 27.89 4.34
CA HIS A 137 -2.74 27.70 3.31
C HIS A 137 -2.54 28.37 1.90
N ASP A 138 -1.26 28.59 1.49
CA ASP A 138 -0.93 29.22 0.16
C ASP A 138 -1.05 28.23 -1.05
N PRO A 139 -1.63 28.67 -2.28
CA PRO A 139 -1.76 27.82 -3.55
C PRO A 139 -0.43 27.22 -4.14
N GLN A 140 0.75 27.76 -3.66
CA GLN A 140 2.14 27.35 -4.15
C GLN A 140 2.54 25.92 -3.71
N LEU A 141 2.14 25.55 -2.46
CA LEU A 141 2.40 24.23 -1.80
C LEU A 141 1.43 23.17 -2.35
N ALA A 142 0.22 23.68 -2.77
CA ALA A 142 -0.91 22.93 -3.37
C ALA A 142 -0.53 22.42 -4.78
N ARG A 143 0.23 23.28 -5.54
CA ARG A 143 0.82 22.93 -6.87
C ARG A 143 1.98 21.88 -6.71
N GLU A 144 2.76 21.97 -5.56
CA GLU A 144 3.91 21.06 -5.22
C GLU A 144 3.47 19.59 -4.80
N ILE A 145 2.37 19.44 -3.94
CA ILE A 145 1.79 18.11 -3.49
C ILE A 145 1.16 17.38 -4.72
N THR A 146 0.43 18.18 -5.55
CA THR A 146 -0.24 17.75 -6.82
C THR A 146 0.83 17.26 -7.90
N ALA A 147 1.99 18.01 -8.01
CA ALA A 147 3.15 17.67 -8.91
C ALA A 147 3.83 16.32 -8.51
N LEU A 148 3.97 16.09 -7.16
CA LEU A 148 4.54 14.85 -6.54
C LEU A 148 3.54 13.64 -6.65
N ASP A 149 2.19 13.97 -6.69
CA ASP A 149 1.04 13.01 -6.85
C ASP A 149 1.06 12.28 -8.22
N GLU A 150 1.50 13.07 -9.28
CA GLU A 150 1.64 12.63 -10.68
C GLU A 150 2.91 11.73 -10.83
N ARG A 151 4.00 12.07 -10.05
CA ARG A 151 5.31 11.34 -10.03
C ARG A 151 5.20 9.94 -9.35
N LEU A 152 4.34 9.83 -8.29
CA LEU A 152 4.02 8.55 -7.59
C LEU A 152 3.29 7.56 -8.57
N THR A 153 2.37 8.13 -9.43
CA THR A 153 1.64 7.34 -10.47
C THR A 153 2.52 7.00 -11.70
N ARG A 154 3.41 7.97 -12.13
CA ARG A 154 4.36 7.80 -13.29
C ARG A 154 5.52 6.80 -13.01
N CYS A 155 6.04 6.77 -11.72
CA CYS A 155 7.11 5.83 -11.28
C CYS A 155 6.58 4.37 -11.18
N ARG A 156 5.30 4.21 -10.67
CA ARG A 156 4.56 2.91 -10.54
C ARG A 156 4.36 2.18 -11.94
N THR A 157 4.07 2.96 -13.03
CA THR A 157 3.89 2.45 -14.43
C THR A 157 5.26 1.96 -15.04
N ALA A 158 6.35 2.77 -14.79
CA ALA A 158 7.75 2.52 -15.25
C ALA A 158 8.40 1.27 -14.58
N ILE A 159 8.10 1.09 -13.26
CA ILE A 159 8.53 -0.07 -12.41
C ILE A 159 7.79 -1.39 -12.86
N ALA A 160 6.44 -1.28 -13.18
CA ALA A 160 5.59 -2.41 -13.67
C ALA A 160 6.04 -2.99 -15.06
N ARG A 161 6.45 -2.08 -16.01
CA ARG A 161 6.95 -2.44 -17.40
C ARG A 161 8.34 -3.18 -17.37
N THR A 162 9.26 -2.71 -16.47
CA THR A 162 10.64 -3.29 -16.28
C THR A 162 10.60 -4.69 -15.57
N GLU A 163 9.59 -4.88 -14.65
CA GLU A 163 9.35 -6.15 -13.90
C GLU A 163 8.80 -7.29 -14.81
N ARG A 164 7.93 -6.92 -15.83
CA ARG A 164 7.30 -7.86 -16.83
C ARG A 164 8.33 -8.49 -17.80
N ALA A 165 9.33 -7.64 -18.22
CA ALA A 165 10.45 -8.04 -19.11
C ALA A 165 11.41 -8.99 -18.36
N LEU A 166 11.61 -8.73 -17.01
CA LEU A 166 12.48 -9.55 -16.08
C LEU A 166 11.85 -10.94 -15.76
N GLU A 167 10.48 -11.01 -15.80
CA GLU A 167 9.66 -12.24 -15.59
C GLU A 167 9.78 -13.24 -16.77
N ARG A 168 10.01 -12.67 -18.02
CA ARG A 168 10.11 -13.45 -19.27
C ARG A 168 11.56 -13.97 -19.59
N ILE A 169 12.62 -13.33 -18.98
CA ILE A 169 14.03 -13.71 -19.26
C ILE A 169 14.64 -14.38 -18.02
N THR A 170 13.70 -14.81 -17.11
CA THR A 170 13.99 -15.48 -15.82
C THR A 170 14.88 -16.67 -16.09
N ARG A 171 14.53 -17.37 -17.20
CA ARG A 171 15.30 -18.56 -17.69
C ARG A 171 15.68 -18.42 -19.19
N MET A 1 -8.59 17.93 21.16
CA MET A 1 -8.04 16.95 20.17
C MET A 1 -8.46 15.49 20.52
N ARG A 2 -9.00 14.78 19.48
CA ARG A 2 -9.47 13.35 19.60
C ARG A 2 -8.61 12.41 18.70
N THR A 3 -8.11 11.32 19.35
CA THR A 3 -7.26 10.28 18.67
C THR A 3 -7.94 8.86 18.76
N PRO A 4 -8.29 8.16 17.56
CA PRO A 4 -8.91 6.78 17.55
C PRO A 4 -8.00 5.64 18.17
N LEU A 5 -8.52 4.99 19.25
CA LEU A 5 -7.81 3.86 19.96
C LEU A 5 -8.35 2.47 19.53
N LEU A 6 -9.72 2.34 19.52
CA LEU A 6 -10.46 1.11 19.13
C LEU A 6 -10.50 0.90 17.60
N LEU A 7 -10.62 2.04 16.83
CA LEU A 7 -10.67 2.05 15.36
C LEU A 7 -9.28 1.67 14.76
N GLN A 8 -8.21 2.09 15.50
CA GLN A 8 -6.79 1.77 15.15
C GLN A 8 -6.48 0.26 15.31
N SER A 9 -7.11 -0.38 16.36
CA SER A 9 -6.99 -1.84 16.62
C SER A 9 -7.78 -2.66 15.57
N LEU A 10 -9.02 -2.16 15.18
CA LEU A 10 -9.85 -2.73 14.08
C LEU A 10 -9.10 -2.74 12.70
N LYS A 11 -8.41 -1.57 12.37
CA LYS A 11 -7.61 -1.36 11.11
C LYS A 11 -6.36 -2.26 10.98
N THR A 12 -5.64 -2.48 12.13
CA THR A 12 -4.43 -3.37 12.22
C THR A 12 -4.85 -4.85 12.06
N ARG A 13 -6.06 -5.26 12.61
CA ARG A 13 -6.64 -6.63 12.44
C ARG A 13 -6.97 -6.95 10.95
N VAL A 14 -7.30 -5.88 10.15
CA VAL A 14 -7.59 -5.96 8.67
C VAL A 14 -6.26 -6.15 7.85
N ALA A 15 -5.18 -5.36 8.17
CA ALA A 15 -3.82 -5.52 7.55
C ALA A 15 -3.12 -6.84 8.03
N ALA A 16 -3.51 -7.28 9.24
CA ALA A 16 -3.14 -8.60 9.86
C ALA A 16 -3.77 -9.77 9.01
N LEU A 17 -5.04 -9.53 8.52
CA LEU A 17 -5.79 -10.45 7.62
C LEU A 17 -5.20 -10.41 6.16
N HIS A 18 -4.62 -9.23 5.72
CA HIS A 18 -3.97 -9.00 4.36
C HIS A 18 -2.79 -9.92 4.08
N THR A 19 -2.00 -10.14 5.14
CA THR A 19 -0.83 -11.02 5.07
C THR A 19 -1.20 -12.52 5.14
N LEU A 20 -2.31 -12.86 5.89
CA LEU A 20 -2.79 -14.27 6.03
C LEU A 20 -3.71 -14.74 4.82
N ILE A 21 -4.33 -13.72 4.15
CA ILE A 21 -5.24 -13.81 2.94
C ILE A 21 -4.51 -13.23 1.67
N GLY A 22 -3.15 -13.13 1.77
CA GLY A 22 -2.30 -12.56 0.70
C GLY A 22 -2.21 -13.47 -0.55
N PRO A 23 -1.34 -14.60 -0.62
CA PRO A 23 -1.29 -15.53 -1.83
C PRO A 23 -2.61 -16.39 -2.10
N LEU A 24 -3.63 -16.23 -1.19
CA LEU A 24 -4.97 -16.91 -1.22
C LEU A 24 -6.05 -16.09 -2.03
N ALA A 25 -5.68 -14.84 -2.45
CA ALA A 25 -6.51 -13.89 -3.27
C ALA A 25 -6.82 -14.35 -4.72
N SER A 26 -5.79 -14.95 -5.42
CA SER A 26 -5.90 -15.44 -6.83
C SER A 26 -6.19 -16.98 -6.87
N GLN A 27 -5.53 -17.70 -5.91
CA GLN A 27 -5.59 -19.18 -5.71
C GLN A 27 -6.47 -19.60 -4.49
N ARG A 28 -7.33 -20.65 -4.66
CA ARG A 28 -8.25 -21.14 -3.57
C ARG A 28 -7.64 -22.32 -2.76
N HIS A 29 -7.43 -22.03 -1.44
CA HIS A 29 -6.86 -22.98 -0.42
C HIS A 29 -7.78 -23.07 0.84
N PHE A 30 -7.59 -24.14 1.67
CA PHE A 30 -8.39 -24.43 2.90
C PHE A 30 -8.04 -23.45 4.12
N SER A 31 -8.76 -22.29 4.23
CA SER A 31 -8.57 -21.36 5.37
C SER A 31 -9.86 -21.29 6.27
N PRO A 32 -9.81 -21.70 7.63
CA PRO A 32 -10.98 -21.64 8.60
C PRO A 32 -11.57 -20.21 8.88
N ARG A 33 -10.69 -19.14 8.74
CA ARG A 33 -11.04 -17.71 8.99
C ARG A 33 -11.14 -16.87 7.66
N PHE A 34 -11.44 -17.55 6.53
CA PHE A 34 -11.58 -16.90 5.19
C PHE A 34 -12.89 -16.03 5.15
N ASP A 35 -12.76 -14.68 5.21
CA ASP A 35 -13.97 -13.83 5.15
C ASP A 35 -13.86 -12.80 4.02
N ARG A 36 -14.41 -13.20 2.85
CA ARG A 36 -14.41 -12.39 1.57
C ARG A 36 -15.54 -11.32 1.49
N GLN A 37 -16.44 -11.26 2.52
CA GLN A 37 -17.58 -10.29 2.58
C GLN A 37 -17.11 -8.86 3.05
N LEU A 38 -15.90 -8.79 3.71
CA LEU A 38 -15.27 -7.51 4.20
C LEU A 38 -14.45 -6.78 3.07
N PHE A 39 -14.34 -7.41 1.86
CA PHE A 39 -13.61 -6.88 0.68
C PHE A 39 -14.54 -6.74 -0.55
N ALA A 40 -14.13 -5.86 -1.52
CA ALA A 40 -14.90 -5.63 -2.74
C ALA A 40 -13.98 -5.99 -3.91
N CYS A 41 -14.34 -7.13 -4.53
CA CYS A 41 -13.65 -7.73 -5.70
C CYS A 41 -14.66 -8.61 -6.47
N ARG A 42 -14.28 -8.98 -7.72
CA ARG A 42 -15.12 -9.80 -8.63
C ARG A 42 -14.54 -11.23 -8.83
N GLY A 43 -13.19 -11.42 -8.71
CA GLY A 43 -12.55 -12.77 -8.89
C GLY A 43 -11.64 -12.67 -10.09
N ALA A 44 -10.45 -12.00 -9.87
CA ALA A 44 -9.52 -11.66 -10.94
C ALA A 44 -8.12 -12.19 -10.66
N ARG A 45 -7.53 -11.66 -9.50
CA ARG A 45 -6.15 -11.87 -9.04
C ARG A 45 -5.79 -11.04 -7.73
N LEU A 46 -4.49 -11.21 -7.20
CA LEU A 46 -3.85 -10.37 -6.10
C LEU A 46 -3.61 -8.93 -6.66
N GLY A 47 -3.51 -8.86 -8.04
CA GLY A 47 -3.34 -7.61 -8.83
C GLY A 47 -4.45 -6.58 -8.63
N ASP A 48 -5.74 -7.07 -8.47
CA ASP A 48 -6.92 -6.17 -8.24
C ASP A 48 -7.02 -5.72 -6.76
N TYR A 49 -6.34 -6.52 -5.86
CA TYR A 49 -6.30 -6.24 -4.38
C TYR A 49 -5.21 -5.17 -4.09
N LEU A 50 -4.12 -5.18 -4.91
CA LEU A 50 -3.00 -4.21 -4.86
C LEU A 50 -3.36 -2.85 -5.51
N THR A 51 -4.16 -2.93 -6.62
CA THR A 51 -4.66 -1.75 -7.39
C THR A 51 -5.71 -0.93 -6.59
N GLU A 52 -6.62 -1.63 -5.81
CA GLU A 52 -7.66 -0.98 -4.98
C GLU A 52 -7.05 -0.38 -3.69
N ALA A 53 -5.94 -1.05 -3.23
CA ALA A 53 -5.15 -0.63 -2.04
C ALA A 53 -4.30 0.65 -2.34
N GLU A 54 -3.70 0.72 -3.57
CA GLU A 54 -2.93 1.91 -4.07
C GLU A 54 -3.86 3.14 -4.35
N GLU A 55 -5.11 2.82 -4.86
CA GLU A 55 -6.21 3.79 -5.16
C GLU A 55 -6.89 4.35 -3.86
N SER A 56 -6.82 3.56 -2.72
CA SER A 56 -7.37 3.98 -1.38
C SER A 56 -6.38 4.97 -0.70
N LEU A 57 -5.05 4.79 -1.02
CA LEU A 57 -3.92 5.65 -0.58
C LEU A 57 -3.97 7.05 -1.30
N THR A 58 -4.29 7.02 -2.64
CA THR A 58 -4.42 8.24 -3.52
C THR A 58 -5.72 9.08 -3.21
N HIS A 59 -6.84 8.42 -2.74
CA HIS A 59 -8.16 9.09 -2.39
C HIS A 59 -8.14 9.82 -1.00
N LEU A 60 -7.47 9.17 0.03
CA LEU A 60 -7.29 9.72 1.41
C LEU A 60 -6.36 10.97 1.36
N GLU A 61 -5.38 10.92 0.39
CA GLU A 61 -4.41 12.00 0.06
C GLU A 61 -5.11 13.29 -0.49
N ALA A 62 -6.26 13.06 -1.24
CA ALA A 62 -7.10 14.14 -1.84
C ALA A 62 -7.76 15.06 -0.75
N ALA A 63 -8.25 14.43 0.39
CA ALA A 63 -8.79 15.18 1.58
C ALA A 63 -7.67 15.94 2.36
N VAL A 64 -6.42 15.36 2.30
CA VAL A 64 -5.16 15.91 2.86
C VAL A 64 -4.80 17.27 2.16
N ASN A 65 -5.08 17.33 0.79
CA ASN A 65 -4.88 18.54 -0.08
C ASN A 65 -5.63 19.80 0.48
N GLN A 66 -6.84 19.54 1.13
CA GLN A 66 -7.70 20.56 1.81
C GLN A 66 -7.04 21.12 3.12
N GLY A 67 -6.33 20.24 3.90
CA GLY A 67 -5.59 20.70 5.07
C GLY A 67 -6.13 20.29 6.44
N ASP A 68 -6.74 19.06 6.54
CA ASP A 68 -7.27 18.53 7.81
C ASP A 68 -6.16 17.74 8.50
N ALA A 69 -5.73 18.32 9.66
CA ALA A 69 -4.61 17.80 10.51
C ALA A 69 -4.97 16.48 11.27
N THR A 70 -6.30 16.28 11.55
CA THR A 70 -6.85 15.07 12.20
C THR A 70 -6.82 13.84 11.21
N ARG A 71 -7.12 14.08 9.87
CA ARG A 71 -7.14 13.03 8.80
C ARG A 71 -5.70 12.59 8.37
N VAL A 72 -4.70 13.51 8.59
CA VAL A 72 -3.24 13.31 8.29
C VAL A 72 -2.61 12.39 9.36
N ALA A 73 -2.92 12.71 10.67
CA ALA A 73 -2.47 12.02 11.89
C ALA A 73 -3.03 10.58 12.02
N TRP A 74 -4.32 10.41 11.60
CA TRP A 74 -5.04 9.12 11.48
C TRP A 74 -4.35 8.24 10.41
N LEU A 75 -4.09 8.85 9.24
CA LEU A 75 -3.32 8.26 8.09
C LEU A 75 -1.84 7.89 8.50
N ALA A 76 -1.15 8.81 9.24
CA ALA A 76 0.28 8.65 9.70
C ALA A 76 0.50 7.48 10.70
N GLU A 77 -0.44 7.35 11.68
CA GLU A 77 -0.47 6.26 12.74
C GLU A 77 -0.82 4.86 12.14
N ARG A 78 -1.79 4.84 11.15
CA ARG A 78 -2.17 3.61 10.38
C ARG A 78 -1.04 3.21 9.37
N LEU A 79 -0.30 4.23 8.79
CA LEU A 79 0.81 4.00 7.83
C LEU A 79 2.02 3.28 8.49
N ALA A 80 2.47 3.74 9.72
CA ALA A 80 3.62 3.16 10.49
C ALA A 80 3.30 1.74 11.05
N ALA A 81 2.02 1.52 11.49
CA ALA A 81 1.48 0.22 12.00
C ALA A 81 1.44 -0.84 10.87
N GLN A 82 1.14 -0.38 9.61
CA GLN A 82 1.16 -1.23 8.40
C GLN A 82 2.60 -1.56 7.93
N ILE A 83 3.61 -0.66 8.22
CA ILE A 83 5.05 -0.91 7.85
C ILE A 83 5.60 -2.16 8.62
N GLU A 84 5.28 -2.22 9.93
CA GLU A 84 5.68 -3.32 10.89
C GLU A 84 5.01 -4.66 10.54
N ALA A 85 3.66 -4.61 10.25
CA ALA A 85 2.84 -5.80 9.97
C ALA A 85 3.08 -6.44 8.57
N LEU A 86 3.16 -5.58 7.50
CA LEU A 86 3.30 -6.03 6.08
C LEU A 86 4.72 -6.28 5.59
N GLN A 87 5.69 -5.37 5.95
CA GLN A 87 7.13 -5.52 5.57
C GLN A 87 7.81 -6.73 6.29
N ARG A 88 7.45 -6.96 7.60
CA ARG A 88 8.00 -8.10 8.41
C ARG A 88 7.33 -9.51 8.14
N GLU A 89 5.95 -9.59 7.94
CA GLU A 89 5.23 -10.89 7.67
C GLU A 89 5.55 -11.39 6.23
N ALA A 90 5.74 -10.41 5.27
CA ALA A 90 6.14 -10.70 3.86
C ALA A 90 7.65 -11.10 3.82
N ALA A 91 8.50 -10.52 4.79
CA ALA A 91 9.97 -10.80 4.91
C ALA A 91 10.31 -12.26 5.35
N THR A 92 9.48 -12.89 6.25
CA THR A 92 9.67 -14.31 6.68
C THR A 92 9.02 -15.29 5.64
N ALA A 93 8.05 -14.71 4.83
CA ALA A 93 7.26 -15.43 3.78
C ALA A 93 8.12 -15.71 2.49
N THR A 94 9.15 -14.80 2.22
CA THR A 94 10.12 -14.89 1.07
C THR A 94 11.26 -15.93 1.34
N LEU A 95 11.32 -16.45 2.59
CA LEU A 95 12.34 -17.46 3.04
C LEU A 95 11.95 -18.95 2.85
N ARG A 96 10.69 -19.19 2.49
CA ARG A 96 10.18 -20.53 2.09
C ARG A 96 10.20 -20.59 0.53
N ARG A 97 10.34 -19.31 -0.05
CA ARG A 97 10.37 -18.96 -1.51
C ARG A 97 11.71 -18.35 -1.94
N HIS A 98 12.80 -18.96 -1.42
CA HIS A 98 14.21 -18.57 -1.69
C HIS A 98 14.86 -19.84 -2.29
N GLU A 99 13.92 -20.75 -2.64
CA GLU A 99 14.14 -22.08 -3.27
C GLU A 99 13.68 -22.11 -4.77
N ASN A 100 13.14 -23.29 -5.28
CA ASN A 100 12.63 -23.42 -6.70
C ASN A 100 11.08 -23.20 -6.73
N ALA A 101 10.59 -22.79 -5.53
CA ALA A 101 9.21 -22.35 -5.18
C ALA A 101 8.97 -20.88 -5.67
N HIS A 102 10.15 -20.22 -5.98
CA HIS A 102 10.32 -18.78 -6.34
C HIS A 102 9.60 -18.34 -7.70
N LEU A 103 9.47 -19.27 -8.71
CA LEU A 103 8.78 -18.97 -10.03
C LEU A 103 7.21 -18.69 -9.85
N PRO A 104 6.31 -19.59 -9.16
CA PRO A 104 4.87 -19.22 -8.89
C PRO A 104 4.61 -18.32 -7.60
N GLY A 105 5.72 -17.91 -6.94
CA GLY A 105 5.65 -17.00 -5.82
C GLY A 105 7.00 -16.29 -5.66
N GLY A 106 7.12 -15.12 -6.30
CA GLY A 106 8.35 -14.33 -6.36
C GLY A 106 8.08 -12.97 -6.97
N ARG A 107 7.23 -12.97 -8.06
CA ARG A 107 6.75 -11.73 -8.77
C ARG A 107 5.68 -10.99 -7.89
N LEU A 108 4.94 -11.80 -7.05
CA LEU A 108 3.90 -11.33 -6.09
C LEU A 108 4.54 -10.58 -4.88
N HIS A 109 5.75 -11.06 -4.42
CA HIS A 109 6.52 -10.46 -3.28
C HIS A 109 7.11 -9.07 -3.65
N ALA A 110 7.46 -8.95 -4.99
CA ALA A 110 7.94 -7.71 -5.66
C ALA A 110 6.79 -6.65 -5.72
N ARG A 111 5.53 -7.13 -5.94
CA ARG A 111 4.31 -6.28 -5.94
C ARG A 111 3.92 -5.88 -4.50
N LEU A 112 3.82 -6.87 -3.56
CA LEU A 112 3.45 -6.62 -2.14
C LEU A 112 4.48 -5.67 -1.35
N ALA A 113 5.79 -6.11 -1.24
CA ALA A 113 6.85 -5.39 -0.46
C ALA A 113 7.59 -4.22 -1.18
N GLU A 114 8.00 -4.38 -2.50
CA GLU A 114 8.75 -3.32 -3.27
C GLU A 114 7.87 -2.09 -3.67
N TYR A 115 6.52 -2.32 -3.97
CA TYR A 115 5.56 -1.22 -4.33
C TYR A 115 5.25 -0.30 -3.11
N GLN A 116 5.13 -0.91 -1.86
CA GLN A 116 4.88 -0.13 -0.60
C GLN A 116 6.09 0.80 -0.18
N GLU A 117 7.37 0.32 -0.36
CA GLU A 117 8.63 1.10 0.00
C GLU A 117 8.89 2.39 -0.88
N TYR A 118 8.67 2.28 -2.24
CA TYR A 118 8.84 3.41 -3.23
C TYR A 118 7.74 4.51 -3.05
N GLU A 119 6.48 4.07 -2.74
CA GLU A 119 5.30 4.95 -2.48
C GLU A 119 5.42 5.71 -1.12
N ARG A 120 6.16 5.09 -0.12
CA ARG A 120 6.40 5.63 1.27
C ARG A 120 7.27 6.94 1.29
N ARG A 121 8.43 6.98 0.55
CA ARG A 121 9.31 8.21 0.48
C ARG A 121 8.71 9.35 -0.38
N LEU A 122 8.05 9.00 -1.53
CA LEU A 122 7.33 10.00 -2.37
C LEU A 122 6.17 10.66 -1.56
N LEU A 123 5.57 9.83 -0.62
CA LEU A 123 4.50 10.26 0.34
C LEU A 123 5.06 11.22 1.45
N ALA A 124 6.37 10.97 1.86
CA ALA A 124 7.10 11.70 2.93
C ALA A 124 7.39 13.17 2.56
N MET A 125 7.78 13.38 1.24
CA MET A 125 8.05 14.72 0.64
C MET A 125 6.75 15.58 0.60
N LYS A 126 5.60 14.90 0.26
CA LYS A 126 4.24 15.48 0.23
C LYS A 126 3.76 15.86 1.68
N ASN A 127 4.07 14.97 2.71
CA ASN A 127 3.60 15.16 4.15
C ASN A 127 4.18 16.42 4.89
N GLU A 128 5.51 16.70 4.76
CA GLU A 128 6.20 17.88 5.40
C GLU A 128 5.79 19.25 4.77
N ARG A 129 5.68 19.28 3.39
CA ARG A 129 5.28 20.49 2.59
C ARG A 129 3.78 20.89 2.79
N GLU A 130 2.88 19.84 2.97
CA GLU A 130 1.40 20.00 3.16
C GLU A 130 1.00 20.60 4.52
N GLN A 131 1.68 20.22 5.65
CA GLN A 131 1.34 20.75 7.01
C GLN A 131 1.74 22.26 7.20
N ARG A 132 2.97 22.57 6.63
CA ARG A 132 3.66 23.91 6.77
C ARG A 132 3.02 25.05 5.95
N TYR A 133 2.62 24.76 4.68
CA TYR A 133 1.98 25.78 3.80
C TYR A 133 0.41 25.78 3.94
N ALA A 134 -0.17 24.76 4.69
CA ALA A 134 -1.64 24.64 5.05
C ALA A 134 -2.10 25.79 5.98
N GLU A 135 -1.19 26.16 6.96
CA GLU A 135 -1.38 27.26 7.95
C GLU A 135 -1.05 28.68 7.36
N ARG A 136 -0.38 28.70 6.14
CA ARG A 136 0.00 29.93 5.40
C ARG A 136 -1.10 30.25 4.33
N HIS A 137 -1.87 29.15 3.89
CA HIS A 137 -2.99 29.16 2.85
C HIS A 137 -2.46 29.52 1.42
N ASP A 138 -1.18 29.13 1.16
CA ASP A 138 -0.48 29.42 -0.14
C ASP A 138 -0.88 28.46 -1.30
N PRO A 139 -1.35 29.03 -2.52
CA PRO A 139 -1.66 28.23 -3.79
C PRO A 139 -0.44 27.41 -4.34
N GLN A 140 0.80 27.66 -3.75
CA GLN A 140 2.06 26.90 -4.08
C GLN A 140 1.90 25.37 -3.74
N LEU A 141 1.02 25.03 -2.72
CA LEU A 141 0.61 23.63 -2.30
C LEU A 141 0.02 22.81 -3.45
N ALA A 142 -0.87 23.49 -4.22
CA ALA A 142 -1.67 22.92 -5.29
C ALA A 142 -0.79 22.60 -6.51
N ARG A 143 0.24 23.47 -6.77
CA ARG A 143 1.27 23.24 -7.83
C ARG A 143 2.27 22.09 -7.43
N GLU A 144 2.65 21.99 -6.10
CA GLU A 144 3.64 21.00 -5.55
C GLU A 144 3.11 19.53 -5.34
N ILE A 145 1.91 19.33 -4.62
CA ILE A 145 1.30 17.97 -4.38
C ILE A 145 0.76 17.33 -5.68
N THR A 146 0.16 18.15 -6.61
CA THR A 146 -0.35 17.66 -7.94
C THR A 146 0.85 17.12 -8.82
N ALA A 147 2.03 17.85 -8.78
CA ALA A 147 3.29 17.48 -9.52
C ALA A 147 3.96 16.16 -8.96
N LEU A 148 3.98 16.03 -7.59
CA LEU A 148 4.52 14.85 -6.86
C LEU A 148 3.56 13.60 -6.97
N ASP A 149 2.19 13.88 -7.06
CA ASP A 149 1.11 12.86 -7.22
C ASP A 149 1.14 12.16 -8.62
N GLU A 150 1.65 12.95 -9.64
CA GLU A 150 1.80 12.52 -11.04
C GLU A 150 3.04 11.57 -11.15
N ARG A 151 4.10 11.89 -10.32
CA ARG A 151 5.38 11.13 -10.21
C ARG A 151 5.21 9.77 -9.50
N LEU A 152 4.29 9.71 -8.47
CA LEU A 152 3.92 8.45 -7.74
C LEU A 152 3.20 7.46 -8.72
N THR A 153 2.34 8.01 -9.64
CA THR A 153 1.64 7.23 -10.71
C THR A 153 2.57 6.86 -11.91
N ARG A 154 3.48 7.83 -12.32
CA ARG A 154 4.46 7.63 -13.47
C ARG A 154 5.64 6.67 -13.13
N CYS A 155 6.11 6.66 -11.82
CA CYS A 155 7.19 5.75 -11.33
C CYS A 155 6.69 4.29 -11.25
N ARG A 156 5.38 4.10 -10.79
CA ARG A 156 4.67 2.78 -10.70
C ARG A 156 4.54 2.04 -12.10
N THR A 157 4.27 2.82 -13.21
CA THR A 157 4.15 2.29 -14.62
C THR A 157 5.55 1.84 -15.18
N ALA A 158 6.62 2.65 -14.89
CA ALA A 158 8.03 2.44 -15.31
C ALA A 158 8.70 1.22 -14.61
N ILE A 159 8.35 1.04 -13.30
CA ILE A 159 8.80 -0.09 -12.42
C ILE A 159 8.13 -1.44 -12.86
N ALA A 160 6.80 -1.41 -13.23
CA ALA A 160 6.04 -2.61 -13.71
C ALA A 160 6.60 -3.26 -15.03
N ARG A 161 6.96 -2.42 -16.06
CA ARG A 161 7.51 -2.87 -17.39
C ARG A 161 8.98 -3.43 -17.34
N THR A 162 9.90 -2.75 -16.56
CA THR A 162 11.35 -3.15 -16.44
C THR A 162 11.57 -4.46 -15.61
N GLU A 163 10.80 -4.63 -14.49
CA GLU A 163 10.88 -5.83 -13.60
C GLU A 163 10.30 -7.12 -14.24
N ARG A 164 9.20 -6.99 -15.07
CA ARG A 164 8.53 -8.15 -15.77
C ARG A 164 9.38 -8.77 -16.91
N ALA A 165 10.13 -7.88 -17.63
CA ALA A 165 11.01 -8.26 -18.76
C ALA A 165 12.26 -9.04 -18.25
N LEU A 166 12.78 -8.61 -17.03
CA LEU A 166 13.95 -9.20 -16.32
C LEU A 166 13.64 -10.58 -15.69
N GLU A 167 12.36 -10.74 -15.20
CA GLU A 167 11.83 -11.99 -14.59
C GLU A 167 11.52 -13.11 -15.63
N ARG A 168 11.37 -12.72 -16.94
CA ARG A 168 11.08 -13.65 -18.06
C ARG A 168 12.36 -14.33 -18.67
N ILE A 169 13.59 -13.83 -18.34
CA ILE A 169 14.84 -14.42 -18.87
C ILE A 169 15.61 -14.96 -17.65
N THR A 170 14.82 -15.11 -16.52
CA THR A 170 15.27 -15.59 -15.16
C THR A 170 16.05 -16.90 -15.22
N ARG A 171 15.65 -17.72 -16.25
CA ARG A 171 16.28 -19.06 -16.53
C ARG A 171 17.16 -19.02 -17.82
N MET A 1 -16.93 7.45 12.72
CA MET A 1 -15.73 7.58 13.60
C MET A 1 -16.17 7.84 15.07
N ARG A 2 -15.77 6.90 15.98
CA ARG A 2 -16.08 6.98 17.44
C ARG A 2 -14.81 7.15 18.32
N THR A 3 -13.79 6.23 18.16
CA THR A 3 -12.52 6.27 18.94
C THR A 3 -11.27 6.00 18.01
N PRO A 4 -10.18 6.93 18.03
CA PRO A 4 -8.93 6.73 17.20
C PRO A 4 -7.94 5.56 17.63
N LEU A 5 -8.06 5.02 18.89
CA LEU A 5 -7.19 3.91 19.40
C LEU A 5 -7.75 2.51 19.01
N LEU A 6 -9.12 2.39 18.99
CA LEU A 6 -9.87 1.15 18.63
C LEU A 6 -9.92 0.91 17.10
N LEU A 7 -10.02 2.03 16.30
CA LEU A 7 -10.05 2.00 14.82
C LEU A 7 -8.63 1.63 14.27
N GLN A 8 -7.58 2.05 15.05
CA GLN A 8 -6.13 1.75 14.74
C GLN A 8 -5.83 0.23 14.87
N SER A 9 -6.47 -0.45 15.90
CA SER A 9 -6.35 -1.93 16.14
C SER A 9 -7.10 -2.73 15.03
N LEU A 10 -8.33 -2.23 14.63
CA LEU A 10 -9.14 -2.77 13.49
C LEU A 10 -8.34 -2.74 12.14
N LYS A 11 -7.64 -1.56 11.86
CA LYS A 11 -6.79 -1.32 10.64
C LYS A 11 -5.53 -2.22 10.54
N THR A 12 -4.87 -2.48 11.71
CA THR A 12 -3.66 -3.36 11.82
C THR A 12 -4.06 -4.84 11.55
N ARG A 13 -5.28 -5.28 12.02
CA ARG A 13 -5.86 -6.64 11.78
C ARG A 13 -6.10 -6.91 10.25
N VAL A 14 -6.42 -5.81 9.48
CA VAL A 14 -6.64 -5.83 7.98
C VAL A 14 -5.26 -5.97 7.24
N ALA A 15 -4.21 -5.20 7.67
CA ALA A 15 -2.80 -5.32 7.13
C ALA A 15 -2.16 -6.68 7.56
N ALA A 16 -2.60 -7.18 8.72
CA ALA A 16 -2.26 -8.54 9.28
C ALA A 16 -2.88 -9.65 8.36
N LEU A 17 -4.14 -9.38 7.88
CA LEU A 17 -4.89 -10.25 6.95
C LEU A 17 -4.26 -10.23 5.53
N HIS A 18 -3.74 -9.03 5.07
CA HIS A 18 -3.07 -8.82 3.71
C HIS A 18 -1.84 -9.69 3.51
N THR A 19 -1.08 -9.88 4.58
CA THR A 19 0.09 -10.75 4.54
C THR A 19 -0.21 -12.28 4.75
N LEU A 20 -1.45 -12.58 5.27
CA LEU A 20 -1.89 -13.96 5.61
C LEU A 20 -2.82 -14.56 4.50
N ILE A 21 -3.56 -13.61 3.82
CA ILE A 21 -4.51 -13.84 2.70
C ILE A 21 -3.95 -13.36 1.34
N GLY A 22 -2.62 -13.13 1.33
CA GLY A 22 -1.90 -12.56 0.17
C GLY A 22 -1.88 -13.50 -1.06
N PRO A 23 -1.08 -14.67 -1.09
CA PRO A 23 -1.10 -15.64 -2.26
C PRO A 23 -2.45 -16.44 -2.51
N LEU A 24 -3.48 -16.20 -1.59
CA LEU A 24 -4.83 -16.84 -1.64
C LEU A 24 -5.87 -16.02 -2.49
N ALA A 25 -5.49 -14.72 -2.81
CA ALA A 25 -6.27 -13.74 -3.64
C ALA A 25 -6.52 -14.16 -5.13
N SER A 26 -5.47 -14.76 -5.79
CA SER A 26 -5.54 -15.21 -7.22
C SER A 26 -5.91 -16.72 -7.29
N GLN A 27 -5.47 -17.47 -6.23
CA GLN A 27 -5.69 -18.93 -6.05
C GLN A 27 -6.52 -19.22 -4.77
N ARG A 28 -7.82 -19.59 -4.97
CA ARG A 28 -8.77 -19.88 -3.84
C ARG A 28 -8.79 -21.40 -3.48
N HIS A 29 -8.38 -21.69 -2.21
CA HIS A 29 -8.34 -23.06 -1.65
C HIS A 29 -9.14 -23.15 -0.32
N PHE A 30 -8.50 -22.75 0.84
CA PHE A 30 -9.16 -22.77 2.18
C PHE A 30 -8.66 -21.56 3.06
N SER A 31 -9.56 -20.53 3.34
CA SER A 31 -9.22 -19.37 4.20
C SER A 31 -10.11 -19.38 5.51
N PRO A 32 -9.52 -19.72 6.77
CA PRO A 32 -10.29 -19.76 8.09
C PRO A 32 -10.91 -18.39 8.62
N ARG A 33 -10.15 -17.27 8.37
CA ARG A 33 -10.47 -15.88 8.83
C ARG A 33 -10.94 -14.91 7.68
N PHE A 34 -11.56 -15.48 6.62
CA PHE A 34 -12.03 -14.73 5.41
C PHE A 34 -12.91 -13.46 5.71
N ASP A 35 -12.28 -12.29 5.40
CA ASP A 35 -12.80 -10.93 5.55
C ASP A 35 -13.14 -10.28 4.18
N ARG A 36 -14.03 -11.01 3.46
CA ARG A 36 -14.59 -10.65 2.13
C ARG A 36 -15.81 -9.69 2.23
N GLN A 37 -16.36 -9.53 3.48
CA GLN A 37 -17.53 -8.65 3.79
C GLN A 37 -17.10 -7.16 3.91
N LEU A 38 -15.78 -6.92 4.25
CA LEU A 38 -15.21 -5.56 4.37
C LEU A 38 -14.43 -5.13 3.08
N PHE A 39 -14.27 -6.09 2.10
CA PHE A 39 -13.55 -5.83 0.81
C PHE A 39 -14.45 -5.98 -0.42
N ALA A 40 -14.05 -5.27 -1.54
CA ALA A 40 -14.79 -5.30 -2.78
C ALA A 40 -13.80 -5.75 -3.85
N CYS A 41 -14.07 -6.98 -4.33
CA CYS A 41 -13.31 -7.67 -5.40
C CYS A 41 -14.22 -8.77 -5.97
N ARG A 42 -14.07 -8.99 -7.30
CA ARG A 42 -14.89 -9.97 -8.07
C ARG A 42 -14.20 -11.36 -8.22
N GLY A 43 -12.84 -11.45 -8.08
CA GLY A 43 -12.13 -12.78 -8.24
C GLY A 43 -11.42 -12.77 -9.57
N ALA A 44 -10.23 -12.08 -9.64
CA ALA A 44 -9.51 -11.89 -10.89
C ALA A 44 -8.05 -12.34 -10.73
N ARG A 45 -7.40 -11.72 -9.66
CA ARG A 45 -5.97 -11.82 -9.31
C ARG A 45 -5.59 -10.99 -8.02
N LEU A 46 -4.26 -11.11 -7.55
CA LEU A 46 -3.62 -10.25 -6.47
C LEU A 46 -3.46 -8.80 -7.03
N GLY A 47 -3.45 -8.74 -8.41
CA GLY A 47 -3.38 -7.50 -9.24
C GLY A 47 -4.53 -6.51 -9.00
N ASP A 48 -5.79 -7.05 -8.74
CA ASP A 48 -7.00 -6.19 -8.48
C ASP A 48 -7.02 -5.66 -7.04
N TYR A 49 -6.27 -6.39 -6.14
CA TYR A 49 -6.14 -6.03 -4.70
C TYR A 49 -5.08 -4.92 -4.53
N LEU A 50 -4.03 -4.94 -5.40
CA LEU A 50 -2.93 -3.93 -5.44
C LEU A 50 -3.36 -2.61 -6.12
N THR A 51 -4.23 -2.75 -7.18
CA THR A 51 -4.81 -1.61 -7.96
C THR A 51 -5.88 -0.83 -7.15
N GLU A 52 -6.69 -1.54 -6.28
CA GLU A 52 -7.73 -0.90 -5.45
C GLU A 52 -7.10 -0.25 -4.19
N ALA A 53 -5.94 -0.87 -3.76
CA ALA A 53 -5.11 -0.39 -2.62
C ALA A 53 -4.33 0.91 -3.00
N GLU A 54 -3.82 0.98 -4.27
CA GLU A 54 -3.12 2.17 -4.84
C GLU A 54 -4.15 3.34 -5.07
N GLU A 55 -5.41 2.98 -5.49
CA GLU A 55 -6.57 3.90 -5.71
C GLU A 55 -7.16 4.45 -4.37
N SER A 56 -6.99 3.68 -3.24
CA SER A 56 -7.47 4.06 -1.87
C SER A 56 -6.49 5.10 -1.25
N LEU A 57 -5.17 5.00 -1.63
CA LEU A 57 -4.09 5.94 -1.20
C LEU A 57 -4.24 7.31 -1.92
N THR A 58 -4.57 7.26 -3.26
CA THR A 58 -4.77 8.44 -4.18
C THR A 58 -6.09 9.25 -3.87
N HIS A 59 -7.17 8.58 -3.32
CA HIS A 59 -8.47 9.27 -2.95
C HIS A 59 -8.35 10.06 -1.61
N LEU A 60 -7.62 9.46 -0.59
CA LEU A 60 -7.33 10.08 0.75
C LEU A 60 -6.39 11.31 0.60
N GLU A 61 -5.44 11.23 -0.40
CA GLU A 61 -4.48 12.31 -0.80
C GLU A 61 -5.21 13.57 -1.36
N ALA A 62 -6.37 13.32 -2.09
CA ALA A 62 -7.22 14.39 -2.68
C ALA A 62 -7.87 15.31 -1.60
N ALA A 63 -8.30 14.70 -0.42
CA ALA A 63 -8.81 15.47 0.77
C ALA A 63 -7.67 16.26 1.49
N VAL A 64 -6.41 15.69 1.40
CA VAL A 64 -5.13 16.29 1.91
C VAL A 64 -4.84 17.64 1.17
N ASN A 65 -5.15 17.67 -0.18
CA ASN A 65 -5.00 18.86 -1.07
C ASN A 65 -5.74 20.13 -0.50
N GLN A 66 -6.93 19.86 0.19
CA GLN A 66 -7.78 20.88 0.87
C GLN A 66 -7.12 21.44 2.18
N GLY A 67 -6.42 20.56 2.98
CA GLY A 67 -5.69 21.00 4.16
C GLY A 67 -6.28 20.60 5.51
N ASP A 68 -6.92 19.37 5.61
CA ASP A 68 -7.50 18.88 6.86
C ASP A 68 -6.42 18.13 7.66
N ALA A 69 -6.13 18.75 8.83
CA ALA A 69 -5.08 18.30 9.80
C ALA A 69 -5.43 16.96 10.53
N THR A 70 -6.75 16.75 10.81
CA THR A 70 -7.29 15.51 11.45
C THR A 70 -7.24 14.28 10.48
N ARG A 71 -7.50 14.50 9.13
CA ARG A 71 -7.46 13.41 8.09
C ARG A 71 -6.00 13.01 7.71
N VAL A 72 -5.04 13.94 7.98
CA VAL A 72 -3.58 13.79 7.72
C VAL A 72 -2.93 12.91 8.82
N ALA A 73 -3.29 13.27 10.11
CA ALA A 73 -2.84 12.66 11.39
C ALA A 73 -3.38 11.21 11.56
N TRP A 74 -4.66 11.00 11.12
CA TRP A 74 -5.33 9.67 11.04
C TRP A 74 -4.55 8.77 10.04
N LEU A 75 -4.20 9.35 8.87
CA LEU A 75 -3.36 8.71 7.79
C LEU A 75 -1.89 8.46 8.29
N ALA A 76 -1.32 9.43 9.08
CA ALA A 76 0.09 9.38 9.65
C ALA A 76 0.29 8.21 10.67
N GLU A 77 -0.75 8.04 11.53
CA GLU A 77 -0.88 6.94 12.57
C GLU A 77 -1.16 5.55 11.90
N ARG A 78 -1.96 5.57 10.79
CA ARG A 78 -2.23 4.39 9.90
C ARG A 78 -0.92 4.02 9.10
N LEU A 79 -0.06 5.04 8.77
CA LEU A 79 1.22 4.87 8.04
C LEU A 79 2.28 4.13 8.92
N ALA A 80 2.41 4.55 10.24
CA ALA A 80 3.36 3.97 11.24
C ALA A 80 3.01 2.50 11.63
N ALA A 81 1.66 2.23 11.82
CA ALA A 81 1.07 0.89 12.15
C ALA A 81 1.21 -0.11 10.98
N GLN A 82 1.09 0.40 9.71
CA GLN A 82 1.26 -0.40 8.48
C GLN A 82 2.75 -0.73 8.19
N ILE A 83 3.70 0.15 8.66
CA ILE A 83 5.17 -0.12 8.50
C ILE A 83 5.56 -1.40 9.33
N GLU A 84 5.08 -1.47 10.61
CA GLU A 84 5.35 -2.59 11.57
C GLU A 84 4.72 -3.92 11.12
N ALA A 85 3.42 -3.87 10.69
CA ALA A 85 2.65 -5.07 10.29
C ALA A 85 3.07 -5.67 8.92
N LEU A 86 3.23 -4.80 7.88
CA LEU A 86 3.53 -5.24 6.47
C LEU A 86 5.00 -5.46 6.14
N GLN A 87 5.91 -4.54 6.59
CA GLN A 87 7.39 -4.65 6.35
C GLN A 87 8.01 -5.87 7.08
N ARG A 88 7.52 -6.15 8.35
CA ARG A 88 7.98 -7.28 9.20
C ARG A 88 7.36 -8.69 8.84
N GLU A 89 6.04 -8.76 8.42
CA GLU A 89 5.39 -10.06 8.03
C GLU A 89 5.84 -10.49 6.61
N ALA A 90 6.22 -9.47 5.74
CA ALA A 90 6.82 -9.70 4.40
C ALA A 90 8.33 -10.10 4.57
N ALA A 91 8.97 -9.62 5.73
CA ALA A 91 10.40 -9.90 6.11
C ALA A 91 10.61 -11.37 6.60
N THR A 92 9.54 -11.99 7.22
CA THR A 92 9.53 -13.40 7.69
C THR A 92 9.09 -14.34 6.51
N ALA A 93 8.38 -13.71 5.51
CA ALA A 93 7.85 -14.36 4.27
C ALA A 93 8.99 -14.59 3.21
N THR A 94 10.06 -13.71 3.26
CA THR A 94 11.28 -13.76 2.36
C THR A 94 12.30 -14.85 2.84
N LEU A 95 12.02 -15.36 4.08
CA LEU A 95 12.80 -16.43 4.79
C LEU A 95 12.19 -17.82 4.47
N ARG A 96 10.83 -17.86 4.38
CA ARG A 96 10.02 -19.08 4.08
C ARG A 96 10.15 -19.48 2.58
N ARG A 97 10.85 -18.60 1.77
CA ARG A 97 11.14 -18.77 0.29
C ARG A 97 12.17 -19.89 0.03
N HIS A 98 12.71 -20.32 1.17
CA HIS A 98 13.56 -21.49 1.32
C HIS A 98 12.68 -22.71 0.84
N GLU A 99 11.34 -22.82 1.29
CA GLU A 99 10.47 -24.01 0.81
C GLU A 99 8.91 -23.86 0.77
N ASN A 100 8.29 -23.03 1.64
CA ASN A 100 6.80 -22.87 1.78
C ASN A 100 6.25 -21.65 1.01
N ALA A 101 7.02 -20.53 0.98
CA ALA A 101 6.65 -19.26 0.30
C ALA A 101 6.93 -19.25 -1.23
N HIS A 102 7.87 -20.14 -1.71
CA HIS A 102 8.39 -20.24 -3.12
C HIS A 102 7.40 -21.01 -4.09
N LEU A 103 6.28 -21.53 -3.48
CA LEU A 103 5.34 -22.41 -4.24
C LEU A 103 4.40 -21.56 -5.22
N PRO A 104 3.53 -20.49 -4.77
CA PRO A 104 2.72 -19.63 -5.73
C PRO A 104 3.42 -18.33 -6.24
N GLY A 105 4.59 -17.98 -5.64
CA GLY A 105 5.29 -16.75 -5.98
C GLY A 105 6.49 -16.89 -6.90
N GLY A 106 7.54 -16.13 -6.53
CA GLY A 106 8.78 -16.00 -7.31
C GLY A 106 8.95 -14.55 -7.77
N ARG A 107 7.79 -13.98 -8.27
CA ARG A 107 7.64 -12.58 -8.74
C ARG A 107 6.56 -11.80 -7.91
N LEU A 108 5.71 -12.57 -7.12
CA LEU A 108 4.61 -12.01 -6.23
C LEU A 108 5.18 -11.26 -4.98
N HIS A 109 6.39 -11.70 -4.50
CA HIS A 109 7.10 -11.11 -3.33
C HIS A 109 7.64 -9.69 -3.66
N ALA A 110 8.08 -9.53 -4.96
CA ALA A 110 8.56 -8.26 -5.58
C ALA A 110 7.40 -7.23 -5.75
N ARG A 111 6.16 -7.73 -6.07
CA ARG A 111 4.93 -6.90 -6.17
C ARG A 111 4.44 -6.47 -4.76
N LEU A 112 4.33 -7.45 -3.80
CA LEU A 112 3.88 -7.19 -2.40
C LEU A 112 4.82 -6.19 -1.57
N ALA A 113 6.13 -6.57 -1.39
CA ALA A 113 7.14 -5.82 -0.56
C ALA A 113 7.77 -4.54 -1.20
N GLU A 114 8.19 -4.59 -2.52
CA GLU A 114 8.84 -3.42 -3.23
C GLU A 114 7.88 -2.24 -3.57
N TYR A 115 6.58 -2.56 -3.95
CA TYR A 115 5.55 -1.52 -4.30
C TYR A 115 5.09 -0.71 -3.05
N GLN A 116 4.89 -1.40 -1.87
CA GLN A 116 4.45 -0.74 -0.60
C GLN A 116 5.52 0.18 0.08
N GLU A 117 6.85 -0.23 0.06
CA GLU A 117 8.00 0.56 0.67
C GLU A 117 8.35 1.90 -0.07
N TYR A 118 8.39 1.85 -1.46
CA TYR A 118 8.69 3.03 -2.33
C TYR A 118 7.56 4.09 -2.35
N GLU A 119 6.26 3.62 -2.32
CA GLU A 119 5.03 4.47 -2.29
C GLU A 119 4.87 5.28 -0.96
N ARG A 120 5.26 4.64 0.21
CA ARG A 120 5.17 5.25 1.57
C ARG A 120 6.12 6.48 1.80
N ARG A 121 7.42 6.42 1.31
CA ARG A 121 8.40 7.57 1.44
C ARG A 121 8.08 8.79 0.52
N LEU A 122 7.67 8.55 -0.77
CA LEU A 122 7.23 9.65 -1.68
C LEU A 122 6.01 10.41 -1.08
N LEU A 123 5.15 9.61 -0.35
CA LEU A 123 3.96 10.09 0.36
C LEU A 123 4.29 10.92 1.65
N ALA A 124 5.46 10.55 2.31
CA ALA A 124 5.97 11.15 3.58
C ALA A 124 6.38 12.63 3.38
N MET A 125 7.02 12.89 2.18
CA MET A 125 7.48 14.24 1.70
C MET A 125 6.25 15.16 1.43
N LYS A 126 5.15 14.54 0.88
CA LYS A 126 3.82 15.21 0.60
C LYS A 126 3.10 15.59 1.94
N ASN A 127 3.21 14.69 2.99
CA ASN A 127 2.55 14.87 4.33
C ASN A 127 3.20 15.96 5.26
N GLU A 128 4.58 15.99 5.35
CA GLU A 128 5.37 16.96 6.22
C GLU A 128 5.28 18.44 5.70
N ARG A 129 5.38 18.62 4.33
CA ARG A 129 5.30 19.94 3.64
C ARG A 129 3.88 20.58 3.78
N GLU A 130 2.79 19.72 3.71
CA GLU A 130 1.38 20.14 3.84
C GLU A 130 1.01 20.67 5.26
N GLN A 131 1.58 20.09 6.36
CA GLN A 131 1.21 20.48 7.77
C GLN A 131 1.68 21.93 8.19
N ARG A 132 2.99 22.18 7.86
CA ARG A 132 3.72 23.44 8.26
C ARG A 132 3.29 24.70 7.46
N TYR A 133 3.05 24.52 6.13
CA TYR A 133 2.62 25.59 5.20
C TYR A 133 1.06 25.76 5.12
N ALA A 134 0.29 24.76 5.70
CA ALA A 134 -1.24 24.76 5.81
C ALA A 134 -1.75 25.92 6.69
N GLU A 135 -0.95 26.19 7.79
CA GLU A 135 -1.20 27.27 8.81
C GLU A 135 -0.80 28.71 8.32
N ARG A 136 0.00 28.77 7.20
CA ARG A 136 0.49 30.04 6.57
C ARG A 136 -0.44 30.44 5.37
N HIS A 137 -1.16 29.38 4.81
CA HIS A 137 -2.07 29.42 3.62
C HIS A 137 -1.24 29.61 2.33
N ASP A 138 -0.73 28.44 1.87
CA ASP A 138 0.15 28.37 0.69
C ASP A 138 -0.45 27.48 -0.46
N PRO A 139 -1.00 28.13 -1.60
CA PRO A 139 -1.45 27.41 -2.87
C PRO A 139 -0.26 26.67 -3.59
N GLN A 140 0.99 26.98 -3.10
CA GLN A 140 2.26 26.34 -3.55
C GLN A 140 2.25 24.78 -3.36
N LEU A 141 1.62 24.27 -2.24
CA LEU A 141 1.48 22.80 -1.88
C LEU A 141 0.60 22.04 -2.86
N ALA A 142 -0.40 22.77 -3.40
CA ALA A 142 -1.37 22.27 -4.34
C ALA A 142 -0.69 22.01 -5.71
N ARG A 143 0.27 22.93 -6.12
CA ARG A 143 1.13 22.75 -7.33
C ARG A 143 2.22 21.64 -7.11
N GLU A 144 2.83 21.57 -5.87
CA GLU A 144 3.93 20.60 -5.46
C GLU A 144 3.45 19.13 -5.16
N ILE A 145 2.32 18.95 -4.38
CA ILE A 145 1.72 17.61 -3.98
C ILE A 145 1.12 16.90 -5.21
N THR A 146 0.40 17.68 -6.08
CA THR A 146 -0.21 17.18 -7.36
C THR A 146 0.93 16.67 -8.34
N ALA A 147 2.08 17.44 -8.40
CA ALA A 147 3.30 17.08 -9.20
C ALA A 147 4.01 15.77 -8.69
N LEU A 148 4.09 15.62 -7.32
CA LEU A 148 4.66 14.43 -6.62
C LEU A 148 3.69 13.19 -6.69
N ASP A 149 2.34 13.48 -6.79
CA ASP A 149 1.22 12.48 -6.93
C ASP A 149 1.27 11.76 -8.31
N GLU A 150 1.76 12.54 -9.35
CA GLU A 150 1.95 12.07 -10.74
C GLU A 150 3.21 11.15 -10.81
N ARG A 151 4.26 11.48 -9.96
CA ARG A 151 5.53 10.72 -9.83
C ARG A 151 5.35 9.34 -9.13
N LEU A 152 4.42 9.27 -8.11
CA LEU A 152 4.02 8.02 -7.41
C LEU A 152 3.33 7.04 -8.42
N THR A 153 2.46 7.60 -9.32
CA THR A 153 1.75 6.83 -10.38
C THR A 153 2.69 6.46 -11.59
N ARG A 154 3.63 7.39 -11.97
CA ARG A 154 4.64 7.18 -13.09
C ARG A 154 5.79 6.19 -12.71
N CYS A 155 6.15 6.13 -11.38
CA CYS A 155 7.20 5.22 -10.84
C CYS A 155 6.65 3.77 -10.75
N ARG A 156 5.31 3.63 -10.42
CA ARG A 156 4.57 2.34 -10.28
C ARG A 156 4.43 1.60 -11.68
N THR A 157 4.17 2.40 -12.77
CA THR A 157 4.03 1.94 -14.20
C THR A 157 5.42 1.47 -14.78
N ALA A 158 6.50 2.25 -14.45
CA ALA A 158 7.92 2.02 -14.88
C ALA A 158 8.54 0.72 -14.29
N ILE A 159 8.19 0.46 -12.98
CA ILE A 159 8.56 -0.76 -12.22
C ILE A 159 7.77 -2.02 -12.77
N ALA A 160 6.44 -1.83 -13.11
CA ALA A 160 5.56 -2.89 -13.72
C ALA A 160 6.05 -3.39 -15.12
N ARG A 161 6.50 -2.44 -16.02
CA ARG A 161 7.02 -2.73 -17.41
C ARG A 161 8.39 -3.49 -17.41
N THR A 162 9.32 -3.10 -16.46
CA THR A 162 10.68 -3.72 -16.29
C THR A 162 10.60 -5.16 -15.68
N GLU A 163 9.54 -5.40 -14.83
CA GLU A 163 9.24 -6.72 -14.19
C GLU A 163 8.68 -7.76 -15.21
N ARG A 164 7.93 -7.27 -16.26
CA ARG A 164 7.34 -8.11 -17.38
C ARG A 164 8.44 -8.68 -18.32
N ALA A 165 9.50 -7.86 -18.55
CA ALA A 165 10.71 -8.22 -19.36
C ALA A 165 11.58 -9.27 -18.60
N LEU A 166 11.58 -9.17 -17.22
CA LEU A 166 12.30 -10.10 -16.28
C LEU A 166 11.59 -11.50 -16.18
N GLU A 167 10.22 -11.49 -16.37
CA GLU A 167 9.33 -12.70 -16.37
C GLU A 167 9.55 -13.63 -17.60
N ARG A 168 9.93 -13.00 -18.77
CA ARG A 168 10.16 -13.67 -20.09
C ARG A 168 11.55 -14.39 -20.28
N ILE A 169 12.55 -14.13 -19.38
CA ILE A 169 13.90 -14.78 -19.49
C ILE A 169 14.06 -15.88 -18.38
N THR A 170 12.99 -15.99 -17.53
CA THR A 170 12.90 -16.95 -16.42
C THR A 170 12.03 -18.22 -16.83
N ARG A 171 11.60 -18.24 -18.14
CA ARG A 171 10.74 -19.31 -18.81
C ARG A 171 9.22 -19.20 -18.48
N MET A 1 -0.38 12.87 18.62
CA MET A 1 -1.81 12.86 19.07
C MET A 1 -2.50 11.53 18.69
N ARG A 2 -3.18 10.90 19.71
CA ARG A 2 -3.93 9.61 19.56
C ARG A 2 -5.44 9.80 19.81
N THR A 3 -6.26 9.42 18.78
CA THR A 3 -7.75 9.49 18.84
C THR A 3 -8.42 8.11 18.46
N PRO A 4 -8.19 7.42 17.20
CA PRO A 4 -8.83 6.08 16.90
C PRO A 4 -8.15 4.87 17.65
N LEU A 5 -8.90 4.23 18.60
CA LEU A 5 -8.41 3.06 19.38
C LEU A 5 -8.92 1.72 18.78
N LEU A 6 -10.25 1.67 18.50
CA LEU A 6 -10.96 0.51 17.91
C LEU A 6 -10.73 0.38 16.38
N LEU A 7 -10.68 1.57 15.68
CA LEU A 7 -10.44 1.68 14.22
C LEU A 7 -9.01 1.28 13.84
N GLN A 8 -8.05 1.58 14.76
CA GLN A 8 -6.62 1.20 14.61
C GLN A 8 -6.42 -0.34 14.73
N SER A 9 -7.20 -0.99 15.66
CA SER A 9 -7.17 -2.47 15.86
C SER A 9 -7.84 -3.21 14.67
N LEU A 10 -9.01 -2.64 14.16
CA LEU A 10 -9.72 -3.13 12.94
C LEU A 10 -8.80 -3.10 11.67
N LYS A 11 -8.04 -1.95 11.48
CA LYS A 11 -7.08 -1.73 10.34
C LYS A 11 -5.84 -2.68 10.33
N THR A 12 -5.28 -2.97 11.55
CA THR A 12 -4.11 -3.88 11.73
C THR A 12 -4.53 -5.36 11.46
N ARG A 13 -5.78 -5.78 11.87
CA ARG A 13 -6.35 -7.15 11.59
C ARG A 13 -6.52 -7.41 10.05
N VAL A 14 -6.77 -6.31 9.27
CA VAL A 14 -6.91 -6.31 7.77
C VAL A 14 -5.49 -6.46 7.10
N ALA A 15 -4.45 -5.70 7.60
CA ALA A 15 -3.03 -5.81 7.15
C ALA A 15 -2.39 -7.18 7.61
N ALA A 16 -2.91 -7.68 8.73
CA ALA A 16 -2.60 -9.04 9.30
C ALA A 16 -3.15 -10.15 8.34
N LEU A 17 -4.39 -9.89 7.79
CA LEU A 17 -5.04 -10.77 6.80
C LEU A 17 -4.32 -10.72 5.43
N HIS A 18 -3.82 -9.49 5.00
CA HIS A 18 -3.10 -9.23 3.67
C HIS A 18 -1.83 -10.06 3.49
N THR A 19 -1.07 -10.23 4.58
CA THR A 19 0.14 -11.06 4.55
C THR A 19 -0.14 -12.58 4.71
N LEU A 20 -1.38 -12.95 5.14
CA LEU A 20 -1.82 -14.35 5.37
C LEU A 20 -2.66 -14.88 4.15
N ILE A 21 -3.28 -13.88 3.43
CA ILE A 21 -4.13 -14.03 2.21
C ILE A 21 -3.42 -13.51 0.92
N GLY A 22 -2.08 -13.32 1.06
CA GLY A 22 -1.22 -12.73 0.00
C GLY A 22 -0.92 -13.68 -1.18
N PRO A 23 -0.13 -14.86 -1.02
CA PRO A 23 0.09 -15.83 -2.15
C PRO A 23 -1.17 -16.74 -2.55
N LEU A 24 -2.27 -16.64 -1.71
CA LEU A 24 -3.57 -17.39 -1.87
C LEU A 24 -4.64 -16.59 -2.71
N ALA A 25 -4.29 -15.31 -3.03
CA ALA A 25 -5.10 -14.32 -3.81
C ALA A 25 -5.40 -14.67 -5.31
N SER A 26 -4.35 -15.13 -6.08
CA SER A 26 -4.47 -15.48 -7.54
C SER A 26 -4.70 -17.00 -7.79
N GLN A 27 -4.32 -17.81 -6.76
CA GLN A 27 -4.44 -19.31 -6.75
C GLN A 27 -5.63 -19.80 -5.88
N ARG A 28 -6.28 -20.96 -6.31
CA ARG A 28 -7.47 -21.66 -5.64
C ARG A 28 -8.83 -20.91 -5.81
N HIS A 29 -9.92 -21.70 -6.11
CA HIS A 29 -11.32 -21.18 -6.32
C HIS A 29 -12.25 -21.37 -5.07
N PHE A 30 -11.66 -21.85 -3.92
CA PHE A 30 -12.39 -22.08 -2.64
C PHE A 30 -11.99 -20.99 -1.56
N SER A 31 -12.96 -20.54 -0.67
CA SER A 31 -12.68 -19.49 0.35
C SER A 31 -12.77 -20.06 1.83
N PRO A 32 -11.58 -20.31 2.58
CA PRO A 32 -11.62 -20.76 4.02
C PRO A 32 -11.83 -19.60 5.09
N ARG A 33 -10.87 -18.59 5.09
CA ARG A 33 -10.89 -17.39 5.97
C ARG A 33 -10.93 -16.05 5.14
N PHE A 34 -11.26 -16.17 3.85
CA PHE A 34 -11.32 -15.00 2.92
C PHE A 34 -12.62 -14.21 3.18
N ASP A 35 -12.54 -12.95 3.73
CA ASP A 35 -13.78 -12.22 4.01
C ASP A 35 -14.12 -11.28 2.82
N ARG A 36 -14.91 -11.86 1.88
CA ARG A 36 -15.35 -11.22 0.61
C ARG A 36 -16.61 -10.32 0.76
N GLN A 37 -17.20 -10.28 1.99
CA GLN A 37 -18.42 -9.48 2.32
C GLN A 37 -18.04 -7.99 2.58
N LEU A 38 -16.76 -7.76 3.05
CA LEU A 38 -16.21 -6.41 3.34
C LEU A 38 -15.29 -5.90 2.18
N PHE A 39 -15.06 -6.78 1.13
CA PHE A 39 -14.17 -6.46 -0.02
C PHE A 39 -14.86 -6.51 -1.40
N ALA A 40 -14.24 -5.74 -2.36
CA ALA A 40 -14.68 -5.62 -3.75
C ALA A 40 -13.48 -6.03 -4.64
N CYS A 41 -13.64 -7.19 -5.31
CA CYS A 41 -12.60 -7.74 -6.25
C CYS A 41 -13.28 -8.28 -7.54
N ARG A 42 -12.47 -8.41 -8.64
CA ARG A 42 -12.98 -8.84 -9.98
C ARG A 42 -12.54 -10.27 -10.43
N GLY A 43 -12.69 -11.24 -9.49
CA GLY A 43 -12.55 -12.70 -9.76
C GLY A 43 -11.56 -13.51 -8.93
N ALA A 44 -10.21 -13.31 -9.08
CA ALA A 44 -9.16 -14.09 -8.33
C ALA A 44 -7.76 -13.51 -8.60
N ARG A 45 -7.54 -12.22 -8.27
CA ARG A 45 -6.23 -11.58 -8.52
C ARG A 45 -5.68 -10.74 -7.33
N LEU A 46 -4.32 -10.91 -7.05
CA LEU A 46 -3.54 -10.06 -6.05
C LEU A 46 -3.37 -8.61 -6.64
N GLY A 47 -3.37 -8.57 -8.02
CA GLY A 47 -3.29 -7.33 -8.83
C GLY A 47 -4.46 -6.37 -8.63
N ASP A 48 -5.73 -6.93 -8.41
CA ASP A 48 -6.95 -6.08 -8.22
C ASP A 48 -7.06 -5.55 -6.76
N TYR A 49 -6.40 -6.28 -5.79
CA TYR A 49 -6.38 -5.92 -4.33
C TYR A 49 -5.32 -4.81 -4.10
N LEU A 50 -4.23 -4.86 -4.92
CA LEU A 50 -3.12 -3.87 -4.91
C LEU A 50 -3.48 -2.55 -5.62
N THR A 51 -4.33 -2.68 -6.68
CA THR A 51 -4.89 -1.55 -7.48
C THR A 51 -5.94 -0.75 -6.67
N GLU A 52 -6.67 -1.44 -5.73
CA GLU A 52 -7.70 -0.81 -4.86
C GLU A 52 -6.99 -0.10 -3.67
N ALA A 53 -5.83 -0.72 -3.28
CA ALA A 53 -4.93 -0.22 -2.18
C ALA A 53 -4.15 1.06 -2.61
N GLU A 54 -3.66 1.10 -3.89
CA GLU A 54 -2.98 2.29 -4.51
C GLU A 54 -3.98 3.47 -4.72
N GLU A 55 -5.27 3.11 -5.09
CA GLU A 55 -6.41 4.05 -5.30
C GLU A 55 -6.99 4.63 -3.96
N SER A 56 -6.81 3.87 -2.81
CA SER A 56 -7.27 4.29 -1.45
C SER A 56 -6.29 5.33 -0.83
N LEU A 57 -4.96 5.21 -1.22
CA LEU A 57 -3.89 6.16 -0.82
C LEU A 57 -4.06 7.53 -1.54
N THR A 58 -4.37 7.47 -2.88
CA THR A 58 -4.56 8.65 -3.79
C THR A 58 -5.88 9.47 -3.51
N HIS A 59 -6.99 8.81 -3.04
CA HIS A 59 -8.31 9.49 -2.72
C HIS A 59 -8.29 10.28 -1.36
N LEU A 60 -7.68 9.66 -0.29
CA LEU A 60 -7.53 10.27 1.07
C LEU A 60 -6.54 11.47 1.04
N GLU A 61 -5.51 11.37 0.13
CA GLU A 61 -4.48 12.42 -0.14
C GLU A 61 -5.09 13.70 -0.80
N ALA A 62 -6.18 13.48 -1.62
CA ALA A 62 -6.96 14.57 -2.29
C ALA A 62 -7.68 15.50 -1.27
N ALA A 63 -8.23 14.90 -0.14
CA ALA A 63 -8.83 15.68 1.01
C ALA A 63 -7.75 16.44 1.84
N VAL A 64 -6.50 15.84 1.86
CA VAL A 64 -5.27 16.40 2.50
C VAL A 64 -4.88 17.76 1.83
N ASN A 65 -5.07 17.83 0.45
CA ASN A 65 -4.80 19.04 -0.40
C ASN A 65 -5.54 20.32 0.14
N GLN A 66 -6.79 20.09 0.74
CA GLN A 66 -7.65 21.13 1.38
C GLN A 66 -7.04 21.67 2.73
N GLY A 67 -6.39 20.77 3.54
CA GLY A 67 -5.71 21.19 4.77
C GLY A 67 -6.34 20.71 6.09
N ASP A 68 -6.91 19.46 6.10
CA ASP A 68 -7.48 18.85 7.31
C ASP A 68 -6.40 18.01 8.00
N ALA A 69 -5.97 18.54 9.17
CA ALA A 69 -4.88 17.95 10.03
C ALA A 69 -5.29 16.63 10.74
N THR A 70 -6.63 16.44 10.96
CA THR A 70 -7.23 15.22 11.59
C THR A 70 -7.17 14.00 10.61
N ARG A 71 -7.38 14.24 9.27
CA ARG A 71 -7.34 13.17 8.20
C ARG A 71 -5.87 12.74 7.86
N VAL A 72 -4.91 13.65 8.16
CA VAL A 72 -3.44 13.47 7.97
C VAL A 72 -2.87 12.56 9.10
N ALA A 73 -3.27 12.90 10.37
CA ALA A 73 -2.89 12.23 11.64
C ALA A 73 -3.47 10.79 11.75
N TRP A 74 -4.73 10.62 11.24
CA TRP A 74 -5.44 9.31 11.09
C TRP A 74 -4.67 8.41 10.09
N LEU A 75 -4.19 9.02 8.98
CA LEU A 75 -3.37 8.36 7.92
C LEU A 75 -1.93 8.05 8.48
N ALA A 76 -1.36 8.99 9.31
CA ALA A 76 0.00 8.86 9.96
C ALA A 76 0.09 7.65 10.95
N GLU A 77 -1.03 7.49 11.73
CA GLU A 77 -1.26 6.37 12.73
C GLU A 77 -1.50 5.01 12.00
N ARG A 78 -2.23 5.05 10.84
CA ARG A 78 -2.48 3.91 9.92
C ARG A 78 -1.15 3.51 9.17
N LEU A 79 -0.27 4.53 8.85
CA LEU A 79 1.02 4.34 8.15
C LEU A 79 2.07 3.59 9.04
N ALA A 80 2.19 4.02 10.36
CA ALA A 80 3.13 3.43 11.37
C ALA A 80 2.75 1.98 11.79
N ALA A 81 1.39 1.72 11.98
CA ALA A 81 0.79 0.38 12.33
C ALA A 81 0.95 -0.65 11.19
N GLN A 82 0.83 -0.18 9.90
CA GLN A 82 1.03 -1.01 8.70
C GLN A 82 2.51 -1.35 8.44
N ILE A 83 3.46 -0.47 8.89
CA ILE A 83 4.94 -0.72 8.77
C ILE A 83 5.33 -1.99 9.62
N GLU A 84 4.82 -2.03 10.90
CA GLU A 84 5.09 -3.13 11.88
C GLU A 84 4.46 -4.48 11.45
N ALA A 85 3.16 -4.45 11.02
CA ALA A 85 2.41 -5.67 10.63
C ALA A 85 2.84 -6.29 9.28
N LEU A 86 3.04 -5.41 8.24
CA LEU A 86 3.36 -5.86 6.86
C LEU A 86 4.84 -6.09 6.56
N GLN A 87 5.74 -5.13 6.97
CA GLN A 87 7.22 -5.23 6.72
C GLN A 87 7.89 -6.42 7.48
N ARG A 88 7.38 -6.71 8.74
CA ARG A 88 7.83 -7.85 9.61
C ARG A 88 7.30 -9.26 9.12
N GLU A 89 5.99 -9.39 8.67
CA GLU A 89 5.43 -10.69 8.17
C GLU A 89 5.98 -11.00 6.72
N ALA A 90 6.33 -9.87 5.99
CA ALA A 90 6.98 -9.86 4.66
C ALA A 90 8.52 -10.16 4.80
N ALA A 91 9.11 -9.88 6.06
CA ALA A 91 10.56 -10.09 6.36
C ALA A 91 10.98 -11.58 6.34
N THR A 92 10.09 -12.48 6.92
CA THR A 92 10.26 -13.98 6.92
C THR A 92 9.90 -14.58 5.53
N ALA A 93 8.96 -13.88 4.80
CA ALA A 93 8.55 -14.20 3.38
C ALA A 93 9.74 -14.19 2.35
N THR A 94 10.75 -13.24 2.57
CA THR A 94 12.00 -13.07 1.72
C THR A 94 13.08 -14.22 1.92
N LEU A 95 12.82 -15.06 2.95
CA LEU A 95 13.58 -16.32 3.28
C LEU A 95 13.21 -17.52 2.34
N ARG A 96 12.09 -17.36 1.57
CA ARG A 96 11.66 -18.33 0.51
C ARG A 96 12.24 -17.84 -0.87
N ARG A 97 12.88 -16.63 -0.80
CA ARG A 97 13.51 -15.88 -1.94
C ARG A 97 15.02 -15.78 -1.83
N HIS A 98 15.62 -16.75 -1.12
CA HIS A 98 17.06 -16.76 -0.88
C HIS A 98 17.55 -18.12 -1.50
N GLU A 99 16.51 -18.96 -1.93
CA GLU A 99 16.72 -20.34 -2.51
C GLU A 99 16.16 -20.54 -3.97
N ASN A 100 15.74 -21.84 -4.33
CA ASN A 100 15.17 -22.22 -5.68
C ASN A 100 13.60 -22.20 -5.68
N ALA A 101 13.09 -21.81 -4.48
CA ALA A 101 11.67 -21.54 -4.11
C ALA A 101 11.23 -20.13 -4.66
N HIS A 102 12.31 -19.39 -5.11
CA HIS A 102 12.31 -17.97 -5.59
C HIS A 102 11.43 -17.73 -6.88
N LEU A 103 11.40 -18.72 -7.85
CA LEU A 103 10.60 -18.62 -9.11
C LEU A 103 9.02 -18.61 -8.86
N PRO A 104 8.31 -19.62 -8.09
CA PRO A 104 6.84 -19.51 -7.77
C PRO A 104 6.49 -18.64 -6.47
N GLY A 105 7.55 -18.20 -5.75
CA GLY A 105 7.43 -17.31 -4.60
C GLY A 105 8.57 -16.32 -4.65
N GLY A 106 8.31 -15.11 -5.18
CA GLY A 106 9.36 -14.11 -5.40
C GLY A 106 8.85 -12.91 -6.19
N ARG A 107 8.21 -13.19 -7.37
CA ARG A 107 7.60 -12.16 -8.30
C ARG A 107 6.38 -11.40 -7.67
N LEU A 108 5.50 -12.17 -6.94
CA LEU A 108 4.31 -11.62 -6.20
C LEU A 108 4.71 -10.92 -4.87
N HIS A 109 5.84 -11.41 -4.24
CA HIS A 109 6.41 -10.88 -2.96
C HIS A 109 7.02 -9.46 -3.17
N ALA A 110 7.64 -9.27 -4.41
CA ALA A 110 8.19 -7.99 -4.93
C ALA A 110 7.07 -6.94 -5.15
N ARG A 111 5.85 -7.40 -5.57
CA ARG A 111 4.65 -6.54 -5.72
C ARG A 111 4.10 -6.14 -4.32
N LEU A 112 4.00 -7.13 -3.38
CA LEU A 112 3.52 -6.88 -1.97
C LEU A 112 4.43 -5.88 -1.12
N ALA A 113 5.73 -6.29 -0.89
CA ALA A 113 6.71 -5.55 -0.03
C ALA A 113 7.47 -4.35 -0.68
N GLU A 114 7.94 -4.51 -1.98
CA GLU A 114 8.71 -3.43 -2.70
C GLU A 114 7.81 -2.26 -3.20
N TYR A 115 6.47 -2.52 -3.50
CA TYR A 115 5.52 -1.45 -3.92
C TYR A 115 5.17 -0.49 -2.76
N GLN A 116 4.98 -1.04 -1.51
CA GLN A 116 4.68 -0.21 -0.29
C GLN A 116 5.88 0.67 0.21
N GLU A 117 7.16 0.14 0.10
CA GLU A 117 8.42 0.86 0.52
C GLU A 117 8.78 2.09 -0.40
N TYR A 118 8.59 1.94 -1.77
CA TYR A 118 8.84 3.02 -2.79
C TYR A 118 7.78 4.17 -2.71
N GLU A 119 6.49 3.78 -2.38
CA GLU A 119 5.34 4.72 -2.18
C GLU A 119 5.47 5.54 -0.87
N ARG A 120 6.19 4.95 0.16
CA ARG A 120 6.45 5.55 1.51
C ARG A 120 7.37 6.82 1.46
N ARG A 121 8.54 6.77 0.72
CA ARG A 121 9.47 7.94 0.57
C ARG A 121 8.90 9.07 -0.35
N LEU A 122 8.21 8.69 -1.47
CA LEU A 122 7.51 9.67 -2.34
C LEU A 122 6.42 10.44 -1.53
N LEU A 123 5.80 9.70 -0.55
CA LEU A 123 4.79 10.24 0.40
C LEU A 123 5.40 11.20 1.46
N ALA A 124 6.72 10.90 1.84
CA ALA A 124 7.51 11.64 2.88
C ALA A 124 7.80 13.11 2.46
N MET A 125 8.16 13.25 1.12
CA MET A 125 8.43 14.57 0.45
C MET A 125 7.16 15.45 0.42
N LYS A 126 5.97 14.77 0.15
CA LYS A 126 4.63 15.38 0.15
C LYS A 126 4.24 15.85 1.59
N ASN A 127 4.57 15.01 2.65
CA ASN A 127 4.20 15.25 4.09
C ASN A 127 4.84 16.52 4.75
N GLU A 128 6.16 16.81 4.45
CA GLU A 128 6.88 18.02 4.99
C GLU A 128 6.35 19.35 4.37
N ARG A 129 6.05 19.31 3.01
CA ARG A 129 5.48 20.46 2.24
C ARG A 129 3.99 20.77 2.62
N GLU A 130 3.22 19.69 2.98
CA GLU A 130 1.78 19.75 3.43
C GLU A 130 1.57 20.49 4.78
N GLN A 131 2.44 20.26 5.82
CA GLN A 131 2.27 20.89 7.17
C GLN A 131 2.62 22.42 7.21
N ARG A 132 3.77 22.76 6.51
CA ARG A 132 4.39 24.13 6.50
C ARG A 132 3.61 25.20 5.71
N TYR A 133 3.05 24.82 4.50
CA TYR A 133 2.28 25.76 3.64
C TYR A 133 0.75 25.80 3.98
N ALA A 134 0.25 24.78 4.80
CA ALA A 134 -1.17 24.70 5.34
C ALA A 134 -1.53 25.87 6.33
N GLU A 135 -0.52 26.23 7.19
CA GLU A 135 -0.60 27.30 8.25
C GLU A 135 -0.32 28.75 7.72
N ARG A 136 0.30 28.83 6.50
CA ARG A 136 0.67 30.07 5.77
C ARG A 136 -0.47 30.45 4.79
N HIS A 137 -1.34 29.43 4.43
CA HIS A 137 -2.47 29.52 3.46
C HIS A 137 -1.89 29.85 2.07
N ASP A 138 -1.55 28.75 1.39
CA ASP A 138 -0.87 28.84 0.09
C ASP A 138 -1.46 27.97 -1.05
N PRO A 139 -1.77 28.58 -2.30
CA PRO A 139 -2.15 27.79 -3.52
C PRO A 139 -0.92 26.97 -4.09
N GLN A 140 0.31 27.26 -3.49
CA GLN A 140 1.58 26.54 -3.83
C GLN A 140 1.51 25.02 -3.44
N LEU A 141 0.67 24.65 -2.40
CA LEU A 141 0.38 23.23 -1.95
C LEU A 141 -0.22 22.38 -3.07
N ALA A 142 -1.13 23.04 -3.82
CA ALA A 142 -1.93 22.48 -4.88
C ALA A 142 -1.06 22.18 -6.12
N ARG A 143 -0.07 23.11 -6.42
CA ARG A 143 0.93 22.92 -7.51
C ARG A 143 2.01 21.83 -7.16
N GLU A 144 2.46 21.78 -5.85
CA GLU A 144 3.54 20.85 -5.33
C GLU A 144 3.08 19.37 -5.04
N ILE A 145 1.94 19.16 -4.28
CA ILE A 145 1.40 17.79 -3.91
C ILE A 145 0.85 17.07 -5.18
N THR A 146 0.13 17.83 -6.08
CA THR A 146 -0.44 17.27 -7.37
C THR A 146 0.71 16.78 -8.32
N ALA A 147 1.85 17.58 -8.40
CA ALA A 147 3.07 17.25 -9.23
C ALA A 147 3.82 15.97 -8.72
N LEU A 148 3.94 15.84 -7.35
CA LEU A 148 4.56 14.67 -6.66
C LEU A 148 3.61 13.42 -6.68
N ASP A 149 2.25 13.69 -6.73
CA ASP A 149 1.15 12.66 -6.79
C ASP A 149 1.16 11.93 -8.18
N GLU A 150 1.58 12.73 -9.24
CA GLU A 150 1.70 12.30 -10.64
C GLU A 150 2.94 11.38 -10.80
N ARG A 151 4.04 11.71 -10.02
CA ARG A 151 5.33 10.96 -9.97
C ARG A 151 5.19 9.60 -9.24
N LEU A 152 4.29 9.52 -8.20
CA LEU A 152 3.94 8.28 -7.47
C LEU A 152 3.21 7.29 -8.45
N THR A 153 2.32 7.85 -9.34
CA THR A 153 1.61 7.07 -10.40
C THR A 153 2.54 6.74 -11.63
N ARG A 154 3.48 7.71 -11.97
CA ARG A 154 4.48 7.58 -13.08
C ARG A 154 5.60 6.53 -12.75
N CYS A 155 5.94 6.38 -11.42
CA CYS A 155 6.93 5.37 -10.92
C CYS A 155 6.32 3.95 -11.03
N ARG A 156 4.96 3.80 -10.75
CA ARG A 156 4.19 2.50 -10.87
C ARG A 156 4.24 1.90 -12.31
N THR A 157 4.19 2.77 -13.36
CA THR A 157 4.29 2.36 -14.79
C THR A 157 5.74 1.88 -15.15
N ALA A 158 6.78 2.64 -14.65
CA ALA A 158 8.23 2.38 -14.89
C ALA A 158 8.75 1.10 -14.16
N ILE A 159 8.25 0.91 -12.89
CA ILE A 159 8.52 -0.27 -12.02
C ILE A 159 7.81 -1.54 -12.60
N ALA A 160 6.49 -1.39 -13.04
CA ALA A 160 5.71 -2.52 -13.68
C ALA A 160 6.33 -3.04 -15.03
N ARG A 161 6.86 -2.11 -15.92
CA ARG A 161 7.51 -2.45 -17.24
C ARG A 161 8.84 -3.25 -17.10
N THR A 162 9.69 -2.90 -16.06
CA THR A 162 10.99 -3.62 -15.75
C THR A 162 10.75 -5.06 -15.16
N GLU A 163 9.62 -5.20 -14.37
CA GLU A 163 9.16 -6.48 -13.76
C GLU A 163 8.64 -7.49 -14.84
N ARG A 164 7.93 -6.96 -15.91
CA ARG A 164 7.38 -7.76 -17.07
C ARG A 164 8.48 -8.42 -17.93
N ALA A 165 9.62 -7.67 -18.11
CA ALA A 165 10.84 -8.14 -18.83
C ALA A 165 11.58 -9.27 -18.02
N LEU A 166 11.51 -9.16 -16.63
CA LEU A 166 12.10 -10.14 -15.66
C LEU A 166 11.25 -11.44 -15.52
N GLU A 167 9.88 -11.29 -15.76
CA GLU A 167 8.86 -12.41 -15.75
C GLU A 167 9.05 -13.39 -16.94
N ARG A 168 9.48 -12.83 -18.13
CA ARG A 168 9.73 -13.57 -19.41
C ARG A 168 11.09 -14.34 -19.45
N ILE A 169 11.94 -14.19 -18.39
CA ILE A 169 13.24 -14.89 -18.31
C ILE A 169 13.07 -16.03 -17.31
N THR A 170 12.96 -17.18 -17.99
CA THR A 170 12.71 -18.53 -17.50
C THR A 170 11.48 -18.60 -16.54
N ARG A 171 10.34 -18.13 -17.11
CA ARG A 171 8.97 -18.16 -16.48
C ARG A 171 8.66 -19.46 -15.61
N MET A 1 -13.68 7.72 14.05
CA MET A 1 -14.39 9.02 14.19
C MET A 1 -14.52 9.46 15.68
N ARG A 2 -14.74 8.48 16.61
CA ARG A 2 -14.88 8.74 18.08
C ARG A 2 -13.62 8.31 18.90
N THR A 3 -13.04 7.11 18.58
CA THR A 3 -11.84 6.55 19.28
C THR A 3 -10.71 6.14 18.26
N PRO A 4 -9.73 7.10 17.87
CA PRO A 4 -8.58 6.80 16.91
C PRO A 4 -7.53 5.69 17.33
N LEU A 5 -7.49 5.27 18.64
CA LEU A 5 -6.56 4.19 19.13
C LEU A 5 -7.14 2.76 18.91
N LEU A 6 -8.50 2.63 19.04
CA LEU A 6 -9.26 1.36 18.85
C LEU A 6 -9.49 1.03 17.35
N LEU A 7 -9.72 2.10 16.50
CA LEU A 7 -9.91 1.98 15.04
C LEU A 7 -8.57 1.55 14.37
N GLN A 8 -7.45 2.03 14.99
CA GLN A 8 -6.06 1.71 14.57
C GLN A 8 -5.76 0.19 14.78
N SER A 9 -6.30 -0.41 15.91
CA SER A 9 -6.16 -1.86 16.25
C SER A 9 -6.99 -2.72 15.28
N LEU A 10 -8.25 -2.25 14.94
CA LEU A 10 -9.13 -2.87 13.90
C LEU A 10 -8.44 -2.93 12.50
N LYS A 11 -7.76 -1.77 12.08
CA LYS A 11 -7.00 -1.62 10.79
C LYS A 11 -5.76 -2.53 10.64
N THR A 12 -4.99 -2.70 11.77
CA THR A 12 -3.79 -3.58 11.83
C THR A 12 -4.19 -5.07 11.75
N ARG A 13 -5.35 -5.47 12.38
CA ARG A 13 -5.93 -6.85 12.30
C ARG A 13 -6.32 -7.22 10.82
N VAL A 14 -6.72 -6.18 10.02
CA VAL A 14 -7.12 -6.28 8.56
C VAL A 14 -5.85 -6.45 7.64
N ALA A 15 -4.78 -5.60 7.82
CA ALA A 15 -3.50 -5.72 7.05
C ALA A 15 -2.70 -7.01 7.48
N ALA A 16 -2.89 -7.40 8.75
CA ALA A 16 -2.38 -8.69 9.35
C ALA A 16 -3.09 -9.92 8.66
N LEU A 17 -4.43 -9.78 8.38
CA LEU A 17 -5.27 -10.81 7.68
C LEU A 17 -4.94 -10.89 6.16
N HIS A 18 -4.59 -9.71 5.55
CA HIS A 18 -4.19 -9.51 4.11
C HIS A 18 -2.89 -10.31 3.76
N THR A 19 -1.90 -10.36 4.70
CA THR A 19 -0.63 -11.16 4.57
C THR A 19 -0.90 -12.68 4.71
N LEU A 20 -1.94 -13.08 5.50
CA LEU A 20 -2.39 -14.51 5.64
C LEU A 20 -3.27 -14.98 4.41
N ILE A 21 -3.85 -13.96 3.69
CA ILE A 21 -4.72 -14.06 2.46
C ILE A 21 -3.92 -13.49 1.22
N GLY A 22 -2.57 -13.40 1.36
CA GLY A 22 -1.67 -12.80 0.31
C GLY A 22 -1.56 -13.70 -0.94
N PRO A 23 -0.65 -14.78 -1.03
CA PRO A 23 -0.59 -15.71 -2.22
C PRO A 23 -1.89 -16.65 -2.40
N LEU A 24 -2.86 -16.52 -1.42
CA LEU A 24 -4.15 -17.26 -1.36
C LEU A 24 -5.33 -16.54 -2.14
N ALA A 25 -5.05 -15.27 -2.59
CA ALA A 25 -5.96 -14.38 -3.39
C ALA A 25 -6.36 -14.91 -4.80
N SER A 26 -5.34 -15.50 -5.54
CA SER A 26 -5.51 -16.05 -6.92
C SER A 26 -5.85 -17.56 -6.88
N GLN A 27 -5.23 -18.25 -5.87
CA GLN A 27 -5.37 -19.72 -5.61
C GLN A 27 -5.99 -20.02 -4.21
N ARG A 28 -7.17 -20.71 -4.21
CA ARG A 28 -7.91 -21.07 -2.95
C ARG A 28 -7.38 -22.38 -2.29
N HIS A 29 -6.95 -22.25 -0.99
CA HIS A 29 -6.42 -23.39 -0.16
C HIS A 29 -7.34 -23.63 1.10
N PHE A 30 -6.78 -23.64 2.37
CA PHE A 30 -7.56 -23.87 3.61
C PHE A 30 -7.24 -22.82 4.74
N SER A 31 -8.03 -21.69 4.83
CA SER A 31 -7.86 -20.67 5.92
C SER A 31 -9.14 -20.65 6.85
N PRO A 32 -9.03 -20.98 8.24
CA PRO A 32 -10.22 -20.96 9.18
C PRO A 32 -10.80 -19.54 9.57
N ARG A 33 -9.96 -18.47 9.35
CA ARG A 33 -10.29 -17.05 9.66
C ARG A 33 -10.57 -16.20 8.36
N PHE A 34 -10.96 -16.88 7.28
CA PHE A 34 -11.25 -16.26 5.94
C PHE A 34 -12.53 -15.37 6.02
N ASP A 35 -12.39 -14.00 5.99
CA ASP A 35 -13.59 -13.15 6.02
C ASP A 35 -13.57 -12.18 4.81
N ARG A 36 -14.21 -12.64 3.70
CA ARG A 36 -14.30 -11.91 2.38
C ARG A 36 -15.44 -10.84 2.33
N GLN A 37 -16.26 -10.72 3.42
CA GLN A 37 -17.39 -9.73 3.52
C GLN A 37 -16.89 -8.29 3.85
N LEU A 38 -15.60 -8.17 4.37
CA LEU A 38 -14.95 -6.87 4.70
C LEU A 38 -14.25 -6.20 3.47
N PHE A 39 -14.24 -6.92 2.29
CA PHE A 39 -13.61 -6.44 1.03
C PHE A 39 -14.63 -6.31 -0.13
N ALA A 40 -14.27 -5.42 -1.13
CA ALA A 40 -15.08 -5.15 -2.30
C ALA A 40 -14.22 -5.49 -3.54
N CYS A 41 -14.68 -6.57 -4.21
CA CYS A 41 -14.09 -7.20 -5.46
C CYS A 41 -12.73 -7.88 -5.23
N ARG A 42 -12.80 -9.24 -5.38
CA ARG A 42 -11.67 -10.22 -5.25
C ARG A 42 -10.98 -10.46 -6.63
N GLY A 43 -11.81 -10.66 -7.70
CA GLY A 43 -11.34 -10.89 -9.13
C GLY A 43 -10.55 -12.19 -9.44
N ALA A 44 -10.42 -13.22 -8.48
CA ALA A 44 -9.60 -14.49 -8.63
C ALA A 44 -8.10 -14.20 -8.84
N ARG A 45 -7.65 -13.03 -8.26
CA ARG A 45 -6.29 -12.52 -8.43
C ARG A 45 -5.82 -11.57 -7.28
N LEU A 46 -4.45 -11.57 -7.04
CA LEU A 46 -3.72 -10.58 -6.15
C LEU A 46 -3.71 -9.18 -6.85
N GLY A 47 -3.87 -9.20 -8.22
CA GLY A 47 -3.94 -8.01 -9.09
C GLY A 47 -5.09 -7.04 -8.76
N ASP A 48 -6.30 -7.59 -8.32
CA ASP A 48 -7.49 -6.75 -7.97
C ASP A 48 -7.36 -6.17 -6.54
N TYR A 49 -6.53 -6.88 -5.68
CA TYR A 49 -6.28 -6.48 -4.26
C TYR A 49 -5.21 -5.36 -4.22
N LEU A 50 -4.26 -5.39 -5.19
CA LEU A 50 -3.18 -4.38 -5.37
C LEU A 50 -3.70 -3.08 -6.06
N THR A 51 -4.71 -3.27 -6.96
CA THR A 51 -5.40 -2.18 -7.69
C THR A 51 -6.33 -1.35 -6.76
N GLU A 52 -7.05 -2.02 -5.78
CA GLU A 52 -7.94 -1.34 -4.80
C GLU A 52 -7.13 -0.62 -3.70
N ALA A 53 -5.94 -1.23 -3.39
CA ALA A 53 -4.95 -0.72 -2.39
C ALA A 53 -4.19 0.55 -2.91
N GLU A 54 -3.82 0.56 -4.24
CA GLU A 54 -3.19 1.74 -4.92
C GLU A 54 -4.21 2.93 -5.01
N GLU A 55 -5.50 2.59 -5.31
CA GLU A 55 -6.66 3.53 -5.44
C GLU A 55 -7.17 4.11 -4.09
N SER A 56 -6.94 3.36 -2.95
CA SER A 56 -7.36 3.78 -1.57
C SER A 56 -6.37 4.83 -1.00
N LEU A 57 -5.04 4.67 -1.36
CA LEU A 57 -3.93 5.59 -0.99
C LEU A 57 -4.05 6.95 -1.76
N THR A 58 -4.43 6.86 -3.08
CA THR A 58 -4.62 8.05 -4.01
C THR A 58 -5.91 8.90 -3.66
N HIS A 59 -6.99 8.23 -3.09
CA HIS A 59 -8.28 8.91 -2.68
C HIS A 59 -8.14 9.69 -1.33
N LEU A 60 -7.31 9.12 -0.36
CA LEU A 60 -6.98 9.72 0.96
C LEU A 60 -6.10 10.99 0.79
N GLU A 61 -5.22 10.96 -0.28
CA GLU A 61 -4.31 12.07 -0.74
C GLU A 61 -5.14 13.31 -1.19
N ALA A 62 -6.34 13.04 -1.85
CA ALA A 62 -7.26 14.09 -2.35
C ALA A 62 -7.89 14.93 -1.19
N ALA A 63 -8.26 14.20 -0.06
CA ALA A 63 -8.77 14.80 1.22
C ALA A 63 -7.69 15.68 1.94
N VAL A 64 -6.37 15.33 1.74
CA VAL A 64 -5.20 16.09 2.26
C VAL A 64 -5.15 17.47 1.53
N ASN A 65 -5.50 17.45 0.19
CA ASN A 65 -5.65 18.67 -0.71
C ASN A 65 -6.84 19.59 -0.25
N GLN A 66 -7.81 19.04 0.56
CA GLN A 66 -8.90 19.84 1.21
C GLN A 66 -8.30 20.60 2.44
N GLY A 67 -7.39 19.92 3.22
CA GLY A 67 -6.62 20.58 4.29
C GLY A 67 -6.95 20.16 5.72
N ASP A 68 -7.36 18.86 5.91
CA ASP A 68 -7.69 18.31 7.24
C ASP A 68 -6.47 17.61 7.86
N ALA A 69 -6.02 18.23 8.99
CA ALA A 69 -4.84 17.78 9.81
C ALA A 69 -5.15 16.48 10.62
N THR A 70 -6.47 16.25 10.93
CA THR A 70 -6.98 15.04 11.63
C THR A 70 -6.92 13.78 10.69
N ARG A 71 -7.20 13.96 9.34
CA ARG A 71 -7.16 12.87 8.32
C ARG A 71 -5.70 12.47 7.93
N VAL A 72 -4.74 13.42 8.16
CA VAL A 72 -3.27 13.28 7.91
C VAL A 72 -2.63 12.40 9.03
N ALA A 73 -3.01 12.75 10.31
CA ALA A 73 -2.60 12.11 11.58
C ALA A 73 -3.13 10.66 11.72
N TRP A 74 -4.39 10.46 11.25
CA TRP A 74 -5.08 9.12 11.12
C TRP A 74 -4.31 8.25 10.10
N LEU A 75 -3.97 8.87 8.94
CA LEU A 75 -3.12 8.25 7.85
C LEU A 75 -1.67 7.91 8.39
N ALA A 76 -1.08 8.85 9.21
CA ALA A 76 0.30 8.72 9.83
C ALA A 76 0.39 7.55 10.86
N GLU A 77 -0.68 7.40 11.69
CA GLU A 77 -0.87 6.30 12.71
C GLU A 77 -1.09 4.91 12.03
N ARG A 78 -1.86 4.90 10.89
CA ARG A 78 -2.08 3.72 10.00
C ARG A 78 -0.75 3.36 9.23
N LEU A 79 0.09 4.39 8.90
CA LEU A 79 1.38 4.23 8.18
C LEU A 79 2.46 3.46 9.04
N ALA A 80 2.60 3.84 10.36
CA ALA A 80 3.55 3.22 11.35
C ALA A 80 3.16 1.75 11.72
N ALA A 81 1.82 1.50 11.90
CA ALA A 81 1.21 0.17 12.22
C ALA A 81 1.35 -0.83 11.04
N GLN A 82 1.24 -0.31 9.77
CA GLN A 82 1.41 -1.13 8.54
C GLN A 82 2.89 -1.50 8.27
N ILE A 83 3.87 -0.65 8.73
CA ILE A 83 5.34 -0.96 8.61
C ILE A 83 5.68 -2.25 9.45
N GLU A 84 5.16 -2.32 10.72
CA GLU A 84 5.40 -3.46 11.67
C GLU A 84 4.75 -4.78 11.19
N ALA A 85 3.45 -4.69 10.74
CA ALA A 85 2.65 -5.86 10.31
C ALA A 85 3.06 -6.46 8.94
N LEU A 86 3.30 -5.57 7.92
CA LEU A 86 3.60 -5.98 6.52
C LEU A 86 5.06 -6.28 6.22
N GLN A 87 6.01 -5.41 6.69
CA GLN A 87 7.49 -5.62 6.47
C GLN A 87 8.03 -6.88 7.20
N ARG A 88 7.49 -7.17 8.45
CA ARG A 88 7.88 -8.37 9.27
C ARG A 88 7.24 -9.75 8.78
N GLU A 89 5.89 -9.76 8.41
CA GLU A 89 5.17 -11.02 7.95
C GLU A 89 5.63 -11.40 6.51
N ALA A 90 5.97 -10.33 5.71
CA ALA A 90 6.53 -10.43 4.34
C ALA A 90 8.05 -10.82 4.39
N ALA A 91 8.76 -10.52 5.57
CA ALA A 91 10.24 -10.78 5.74
C ALA A 91 10.66 -12.27 5.63
N THR A 92 9.92 -13.18 6.39
CA THR A 92 10.11 -14.68 6.34
C THR A 92 9.41 -15.30 5.12
N ALA A 93 8.33 -14.60 4.64
CA ALA A 93 7.57 -14.95 3.41
C ALA A 93 8.49 -14.97 2.12
N THR A 94 9.62 -14.10 2.11
CA THR A 94 10.65 -13.99 0.97
C THR A 94 11.42 -15.34 0.63
N LEU A 95 11.22 -16.30 1.55
CA LEU A 95 11.78 -17.69 1.56
C LEU A 95 10.97 -18.74 0.75
N ARG A 96 9.67 -18.99 1.12
CA ARG A 96 8.78 -19.96 0.40
C ARG A 96 8.33 -19.35 -0.95
N ARG A 97 8.67 -18.02 -1.06
CA ARG A 97 8.47 -17.12 -2.21
C ARG A 97 9.24 -17.53 -3.50
N HIS A 98 10.44 -18.22 -3.40
CA HIS A 98 11.28 -18.39 -4.59
C HIS A 98 11.19 -19.88 -5.03
N GLU A 99 10.30 -20.68 -4.32
CA GLU A 99 10.09 -22.14 -4.67
C GLU A 99 8.80 -22.47 -5.53
N ASN A 100 7.56 -22.40 -4.96
CA ASN A 100 6.26 -22.72 -5.70
C ASN A 100 5.35 -21.47 -5.84
N ALA A 101 5.73 -20.45 -5.02
CA ALA A 101 5.18 -19.06 -4.92
C ALA A 101 5.71 -18.13 -6.05
N HIS A 102 6.85 -18.55 -6.69
CA HIS A 102 7.55 -17.83 -7.80
C HIS A 102 6.65 -17.67 -9.10
N LEU A 103 6.07 -18.83 -9.60
CA LEU A 103 5.19 -18.92 -10.81
C LEU A 103 3.79 -18.18 -10.89
N PRO A 104 2.87 -18.01 -9.79
CA PRO A 104 1.50 -17.34 -9.96
C PRO A 104 1.50 -15.89 -10.60
N GLY A 105 2.68 -15.22 -10.44
CA GLY A 105 2.99 -13.91 -10.96
C GLY A 105 4.41 -13.96 -11.53
N GLY A 106 5.37 -13.67 -10.63
CA GLY A 106 6.81 -13.72 -10.93
C GLY A 106 7.54 -12.99 -9.84
N ARG A 107 7.02 -11.76 -9.57
CA ARG A 107 7.51 -10.86 -8.52
C ARG A 107 6.29 -10.28 -7.72
N LEU A 108 5.39 -11.21 -7.20
CA LEU A 108 4.16 -10.87 -6.38
C LEU A 108 4.51 -10.20 -5.02
N HIS A 109 5.58 -10.75 -4.39
CA HIS A 109 6.17 -10.33 -3.09
C HIS A 109 6.84 -8.92 -3.20
N ALA A 110 7.43 -8.66 -4.42
CA ALA A 110 8.01 -7.34 -4.83
C ALA A 110 6.89 -6.26 -4.94
N ARG A 111 5.67 -6.68 -5.41
CA ARG A 111 4.48 -5.79 -5.49
C ARG A 111 3.91 -5.50 -4.07
N LEU A 112 3.79 -6.57 -3.21
CA LEU A 112 3.30 -6.42 -1.81
C LEU A 112 4.20 -5.47 -0.90
N ALA A 113 5.50 -5.87 -0.68
CA ALA A 113 6.45 -5.15 0.22
C ALA A 113 7.24 -3.95 -0.43
N GLU A 114 7.85 -4.15 -1.65
CA GLU A 114 8.66 -3.08 -2.35
C GLU A 114 7.82 -1.90 -2.93
N TYR A 115 6.55 -2.17 -3.44
CA TYR A 115 5.64 -1.11 -3.99
C TYR A 115 5.12 -0.17 -2.87
N GLN A 116 4.72 -0.75 -1.67
CA GLN A 116 4.23 0.07 -0.51
C GLN A 116 5.34 0.95 0.15
N GLU A 117 6.62 0.44 0.28
CA GLU A 117 7.79 1.19 0.89
C GLU A 117 8.22 2.48 0.09
N TYR A 118 8.28 2.37 -1.29
CA TYR A 118 8.64 3.51 -2.21
C TYR A 118 7.54 4.62 -2.27
N GLU A 119 6.23 4.17 -2.21
CA GLU A 119 5.02 5.06 -2.20
C GLU A 119 4.88 5.85 -0.87
N ARG A 120 5.28 5.20 0.30
CA ARG A 120 5.23 5.79 1.68
C ARG A 120 6.16 7.04 1.90
N ARG A 121 7.43 7.02 1.35
CA ARG A 121 8.36 8.20 1.43
C ARG A 121 7.95 9.37 0.51
N LEU A 122 7.47 9.06 -0.74
CA LEU A 122 6.92 10.09 -1.67
C LEU A 122 5.68 10.79 -1.04
N LEU A 123 4.92 9.99 -0.21
CA LEU A 123 3.75 10.44 0.58
C LEU A 123 4.16 11.39 1.76
N ALA A 124 5.38 11.10 2.37
CA ALA A 124 5.95 11.85 3.54
C ALA A 124 6.33 13.30 3.18
N MET A 125 6.91 13.47 1.93
CA MET A 125 7.32 14.79 1.33
C MET A 125 6.08 15.69 1.07
N LYS A 126 4.96 15.03 0.61
CA LYS A 126 3.63 15.66 0.33
C LYS A 126 2.94 16.13 1.65
N ASN A 127 3.09 15.29 2.76
CA ASN A 127 2.46 15.57 4.10
C ASN A 127 3.10 16.76 4.91
N GLU A 128 4.47 16.85 4.93
CA GLU A 128 5.24 17.93 5.68
C GLU A 128 5.11 19.35 5.02
N ARG A 129 5.19 19.40 3.64
CA ARG A 129 5.08 20.67 2.84
C ARG A 129 3.65 21.31 2.87
N GLU A 130 2.58 20.42 2.86
CA GLU A 130 1.16 20.85 2.90
C GLU A 130 0.68 21.33 4.30
N GLN A 131 1.31 20.83 5.42
CA GLN A 131 0.90 21.20 6.82
C GLN A 131 1.29 22.67 7.21
N ARG A 132 2.63 22.97 7.00
CA ARG A 132 3.28 24.27 7.39
C ARG A 132 2.83 25.48 6.53
N TYR A 133 2.65 25.26 5.19
CA TYR A 133 2.22 26.31 4.25
C TYR A 133 0.65 26.43 4.12
N ALA A 134 -0.14 25.41 4.68
CA ALA A 134 -1.67 25.41 4.70
C ALA A 134 -2.25 26.55 5.56
N GLU A 135 -1.53 26.83 6.72
CA GLU A 135 -1.84 27.91 7.70
C GLU A 135 -1.47 29.34 7.14
N ARG A 136 -0.72 29.34 5.98
CA ARG A 136 -0.25 30.54 5.24
C ARG A 136 -1.25 30.83 4.05
N HIS A 137 -2.03 29.72 3.62
CA HIS A 137 -3.05 29.68 2.48
C HIS A 137 -2.38 29.90 1.08
N ASP A 138 -1.16 29.30 0.92
CA ASP A 138 -0.32 29.48 -0.30
C ASP A 138 -0.69 28.53 -1.49
N PRO A 139 -0.91 29.09 -2.78
CA PRO A 139 -1.09 28.26 -4.06
C PRO A 139 0.16 27.36 -4.37
N GLN A 140 1.29 27.58 -3.59
CA GLN A 140 2.57 26.83 -3.70
C GLN A 140 2.43 25.32 -3.24
N LEU A 141 1.31 24.97 -2.51
CA LEU A 141 1.02 23.55 -2.05
C LEU A 141 0.54 22.70 -3.25
N ALA A 142 -0.24 23.39 -4.14
CA ALA A 142 -0.88 22.79 -5.32
C ALA A 142 0.17 22.49 -6.44
N ARG A 143 1.19 23.38 -6.59
CA ARG A 143 2.32 23.20 -7.57
C ARG A 143 3.33 22.06 -7.16
N GLU A 144 3.64 21.95 -5.80
CA GLU A 144 4.64 20.97 -5.24
C GLU A 144 4.09 19.51 -5.10
N ILE A 145 2.84 19.40 -4.52
CA ILE A 145 2.11 18.13 -4.24
C ILE A 145 1.67 17.40 -5.52
N THR A 146 1.09 18.18 -6.50
CA THR A 146 0.66 17.67 -7.85
C THR A 146 1.89 17.12 -8.66
N ALA A 147 3.09 17.82 -8.55
CA ALA A 147 4.37 17.38 -9.20
C ALA A 147 4.89 16.02 -8.63
N LEU A 148 4.79 15.86 -7.26
CA LEU A 148 5.17 14.61 -6.52
C LEU A 148 4.10 13.48 -6.70
N ASP A 149 2.80 13.89 -6.90
CA ASP A 149 1.60 13.00 -7.10
C ASP A 149 1.62 12.29 -8.49
N GLU A 150 2.19 13.02 -9.52
CA GLU A 150 2.33 12.52 -10.89
C GLU A 150 3.52 11.50 -10.95
N ARG A 151 4.58 11.78 -10.09
CA ARG A 151 5.81 10.95 -9.94
C ARG A 151 5.53 9.62 -9.19
N LEU A 152 4.58 9.63 -8.19
CA LEU A 152 4.11 8.42 -7.44
C LEU A 152 3.41 7.43 -8.44
N THR A 153 2.58 7.99 -9.38
CA THR A 153 1.89 7.22 -10.44
C THR A 153 2.83 6.81 -11.64
N ARG A 154 3.76 7.74 -12.05
CA ARG A 154 4.74 7.51 -13.19
C ARG A 154 5.88 6.51 -12.84
N CYS A 155 6.35 6.50 -11.53
CA CYS A 155 7.42 5.57 -11.06
C CYS A 155 6.86 4.13 -10.95
N ARG A 156 5.57 3.99 -10.45
CA ARG A 156 4.85 2.69 -10.32
C ARG A 156 4.63 1.95 -11.71
N THR A 157 4.36 2.75 -12.81
CA THR A 157 4.19 2.24 -14.21
C THR A 157 5.57 1.79 -14.84
N ALA A 158 6.65 2.60 -14.58
CA ALA A 158 8.05 2.39 -15.08
C ALA A 158 8.74 1.14 -14.46
N ILE A 159 8.49 0.93 -13.13
CA ILE A 159 8.96 -0.22 -12.31
C ILE A 159 8.23 -1.54 -12.79
N ALA A 160 6.88 -1.44 -13.12
CA ALA A 160 6.03 -2.56 -13.65
C ALA A 160 6.53 -3.11 -15.04
N ARG A 161 6.97 -2.18 -15.96
CA ARG A 161 7.52 -2.50 -17.33
C ARG A 161 8.87 -3.29 -17.30
N THR A 162 9.79 -2.91 -16.34
CA THR A 162 11.14 -3.58 -16.13
C THR A 162 11.00 -5.01 -15.52
N GLU A 163 9.94 -5.21 -14.67
CA GLU A 163 9.58 -6.52 -14.01
C GLU A 163 9.01 -7.56 -15.04
N ARG A 164 8.26 -7.04 -16.09
CA ARG A 164 7.68 -7.85 -17.22
C ARG A 164 8.77 -8.45 -18.15
N ALA A 165 9.87 -7.65 -18.34
CA ALA A 165 11.07 -8.04 -19.13
C ALA A 165 11.88 -9.17 -18.39
N LEU A 166 11.87 -9.11 -17.01
CA LEU A 166 12.53 -10.11 -16.09
C LEU A 166 11.75 -11.48 -16.05
N GLU A 167 10.38 -11.39 -16.23
CA GLU A 167 9.42 -12.55 -16.30
C GLU A 167 9.62 -13.43 -17.57
N ARG A 168 10.00 -12.72 -18.70
CA ARG A 168 10.26 -13.27 -20.07
C ARG A 168 11.52 -14.21 -20.16
N ILE A 169 12.62 -13.90 -19.40
CA ILE A 169 13.90 -14.67 -19.48
C ILE A 169 13.99 -15.75 -18.38
N THR A 170 12.90 -15.80 -17.53
CA THR A 170 12.70 -16.70 -16.36
C THR A 170 13.68 -16.35 -15.20
N ARG A 171 14.64 -15.42 -15.52
CA ARG A 171 15.72 -14.98 -14.57
C ARG A 171 15.98 -13.46 -14.65
N MET A 1 -19.45 8.32 19.92
CA MET A 1 -19.76 7.01 19.24
C MET A 1 -18.52 6.42 18.50
N ARG A 2 -17.63 7.32 17.97
CA ARG A 2 -16.38 6.93 17.23
C ARG A 2 -15.10 7.38 18.00
N THR A 3 -14.15 6.42 18.15
CA THR A 3 -12.85 6.65 18.86
C THR A 3 -11.61 6.33 17.93
N PRO A 4 -10.51 7.23 17.87
CA PRO A 4 -9.28 6.99 17.00
C PRO A 4 -8.31 5.80 17.42
N LEU A 5 -8.37 5.33 18.71
CA LEU A 5 -7.50 4.22 19.24
C LEU A 5 -8.08 2.81 18.89
N LEU A 6 -9.45 2.72 18.87
CA LEU A 6 -10.22 1.49 18.54
C LEU A 6 -10.25 1.19 17.01
N LEU A 7 -10.33 2.30 16.18
CA LEU A 7 -10.33 2.23 14.70
C LEU A 7 -8.93 1.83 14.17
N GLN A 8 -7.88 2.25 14.95
CA GLN A 8 -6.45 1.92 14.68
C GLN A 8 -6.16 0.40 14.88
N SER A 9 -6.79 -0.21 15.94
CA SER A 9 -6.69 -1.68 16.25
C SER A 9 -7.46 -2.51 15.20
N LEU A 10 -8.71 -2.02 14.82
CA LEU A 10 -9.54 -2.60 13.73
C LEU A 10 -8.77 -2.64 12.35
N LYS A 11 -8.05 -1.49 11.99
CA LYS A 11 -7.25 -1.35 10.73
C LYS A 11 -6.02 -2.28 10.62
N THR A 12 -5.32 -2.47 11.79
CA THR A 12 -4.11 -3.33 11.91
C THR A 12 -4.52 -4.82 11.78
N ARG A 13 -5.70 -5.25 12.36
CA ARG A 13 -6.25 -6.64 12.23
C ARG A 13 -6.59 -7.01 10.74
N VAL A 14 -6.95 -5.95 9.93
CA VAL A 14 -7.27 -6.04 8.46
C VAL A 14 -5.97 -6.19 7.60
N ALA A 15 -4.91 -5.35 7.87
CA ALA A 15 -3.57 -5.46 7.17
C ALA A 15 -2.80 -6.76 7.58
N ALA A 16 -3.06 -7.18 8.83
CA ALA A 16 -2.62 -8.48 9.45
C ALA A 16 -3.31 -9.70 8.73
N LEU A 17 -4.63 -9.53 8.39
CA LEU A 17 -5.45 -10.56 7.68
C LEU A 17 -5.03 -10.66 6.18
N HIS A 18 -4.63 -9.48 5.59
CA HIS A 18 -4.14 -9.29 4.19
C HIS A 18 -2.84 -10.13 3.90
N THR A 19 -1.89 -10.11 4.88
CA THR A 19 -0.57 -10.84 4.82
C THR A 19 -0.68 -12.36 5.15
N LEU A 20 -1.84 -12.76 5.74
CA LEU A 20 -2.17 -14.15 6.15
C LEU A 20 -3.03 -14.82 5.04
N ILE A 21 -3.58 -13.93 4.16
CA ILE A 21 -4.38 -14.27 2.97
C ILE A 21 -3.65 -13.87 1.64
N GLY A 22 -2.31 -13.64 1.76
CA GLY A 22 -1.46 -13.11 0.65
C GLY A 22 -1.35 -14.06 -0.56
N PRO A 23 -0.50 -15.20 -0.52
CA PRO A 23 -0.43 -16.21 -1.66
C PRO A 23 -1.73 -17.13 -1.85
N LEU A 24 -2.71 -16.94 -0.90
CA LEU A 24 -4.04 -17.63 -0.83
C LEU A 24 -5.15 -16.89 -1.67
N ALA A 25 -4.79 -15.69 -2.20
CA ALA A 25 -5.65 -14.82 -3.07
C ALA A 25 -6.03 -15.41 -4.47
N SER A 26 -5.03 -16.06 -5.18
CA SER A 26 -5.24 -16.67 -6.53
C SER A 26 -5.57 -18.18 -6.44
N GLN A 27 -4.96 -18.83 -5.40
CA GLN A 27 -5.07 -20.28 -5.08
C GLN A 27 -5.75 -20.53 -3.69
N ARG A 28 -6.78 -21.41 -3.65
CA ARG A 28 -7.55 -21.72 -2.39
C ARG A 28 -6.93 -22.89 -1.55
N HIS A 29 -6.59 -22.55 -0.27
CA HIS A 29 -5.99 -23.47 0.75
C HIS A 29 -6.81 -23.42 2.09
N PHE A 30 -6.55 -24.41 3.01
CA PHE A 30 -7.26 -24.54 4.32
C PHE A 30 -6.81 -23.47 5.41
N SER A 31 -7.55 -22.30 5.50
CA SER A 31 -7.29 -21.26 6.52
C SER A 31 -8.51 -21.13 7.51
N PRO A 32 -8.34 -21.36 8.91
CA PRO A 32 -9.48 -21.24 9.94
C PRO A 32 -10.13 -19.82 10.07
N ARG A 33 -9.32 -18.75 9.77
CA ARG A 33 -9.73 -17.32 9.83
C ARG A 33 -9.89 -16.65 8.42
N PHE A 34 -10.17 -17.47 7.38
CA PHE A 34 -10.37 -16.99 5.99
C PHE A 34 -11.74 -16.24 5.90
N ASP A 35 -11.73 -14.87 5.80
CA ASP A 35 -12.99 -14.13 5.70
C ASP A 35 -12.98 -13.15 4.51
N ARG A 36 -13.59 -13.64 3.40
CA ARG A 36 -13.73 -12.89 2.11
C ARG A 36 -14.99 -11.96 2.06
N GLN A 37 -15.76 -11.91 3.20
CA GLN A 37 -17.00 -11.08 3.34
C GLN A 37 -16.65 -9.59 3.67
N LEU A 38 -15.43 -9.37 4.29
CA LEU A 38 -14.88 -8.03 4.65
C LEU A 38 -14.02 -7.40 3.50
N PHE A 39 -13.82 -8.19 2.39
CA PHE A 39 -13.03 -7.79 1.20
C PHE A 39 -13.83 -7.82 -0.11
N ALA A 40 -13.35 -6.99 -1.10
CA ALA A 40 -13.93 -6.87 -2.41
C ALA A 40 -12.82 -7.21 -3.43
N CYS A 41 -13.03 -8.33 -4.14
CA CYS A 41 -12.10 -8.81 -5.19
C CYS A 41 -12.86 -9.33 -6.44
N ARG A 42 -12.26 -9.08 -7.65
CA ARG A 42 -12.87 -9.47 -8.97
C ARG A 42 -12.53 -10.93 -9.52
N GLY A 43 -12.72 -11.91 -8.60
CA GLY A 43 -12.70 -13.37 -8.90
C GLY A 43 -11.74 -14.26 -8.11
N ALA A 44 -10.38 -14.15 -8.30
CA ALA A 44 -9.34 -15.00 -7.64
C ALA A 44 -7.94 -14.52 -8.03
N ARG A 45 -7.61 -13.25 -7.69
CA ARG A 45 -6.29 -12.69 -8.08
C ARG A 45 -5.59 -11.82 -6.98
N LEU A 46 -4.22 -12.04 -6.84
CA LEU A 46 -3.30 -11.18 -5.98
C LEU A 46 -3.18 -9.77 -6.64
N GLY A 47 -3.29 -9.78 -8.02
CA GLY A 47 -3.28 -8.57 -8.89
C GLY A 47 -4.42 -7.59 -8.60
N ASP A 48 -5.64 -8.14 -8.22
CA ASP A 48 -6.85 -7.31 -7.93
C ASP A 48 -6.80 -6.67 -6.52
N TYR A 49 -5.99 -7.31 -5.60
CA TYR A 49 -5.82 -6.82 -4.19
C TYR A 49 -4.76 -5.67 -4.18
N LEU A 50 -3.77 -5.76 -5.14
CA LEU A 50 -2.70 -4.76 -5.32
C LEU A 50 -3.19 -3.46 -6.01
N THR A 51 -4.08 -3.65 -7.05
CA THR A 51 -4.72 -2.57 -7.86
C THR A 51 -5.78 -1.77 -7.06
N GLU A 52 -6.50 -2.43 -6.08
CA GLU A 52 -7.52 -1.77 -5.22
C GLU A 52 -6.81 -1.00 -4.07
N ALA A 53 -5.60 -1.52 -3.72
CA ALA A 53 -4.69 -0.95 -2.69
C ALA A 53 -3.98 0.35 -3.21
N GLU A 54 -3.58 0.34 -4.54
CA GLU A 54 -2.96 1.51 -5.26
C GLU A 54 -3.99 2.69 -5.42
N GLU A 55 -5.28 2.30 -5.72
CA GLU A 55 -6.46 3.19 -5.92
C GLU A 55 -7.02 3.79 -4.59
N SER A 56 -6.83 3.06 -3.43
CA SER A 56 -7.31 3.50 -2.09
C SER A 56 -6.35 4.57 -1.48
N LEU A 57 -5.02 4.47 -1.85
CA LEU A 57 -3.95 5.41 -1.43
C LEU A 57 -4.12 6.80 -2.16
N THR A 58 -4.50 6.73 -3.48
CA THR A 58 -4.73 7.92 -4.38
C THR A 58 -6.03 8.73 -4.05
N HIS A 59 -7.13 8.08 -3.55
CA HIS A 59 -8.42 8.78 -3.16
C HIS A 59 -8.32 9.56 -1.81
N LEU A 60 -7.53 8.98 -0.83
CA LEU A 60 -7.23 9.58 0.53
C LEU A 60 -6.36 10.88 0.39
N GLU A 61 -5.44 10.84 -0.64
CA GLU A 61 -4.53 11.95 -1.08
C GLU A 61 -5.33 13.19 -1.60
N ALA A 62 -6.52 12.89 -2.28
CA ALA A 62 -7.44 13.93 -2.83
C ALA A 62 -8.11 14.77 -1.70
N ALA A 63 -8.51 14.09 -0.55
CA ALA A 63 -9.05 14.73 0.69
C ALA A 63 -8.00 15.65 1.41
N VAL A 64 -6.69 15.32 1.22
CA VAL A 64 -5.51 16.08 1.71
C VAL A 64 -5.47 17.48 0.96
N ASN A 65 -5.82 17.42 -0.37
CA ASN A 65 -5.96 18.60 -1.31
C ASN A 65 -7.20 19.49 -0.92
N GLN A 66 -8.16 18.94 -0.09
CA GLN A 66 -9.28 19.73 0.51
C GLN A 66 -8.70 20.55 1.71
N GLY A 67 -7.77 19.89 2.50
CA GLY A 67 -7.00 20.59 3.55
C GLY A 67 -7.36 20.25 5.00
N ASP A 68 -7.89 19.02 5.27
CA ASP A 68 -8.26 18.61 6.63
C ASP A 68 -7.05 17.98 7.34
N ALA A 69 -6.61 18.73 8.39
CA ALA A 69 -5.42 18.40 9.24
C ALA A 69 -5.66 17.16 10.16
N THR A 70 -6.95 16.94 10.56
CA THR A 70 -7.40 15.77 11.38
C THR A 70 -7.33 14.45 10.53
N ARG A 71 -7.68 14.52 9.19
CA ARG A 71 -7.65 13.35 8.23
C ARG A 71 -6.19 13.00 7.81
N VAL A 72 -5.26 13.98 7.98
CA VAL A 72 -3.81 13.87 7.67
C VAL A 72 -3.09 13.07 8.80
N ALA A 73 -3.36 13.55 10.08
CA ALA A 73 -2.82 13.04 11.36
C ALA A 73 -3.34 11.63 11.72
N TRP A 74 -4.65 11.38 11.42
CA TRP A 74 -5.33 10.05 11.52
C TRP A 74 -4.65 9.06 10.55
N LEU A 75 -4.34 9.53 9.32
CA LEU A 75 -3.63 8.74 8.28
C LEU A 75 -2.11 8.58 8.62
N ALA A 76 -1.51 9.60 9.30
CA ALA A 76 -0.08 9.58 9.77
C ALA A 76 0.17 8.46 10.86
N GLU A 77 -0.84 8.34 11.80
CA GLU A 77 -0.90 7.31 12.92
C GLU A 77 -1.22 5.89 12.35
N ARG A 78 -2.08 5.84 11.30
CA ARG A 78 -2.42 4.62 10.49
C ARG A 78 -1.21 4.19 9.60
N LEU A 79 -0.35 5.18 9.16
CA LEU A 79 0.85 4.93 8.33
C LEU A 79 1.98 4.22 9.14
N ALA A 80 2.22 4.69 10.42
CA ALA A 80 3.25 4.15 11.37
C ALA A 80 2.89 2.71 11.87
N ALA A 81 1.55 2.48 12.16
CA ALA A 81 0.95 1.18 12.59
C ALA A 81 1.03 0.10 11.47
N GLN A 82 0.82 0.56 10.18
CA GLN A 82 0.92 -0.30 8.97
C GLN A 82 2.40 -0.63 8.62
N ILE A 83 3.38 0.26 9.01
CA ILE A 83 4.84 0.00 8.80
C ILE A 83 5.27 -1.27 9.64
N GLU A 84 4.81 -1.32 10.93
CA GLU A 84 5.10 -2.43 11.91
C GLU A 84 4.46 -3.77 11.48
N ALA A 85 3.16 -3.70 11.04
CA ALA A 85 2.38 -4.91 10.64
C ALA A 85 2.81 -5.51 9.28
N LEU A 86 2.99 -4.62 8.25
CA LEU A 86 3.31 -5.03 6.85
C LEU A 86 4.80 -5.28 6.57
N GLN A 87 5.71 -4.37 7.02
CA GLN A 87 7.20 -4.53 6.80
C GLN A 87 7.78 -5.78 7.53
N ARG A 88 7.23 -6.09 8.77
CA ARG A 88 7.63 -7.28 9.60
C ARG A 88 6.99 -8.65 9.14
N GLU A 89 5.66 -8.69 8.70
CA GLU A 89 4.98 -9.96 8.25
C GLU A 89 5.46 -10.33 6.81
N ALA A 90 5.81 -9.22 6.03
CA ALA A 90 6.40 -9.28 4.68
C ALA A 90 7.92 -9.61 4.76
N ALA A 91 8.59 -9.32 5.97
CA ALA A 91 10.04 -9.56 6.18
C ALA A 91 10.42 -11.05 6.11
N THR A 92 9.54 -11.93 6.75
CA THR A 92 9.65 -13.42 6.71
C THR A 92 9.16 -13.99 5.34
N ALA A 93 8.20 -13.25 4.67
CA ALA A 93 7.69 -13.56 3.29
C ALA A 93 8.82 -13.59 2.19
N THR A 94 9.87 -12.67 2.31
CA THR A 94 11.07 -12.61 1.37
C THR A 94 12.10 -13.77 1.64
N LEU A 95 11.84 -14.46 2.78
CA LEU A 95 12.56 -15.65 3.29
C LEU A 95 11.80 -16.92 2.84
N ARG A 96 10.45 -16.76 2.54
CA ARG A 96 9.55 -17.87 2.11
C ARG A 96 9.73 -18.23 0.59
N ARG A 97 11.03 -18.15 0.19
CA ARG A 97 11.61 -18.51 -1.14
C ARG A 97 12.41 -19.82 -0.88
N HIS A 98 12.08 -20.30 0.36
CA HIS A 98 12.53 -21.51 1.05
C HIS A 98 11.48 -22.62 0.77
N GLU A 99 10.34 -22.06 0.23
CA GLU A 99 9.06 -22.78 0.01
C GLU A 99 8.86 -23.47 -1.38
N ASN A 100 7.66 -24.09 -1.47
CA ASN A 100 7.10 -24.84 -2.62
C ASN A 100 5.83 -24.11 -3.13
N ALA A 101 5.08 -23.61 -2.08
CA ALA A 101 3.77 -22.92 -2.12
C ALA A 101 3.78 -21.41 -2.57
N HIS A 102 4.96 -20.77 -2.33
CA HIS A 102 5.18 -19.30 -2.51
C HIS A 102 5.59 -18.79 -3.92
N LEU A 103 6.59 -19.45 -4.58
CA LEU A 103 7.14 -19.00 -5.89
C LEU A 103 6.26 -19.24 -7.18
N PRO A 104 5.20 -20.23 -7.31
CA PRO A 104 4.49 -20.47 -8.63
C PRO A 104 3.74 -19.35 -9.39
N GLY A 105 3.47 -18.15 -8.82
CA GLY A 105 2.86 -17.06 -9.57
C GLY A 105 3.90 -16.16 -10.27
N GLY A 106 5.24 -16.37 -9.92
CA GLY A 106 6.34 -15.66 -10.58
C GLY A 106 6.88 -14.48 -9.83
N ARG A 107 6.35 -13.29 -10.21
CA ARG A 107 6.74 -11.98 -9.63
C ARG A 107 5.71 -11.47 -8.58
N LEU A 108 5.21 -12.43 -7.70
CA LEU A 108 4.26 -12.13 -6.58
C LEU A 108 4.98 -11.34 -5.45
N HIS A 109 6.24 -11.82 -5.20
CA HIS A 109 7.24 -11.31 -4.23
C HIS A 109 7.72 -9.88 -4.63
N ALA A 110 7.96 -9.70 -5.98
CA ALA A 110 8.33 -8.39 -6.62
C ALA A 110 7.17 -7.36 -6.58
N ARG A 111 5.90 -7.84 -6.73
CA ARG A 111 4.69 -6.99 -6.65
C ARG A 111 4.41 -6.53 -5.19
N LEU A 112 4.44 -7.52 -4.21
CA LEU A 112 4.19 -7.22 -2.77
C LEU A 112 5.26 -6.28 -2.08
N ALA A 113 6.58 -6.69 -2.08
CA ALA A 113 7.72 -5.96 -1.42
C ALA A 113 8.19 -4.63 -2.10
N GLU A 114 8.35 -4.59 -3.47
CA GLU A 114 8.85 -3.38 -4.22
C GLU A 114 7.84 -2.20 -4.28
N TYR A 115 6.50 -2.48 -4.43
CA TYR A 115 5.44 -1.43 -4.48
C TYR A 115 5.22 -0.72 -3.11
N GLN A 116 5.28 -1.48 -1.95
CA GLN A 116 5.11 -0.89 -0.57
C GLN A 116 6.26 0.08 -0.11
N GLU A 117 7.57 -0.27 -0.38
CA GLU A 117 8.78 0.55 0.03
C GLU A 117 8.97 1.90 -0.78
N TYR A 118 8.80 1.85 -2.15
CA TYR A 118 8.96 3.02 -3.07
C TYR A 118 7.85 4.11 -2.91
N GLU A 119 6.58 3.65 -2.64
CA GLU A 119 5.39 4.54 -2.41
C GLU A 119 5.47 5.30 -1.04
N ARG A 120 6.06 4.65 0.04
CA ARG A 120 6.25 5.24 1.41
C ARG A 120 7.20 6.49 1.47
N ARG A 121 8.38 6.47 0.75
CA ARG A 121 9.32 7.66 0.71
C ARG A 121 8.79 8.85 -0.16
N LEU A 122 8.17 8.54 -1.33
CA LEU A 122 7.50 9.58 -2.19
C LEU A 122 6.37 10.30 -1.39
N LEU A 123 5.72 9.51 -0.47
CA LEU A 123 4.66 9.99 0.46
C LEU A 123 5.21 10.91 1.58
N ALA A 124 6.51 10.60 2.01
CA ALA A 124 7.25 11.31 3.10
C ALA A 124 7.57 12.78 2.72
N MET A 125 7.93 12.96 1.40
CA MET A 125 8.19 14.29 0.75
C MET A 125 6.90 15.17 0.75
N LYS A 126 5.72 14.50 0.48
CA LYS A 126 4.36 15.11 0.51
C LYS A 126 3.97 15.51 1.98
N ASN A 127 4.35 14.62 2.99
CA ASN A 127 4.03 14.80 4.47
C ASN A 127 4.72 16.02 5.17
N GLU A 128 6.05 16.27 4.85
CA GLU A 128 6.85 17.42 5.41
C GLU A 128 6.32 18.80 4.90
N ARG A 129 5.94 18.84 3.57
CA ARG A 129 5.36 20.04 2.89
C ARG A 129 3.89 20.33 3.37
N GLU A 130 3.13 19.24 3.78
CA GLU A 130 1.73 19.29 4.32
C GLU A 130 1.61 20.08 5.67
N GLN A 131 2.53 19.83 6.65
CA GLN A 131 2.47 20.50 8.01
C GLN A 131 2.88 22.01 8.02
N ARG A 132 4.03 22.30 7.28
CA ARG A 132 4.71 23.65 7.25
C ARG A 132 3.92 24.74 6.49
N TYR A 133 3.30 24.36 5.33
CA TYR A 133 2.52 25.29 4.47
C TYR A 133 0.99 25.36 4.86
N ALA A 134 0.51 24.39 5.74
CA ALA A 134 -0.89 24.32 6.32
C ALA A 134 -1.23 25.53 7.25
N GLU A 135 -0.20 25.94 8.07
CA GLU A 135 -0.25 27.05 9.09
C GLU A 135 -0.02 28.48 8.48
N ARG A 136 0.53 28.51 7.23
CA ARG A 136 0.83 29.74 6.45
C ARG A 136 -0.37 30.10 5.51
N HIS A 137 -1.31 29.09 5.27
CA HIS A 137 -2.51 29.16 4.36
C HIS A 137 -1.97 29.41 2.93
N ASP A 138 -1.59 28.27 2.34
CA ASP A 138 -0.90 28.27 1.05
C ASP A 138 -1.55 27.48 -0.12
N PRO A 139 -1.90 28.20 -1.30
CA PRO A 139 -2.28 27.52 -2.60
C PRO A 139 -1.04 26.77 -3.23
N GLN A 140 0.20 27.03 -2.64
CA GLN A 140 1.48 26.35 -3.01
C GLN A 140 1.40 24.79 -2.71
N LEU A 141 0.62 24.36 -1.65
CA LEU A 141 0.35 22.92 -1.25
C LEU A 141 -0.30 22.12 -2.39
N ALA A 142 -1.21 22.83 -3.08
CA ALA A 142 -2.02 22.31 -4.15
C ALA A 142 -1.17 22.09 -5.43
N ARG A 143 -0.22 23.05 -5.72
CA ARG A 143 0.75 22.94 -6.85
C ARG A 143 1.89 21.86 -6.60
N GLU A 144 2.41 21.78 -5.32
CA GLU A 144 3.53 20.85 -4.90
C GLU A 144 3.12 19.35 -4.66
N ILE A 145 1.98 19.09 -3.89
CA ILE A 145 1.46 17.71 -3.56
C ILE A 145 0.90 17.02 -4.86
N THR A 146 0.19 17.81 -5.73
CA THR A 146 -0.36 17.33 -7.06
C THR A 146 0.82 16.89 -8.02
N ALA A 147 1.95 17.70 -8.02
CA ALA A 147 3.20 17.42 -8.81
C ALA A 147 3.92 16.11 -8.36
N LEU A 148 3.97 15.87 -7.00
CA LEU A 148 4.55 14.65 -6.37
C LEU A 148 3.61 13.40 -6.52
N ASP A 149 2.25 13.69 -6.64
CA ASP A 149 1.14 12.70 -6.84
C ASP A 149 1.24 12.01 -8.24
N GLU A 150 1.74 12.82 -9.26
CA GLU A 150 1.94 12.39 -10.65
C GLU A 150 3.21 11.49 -10.75
N ARG A 151 4.26 11.85 -9.91
CA ARG A 151 5.57 11.14 -9.80
C ARG A 151 5.44 9.77 -9.07
N LEU A 152 4.49 9.67 -8.08
CA LEU A 152 4.14 8.41 -7.36
C LEU A 152 3.48 7.40 -8.36
N THR A 153 2.61 7.93 -9.30
CA THR A 153 1.96 7.12 -10.38
C THR A 153 2.94 6.80 -11.57
N ARG A 154 3.85 7.78 -11.93
CA ARG A 154 4.87 7.62 -13.04
C ARG A 154 6.07 6.70 -12.67
N CYS A 155 6.44 6.65 -11.33
CA CYS A 155 7.54 5.77 -10.79
C CYS A 155 7.04 4.30 -10.80
N ARG A 156 5.70 4.10 -10.46
CA ARG A 156 4.97 2.78 -10.49
C ARG A 156 4.92 2.11 -11.89
N THR A 157 4.73 2.97 -12.97
CA THR A 157 4.70 2.56 -14.41
C THR A 157 6.10 2.00 -14.83
N ALA A 158 7.16 2.68 -14.29
CA ALA A 158 8.60 2.37 -14.52
C ALA A 158 9.01 1.02 -13.82
N ILE A 159 8.42 0.79 -12.61
CA ILE A 159 8.56 -0.45 -11.78
C ILE A 159 7.82 -1.65 -12.49
N ALA A 160 6.55 -1.40 -12.99
CA ALA A 160 5.72 -2.40 -13.76
C ALA A 160 6.38 -2.89 -15.11
N ARG A 161 7.01 -1.93 -15.89
CA ARG A 161 7.70 -2.22 -17.21
C ARG A 161 9.01 -3.09 -17.06
N THR A 162 9.81 -2.83 -15.97
CA THR A 162 11.07 -3.60 -15.65
C THR A 162 10.79 -5.06 -15.16
N GLU A 163 9.60 -5.24 -14.48
CA GLU A 163 9.08 -6.56 -14.00
C GLU A 163 8.63 -7.48 -15.19
N ARG A 164 8.05 -6.85 -16.28
CA ARG A 164 7.59 -7.54 -17.55
C ARG A 164 8.77 -8.12 -18.38
N ALA A 165 9.93 -7.39 -18.36
CA ALA A 165 11.22 -7.80 -19.01
C ALA A 165 11.86 -9.03 -18.27
N LEU A 166 11.63 -9.08 -16.90
CA LEU A 166 12.07 -10.18 -15.99
C LEU A 166 11.16 -11.45 -16.12
N GLU A 167 9.85 -11.22 -16.51
CA GLU A 167 8.80 -12.28 -16.69
C GLU A 167 8.98 -13.24 -17.90
N ARG A 168 9.35 -12.71 -19.12
CA ARG A 168 9.44 -13.58 -20.32
C ARG A 168 10.85 -14.15 -20.53
N ILE A 169 11.85 -13.25 -20.90
CA ILE A 169 13.30 -13.58 -21.04
C ILE A 169 13.64 -14.30 -22.40
N THR A 170 12.61 -14.96 -22.99
CA THR A 170 12.66 -15.61 -24.32
C THR A 170 12.25 -14.59 -25.43
N ARG A 171 11.60 -13.46 -24.97
CA ARG A 171 11.14 -12.34 -25.85
C ARG A 171 11.72 -10.98 -25.40
#